data_6HNQ
#
_entry.id   6HNQ
#
_cell.length_a   95.410
_cell.length_b   211.250
_cell.length_c   122.680
_cell.angle_alpha   90.00
_cell.angle_beta   91.61
_cell.angle_gamma   90.00
#
_symmetry.space_group_name_H-M   'P 1 21 1'
#
loop_
_entity.id
_entity.type
_entity.pdbx_description
1 polymer 'Probable ss-1,3-N-acetylglucosaminyltransferase'
2 non-polymer '[(2~{R},3~{S},4~{S})-2,3,4,5-tetrakis(oxidanyl)pentyl] [(2~{R},3~{R},4~{S})-2,3,4-tris(oxidanyl)-5-[oxidanyl-[(2~{R},3~{S},4~{S})-2,3,4-tris(oxidanyl)-5-phosphonooxy-pentoxy]phosphoryl]oxy-pentyl] hydrogen phosphate'
3 non-polymer 'MAGNESIUM ION'
4 non-polymer 'CHLORIDE ION'
5 water water
#
_entity_poly.entity_id   1
_entity_poly.type   'polypeptide(L)'
_entity_poly.pdbx_seq_one_letter_code
;MRGSHHHHHHGSLVPRGSMKKVSVIMPTFNNGEKLHRTISSVLNQTMKSTDYELIIIDDHSNDNGETLNVIKKYKGLVRF
KQLKKNSGNASVPRNTGLKMSKAEYVFFLDSDDLLHERALEDLYNYGKENNSDLIIGKYGVEGKGRSVPKAIFEKGNVAK
ADIIDNSIFYALSVLKMFKKSVIDKNKIKFKTFSKTAEDQLFTIEFLMNSKNYSIKTDYEYYIVVNDFESSNHLSVNKST
GNQYFATINEIYKAIYKSPIYKNQEKRHQLAGKYTTRLLRHGQKKNFANSKMKYEDKIEWLNNFSKTINKVPRDSDKYVT
QIFNLKLEAIRQNDLLAVMIADKLL
;
_entity_poly.pdbx_strand_id   B,C,F,O,P,E,G,Q,A,D,H,I
#
loop_
_chem_comp.id
_chem_comp.type
_chem_comp.name
_chem_comp.formula
CL non-polymer 'CHLORIDE ION' 'Cl -1'
FQ8 non-polymer '[(2~{R},3~{S},4~{S})-2,3,4,5-tetrakis(oxidanyl)pentyl] [(2~{R},3~{R},4~{S})-2,3,4-tris(oxidanyl)-5-[oxidanyl-[(2~{R},3~{S},4~{S})-2,3,4-tris(oxidanyl)-5-phosphonooxy-pentoxy]phosphoryl]oxy-pentyl] hydrogen phosphate' 'C15 H35 O22 P3'
MG non-polymer 'MAGNESIUM ION' 'Mg 2'
#
# COMPACT_ATOMS: atom_id res chain seq x y z
N SER A 18 -59.10 -7.37 17.23
CA SER A 18 -59.31 -6.02 16.64
C SER A 18 -58.49 -5.87 15.35
N MET A 19 -57.20 -6.20 15.43
CA MET A 19 -56.24 -6.20 14.29
C MET A 19 -56.45 -7.46 13.45
N LYS A 20 -56.56 -7.32 12.13
CA LYS A 20 -56.77 -8.46 11.22
C LYS A 20 -55.44 -9.22 11.00
N LYS A 21 -55.57 -10.51 10.73
CA LYS A 21 -54.42 -11.38 10.36
C LYS A 21 -53.89 -10.95 8.99
N VAL A 22 -54.76 -10.87 7.99
CA VAL A 22 -54.35 -10.64 6.57
C VAL A 22 -55.25 -9.56 5.94
N SER A 23 -54.63 -8.66 5.20
CA SER A 23 -55.30 -7.77 4.22
C SER A 23 -54.95 -8.25 2.83
N VAL A 24 -55.93 -8.71 2.07
CA VAL A 24 -55.74 -8.99 0.62
C VAL A 24 -55.97 -7.69 -0.13
N ILE A 25 -54.99 -7.25 -0.91
CA ILE A 25 -55.03 -5.97 -1.66
C ILE A 25 -55.12 -6.32 -3.15
N MET A 26 -56.20 -5.86 -3.79
CA MET A 26 -56.51 -6.20 -5.20
C MET A 26 -56.85 -4.92 -5.96
N PRO A 27 -55.94 -4.44 -6.83
CA PRO A 27 -56.26 -3.39 -7.80
C PRO A 27 -57.19 -3.95 -8.88
N THR A 28 -58.13 -3.16 -9.37
CA THR A 28 -59.03 -3.54 -10.50
C THR A 28 -58.95 -2.48 -11.59
N PHE A 29 -59.18 -2.91 -12.82
CA PHE A 29 -59.38 -2.01 -13.98
C PHE A 29 -60.05 -2.78 -15.13
N ASN A 30 -61.31 -2.47 -15.40
CA ASN A 30 -62.08 -2.97 -16.57
C ASN A 30 -62.02 -4.50 -16.58
N ASN A 31 -62.20 -5.11 -15.42
CA ASN A 31 -62.17 -6.59 -15.27
C ASN A 31 -63.51 -7.17 -15.73
N GLY A 32 -64.61 -6.47 -15.45
CA GLY A 32 -65.97 -6.93 -15.82
C GLY A 32 -66.36 -8.16 -15.02
N GLU A 33 -67.13 -9.05 -15.65
CA GLU A 33 -67.85 -10.15 -14.96
C GLU A 33 -66.84 -11.21 -14.47
N LYS A 34 -65.62 -11.25 -15.00
CA LYS A 34 -64.56 -12.23 -14.61
C LYS A 34 -64.18 -12.02 -13.13
N LEU A 35 -64.36 -10.82 -12.60
CA LEU A 35 -63.95 -10.42 -11.23
C LEU A 35 -64.73 -11.22 -10.19
N HIS A 36 -65.94 -11.68 -10.51
CA HIS A 36 -66.77 -12.54 -9.62
C HIS A 36 -65.94 -13.72 -9.12
N ARG A 37 -65.33 -14.45 -10.06
CA ARG A 37 -64.56 -15.69 -9.78
C ARG A 37 -63.44 -15.37 -8.77
N THR A 38 -62.75 -14.26 -8.96
CA THR A 38 -61.60 -13.84 -8.12
C THR A 38 -62.11 -13.48 -6.72
N ILE A 39 -63.10 -12.60 -6.66
CA ILE A 39 -63.65 -12.10 -5.35
C ILE A 39 -64.18 -13.31 -4.58
N SER A 40 -64.86 -14.23 -5.25
CA SER A 40 -65.42 -15.46 -4.63
C SER A 40 -64.30 -16.30 -4.03
N SER A 41 -63.15 -16.38 -4.71
CA SER A 41 -62.01 -17.21 -4.24
C SER A 41 -61.47 -16.64 -2.92
N VAL A 42 -61.53 -15.31 -2.75
CA VAL A 42 -61.08 -14.61 -1.52
C VAL A 42 -62.13 -14.77 -0.42
N LEU A 43 -63.41 -14.72 -0.74
CA LEU A 43 -64.49 -14.77 0.28
C LEU A 43 -64.67 -16.21 0.78
N ASN A 44 -64.34 -17.21 -0.04
CA ASN A 44 -64.44 -18.63 0.32
C ASN A 44 -63.07 -19.11 0.80
N GLN A 45 -62.63 -18.67 1.97
CA GLN A 45 -61.37 -19.10 2.60
C GLN A 45 -61.70 -19.91 3.86
N THR A 46 -60.89 -20.91 4.16
CA THR A 46 -60.94 -21.70 5.42
C THR A 46 -60.68 -20.77 6.61
N MET A 47 -59.92 -19.70 6.42
CA MET A 47 -59.65 -18.72 7.50
C MET A 47 -60.99 -18.06 7.90
N LYS A 48 -61.20 -17.88 9.21
CA LYS A 48 -62.33 -17.14 9.81
C LYS A 48 -62.47 -15.82 9.04
N SER A 49 -63.68 -15.49 8.60
CA SER A 49 -63.95 -14.35 7.70
C SER A 49 -63.67 -13.03 8.42
N THR A 50 -63.73 -13.01 9.75
CA THR A 50 -63.49 -11.80 10.58
C THR A 50 -61.98 -11.61 10.81
N ASP A 51 -61.14 -12.58 10.43
CA ASP A 51 -59.67 -12.52 10.65
C ASP A 51 -58.99 -11.88 9.43
N TYR A 52 -59.70 -11.67 8.32
CA TYR A 52 -59.10 -11.03 7.12
C TYR A 52 -60.08 -10.09 6.44
N GLU A 53 -59.56 -9.29 5.52
CA GLU A 53 -60.31 -8.34 4.69
C GLU A 53 -59.80 -8.37 3.26
N LEU A 54 -60.67 -8.08 2.31
CA LEU A 54 -60.35 -7.85 0.90
C LEU A 54 -60.47 -6.36 0.63
N ILE A 55 -59.37 -5.70 0.32
CA ILE A 55 -59.34 -4.26 -0.07
C ILE A 55 -59.28 -4.19 -1.59
N ILE A 56 -60.30 -3.63 -2.21
CA ILE A 56 -60.39 -3.46 -3.68
C ILE A 56 -60.13 -1.98 -4.00
N ILE A 57 -59.16 -1.71 -4.86
CA ILE A 57 -58.86 -0.32 -5.31
C ILE A 57 -59.03 -0.29 -6.81
N ASP A 58 -60.13 0.31 -7.29
CA ASP A 58 -60.43 0.39 -8.73
C ASP A 58 -59.65 1.59 -9.29
N ASP A 59 -58.88 1.35 -10.35
CA ASP A 59 -57.99 2.36 -10.99
C ASP A 59 -58.82 3.10 -12.04
N HIS A 60 -59.97 3.65 -11.61
CA HIS A 60 -60.91 4.43 -12.44
C HIS A 60 -61.29 3.66 -13.71
N SER A 61 -61.90 2.48 -13.53
CA SER A 61 -62.52 1.68 -14.60
C SER A 61 -63.47 2.56 -15.43
N ASN A 62 -63.47 2.40 -16.75
CA ASN A 62 -64.33 3.18 -17.68
C ASN A 62 -65.07 2.22 -18.60
N ASP A 63 -65.49 1.06 -18.09
CA ASP A 63 -66.14 -0.01 -18.90
C ASP A 63 -67.67 0.07 -18.72
N ASN A 64 -68.24 1.28 -18.76
CA ASN A 64 -69.70 1.51 -18.66
C ASN A 64 -70.23 0.91 -17.35
N GLY A 65 -69.44 1.00 -16.28
CA GLY A 65 -69.85 0.61 -14.91
C GLY A 65 -69.87 -0.89 -14.69
N GLU A 66 -69.43 -1.71 -15.66
CA GLU A 66 -69.52 -3.18 -15.56
C GLU A 66 -68.71 -3.65 -14.34
N THR A 67 -67.47 -3.16 -14.22
CA THR A 67 -66.54 -3.55 -13.13
C THR A 67 -67.12 -3.06 -11.79
N LEU A 68 -67.58 -1.82 -11.73
CA LEU A 68 -68.16 -1.24 -10.49
C LEU A 68 -69.39 -2.01 -10.07
N ASN A 69 -70.19 -2.48 -11.05
CA ASN A 69 -71.44 -3.25 -10.80
C ASN A 69 -71.10 -4.57 -10.13
N VAL A 70 -69.99 -5.21 -10.54
CA VAL A 70 -69.53 -6.50 -9.95
C VAL A 70 -69.11 -6.25 -8.50
N ILE A 71 -68.37 -5.16 -8.25
CA ILE A 71 -67.84 -4.81 -6.91
C ILE A 71 -69.02 -4.43 -6.00
N LYS A 72 -70.06 -3.79 -6.52
CA LYS A 72 -71.23 -3.30 -5.72
C LYS A 72 -72.01 -4.49 -5.15
N LYS A 73 -71.95 -5.66 -5.78
CA LYS A 73 -72.61 -6.90 -5.29
C LYS A 73 -71.96 -7.39 -3.99
N TYR A 74 -70.75 -6.94 -3.64
CA TYR A 74 -70.02 -7.38 -2.43
C TYR A 74 -69.86 -6.21 -1.44
N LYS A 75 -70.63 -5.13 -1.59
CA LYS A 75 -70.58 -3.99 -0.66
C LYS A 75 -70.86 -4.52 0.74
N GLY A 76 -70.03 -4.14 1.72
CA GLY A 76 -70.17 -4.59 3.11
C GLY A 76 -69.40 -5.87 3.41
N LEU A 77 -68.92 -6.58 2.37
CA LEU A 77 -68.06 -7.77 2.54
C LEU A 77 -66.61 -7.44 2.14
N VAL A 78 -66.36 -6.26 1.57
CA VAL A 78 -65.05 -5.79 1.10
C VAL A 78 -64.90 -4.32 1.48
N ARG A 79 -63.67 -3.87 1.64
CA ARG A 79 -63.33 -2.43 1.71
C ARG A 79 -63.03 -2.00 0.29
N PHE A 80 -63.48 -0.83 -0.11
CA PHE A 80 -63.40 -0.37 -1.52
C PHE A 80 -62.99 1.10 -1.57
N LYS A 81 -62.13 1.43 -2.53
CA LYS A 81 -61.72 2.82 -2.83
C LYS A 81 -61.64 2.95 -4.34
N GLN A 82 -62.19 4.04 -4.89
CA GLN A 82 -62.15 4.34 -6.34
C GLN A 82 -61.18 5.50 -6.55
N LEU A 83 -60.14 5.29 -7.35
CA LEU A 83 -59.18 6.36 -7.71
C LEU A 83 -59.89 7.30 -8.69
N LYS A 84 -59.63 8.60 -8.58
CA LYS A 84 -60.26 9.65 -9.43
C LYS A 84 -59.73 9.54 -10.87
N LYS A 85 -58.48 9.11 -11.08
CA LYS A 85 -57.85 9.00 -12.43
C LYS A 85 -57.12 7.65 -12.56
N ASN A 86 -57.10 7.07 -13.76
CA ASN A 86 -56.34 5.83 -14.05
C ASN A 86 -54.84 6.14 -13.94
N SER A 87 -54.16 5.54 -12.97
CA SER A 87 -52.71 5.71 -12.72
C SER A 87 -51.89 5.05 -13.83
N GLY A 88 -52.42 4.01 -14.48
CA GLY A 88 -51.76 3.32 -15.61
C GLY A 88 -51.06 2.04 -15.20
N ASN A 89 -50.62 1.93 -13.94
CA ASN A 89 -50.01 0.67 -13.41
C ASN A 89 -50.58 0.38 -12.02
N ALA A 90 -50.23 -0.78 -11.47
CA ALA A 90 -50.79 -1.31 -10.21
C ALA A 90 -50.14 -0.64 -8.99
N SER A 91 -49.08 0.14 -9.19
CA SER A 91 -48.30 0.74 -8.07
C SER A 91 -49.18 1.65 -7.22
N VAL A 92 -49.89 2.62 -7.83
CA VAL A 92 -50.68 3.60 -7.05
C VAL A 92 -51.79 2.87 -6.30
N PRO A 93 -52.61 2.01 -6.95
CA PRO A 93 -53.62 1.23 -6.26
C PRO A 93 -53.07 0.38 -5.09
N ARG A 94 -51.94 -0.28 -5.29
CA ARG A 94 -51.31 -1.13 -4.26
C ARG A 94 -50.86 -0.25 -3.08
N ASN A 95 -50.32 0.93 -3.36
CA ASN A 95 -49.87 1.86 -2.29
C ASN A 95 -51.10 2.32 -1.50
N THR A 96 -52.21 2.58 -2.19
CA THR A 96 -53.49 2.98 -1.56
C THR A 96 -53.95 1.88 -0.61
N GLY A 97 -53.91 0.63 -1.07
CA GLY A 97 -54.23 -0.57 -0.26
C GLY A 97 -53.36 -0.68 0.97
N LEU A 98 -52.05 -0.43 0.83
CA LEU A 98 -51.09 -0.50 1.97
C LEU A 98 -51.47 0.53 3.02
N LYS A 99 -51.79 1.77 2.62
CA LYS A 99 -52.19 2.85 3.57
C LYS A 99 -53.47 2.41 4.31
N MET A 100 -54.36 1.67 3.63
CA MET A 100 -55.68 1.30 4.18
C MET A 100 -55.57 0.09 5.11
N SER A 101 -54.52 -0.71 5.01
CA SER A 101 -54.37 -1.95 5.81
C SER A 101 -53.66 -1.67 7.14
N LYS A 102 -54.18 -2.23 8.23
CA LYS A 102 -53.55 -2.23 9.57
C LYS A 102 -53.43 -3.69 10.02
N ALA A 103 -53.38 -4.63 9.08
CA ALA A 103 -53.31 -6.08 9.37
C ALA A 103 -51.86 -6.48 9.69
N GLU A 104 -51.69 -7.71 10.16
CA GLU A 104 -50.38 -8.29 10.53
C GLU A 104 -49.60 -8.57 9.24
N TYR A 105 -50.29 -9.11 8.24
CA TYR A 105 -49.74 -9.43 6.90
C TYR A 105 -50.62 -8.84 5.81
N VAL A 106 -50.00 -8.55 4.67
CA VAL A 106 -50.73 -8.19 3.42
C VAL A 106 -50.45 -9.26 2.38
N PHE A 107 -51.40 -9.47 1.48
CA PHE A 107 -51.29 -10.41 0.35
C PHE A 107 -51.81 -9.69 -0.89
N PHE A 108 -50.94 -9.49 -1.87
CA PHE A 108 -51.33 -8.81 -3.13
C PHE A 108 -51.89 -9.86 -4.09
N LEU A 109 -53.07 -9.55 -4.66
CA LEU A 109 -53.79 -10.44 -5.60
C LEU A 109 -54.07 -9.65 -6.88
N ASP A 110 -53.75 -10.22 -8.04
CA ASP A 110 -54.13 -9.63 -9.35
C ASP A 110 -55.60 -9.96 -9.60
N SER A 111 -56.30 -9.03 -10.25
CA SER A 111 -57.78 -9.05 -10.42
C SER A 111 -58.25 -10.27 -11.22
N ASP A 112 -57.41 -10.94 -12.02
CA ASP A 112 -57.90 -12.09 -12.83
C ASP A 112 -57.49 -13.43 -12.21
N ASP A 113 -56.93 -13.43 -11.01
CA ASP A 113 -56.28 -14.63 -10.43
C ASP A 113 -57.20 -15.24 -9.37
N LEU A 114 -56.86 -16.43 -8.88
CA LEU A 114 -57.67 -17.17 -7.88
C LEU A 114 -56.79 -17.56 -6.68
N LEU A 115 -57.36 -17.48 -5.48
CA LEU A 115 -56.76 -18.08 -4.27
C LEU A 115 -57.38 -19.46 -4.05
N HIS A 116 -56.55 -20.45 -3.72
CA HIS A 116 -57.00 -21.74 -3.14
C HIS A 116 -57.77 -21.44 -1.85
N GLU A 117 -58.74 -22.27 -1.50
CA GLU A 117 -59.60 -22.04 -0.32
C GLU A 117 -58.75 -22.04 0.96
N ARG A 118 -57.59 -22.69 0.96
CA ARG A 118 -56.77 -22.81 2.20
C ARG A 118 -55.52 -21.93 2.13
N ALA A 119 -55.51 -20.91 1.27
CA ALA A 119 -54.32 -20.07 1.02
C ALA A 119 -54.03 -19.19 2.23
N LEU A 120 -54.97 -18.35 2.65
CA LEU A 120 -54.73 -17.39 3.75
C LEU A 120 -54.40 -18.14 5.04
N GLU A 121 -55.19 -19.16 5.39
CA GLU A 121 -55.02 -19.94 6.65
C GLU A 121 -53.64 -20.61 6.66
N ASP A 122 -53.34 -21.43 5.65
CA ASP A 122 -52.10 -22.25 5.59
C ASP A 122 -50.87 -21.34 5.57
N LEU A 123 -50.86 -20.29 4.75
CA LEU A 123 -49.70 -19.38 4.63
C LEU A 123 -49.52 -18.61 5.94
N TYR A 124 -50.61 -18.07 6.49
CA TYR A 124 -50.54 -17.30 7.77
C TYR A 124 -50.01 -18.21 8.88
N ASN A 125 -50.57 -19.41 9.02
CA ASN A 125 -50.21 -20.35 10.10
C ASN A 125 -48.73 -20.69 9.98
N TYR A 126 -48.26 -20.97 8.75
CA TYR A 126 -46.84 -21.34 8.50
C TYR A 126 -45.96 -20.15 8.88
N GLY A 127 -46.39 -18.95 8.51
CA GLY A 127 -45.66 -17.71 8.80
C GLY A 127 -45.56 -17.45 10.29
N LYS A 128 -46.66 -17.62 11.00
CA LYS A 128 -46.75 -17.34 12.46
C LYS A 128 -45.88 -18.36 13.19
N GLU A 129 -45.91 -19.63 12.77
CA GLU A 129 -45.15 -20.75 13.38
C GLU A 129 -43.65 -20.54 13.15
N ASN A 130 -43.24 -19.89 12.06
CA ASN A 130 -41.80 -19.74 11.71
C ASN A 130 -41.37 -18.27 11.80
N ASN A 131 -42.19 -17.41 12.40
CA ASN A 131 -41.88 -15.97 12.58
C ASN A 131 -41.42 -15.40 11.22
N SER A 132 -42.12 -15.74 10.15
CA SER A 132 -41.77 -15.38 8.75
C SER A 132 -42.16 -13.92 8.47
N ASP A 133 -41.26 -13.18 7.83
CA ASP A 133 -41.51 -11.84 7.25
C ASP A 133 -42.18 -12.03 5.89
N LEU A 134 -41.96 -13.17 5.25
CA LEU A 134 -42.43 -13.43 3.88
C LEU A 134 -42.84 -14.90 3.77
N ILE A 135 -44.02 -15.16 3.22
CA ILE A 135 -44.46 -16.55 2.94
C ILE A 135 -44.85 -16.63 1.48
N ILE A 136 -44.31 -17.63 0.78
CA ILE A 136 -44.53 -17.81 -0.67
C ILE A 136 -45.27 -19.13 -0.85
N GLY A 137 -46.49 -19.05 -1.36
CA GLY A 137 -47.30 -20.24 -1.69
C GLY A 137 -47.03 -20.67 -3.13
N LYS A 138 -47.02 -21.98 -3.37
CA LYS A 138 -46.82 -22.55 -4.72
C LYS A 138 -47.86 -21.96 -5.68
N TYR A 139 -47.40 -21.53 -6.86
CA TYR A 139 -48.25 -20.97 -7.93
C TYR A 139 -48.68 -22.09 -8.87
N GLY A 140 -49.96 -22.06 -9.26
CA GLY A 140 -50.48 -22.78 -10.43
C GLY A 140 -50.82 -21.84 -11.53
N VAL A 141 -51.10 -22.37 -12.73
CA VAL A 141 -51.39 -21.53 -13.92
C VAL A 141 -52.54 -22.16 -14.70
N GLU A 142 -53.41 -21.31 -15.24
CA GLU A 142 -54.52 -21.67 -16.15
C GLU A 142 -54.27 -20.98 -17.48
N GLY A 143 -54.04 -21.74 -18.55
CA GLY A 143 -53.86 -21.22 -19.93
C GLY A 143 -52.44 -20.81 -20.22
N LYS A 144 -52.14 -20.57 -21.51
CA LYS A 144 -50.81 -20.14 -22.00
C LYS A 144 -50.73 -18.61 -21.90
N GLY A 145 -49.53 -18.07 -21.65
CA GLY A 145 -49.28 -16.64 -21.47
C GLY A 145 -48.21 -16.40 -20.40
N ARG A 146 -48.57 -15.70 -19.32
CA ARG A 146 -47.74 -15.53 -18.10
C ARG A 146 -47.28 -16.93 -17.62
N SER A 147 -45.98 -17.11 -17.41
CA SER A 147 -45.38 -18.33 -16.82
C SER A 147 -45.25 -18.13 -15.29
N VAL A 148 -45.06 -19.20 -14.52
CA VAL A 148 -44.89 -19.08 -13.05
C VAL A 148 -43.59 -19.77 -12.63
N PRO A 149 -42.94 -19.31 -11.54
CA PRO A 149 -41.73 -19.94 -11.04
C PRO A 149 -42.00 -21.39 -10.61
N LYS A 150 -40.97 -22.23 -10.72
CA LYS A 150 -41.03 -23.69 -10.42
C LYS A 150 -39.90 -24.07 -9.46
N ALA A 151 -38.68 -23.59 -9.69
CA ALA A 151 -37.48 -24.07 -8.96
C ALA A 151 -37.63 -23.79 -7.45
N ILE A 152 -38.19 -22.64 -7.09
CA ILE A 152 -38.41 -22.24 -5.68
C ILE A 152 -39.24 -23.30 -4.94
N PHE A 153 -40.11 -24.05 -5.61
CA PHE A 153 -41.06 -25.00 -4.96
C PHE A 153 -40.58 -26.45 -5.05
N GLU A 154 -39.37 -26.69 -5.58
CA GLU A 154 -38.89 -28.05 -5.91
C GLU A 154 -38.31 -28.74 -4.66
N LYS A 155 -38.17 -28.05 -3.53
CA LYS A 155 -37.58 -28.67 -2.30
C LYS A 155 -38.69 -28.89 -1.26
N GLY A 156 -39.96 -28.79 -1.67
CA GLY A 156 -41.11 -28.84 -0.75
C GLY A 156 -41.13 -27.65 0.20
N ASN A 157 -41.73 -27.83 1.37
CA ASN A 157 -41.87 -26.75 2.38
C ASN A 157 -40.48 -26.39 2.91
N VAL A 158 -40.21 -25.09 3.03
CA VAL A 158 -38.95 -24.55 3.60
C VAL A 158 -39.33 -23.47 4.60
N ALA A 159 -38.98 -23.67 5.86
CA ALA A 159 -39.38 -22.78 6.97
C ALA A 159 -38.48 -21.54 7.00
N LYS A 160 -37.19 -21.73 6.76
CA LYS A 160 -36.17 -20.64 6.74
C LYS A 160 -35.43 -20.71 5.40
N ALA A 161 -35.97 -20.08 4.38
CA ALA A 161 -35.45 -20.15 2.99
C ALA A 161 -34.30 -19.16 2.82
N ASP A 162 -33.51 -19.40 1.79
CA ASP A 162 -32.31 -18.61 1.43
C ASP A 162 -32.51 -18.11 0.01
N ILE A 163 -32.24 -16.83 -0.22
CA ILE A 163 -32.50 -16.17 -1.52
C ILE A 163 -31.86 -17.03 -2.63
N ILE A 164 -30.58 -17.39 -2.47
CA ILE A 164 -29.81 -18.05 -3.55
C ILE A 164 -30.18 -19.54 -3.61
N ASP A 165 -30.15 -20.25 -2.48
CA ASP A 165 -30.35 -21.72 -2.46
C ASP A 165 -31.80 -22.07 -2.85
N ASN A 166 -32.76 -21.15 -2.67
CA ASN A 166 -34.19 -21.46 -2.91
C ASN A 166 -34.72 -20.63 -4.09
N SER A 167 -33.83 -20.07 -4.89
CA SER A 167 -34.17 -19.48 -6.22
C SER A 167 -35.21 -18.36 -6.06
N ILE A 168 -35.11 -17.55 -5.01
CA ILE A 168 -36.12 -16.51 -4.69
C ILE A 168 -35.99 -15.36 -5.72
N PHE A 169 -34.81 -15.12 -6.28
CA PHE A 169 -34.62 -14.06 -7.31
C PHE A 169 -35.32 -14.47 -8.63
N TYR A 170 -35.80 -15.71 -8.73
CA TYR A 170 -36.57 -16.19 -9.90
C TYR A 170 -38.09 -16.17 -9.58
N ALA A 171 -38.50 -15.62 -8.44
CA ALA A 171 -39.93 -15.51 -8.05
C ALA A 171 -40.17 -14.19 -7.33
N LEU A 172 -40.00 -13.07 -8.06
CA LEU A 172 -39.98 -11.73 -7.42
C LEU A 172 -41.33 -11.04 -7.58
N SER A 173 -42.41 -11.75 -7.95
CA SER A 173 -43.77 -11.15 -7.97
C SER A 173 -44.16 -10.77 -6.53
N VAL A 174 -45.12 -9.87 -6.36
CA VAL A 174 -45.61 -9.52 -5.00
C VAL A 174 -46.84 -10.38 -4.67
N LEU A 175 -47.06 -11.49 -5.36
CA LEU A 175 -48.23 -12.38 -5.13
C LEU A 175 -47.84 -13.33 -3.98
N LYS A 176 -47.64 -12.72 -2.81
CA LYS A 176 -47.03 -13.37 -1.63
C LYS A 176 -47.62 -12.74 -0.37
N MET A 177 -47.37 -13.35 0.78
CA MET A 177 -47.79 -12.81 2.08
C MET A 177 -46.59 -12.09 2.72
N PHE A 178 -46.68 -10.77 2.86
CA PHE A 178 -45.64 -9.89 3.44
C PHE A 178 -46.06 -9.40 4.83
N LYS A 179 -45.14 -9.45 5.81
CA LYS A 179 -45.37 -8.89 7.16
C LYS A 179 -45.44 -7.36 7.04
N LYS A 180 -46.53 -6.76 7.50
CA LYS A 180 -46.81 -5.32 7.32
C LYS A 180 -45.79 -4.48 8.10
N SER A 181 -45.33 -4.94 9.26
CA SER A 181 -44.42 -4.16 10.13
C SER A 181 -43.12 -3.86 9.37
N VAL A 182 -42.66 -4.80 8.54
CA VAL A 182 -41.42 -4.60 7.74
C VAL A 182 -41.66 -3.49 6.72
N ILE A 183 -42.82 -3.49 6.06
CA ILE A 183 -43.23 -2.47 5.05
C ILE A 183 -43.32 -1.11 5.74
N ASP A 184 -43.96 -1.04 6.91
CA ASP A 184 -44.19 0.23 7.66
C ASP A 184 -42.86 0.78 8.19
N LYS A 185 -42.08 -0.03 8.91
CA LYS A 185 -40.82 0.42 9.57
C LYS A 185 -39.85 0.95 8.51
N ASN A 186 -39.80 0.33 7.33
CA ASN A 186 -38.80 0.64 6.28
C ASN A 186 -39.45 1.53 5.21
N LYS A 187 -40.72 1.89 5.39
CA LYS A 187 -41.46 2.81 4.46
C LYS A 187 -41.29 2.29 3.02
N ILE A 188 -41.59 1.01 2.80
CA ILE A 188 -41.50 0.36 1.47
C ILE A 188 -42.79 0.66 0.72
N LYS A 189 -42.69 1.34 -0.41
CA LYS A 189 -43.81 1.69 -1.31
C LYS A 189 -43.47 1.19 -2.71
N PHE A 190 -44.48 0.88 -3.53
CA PHE A 190 -44.29 0.60 -4.97
C PHE A 190 -43.90 1.92 -5.64
N LYS A 191 -42.89 1.90 -6.51
CA LYS A 191 -42.45 3.12 -7.23
C LYS A 191 -43.21 3.23 -8.54
N THR A 192 -43.27 4.43 -9.08
CA THR A 192 -44.18 4.77 -10.23
C THR A 192 -43.37 5.32 -11.41
N PHE A 193 -42.02 5.27 -11.34
CA PHE A 193 -41.16 5.81 -12.42
C PHE A 193 -41.13 4.81 -13.56
N SER A 194 -41.64 3.57 -13.48
CA SER A 194 -41.61 2.59 -14.60
C SER A 194 -42.88 1.76 -14.62
N LYS A 195 -43.25 1.24 -15.80
CA LYS A 195 -44.53 0.49 -16.01
C LYS A 195 -44.27 -0.99 -15.70
N THR A 196 -43.01 -1.38 -15.65
CA THR A 196 -42.56 -2.80 -15.55
C THR A 196 -41.54 -2.93 -14.40
N ALA A 197 -41.45 -4.10 -13.78
CA ALA A 197 -40.42 -4.50 -12.79
C ALA A 197 -40.59 -3.75 -11.45
N GLU A 198 -41.71 -3.06 -11.21
CA GLU A 198 -41.95 -2.31 -9.97
C GLU A 198 -42.26 -3.31 -8.85
N ASP A 199 -42.89 -4.43 -9.19
CA ASP A 199 -43.17 -5.54 -8.24
C ASP A 199 -41.83 -6.18 -7.84
N GLN A 200 -40.92 -6.39 -8.77
CA GLN A 200 -39.57 -6.95 -8.48
C GLN A 200 -38.85 -6.05 -7.45
N LEU A 201 -38.86 -4.74 -7.71
CA LEU A 201 -38.18 -3.75 -6.84
C LEU A 201 -38.76 -3.85 -5.43
N PHE A 202 -40.08 -3.96 -5.33
CA PHE A 202 -40.77 -4.02 -4.02
C PHE A 202 -40.32 -5.26 -3.27
N THR A 203 -40.37 -6.42 -3.92
CA THR A 203 -39.96 -7.72 -3.29
C THR A 203 -38.48 -7.65 -2.91
N ILE A 204 -37.64 -7.08 -3.77
CA ILE A 204 -36.18 -6.97 -3.47
C ILE A 204 -36.01 -6.08 -2.25
N GLU A 205 -36.66 -4.92 -2.21
CA GLU A 205 -36.53 -3.98 -1.06
C GLU A 205 -36.96 -4.72 0.21
N PHE A 206 -38.01 -5.52 0.11
CA PHE A 206 -38.55 -6.27 1.27
C PHE A 206 -37.53 -7.32 1.71
N LEU A 207 -37.01 -8.12 0.76
CA LEU A 207 -36.04 -9.19 1.03
C LEU A 207 -34.78 -8.59 1.69
N MET A 208 -34.34 -7.42 1.23
CA MET A 208 -33.11 -6.78 1.74
C MET A 208 -33.36 -6.15 3.12
N ASN A 209 -34.60 -6.13 3.60
CA ASN A 209 -34.93 -5.51 4.91
C ASN A 209 -35.57 -6.55 5.84
N SER A 210 -35.43 -7.85 5.55
CA SER A 210 -36.01 -8.93 6.38
C SER A 210 -35.13 -10.18 6.28
N LYS A 211 -35.32 -11.15 7.16
CA LYS A 211 -34.46 -12.36 7.24
C LYS A 211 -35.27 -13.64 7.04
N ASN A 212 -36.52 -13.67 7.50
CA ASN A 212 -37.28 -14.93 7.65
C ASN A 212 -38.22 -15.09 6.45
N TYR A 213 -37.90 -16.02 5.56
CA TYR A 213 -38.69 -16.33 4.36
C TYR A 213 -39.13 -17.78 4.42
N SER A 214 -40.38 -18.06 4.08
CA SER A 214 -40.98 -19.40 4.13
C SER A 214 -41.58 -19.73 2.76
N ILE A 215 -41.53 -20.99 2.39
CA ILE A 215 -42.09 -21.52 1.11
C ILE A 215 -43.04 -22.65 1.47
N LYS A 216 -44.29 -22.55 1.03
CA LYS A 216 -45.35 -23.56 1.29
C LYS A 216 -45.81 -24.14 -0.04
N THR A 217 -45.80 -25.46 -0.17
CA THR A 217 -46.01 -26.15 -1.48
C THR A 217 -47.08 -27.25 -1.39
N ASP A 218 -47.85 -27.30 -0.30
CA ASP A 218 -48.86 -28.37 -0.07
C ASP A 218 -49.92 -28.32 -1.20
N TYR A 219 -50.30 -27.13 -1.63
CA TYR A 219 -51.31 -26.90 -2.69
C TYR A 219 -50.81 -25.82 -3.67
N GLU A 220 -51.40 -25.78 -4.85
CA GLU A 220 -51.34 -24.59 -5.74
C GLU A 220 -52.18 -23.50 -5.07
N TYR A 221 -51.58 -22.72 -4.18
CA TYR A 221 -52.28 -21.77 -3.28
C TYR A 221 -52.75 -20.54 -4.07
N TYR A 222 -52.02 -20.16 -5.12
CA TYR A 222 -52.31 -18.99 -5.97
C TYR A 222 -52.31 -19.46 -7.42
N ILE A 223 -53.41 -19.26 -8.13
CA ILE A 223 -53.53 -19.66 -9.56
C ILE A 223 -53.49 -18.40 -10.42
N VAL A 224 -52.43 -18.24 -11.21
CA VAL A 224 -52.36 -17.20 -12.27
C VAL A 224 -53.26 -17.62 -13.42
N VAL A 225 -54.24 -16.80 -13.78
CA VAL A 225 -55.20 -17.11 -14.88
C VAL A 225 -54.86 -16.22 -16.08
N ASN A 226 -54.45 -16.84 -17.19
CA ASN A 226 -54.23 -16.16 -18.50
C ASN A 226 -55.56 -16.07 -19.27
N ASP A 227 -55.83 -14.94 -19.91
CA ASP A 227 -56.98 -14.80 -20.85
C ASP A 227 -56.67 -13.79 -21.96
N LYS A 238 -42.56 0.90 -28.07
CA LYS A 238 -41.11 0.97 -28.32
C LYS A 238 -40.44 1.72 -27.17
N SER A 239 -40.04 0.99 -26.12
CA SER A 239 -39.36 1.51 -24.90
C SER A 239 -37.87 1.78 -25.19
N THR A 240 -37.42 2.93 -24.69
CA THR A 240 -36.00 3.41 -24.72
C THR A 240 -35.19 2.69 -23.62
N GLY A 241 -35.86 2.26 -22.55
CA GLY A 241 -35.24 1.59 -21.40
C GLY A 241 -34.81 2.56 -20.32
N ASN A 242 -35.07 3.87 -20.47
CA ASN A 242 -34.70 4.87 -19.45
C ASN A 242 -35.40 4.50 -18.14
N GLN A 243 -36.67 4.15 -18.18
CA GLN A 243 -37.50 3.92 -16.97
C GLN A 243 -37.21 2.52 -16.42
N TYR A 244 -37.17 1.52 -17.29
CA TYR A 244 -36.91 0.12 -16.90
C TYR A 244 -35.55 0.02 -16.18
N PHE A 245 -34.50 0.60 -16.75
CA PHE A 245 -33.12 0.47 -16.20
C PHE A 245 -32.98 1.35 -14.95
N ALA A 246 -33.83 2.38 -14.79
CA ALA A 246 -33.89 3.16 -13.53
C ALA A 246 -34.38 2.26 -12.41
N THR A 247 -35.32 1.38 -12.72
CA THR A 247 -35.88 0.39 -11.77
C THR A 247 -34.82 -0.66 -11.46
N ILE A 248 -34.11 -1.15 -12.48
CA ILE A 248 -33.04 -2.17 -12.29
C ILE A 248 -31.94 -1.57 -11.43
N ASN A 249 -31.62 -0.30 -11.67
CA ASN A 249 -30.62 0.44 -10.87
C ASN A 249 -31.04 0.43 -9.41
N GLU A 250 -32.32 0.62 -9.11
CA GLU A 250 -32.84 0.68 -7.72
C GLU A 250 -32.71 -0.70 -7.07
N ILE A 251 -32.86 -1.77 -7.83
CA ILE A 251 -32.74 -3.15 -7.30
C ILE A 251 -31.30 -3.35 -6.82
N TYR A 252 -30.31 -2.97 -7.64
CA TYR A 252 -28.88 -3.10 -7.26
C TYR A 252 -28.61 -2.20 -6.06
N LYS A 253 -29.15 -0.99 -6.04
CA LYS A 253 -29.01 -0.04 -4.90
C LYS A 253 -29.54 -0.71 -3.62
N ALA A 254 -30.68 -1.37 -3.70
CA ALA A 254 -31.34 -2.00 -2.54
C ALA A 254 -30.43 -3.10 -1.98
N ILE A 255 -29.78 -3.85 -2.86
CA ILE A 255 -28.90 -4.99 -2.46
C ILE A 255 -27.68 -4.39 -1.75
N TYR A 256 -27.05 -3.37 -2.34
CA TYR A 256 -25.76 -2.82 -1.85
C TYR A 256 -25.98 -1.91 -0.64
N LYS A 257 -27.22 -1.58 -0.27
CA LYS A 257 -27.53 -0.75 0.93
C LYS A 257 -28.24 -1.59 1.98
N SER A 258 -28.33 -2.91 1.79
CA SER A 258 -29.13 -3.80 2.66
C SER A 258 -28.60 -3.75 4.09
N PRO A 259 -29.45 -3.42 5.08
CA PRO A 259 -29.06 -3.53 6.49
C PRO A 259 -29.08 -4.97 7.04
N ILE A 260 -29.62 -5.92 6.28
CA ILE A 260 -29.62 -7.37 6.64
C ILE A 260 -28.35 -8.01 6.08
N TYR A 261 -28.11 -7.85 4.78
CA TYR A 261 -26.93 -8.41 4.08
C TYR A 261 -25.88 -7.31 4.00
N LYS A 262 -25.11 -7.14 5.09
CA LYS A 262 -24.16 -6.02 5.29
C LYS A 262 -22.80 -6.39 4.72
N ASN A 263 -22.47 -7.67 4.67
CA ASN A 263 -21.14 -8.11 4.19
C ASN A 263 -21.04 -7.80 2.70
N GLN A 264 -19.98 -7.09 2.31
CA GLN A 264 -19.81 -6.61 0.91
C GLN A 264 -19.74 -7.80 -0.04
N GLU A 265 -19.10 -8.90 0.35
CA GLU A 265 -18.93 -10.07 -0.54
C GLU A 265 -20.31 -10.73 -0.73
N LYS A 266 -21.16 -10.69 0.31
CA LYS A 266 -22.51 -11.28 0.24
C LYS A 266 -23.34 -10.44 -0.74
N ARG A 267 -23.17 -9.11 -0.70
CA ARG A 267 -23.83 -8.19 -1.64
C ARG A 267 -23.39 -8.52 -3.07
N HIS A 268 -22.09 -8.76 -3.29
CA HIS A 268 -21.56 -9.10 -4.63
C HIS A 268 -22.24 -10.38 -5.14
N GLN A 269 -22.41 -11.35 -4.26
CA GLN A 269 -23.01 -12.66 -4.62
C GLN A 269 -24.47 -12.43 -5.01
N LEU A 270 -25.21 -11.65 -4.21
CA LEU A 270 -26.64 -11.36 -4.45
C LEU A 270 -26.77 -10.60 -5.77
N ALA A 271 -25.95 -9.58 -5.96
CA ALA A 271 -25.93 -8.76 -7.19
C ALA A 271 -25.63 -9.64 -8.39
N GLY A 272 -24.67 -10.54 -8.27
CA GLY A 272 -24.31 -11.46 -9.38
C GLY A 272 -25.47 -12.38 -9.71
N LYS A 273 -26.20 -12.83 -8.68
CA LYS A 273 -27.34 -13.75 -8.89
C LYS A 273 -28.45 -12.96 -9.60
N TYR A 274 -28.65 -11.69 -9.23
CA TYR A 274 -29.69 -10.87 -9.88
C TYR A 274 -29.31 -10.67 -11.35
N THR A 275 -28.03 -10.39 -11.62
CA THR A 275 -27.51 -10.18 -12.99
C THR A 275 -27.83 -11.44 -13.83
N THR A 276 -27.60 -12.62 -13.27
CA THR A 276 -27.89 -13.89 -13.96
C THR A 276 -29.40 -13.92 -14.31
N ARG A 277 -30.26 -13.62 -13.33
CA ARG A 277 -31.73 -13.65 -13.53
C ARG A 277 -32.11 -12.64 -14.62
N LEU A 278 -31.49 -11.46 -14.61
CA LEU A 278 -31.76 -10.38 -15.57
C LEU A 278 -31.39 -10.84 -16.98
N LEU A 279 -30.26 -11.53 -17.13
CA LEU A 279 -29.81 -12.01 -18.46
C LEU A 279 -30.65 -13.21 -18.90
N ARG A 280 -31.20 -13.97 -17.97
CA ARG A 280 -32.01 -15.18 -18.29
C ARG A 280 -33.47 -14.77 -18.60
N HIS A 281 -34.00 -13.74 -17.96
CA HIS A 281 -35.47 -13.48 -17.96
C HIS A 281 -35.80 -12.00 -18.07
N GLY A 282 -34.82 -11.12 -18.25
CA GLY A 282 -35.05 -9.66 -18.34
C GLY A 282 -35.91 -9.28 -19.53
N GLN A 283 -36.49 -8.09 -19.48
CA GLN A 283 -37.25 -7.47 -20.60
C GLN A 283 -36.32 -7.36 -21.81
N LYS A 284 -36.78 -7.78 -22.99
CA LYS A 284 -36.04 -7.63 -24.27
C LYS A 284 -34.64 -8.22 -24.13
N LYS A 285 -34.53 -9.41 -23.56
CA LYS A 285 -33.22 -10.02 -23.27
C LYS A 285 -32.47 -10.25 -24.59
N ASN A 286 -33.19 -10.43 -25.71
CA ASN A 286 -32.59 -10.73 -27.02
C ASN A 286 -32.76 -9.53 -27.96
N PHE A 287 -32.65 -8.32 -27.43
CA PHE A 287 -32.82 -7.06 -28.21
C PHE A 287 -31.76 -6.97 -29.30
N ALA A 288 -30.54 -7.46 -29.05
CA ALA A 288 -29.37 -7.18 -29.91
C ALA A 288 -29.59 -7.71 -31.33
N ASN A 289 -30.14 -8.92 -31.48
CA ASN A 289 -30.34 -9.57 -32.80
C ASN A 289 -31.80 -9.39 -33.26
N SER A 290 -32.56 -8.49 -32.63
CA SER A 290 -34.02 -8.31 -32.89
C SER A 290 -34.22 -7.35 -34.07
N LYS A 291 -35.49 -7.07 -34.41
CA LYS A 291 -35.85 -6.18 -35.55
C LYS A 291 -35.98 -4.73 -35.05
N MET A 292 -35.64 -4.48 -33.78
CA MET A 292 -35.57 -3.13 -33.17
C MET A 292 -34.71 -2.20 -34.04
N LYS A 293 -35.17 -0.96 -34.25
CA LYS A 293 -34.41 0.09 -34.96
C LYS A 293 -33.04 0.24 -34.29
N TYR A 294 -31.99 0.40 -35.10
CA TYR A 294 -30.59 0.52 -34.63
C TYR A 294 -30.50 1.58 -33.53
N GLU A 295 -31.10 2.75 -33.74
CA GLU A 295 -30.98 3.89 -32.79
C GLU A 295 -31.59 3.51 -31.44
N ASP A 296 -32.65 2.69 -31.45
CA ASP A 296 -33.31 2.21 -30.20
C ASP A 296 -32.42 1.17 -29.51
N LYS A 297 -31.76 0.31 -30.30
CA LYS A 297 -30.81 -0.70 -29.76
C LYS A 297 -29.69 0.04 -29.03
N ILE A 298 -29.16 1.11 -29.63
CA ILE A 298 -28.03 1.89 -29.05
C ILE A 298 -28.49 2.51 -27.74
N GLU A 299 -29.69 3.10 -27.73
CA GLU A 299 -30.21 3.81 -26.54
C GLU A 299 -30.44 2.75 -25.45
N TRP A 300 -31.02 1.61 -25.80
CA TRP A 300 -31.33 0.52 -24.86
C TRP A 300 -30.03 -0.01 -24.24
N LEU A 301 -29.05 -0.33 -25.08
CA LEU A 301 -27.74 -0.87 -24.61
C LEU A 301 -27.03 0.20 -23.77
N ASN A 302 -27.16 1.46 -24.14
CA ASN A 302 -26.52 2.57 -23.39
C ASN A 302 -27.08 2.59 -21.97
N ASN A 303 -28.40 2.47 -21.80
CA ASN A 303 -29.06 2.47 -20.47
C ASN A 303 -28.63 1.23 -19.70
N PHE A 304 -28.58 0.09 -20.36
CA PHE A 304 -28.21 -1.20 -19.74
C PHE A 304 -26.75 -1.09 -19.25
N SER A 305 -25.88 -0.58 -20.11
CA SER A 305 -24.43 -0.42 -19.85
C SER A 305 -24.23 0.53 -18.67
N LYS A 306 -24.89 1.69 -18.68
CA LYS A 306 -24.77 2.73 -17.61
C LYS A 306 -25.15 2.09 -16.27
N THR A 307 -26.21 1.29 -16.26
CA THR A 307 -26.78 0.70 -15.03
C THR A 307 -25.82 -0.37 -14.53
N ILE A 308 -25.38 -1.27 -15.40
CA ILE A 308 -24.49 -2.40 -15.01
C ILE A 308 -23.13 -1.85 -14.59
N ASN A 309 -22.69 -0.72 -15.13
CA ASN A 309 -21.33 -0.18 -14.80
C ASN A 309 -21.36 0.55 -13.44
N LYS A 310 -22.53 0.70 -12.81
CA LYS A 310 -22.61 1.15 -11.40
C LYS A 310 -22.53 -0.06 -10.47
N VAL A 311 -22.58 -1.27 -11.00
CA VAL A 311 -22.49 -2.52 -10.19
C VAL A 311 -21.03 -2.95 -10.15
N PRO A 312 -20.44 -3.14 -8.95
CA PRO A 312 -19.05 -3.58 -8.85
C PRO A 312 -18.74 -4.82 -9.69
N ARG A 313 -17.58 -4.82 -10.35
CA ARG A 313 -17.09 -5.96 -11.15
C ARG A 313 -16.85 -7.18 -10.25
N ASP A 314 -16.72 -6.98 -8.95
CA ASP A 314 -16.59 -8.07 -7.93
C ASP A 314 -17.80 -9.01 -8.00
N SER A 315 -18.95 -8.54 -8.49
CA SER A 315 -20.19 -9.37 -8.58
C SER A 315 -20.09 -10.32 -9.77
N ASP A 316 -19.24 -10.02 -10.75
CA ASP A 316 -19.23 -10.71 -12.07
C ASP A 316 -18.89 -12.18 -11.88
N LYS A 317 -18.01 -12.51 -10.93
CA LYS A 317 -17.56 -13.91 -10.71
C LYS A 317 -18.72 -14.76 -10.18
N TYR A 318 -19.79 -14.14 -9.68
CA TYR A 318 -20.98 -14.87 -9.16
C TYR A 318 -22.03 -15.04 -10.26
N VAL A 319 -21.80 -14.48 -11.44
CA VAL A 319 -22.72 -14.64 -12.60
C VAL A 319 -22.42 -15.99 -13.24
N THR A 320 -23.44 -16.75 -13.64
CA THR A 320 -23.25 -18.07 -14.30
C THR A 320 -22.35 -17.86 -15.52
N GLN A 321 -21.32 -18.69 -15.69
CA GLN A 321 -20.17 -18.42 -16.59
C GLN A 321 -20.60 -18.37 -18.06
N ILE A 322 -21.67 -19.05 -18.49
CA ILE A 322 -22.13 -18.98 -19.91
C ILE A 322 -22.37 -17.53 -20.31
N PHE A 323 -22.68 -16.64 -19.35
CA PHE A 323 -23.03 -15.24 -19.60
C PHE A 323 -21.81 -14.32 -19.50
N ASN A 324 -20.60 -14.88 -19.34
CA ASN A 324 -19.36 -14.09 -19.12
C ASN A 324 -19.19 -13.10 -20.27
N LEU A 325 -19.34 -13.56 -21.52
CA LEU A 325 -19.09 -12.70 -22.71
C LEU A 325 -20.21 -11.66 -22.83
N LYS A 326 -21.46 -12.08 -22.71
CA LYS A 326 -22.61 -11.15 -22.84
C LYS A 326 -22.49 -10.04 -21.81
N LEU A 327 -22.19 -10.40 -20.57
CA LEU A 327 -22.06 -9.39 -19.47
C LEU A 327 -20.95 -8.42 -19.80
N GLU A 328 -19.79 -8.92 -20.25
CA GLU A 328 -18.64 -8.04 -20.54
C GLU A 328 -18.99 -7.16 -21.74
N ALA A 329 -19.69 -7.72 -22.74
CA ALA A 329 -20.15 -6.95 -23.91
C ALA A 329 -21.02 -5.76 -23.45
N ILE A 330 -21.92 -6.00 -22.50
CA ILE A 330 -22.83 -4.91 -22.01
C ILE A 330 -21.98 -3.88 -21.26
N ARG A 331 -21.03 -4.31 -20.44
CA ARG A 331 -20.15 -3.36 -19.69
C ARG A 331 -19.39 -2.48 -20.69
N GLN A 332 -18.94 -3.06 -21.81
CA GLN A 332 -18.17 -2.35 -22.86
C GLN A 332 -19.10 -1.52 -23.75
N ASN A 333 -20.42 -1.68 -23.62
CA ASN A 333 -21.42 -0.90 -24.41
C ASN A 333 -21.18 -1.16 -25.90
N ASP A 334 -21.00 -2.44 -26.27
CA ASP A 334 -20.57 -2.87 -27.62
C ASP A 334 -21.68 -3.73 -28.24
N LEU A 335 -22.48 -3.15 -29.11
CA LEU A 335 -23.69 -3.85 -29.67
C LEU A 335 -23.23 -5.10 -30.44
N LEU A 336 -22.19 -4.99 -31.26
CA LEU A 336 -21.71 -6.15 -32.06
C LEU A 336 -21.39 -7.32 -31.14
N ALA A 337 -20.73 -7.05 -30.01
CA ALA A 337 -20.29 -8.09 -29.07
C ALA A 337 -21.52 -8.72 -28.41
N VAL A 338 -22.56 -7.92 -28.11
CA VAL A 338 -23.80 -8.48 -27.52
C VAL A 338 -24.49 -9.37 -28.56
N MET A 339 -24.52 -8.93 -29.82
CA MET A 339 -25.12 -9.71 -30.92
C MET A 339 -24.39 -11.05 -31.01
N ILE A 340 -23.06 -11.03 -30.98
CA ILE A 340 -22.23 -12.26 -31.08
C ILE A 340 -22.49 -13.12 -29.85
N ALA A 341 -22.46 -12.53 -28.65
CA ALA A 341 -22.68 -13.27 -27.39
C ALA A 341 -24.00 -14.07 -27.49
N ASP A 342 -25.06 -13.42 -27.99
CA ASP A 342 -26.40 -14.04 -28.09
C ASP A 342 -26.36 -15.17 -29.10
N LYS A 343 -25.63 -15.01 -30.20
CA LYS A 343 -25.52 -16.08 -31.23
C LYS A 343 -24.81 -17.30 -30.62
N LEU A 344 -23.90 -17.12 -29.67
CA LEU A 344 -23.13 -18.22 -29.05
C LEU A 344 -23.93 -18.87 -27.90
N LEU A 345 -24.87 -18.15 -27.30
CA LEU A 345 -25.74 -18.70 -26.21
C LEU A 345 -26.82 -19.60 -26.81
N MET B 19 41.08 -29.92 -22.16
CA MET B 19 39.71 -29.42 -22.46
C MET B 19 38.72 -30.58 -22.39
N LYS B 20 37.63 -30.42 -21.65
CA LYS B 20 36.60 -31.48 -21.50
C LYS B 20 35.71 -31.51 -22.74
N LYS B 21 35.15 -32.67 -23.01
CA LYS B 21 34.13 -32.86 -24.08
C LYS B 21 32.84 -32.13 -23.68
N VAL B 22 32.33 -32.40 -22.48
CA VAL B 22 31.02 -31.88 -22.04
C VAL B 22 31.12 -31.32 -20.62
N SER B 23 30.51 -30.16 -20.40
CA SER B 23 30.18 -29.62 -19.06
C SER B 23 28.68 -29.74 -18.84
N VAL B 24 28.27 -30.56 -17.89
CA VAL B 24 26.85 -30.62 -17.45
C VAL B 24 26.66 -29.53 -16.39
N ILE B 25 25.73 -28.61 -16.64
CA ILE B 25 25.46 -27.45 -15.75
C ILE B 25 24.10 -27.67 -15.09
N MET B 26 24.08 -27.73 -13.76
CA MET B 26 22.87 -28.05 -12.98
C MET B 26 22.70 -27.03 -11.87
N PRO B 27 21.73 -26.09 -12.00
CA PRO B 27 21.32 -25.26 -10.87
C PRO B 27 20.55 -26.09 -9.84
N THR B 28 20.73 -25.80 -8.55
CA THR B 28 19.96 -26.47 -7.47
C THR B 28 19.30 -25.41 -6.60
N PHE B 29 18.17 -25.78 -6.00
CA PHE B 29 17.50 -24.98 -4.93
C PHE B 29 16.52 -25.89 -4.17
N ASN B 30 16.86 -26.22 -2.92
CA ASN B 30 15.96 -26.91 -1.96
C ASN B 30 15.46 -28.22 -2.60
N ASN B 31 16.35 -28.95 -3.26
CA ASN B 31 16.03 -30.23 -3.94
C ASN B 31 15.97 -31.34 -2.91
N GLY B 32 16.84 -31.30 -1.89
CA GLY B 32 16.88 -32.32 -0.84
C GLY B 32 17.37 -33.66 -1.36
N GLU B 33 16.83 -34.75 -0.83
CA GLU B 33 17.38 -36.12 -1.00
C GLU B 33 17.14 -36.60 -2.44
N LYS B 34 16.19 -36.01 -3.17
CA LYS B 34 15.86 -36.40 -4.58
C LYS B 34 17.08 -36.18 -5.49
N LEU B 35 17.95 -35.25 -5.13
CA LEU B 35 19.14 -34.82 -5.92
C LEU B 35 20.11 -35.99 -6.12
N HIS B 36 20.14 -36.95 -5.19
CA HIS B 36 21.01 -38.17 -5.27
C HIS B 36 20.79 -38.85 -6.63
N ARG B 37 19.53 -39.11 -6.97
CA ARG B 37 19.12 -39.85 -8.18
C ARG B 37 19.67 -39.14 -9.41
N THR B 38 19.55 -37.80 -9.44
CA THR B 38 19.96 -36.95 -10.58
C THR B 38 21.49 -36.99 -10.70
N ILE B 39 22.20 -36.70 -9.61
CA ILE B 39 23.69 -36.62 -9.61
C ILE B 39 24.22 -38.00 -10.03
N SER B 40 23.64 -39.08 -9.52
CA SER B 40 24.04 -40.47 -9.84
C SER B 40 23.90 -40.70 -11.35
N SER B 41 22.84 -40.20 -11.96
CA SER B 41 22.55 -40.42 -13.41
C SER B 41 23.67 -39.77 -14.23
N VAL B 42 24.21 -38.65 -13.77
CA VAL B 42 25.32 -37.91 -14.46
C VAL B 42 26.64 -38.63 -14.21
N LEU B 43 26.87 -39.19 -13.02
CA LEU B 43 28.18 -39.82 -12.67
C LEU B 43 28.26 -41.20 -13.32
N ASN B 44 27.12 -41.85 -13.59
CA ASN B 44 27.06 -43.19 -14.22
C ASN B 44 26.81 -43.01 -15.73
N GLN B 45 27.81 -42.51 -16.46
CA GLN B 45 27.73 -42.35 -17.93
C GLN B 45 28.71 -43.30 -18.60
N THR B 46 28.35 -43.80 -19.78
CA THR B 46 29.23 -44.60 -20.66
C THR B 46 30.44 -43.77 -21.07
N MET B 47 30.31 -42.45 -21.15
CA MET B 47 31.45 -41.55 -21.47
C MET B 47 32.51 -41.68 -20.37
N LYS B 48 33.79 -41.72 -20.77
CA LYS B 48 34.97 -41.66 -19.86
C LYS B 48 34.73 -40.53 -18.86
N SER B 49 34.90 -40.79 -17.57
CA SER B 49 34.55 -39.85 -16.49
C SER B 49 35.48 -38.64 -16.52
N THR B 50 36.67 -38.76 -17.12
CA THR B 50 37.66 -37.66 -17.22
C THR B 50 37.34 -36.76 -18.42
N ASP B 51 36.41 -37.18 -19.30
CA ASP B 51 36.05 -36.42 -20.52
C ASP B 51 34.92 -35.43 -20.24
N TYR B 52 34.28 -35.51 -19.08
CA TYR B 52 33.20 -34.56 -18.72
C TYR B 52 33.26 -34.16 -17.26
N GLU B 53 32.50 -33.11 -16.92
CA GLU B 53 32.37 -32.59 -15.54
C GLU B 53 30.91 -32.24 -15.28
N LEU B 54 30.50 -32.35 -14.01
CA LEU B 54 29.21 -31.88 -13.51
C LEU B 54 29.45 -30.64 -12.68
N ILE B 55 28.95 -29.49 -13.14
CA ILE B 55 29.05 -28.20 -12.42
C ILE B 55 27.70 -27.98 -11.72
N ILE B 56 27.71 -27.94 -10.40
CA ILE B 56 26.48 -27.68 -9.60
C ILE B 56 26.55 -26.26 -9.07
N ILE B 57 25.51 -25.47 -9.32
CA ILE B 57 25.42 -24.07 -8.80
C ILE B 57 24.17 -23.99 -7.94
N ASP B 58 24.35 -23.96 -6.62
CA ASP B 58 23.23 -23.88 -5.67
C ASP B 58 22.81 -22.41 -5.56
N ASP B 59 21.51 -22.15 -5.73
CA ASP B 59 20.94 -20.78 -5.73
C ASP B 59 20.57 -20.45 -4.28
N HIS B 60 21.53 -20.57 -3.37
CA HIS B 60 21.41 -20.27 -1.92
C HIS B 60 20.21 -21.02 -1.31
N SER B 61 20.24 -22.35 -1.40
CA SER B 61 19.28 -23.26 -0.72
C SER B 61 19.18 -22.88 0.77
N ASN B 62 17.97 -22.92 1.31
CA ASN B 62 17.71 -22.55 2.73
C ASN B 62 16.87 -23.66 3.37
N ASP B 63 17.12 -24.92 3.02
CA ASP B 63 16.32 -26.09 3.49
C ASP B 63 17.06 -26.77 4.64
N ASN B 64 17.60 -26.00 5.59
CA ASN B 64 18.31 -26.52 6.79
C ASN B 64 19.49 -27.39 6.34
N GLY B 65 20.15 -27.01 5.25
CA GLY B 65 21.39 -27.64 4.75
C GLY B 65 21.16 -29.00 4.10
N GLU B 66 19.90 -29.42 3.90
CA GLU B 66 19.58 -30.77 3.36
C GLU B 66 20.21 -30.90 1.97
N THR B 67 19.97 -29.91 1.10
CA THR B 67 20.47 -29.90 -0.30
C THR B 67 22.00 -29.87 -0.29
N LEU B 68 22.61 -29.00 0.52
CA LEU B 68 24.09 -28.87 0.59
C LEU B 68 24.67 -30.19 1.10
N ASN B 69 23.99 -30.88 2.02
CA ASN B 69 24.47 -32.16 2.60
C ASN B 69 24.52 -33.23 1.51
N VAL B 70 23.55 -33.23 0.59
CA VAL B 70 23.50 -34.21 -0.54
C VAL B 70 24.67 -33.92 -1.48
N ILE B 71 24.93 -32.65 -1.77
CA ILE B 71 26.01 -32.22 -2.71
C ILE B 71 27.38 -32.52 -2.08
N LYS B 72 27.49 -32.39 -0.75
CA LYS B 72 28.79 -32.59 -0.01
C LYS B 72 29.23 -34.06 -0.12
N LYS B 73 28.31 -34.99 -0.32
CA LYS B 73 28.62 -36.44 -0.46
C LYS B 73 29.36 -36.70 -1.79
N TYR B 74 29.36 -35.77 -2.74
CA TYR B 74 30.08 -35.95 -4.04
C TYR B 74 31.24 -34.95 -4.18
N LYS B 75 31.71 -34.38 -3.06
CA LYS B 75 32.91 -33.49 -3.05
C LYS B 75 34.07 -34.24 -3.72
N GLY B 76 34.74 -33.58 -4.66
CA GLY B 76 35.88 -34.16 -5.40
C GLY B 76 35.44 -34.84 -6.69
N LEU B 77 34.16 -35.12 -6.86
CA LEU B 77 33.61 -35.75 -8.09
C LEU B 77 32.83 -34.73 -8.92
N VAL B 78 32.58 -33.53 -8.38
CA VAL B 78 31.80 -32.47 -9.05
C VAL B 78 32.47 -31.13 -8.77
N ARG B 79 32.27 -30.15 -9.64
CA ARG B 79 32.63 -28.74 -9.34
C ARG B 79 31.37 -28.12 -8.72
N PHE B 80 31.55 -27.28 -7.71
CA PHE B 80 30.41 -26.70 -6.97
C PHE B 80 30.66 -25.22 -6.70
N LYS B 81 29.61 -24.41 -6.82
CA LYS B 81 29.63 -22.98 -6.47
C LYS B 81 28.31 -22.65 -5.78
N GLN B 82 28.37 -21.92 -4.68
CA GLN B 82 27.17 -21.51 -3.91
C GLN B 82 26.97 -20.01 -4.11
N LEU B 83 25.83 -19.60 -4.67
CA LEU B 83 25.48 -18.17 -4.82
C LEU B 83 25.18 -17.60 -3.43
N LYS B 84 25.57 -16.35 -3.19
CA LYS B 84 25.39 -15.66 -1.89
C LYS B 84 23.89 -15.39 -1.63
N LYS B 85 23.10 -15.12 -2.67
CA LYS B 85 21.65 -14.81 -2.57
C LYS B 85 20.85 -15.60 -3.60
N ASN B 86 19.62 -16.00 -3.26
CA ASN B 86 18.68 -16.69 -4.19
C ASN B 86 18.31 -15.69 -5.30
N SER B 87 18.70 -15.97 -6.54
CA SER B 87 18.41 -15.14 -7.73
C SER B 87 16.92 -15.22 -8.09
N GLY B 88 16.26 -16.33 -7.76
CA GLY B 88 14.80 -16.51 -8.00
C GLY B 88 14.50 -17.32 -9.25
N ASN B 89 15.43 -17.37 -10.21
CA ASN B 89 15.29 -18.01 -11.53
C ASN B 89 16.59 -18.76 -11.83
N ALA B 90 16.58 -19.66 -12.82
CA ALA B 90 17.73 -20.54 -13.15
C ALA B 90 18.77 -19.78 -13.99
N SER B 91 18.44 -18.57 -14.43
CA SER B 91 19.29 -17.77 -15.36
C SER B 91 20.64 -17.48 -14.71
N VAL B 92 20.67 -16.93 -13.51
CA VAL B 92 21.96 -16.52 -12.86
C VAL B 92 22.81 -17.76 -12.64
N PRO B 93 22.29 -18.84 -12.00
CA PRO B 93 23.06 -20.08 -11.85
C PRO B 93 23.61 -20.65 -13.17
N ARG B 94 22.79 -20.66 -14.22
CA ARG B 94 23.21 -21.21 -15.54
C ARG B 94 24.32 -20.33 -16.12
N ASN B 95 24.22 -19.01 -15.97
CA ASN B 95 25.26 -18.08 -16.47
C ASN B 95 26.57 -18.34 -15.70
N THR B 96 26.47 -18.58 -14.39
CA THR B 96 27.63 -18.91 -13.52
C THR B 96 28.30 -20.18 -14.05
N GLY B 97 27.51 -21.21 -14.34
CA GLY B 97 27.98 -22.48 -14.94
C GLY B 97 28.69 -22.25 -16.26
N LEU B 98 28.13 -21.40 -17.12
CA LEU B 98 28.74 -21.09 -18.44
C LEU B 98 30.13 -20.46 -18.25
N LYS B 99 30.27 -19.50 -17.33
CA LYS B 99 31.56 -18.83 -17.05
C LYS B 99 32.57 -19.89 -16.56
N MET B 100 32.10 -20.89 -15.81
CA MET B 100 32.99 -21.91 -15.18
C MET B 100 33.39 -22.99 -16.19
N SER B 101 32.66 -23.17 -17.28
CA SER B 101 32.93 -24.25 -18.25
C SER B 101 33.91 -23.77 -19.34
N LYS B 102 34.90 -24.62 -19.66
CA LYS B 102 35.84 -24.43 -20.78
C LYS B 102 35.73 -25.66 -21.71
N ALA B 103 34.60 -26.38 -21.66
CA ALA B 103 34.39 -27.62 -22.43
C ALA B 103 33.99 -27.29 -23.88
N GLU B 104 33.98 -28.32 -24.72
CA GLU B 104 33.64 -28.21 -26.16
C GLU B 104 32.12 -27.97 -26.26
N TYR B 105 31.35 -28.71 -25.45
CA TYR B 105 29.88 -28.62 -25.37
C TYR B 105 29.43 -28.45 -23.92
N VAL B 106 28.29 -27.80 -23.75
CA VAL B 106 27.59 -27.72 -22.43
C VAL B 106 26.24 -28.43 -22.57
N PHE B 107 25.79 -29.00 -21.47
CA PHE B 107 24.48 -29.68 -21.38
C PHE B 107 23.82 -29.20 -20.10
N PHE B 108 22.68 -28.52 -20.22
CA PHE B 108 21.94 -28.02 -19.05
C PHE B 108 21.00 -29.11 -18.56
N LEU B 109 21.04 -29.37 -17.25
CA LEU B 109 20.23 -30.40 -16.57
C LEU B 109 19.45 -29.74 -15.42
N ASP B 110 18.14 -29.99 -15.35
CA ASP B 110 17.30 -29.56 -14.21
C ASP B 110 17.55 -30.52 -13.06
N SER B 111 17.51 -30.00 -11.83
CA SER B 111 17.93 -30.70 -10.58
C SER B 111 17.07 -31.94 -10.30
N ASP B 112 15.86 -32.06 -10.84
CA ASP B 112 15.00 -33.23 -10.51
C ASP B 112 14.97 -34.24 -11.67
N ASP B 113 15.80 -34.07 -12.69
CA ASP B 113 15.71 -34.85 -13.96
C ASP B 113 16.83 -35.90 -13.99
N LEU B 114 16.74 -36.84 -14.94
CA LEU B 114 17.70 -37.96 -15.06
C LEU B 114 18.28 -38.02 -16.47
N LEU B 115 19.57 -38.33 -16.56
CA LEU B 115 20.23 -38.66 -17.85
C LEU B 115 20.26 -40.17 -18.01
N HIS B 116 19.93 -40.67 -19.20
CA HIS B 116 20.23 -42.06 -19.64
C HIS B 116 21.74 -42.26 -19.56
N GLU B 117 22.18 -43.49 -19.28
CA GLU B 117 23.62 -43.80 -19.08
C GLU B 117 24.40 -43.49 -20.37
N ARG B 118 23.76 -43.50 -21.53
CA ARG B 118 24.48 -43.31 -22.82
C ARG B 118 24.23 -41.92 -23.41
N ALA B 119 23.79 -40.95 -22.60
CA ALA B 119 23.35 -39.63 -23.08
C ALA B 119 24.56 -38.82 -23.56
N LEU B 120 25.54 -38.58 -22.69
CA LEU B 120 26.68 -37.70 -23.02
C LEU B 120 27.47 -38.29 -24.20
N GLU B 121 27.78 -39.59 -24.15
CA GLU B 121 28.59 -40.28 -25.18
C GLU B 121 27.87 -40.20 -26.53
N ASP B 122 26.62 -40.68 -26.60
CA ASP B 122 25.87 -40.79 -27.88
C ASP B 122 25.63 -39.41 -28.48
N LEU B 123 25.23 -38.42 -27.68
CA LEU B 123 24.94 -37.06 -28.18
C LEU B 123 26.24 -36.41 -28.64
N TYR B 124 27.31 -36.50 -27.86
CA TYR B 124 28.62 -35.90 -28.22
C TYR B 124 29.12 -36.53 -29.53
N ASN B 125 29.09 -37.86 -29.61
CA ASN B 125 29.62 -38.59 -30.78
C ASN B 125 28.83 -38.17 -32.02
N TYR B 126 27.50 -38.08 -31.91
CA TYR B 126 26.62 -37.70 -33.06
C TYR B 126 26.96 -36.26 -33.46
N GLY B 127 27.17 -35.40 -32.47
CA GLY B 127 27.50 -33.98 -32.70
C GLY B 127 28.84 -33.84 -33.40
N LYS B 128 29.84 -34.57 -32.93
CA LYS B 128 31.22 -34.51 -33.48
C LYS B 128 31.22 -35.03 -34.91
N GLU B 129 30.49 -36.12 -35.17
CA GLU B 129 30.39 -36.76 -36.51
C GLU B 129 29.65 -35.83 -37.49
N ASN B 130 28.75 -34.96 -37.03
CA ASN B 130 27.95 -34.10 -37.93
C ASN B 130 28.30 -32.63 -37.73
N ASN B 131 29.40 -32.33 -37.04
CA ASN B 131 29.85 -30.93 -36.80
C ASN B 131 28.66 -30.10 -36.29
N SER B 132 27.88 -30.66 -35.36
CA SER B 132 26.63 -30.06 -34.82
C SER B 132 26.96 -28.96 -33.83
N ASP B 133 26.26 -27.83 -33.96
CA ASP B 133 26.25 -26.72 -32.97
C ASP B 133 25.27 -27.11 -31.86
N LEU B 134 24.29 -27.96 -32.16
CA LEU B 134 23.21 -28.30 -31.22
C LEU B 134 22.83 -29.77 -31.44
N ILE B 135 22.72 -30.52 -30.35
CA ILE B 135 22.26 -31.92 -30.41
C ILE B 135 21.10 -32.06 -29.42
N ILE B 136 19.99 -32.60 -29.90
CA ILE B 136 18.75 -32.75 -29.10
C ILE B 136 18.49 -34.25 -28.94
N GLY B 137 18.54 -34.73 -27.71
CA GLY B 137 18.20 -36.12 -27.38
C GLY B 137 16.73 -36.26 -27.06
N LYS B 138 16.13 -37.38 -27.47
CA LYS B 138 14.69 -37.68 -27.21
C LYS B 138 14.44 -37.59 -25.71
N TYR B 139 13.36 -36.91 -25.33
CA TYR B 139 12.91 -36.73 -23.93
C TYR B 139 11.93 -37.84 -23.56
N GLY B 140 12.07 -38.39 -22.37
CA GLY B 140 11.03 -39.17 -21.68
C GLY B 140 10.46 -38.39 -20.51
N VAL B 141 9.38 -38.88 -19.92
CA VAL B 141 8.69 -38.18 -18.81
C VAL B 141 8.27 -39.20 -17.74
N GLU B 142 8.39 -38.81 -16.48
CA GLU B 142 7.91 -39.57 -15.30
C GLU B 142 6.84 -38.70 -14.61
N GLY B 143 5.61 -39.18 -14.55
CA GLY B 143 4.50 -38.50 -13.83
C GLY B 143 3.80 -37.43 -14.67
N LYS B 144 2.65 -36.97 -14.20
CA LYS B 144 1.83 -35.93 -14.89
C LYS B 144 2.34 -34.54 -14.50
N SER B 147 4.63 -32.15 -19.63
CA SER B 147 4.66 -32.81 -20.98
C SER B 147 5.97 -32.45 -21.68
N VAL B 148 6.36 -33.23 -22.68
CA VAL B 148 7.64 -33.07 -23.43
C VAL B 148 7.33 -33.07 -24.92
N PRO B 149 8.17 -32.43 -25.76
CA PRO B 149 7.97 -32.45 -27.21
C PRO B 149 8.03 -33.88 -27.77
N LYS B 150 7.28 -34.11 -28.85
CA LYS B 150 7.15 -35.44 -29.49
C LYS B 150 7.43 -35.34 -30.99
N ALA B 151 6.88 -34.34 -31.67
CA ALA B 151 6.93 -34.23 -33.15
C ALA B 151 8.38 -34.17 -33.62
N ILE B 152 9.25 -33.45 -32.91
CA ILE B 152 10.69 -33.31 -33.27
C ILE B 152 11.37 -34.69 -33.38
N PHE B 153 10.89 -35.72 -32.66
CA PHE B 153 11.55 -37.04 -32.58
C PHE B 153 10.87 -38.09 -33.47
N GLU B 154 9.86 -37.70 -34.25
CA GLU B 154 8.99 -38.64 -34.99
C GLU B 154 9.64 -39.06 -36.31
N LYS B 155 10.77 -38.46 -36.72
CA LYS B 155 11.44 -38.80 -37.99
C LYS B 155 12.72 -39.60 -37.72
N GLY B 156 12.89 -40.09 -36.49
CA GLY B 156 14.13 -40.76 -36.04
C GLY B 156 15.30 -39.81 -36.02
N ASN B 157 16.52 -40.33 -36.18
CA ASN B 157 17.77 -39.53 -36.13
C ASN B 157 17.78 -38.59 -37.33
N VAL B 158 18.16 -37.33 -37.10
CA VAL B 158 18.32 -36.29 -38.15
C VAL B 158 19.66 -35.61 -37.91
N ALA B 159 20.56 -35.71 -38.87
CA ALA B 159 21.95 -35.22 -38.75
C ALA B 159 21.98 -33.71 -38.98
N LYS B 160 21.21 -33.22 -39.96
CA LYS B 160 21.11 -31.78 -40.33
C LYS B 160 19.62 -31.40 -40.30
N ALA B 161 19.12 -31.01 -39.14
CA ALA B 161 17.69 -30.72 -38.93
C ALA B 161 17.35 -29.31 -39.40
N ASP B 162 16.07 -29.05 -39.63
CA ASP B 162 15.52 -27.75 -40.08
C ASP B 162 14.53 -27.28 -39.03
N ILE B 163 14.61 -26.02 -38.63
CA ILE B 163 13.76 -25.48 -37.54
C ILE B 163 12.29 -25.81 -37.84
N ILE B 164 11.84 -25.52 -39.06
CA ILE B 164 10.41 -25.67 -39.40
C ILE B 164 10.06 -27.14 -39.67
N ASP B 165 10.81 -27.83 -40.49
CA ASP B 165 10.48 -29.22 -40.91
C ASP B 165 10.60 -30.18 -39.72
N ASN B 166 11.40 -29.85 -38.70
CA ASN B 166 11.66 -30.78 -37.56
C ASN B 166 11.07 -30.21 -36.27
N SER B 167 10.19 -29.22 -36.35
CA SER B 167 9.35 -28.75 -35.22
C SER B 167 10.24 -28.30 -34.06
N ILE B 168 11.35 -27.62 -34.33
CA ILE B 168 12.33 -27.25 -33.29
C ILE B 168 11.76 -26.12 -32.42
N PHE B 169 10.87 -25.28 -32.96
CA PHE B 169 10.21 -24.20 -32.17
C PHE B 169 9.23 -24.79 -31.16
N TYR B 170 8.97 -26.09 -31.20
CA TYR B 170 8.14 -26.80 -30.20
C TYR B 170 9.02 -27.52 -29.17
N ALA B 171 10.34 -27.34 -29.22
CA ALA B 171 11.28 -27.97 -28.27
C ALA B 171 12.39 -26.97 -27.92
N LEU B 172 12.05 -25.88 -27.26
CA LEU B 172 12.94 -24.74 -27.04
C LEU B 172 13.54 -24.76 -25.63
N SER B 173 13.41 -25.87 -24.89
CA SER B 173 14.10 -26.01 -23.58
C SER B 173 15.62 -25.97 -23.82
N VAL B 174 16.42 -25.68 -22.79
CA VAL B 174 17.90 -25.73 -22.92
C VAL B 174 18.42 -27.10 -22.45
N LEU B 175 17.55 -28.10 -22.38
CA LEU B 175 17.92 -29.48 -21.94
C LEU B 175 18.48 -30.21 -23.16
N LYS B 176 19.61 -29.69 -23.64
CA LYS B 176 20.22 -30.04 -24.94
C LYS B 176 21.73 -29.86 -24.83
N MET B 177 22.45 -30.37 -25.82
CA MET B 177 23.91 -30.20 -25.91
C MET B 177 24.21 -29.06 -26.89
N PHE B 178 24.77 -27.96 -26.36
CA PHE B 178 25.13 -26.74 -27.12
C PHE B 178 26.66 -26.64 -27.28
N LYS B 179 27.13 -26.32 -28.48
CA LYS B 179 28.58 -26.06 -28.73
C LYS B 179 28.94 -24.74 -28.03
N LYS B 180 29.95 -24.77 -27.15
CA LYS B 180 30.32 -23.64 -26.28
C LYS B 180 30.83 -22.46 -27.12
N SER B 181 31.53 -22.74 -28.22
CA SER B 181 32.16 -21.67 -29.04
C SER B 181 31.08 -20.74 -29.60
N VAL B 182 29.91 -21.28 -29.93
CA VAL B 182 28.78 -20.44 -30.46
C VAL B 182 28.30 -19.50 -29.36
N ILE B 183 28.18 -20.02 -28.13
CA ILE B 183 27.75 -19.24 -26.94
C ILE B 183 28.79 -18.14 -26.65
N ASP B 184 30.08 -18.49 -26.69
CA ASP B 184 31.19 -17.54 -26.36
C ASP B 184 31.30 -16.48 -27.46
N LYS B 185 31.38 -16.86 -28.74
CA LYS B 185 31.58 -15.93 -29.87
C LYS B 185 30.43 -14.91 -29.92
N ASN B 186 29.20 -15.33 -29.63
CA ASN B 186 27.98 -14.48 -29.77
C ASN B 186 27.59 -13.94 -28.40
N LYS B 187 28.34 -14.25 -27.35
CA LYS B 187 28.11 -13.72 -25.97
C LYS B 187 26.64 -13.98 -25.60
N ILE B 188 26.20 -15.22 -25.76
CA ILE B 188 24.81 -15.65 -25.44
C ILE B 188 24.76 -15.95 -23.93
N LYS B 189 23.94 -15.21 -23.20
CA LYS B 189 23.71 -15.37 -21.76
C LYS B 189 22.20 -15.53 -21.54
N PHE B 190 21.80 -16.22 -20.48
CA PHE B 190 20.39 -16.26 -20.03
C PHE B 190 20.06 -14.86 -19.51
N LYS B 191 18.90 -14.33 -19.88
CA LYS B 191 18.44 -13.00 -19.41
C LYS B 191 17.63 -13.19 -18.14
N THR B 192 17.39 -12.11 -17.40
CA THR B 192 16.70 -12.10 -16.09
C THR B 192 15.50 -11.14 -16.16
N PHE B 193 15.02 -10.79 -17.36
CA PHE B 193 13.81 -9.95 -17.59
C PHE B 193 12.60 -10.57 -16.85
N SER B 194 12.47 -11.90 -16.95
CA SER B 194 11.29 -12.64 -16.47
C SER B 194 11.70 -13.99 -15.89
N LYS B 195 10.78 -14.60 -15.12
CA LYS B 195 10.97 -15.90 -14.41
C LYS B 195 10.69 -17.03 -15.41
N THR B 196 10.07 -16.71 -16.54
CA THR B 196 9.54 -17.67 -17.54
C THR B 196 10.09 -17.31 -18.93
N ALA B 197 10.24 -18.34 -19.78
CA ALA B 197 10.60 -18.25 -21.22
C ALA B 197 12.04 -17.78 -21.44
N GLU B 198 12.88 -17.75 -20.41
CA GLU B 198 14.30 -17.30 -20.55
C GLU B 198 15.09 -18.40 -21.23
N ASP B 199 14.72 -19.66 -21.01
CA ASP B 199 15.32 -20.83 -21.71
C ASP B 199 14.97 -20.76 -23.19
N GLN B 200 13.73 -20.43 -23.54
CA GLN B 200 13.28 -20.29 -24.95
C GLN B 200 14.15 -19.25 -25.64
N LEU B 201 14.31 -18.08 -25.02
CA LEU B 201 15.09 -16.96 -25.60
C LEU B 201 16.51 -17.43 -25.88
N PHE B 202 17.10 -18.16 -24.94
CA PHE B 202 18.48 -18.65 -25.05
C PHE B 202 18.59 -19.57 -26.26
N THR B 203 17.71 -20.57 -26.36
CA THR B 203 17.72 -21.55 -27.48
C THR B 203 17.45 -20.82 -28.80
N ILE B 204 16.55 -19.85 -28.81
CA ILE B 204 16.25 -19.07 -30.05
C ILE B 204 17.51 -18.30 -30.45
N GLU B 205 18.15 -17.60 -29.50
CA GLU B 205 19.38 -16.80 -29.81
C GLU B 205 20.42 -17.76 -30.39
N PHE B 206 20.52 -18.96 -29.83
CA PHE B 206 21.52 -19.96 -30.27
C PHE B 206 21.18 -20.43 -31.70
N LEU B 207 19.92 -20.79 -31.94
CA LEU B 207 19.43 -21.28 -33.26
C LEU B 207 19.69 -20.21 -34.32
N MET B 208 19.44 -18.94 -33.99
CA MET B 208 19.57 -17.83 -34.96
C MET B 208 21.04 -17.51 -35.21
N ASN B 209 21.98 -18.11 -34.47
CA ASN B 209 23.43 -17.82 -34.62
C ASN B 209 24.19 -19.11 -34.96
N SER B 210 23.51 -20.14 -35.43
CA SER B 210 24.15 -21.44 -35.78
C SER B 210 23.37 -22.11 -36.90
N LYS B 211 23.95 -23.13 -37.55
CA LYS B 211 23.34 -23.79 -38.73
C LYS B 211 23.11 -25.28 -38.47
N ASN B 212 23.97 -25.94 -37.71
CA ASN B 212 24.03 -27.42 -37.68
C ASN B 212 23.29 -27.91 -36.43
N TYR B 213 22.11 -28.50 -36.63
CA TYR B 213 21.28 -29.05 -35.54
C TYR B 213 21.05 -30.53 -35.79
N SER B 214 21.17 -31.33 -34.74
CA SER B 214 21.08 -32.81 -34.82
C SER B 214 20.05 -33.29 -33.81
N ILE B 215 19.33 -34.35 -34.17
CA ILE B 215 18.28 -34.97 -33.33
C ILE B 215 18.62 -36.45 -33.18
N LYS B 216 18.74 -36.93 -31.94
CA LYS B 216 19.11 -38.32 -31.62
C LYS B 216 17.94 -38.95 -30.85
N THR B 217 17.44 -40.10 -31.30
CA THR B 217 16.19 -40.69 -30.79
C THR B 217 16.38 -42.18 -30.45
N ASP B 218 17.61 -42.68 -30.38
CA ASP B 218 17.89 -44.13 -30.11
C ASP B 218 17.31 -44.50 -28.73
N TYR B 219 17.43 -43.61 -27.75
CA TYR B 219 16.93 -43.81 -26.37
C TYR B 219 16.21 -42.56 -25.88
N GLU B 220 15.42 -42.71 -24.83
CA GLU B 220 14.96 -41.57 -23.99
C GLU B 220 16.18 -41.08 -23.21
N TYR B 221 16.96 -40.18 -23.80
CA TYR B 221 18.30 -39.76 -23.30
C TYR B 221 18.14 -38.86 -22.06
N TYR B 222 17.06 -38.10 -21.98
CA TYR B 222 16.77 -37.14 -20.90
C TYR B 222 15.36 -37.42 -20.39
N ILE B 223 15.21 -37.70 -19.09
CA ILE B 223 13.88 -37.98 -18.48
C ILE B 223 13.50 -36.78 -17.61
N VAL B 224 12.46 -36.05 -18.01
CA VAL B 224 11.83 -35.00 -17.18
C VAL B 224 11.04 -35.69 -16.07
N VAL B 225 11.34 -35.42 -14.81
CA VAL B 225 10.63 -36.01 -13.65
C VAL B 225 9.73 -34.94 -13.03
N ASN B 226 8.41 -35.17 -13.07
CA ASN B 226 7.39 -34.30 -12.41
C ASN B 226 7.21 -34.72 -10.95
N THR B 240 4.38 -11.38 -13.98
CA THR B 240 4.01 -10.13 -14.68
C THR B 240 4.03 -10.39 -16.19
N GLY B 241 3.05 -9.82 -16.92
CA GLY B 241 3.05 -9.79 -18.42
C GLY B 241 3.95 -8.70 -19.00
N ASN B 242 4.31 -7.70 -18.20
CA ASN B 242 5.34 -6.70 -18.62
C ASN B 242 6.66 -7.43 -18.89
N GLN B 243 7.03 -8.36 -18.00
CA GLN B 243 8.34 -9.06 -18.02
C GLN B 243 8.30 -10.17 -19.07
N TYR B 244 7.22 -10.96 -19.06
CA TYR B 244 7.05 -12.10 -19.96
C TYR B 244 7.11 -11.60 -21.41
N PHE B 245 6.36 -10.55 -21.73
CA PHE B 245 6.24 -10.06 -23.14
C PHE B 245 7.51 -9.32 -23.54
N ALA B 246 8.30 -8.82 -22.58
CA ALA B 246 9.64 -8.25 -22.86
C ALA B 246 10.54 -9.38 -23.39
N THR B 247 10.40 -10.58 -22.83
CA THR B 247 11.15 -11.78 -23.25
C THR B 247 10.67 -12.22 -24.63
N ILE B 248 9.35 -12.22 -24.86
CA ILE B 248 8.76 -12.65 -26.16
C ILE B 248 9.25 -11.66 -27.23
N ASN B 249 9.29 -10.38 -26.89
CA ASN B 249 9.79 -9.32 -27.79
C ASN B 249 11.23 -9.64 -28.20
N GLU B 250 12.07 -10.12 -27.27
CA GLU B 250 13.49 -10.44 -27.54
C GLU B 250 13.59 -11.62 -28.49
N ILE B 251 12.67 -12.58 -28.39
CA ILE B 251 12.65 -13.76 -29.28
C ILE B 251 12.42 -13.29 -30.72
N TYR B 252 11.44 -12.43 -30.93
CA TYR B 252 11.14 -11.88 -32.29
C TYR B 252 12.35 -11.07 -32.77
N LYS B 253 12.95 -10.27 -31.90
CA LYS B 253 14.16 -9.46 -32.22
C LYS B 253 15.27 -10.40 -32.70
N ALA B 254 15.48 -11.53 -32.01
CA ALA B 254 16.56 -12.47 -32.33
C ALA B 254 16.35 -13.04 -33.73
N ILE B 255 15.10 -13.32 -34.09
CA ILE B 255 14.75 -13.91 -35.41
C ILE B 255 15.04 -12.88 -36.49
N TYR B 256 14.59 -11.63 -36.30
CA TYR B 256 14.65 -10.57 -37.34
C TYR B 256 16.05 -9.96 -37.42
N LYS B 257 16.98 -10.31 -36.52
CA LYS B 257 18.39 -9.82 -36.55
C LYS B 257 19.33 -10.99 -36.86
N SER B 258 18.80 -12.16 -37.19
CA SER B 258 19.62 -13.40 -37.36
C SER B 258 20.64 -13.19 -38.47
N PRO B 259 21.95 -13.38 -38.19
CA PRO B 259 22.96 -13.40 -39.24
C PRO B 259 23.01 -14.70 -40.05
N ILE B 260 22.30 -15.74 -39.62
CA ILE B 260 22.18 -17.04 -40.36
C ILE B 260 20.99 -16.94 -41.30
N TYR B 261 19.82 -16.58 -40.78
CA TYR B 261 18.56 -16.46 -41.55
C TYR B 261 18.38 -14.98 -41.92
N LYS B 262 19.06 -14.54 -42.99
CA LYS B 262 19.16 -13.12 -43.38
C LYS B 262 17.99 -12.74 -44.30
N ASN B 263 17.44 -13.70 -45.02
CA ASN B 263 16.37 -13.46 -46.00
C ASN B 263 15.12 -13.01 -45.21
N GLN B 264 14.56 -11.87 -45.58
CA GLN B 264 13.44 -11.25 -44.81
C GLN B 264 12.23 -12.18 -44.84
N GLU B 265 11.99 -12.87 -45.96
CA GLU B 265 10.81 -13.76 -46.07
C GLU B 265 11.01 -14.96 -45.16
N LYS B 266 12.25 -15.42 -45.01
CA LYS B 266 12.57 -16.57 -44.14
C LYS B 266 12.33 -16.16 -42.69
N ARG B 267 12.69 -14.92 -42.34
CA ARG B 267 12.43 -14.35 -41.00
C ARG B 267 10.91 -14.32 -40.76
N HIS B 268 10.12 -13.89 -41.74
CA HIS B 268 8.63 -13.82 -41.60
C HIS B 268 8.10 -15.23 -41.31
N GLN B 269 8.64 -16.25 -41.99
CA GLN B 269 8.18 -17.65 -41.83
C GLN B 269 8.53 -18.13 -40.43
N LEU B 270 9.75 -17.83 -39.96
CA LEU B 270 10.21 -18.27 -38.61
C LEU B 270 9.34 -17.55 -37.57
N ALA B 271 9.15 -16.24 -37.72
CA ALA B 271 8.34 -15.43 -36.79
C ALA B 271 6.91 -15.96 -36.75
N GLY B 272 6.35 -16.31 -37.91
CA GLY B 272 4.97 -16.84 -37.96
C GLY B 272 4.89 -18.19 -37.28
N LYS B 273 5.93 -19.00 -37.39
CA LYS B 273 5.96 -20.32 -36.74
C LYS B 273 6.03 -20.11 -35.24
N TYR B 274 6.81 -19.13 -34.79
CA TYR B 274 6.93 -18.87 -33.33
C TYR B 274 5.57 -18.38 -32.82
N THR B 275 4.89 -17.50 -33.57
CA THR B 275 3.55 -16.96 -33.21
C THR B 275 2.60 -18.15 -33.02
N THR B 276 2.62 -19.11 -33.93
CA THR B 276 1.77 -20.32 -33.82
C THR B 276 2.08 -21.04 -32.51
N ARG B 277 3.36 -21.26 -32.22
CA ARG B 277 3.79 -21.98 -30.99
C ARG B 277 3.31 -21.19 -29.75
N LEU B 278 3.43 -19.87 -29.78
CA LEU B 278 3.04 -18.97 -28.68
C LEU B 278 1.53 -19.09 -28.42
N LEU B 279 0.73 -19.14 -29.49
CA LEU B 279 -0.75 -19.26 -29.36
C LEU B 279 -1.14 -20.67 -28.94
N ARG B 280 -0.33 -21.68 -29.27
CA ARG B 280 -0.63 -23.09 -28.93
C ARG B 280 -0.17 -23.42 -27.50
N HIS B 281 0.91 -22.82 -27.02
CA HIS B 281 1.60 -23.31 -25.79
C HIS B 281 2.06 -22.16 -24.90
N GLY B 282 1.79 -20.91 -25.24
CA GLY B 282 2.26 -19.75 -24.45
C GLY B 282 1.64 -19.73 -23.05
N GLN B 283 2.26 -18.96 -22.16
CA GLN B 283 1.78 -18.73 -20.78
C GLN B 283 0.38 -18.10 -20.85
N LYS B 284 -0.56 -18.61 -20.06
CA LYS B 284 -1.91 -18.03 -19.89
C LYS B 284 -2.59 -17.91 -21.26
N LYS B 285 -2.48 -18.94 -22.10
CA LYS B 285 -2.97 -18.86 -23.49
C LYS B 285 -4.48 -18.61 -23.49
N ASN B 286 -5.20 -19.04 -22.45
CA ASN B 286 -6.68 -18.92 -22.38
C ASN B 286 -7.09 -17.87 -21.33
N PHE B 287 -6.29 -16.80 -21.21
CA PHE B 287 -6.51 -15.74 -20.19
C PHE B 287 -7.85 -15.06 -20.40
N ALA B 288 -8.31 -14.90 -21.65
CA ALA B 288 -9.44 -14.00 -21.98
C ALA B 288 -10.73 -14.47 -21.28
N ASN B 289 -11.01 -15.77 -21.24
CA ASN B 289 -12.28 -16.31 -20.64
C ASN B 289 -12.00 -16.84 -19.23
N SER B 290 -10.83 -16.55 -18.65
CA SER B 290 -10.38 -17.10 -17.35
C SER B 290 -10.96 -16.31 -16.18
N LYS B 291 -10.58 -16.69 -14.95
CA LYS B 291 -11.06 -16.08 -13.68
C LYS B 291 -10.16 -14.89 -13.31
N MET B 292 -9.19 -14.55 -14.16
CA MET B 292 -8.33 -13.35 -14.02
C MET B 292 -9.20 -12.09 -13.86
N LYS B 293 -8.84 -11.19 -12.96
CA LYS B 293 -9.53 -9.88 -12.80
C LYS B 293 -9.46 -9.14 -14.15
N TYR B 294 -10.54 -8.47 -14.50
CA TYR B 294 -10.69 -7.67 -15.75
C TYR B 294 -9.46 -6.78 -15.96
N GLU B 295 -9.04 -6.04 -14.92
CA GLU B 295 -7.96 -5.02 -15.08
C GLU B 295 -6.66 -5.75 -15.45
N ASP B 296 -6.45 -6.97 -14.94
CA ASP B 296 -5.23 -7.77 -15.23
C ASP B 296 -5.33 -8.31 -16.67
N LYS B 297 -6.51 -8.70 -17.12
CA LYS B 297 -6.74 -9.15 -18.52
C LYS B 297 -6.36 -8.01 -19.47
N ILE B 298 -6.79 -6.80 -19.16
CA ILE B 298 -6.54 -5.61 -20.03
C ILE B 298 -5.02 -5.37 -20.07
N GLU B 299 -4.35 -5.42 -18.93
CA GLU B 299 -2.90 -5.13 -18.85
C GLU B 299 -2.16 -6.22 -19.61
N TRP B 300 -2.55 -7.48 -19.43
CA TRP B 300 -1.92 -8.63 -20.11
C TRP B 300 -2.08 -8.51 -21.62
N LEU B 301 -3.30 -8.25 -22.10
CA LEU B 301 -3.58 -8.14 -23.54
C LEU B 301 -2.86 -6.92 -24.09
N ASN B 302 -2.74 -5.84 -23.32
CA ASN B 302 -2.05 -4.61 -23.77
C ASN B 302 -0.59 -4.96 -24.07
N ASN B 303 0.06 -5.70 -23.18
CA ASN B 303 1.48 -6.09 -23.34
C ASN B 303 1.62 -7.03 -24.54
N PHE B 304 0.69 -7.96 -24.68
CA PHE B 304 0.68 -8.95 -25.78
C PHE B 304 0.54 -8.19 -27.11
N SER B 305 -0.41 -7.27 -27.15
CA SER B 305 -0.72 -6.46 -28.34
C SER B 305 0.49 -5.62 -28.74
N LYS B 306 1.09 -4.91 -27.77
CA LYS B 306 2.27 -4.02 -28.02
C LYS B 306 3.40 -4.86 -28.64
N THR B 307 3.61 -6.06 -28.12
CA THR B 307 4.70 -6.95 -28.54
C THR B 307 4.42 -7.46 -29.95
N ILE B 308 3.22 -7.96 -30.19
CA ILE B 308 2.86 -8.57 -31.50
C ILE B 308 2.81 -7.47 -32.57
N ASN B 309 2.51 -6.23 -32.21
CA ASN B 309 2.41 -5.14 -33.21
C ASN B 309 3.79 -4.61 -33.60
N LYS B 310 4.86 -5.08 -32.97
CA LYS B 310 6.25 -4.83 -33.44
C LYS B 310 6.65 -5.93 -34.44
N VAL B 311 5.86 -6.97 -34.59
CA VAL B 311 6.14 -8.09 -35.53
C VAL B 311 5.47 -7.76 -36.86
N PRO B 312 6.21 -7.75 -37.99
CA PRO B 312 5.61 -7.50 -39.29
C PRO B 312 4.37 -8.37 -39.57
N ARG B 313 3.34 -7.75 -40.16
CA ARG B 313 2.10 -8.47 -40.56
C ARG B 313 2.42 -9.48 -41.67
N ASP B 314 3.55 -9.32 -42.36
CA ASP B 314 4.03 -10.30 -43.37
C ASP B 314 4.20 -11.70 -42.76
N SER B 315 4.39 -11.81 -41.44
CA SER B 315 4.59 -13.11 -40.75
C SER B 315 3.23 -13.81 -40.59
N ASP B 316 2.13 -13.06 -40.63
CA ASP B 316 0.79 -13.57 -40.23
C ASP B 316 0.36 -14.69 -41.16
N LYS B 317 0.71 -14.63 -42.45
CA LYS B 317 0.29 -15.65 -43.44
C LYS B 317 0.97 -16.99 -43.12
N TYR B 318 2.04 -17.01 -42.31
CA TYR B 318 2.72 -18.27 -41.93
C TYR B 318 2.12 -18.84 -40.64
N VAL B 319 1.19 -18.14 -40.00
CA VAL B 319 0.52 -18.63 -38.77
C VAL B 319 -0.59 -19.60 -39.19
N THR B 320 -0.74 -20.72 -38.49
CA THR B 320 -1.79 -21.73 -38.81
C THR B 320 -3.16 -21.03 -38.78
N GLN B 321 -3.97 -21.23 -39.81
CA GLN B 321 -5.15 -20.38 -40.12
C GLN B 321 -6.23 -20.45 -39.03
N ILE B 322 -6.35 -21.54 -38.26
CA ILE B 322 -7.35 -21.59 -37.15
C ILE B 322 -7.16 -20.41 -36.19
N PHE B 323 -5.94 -19.86 -36.11
CA PHE B 323 -5.59 -18.78 -35.16
C PHE B 323 -5.72 -17.40 -35.82
N ASN B 324 -6.26 -17.32 -37.04
CA ASN B 324 -6.32 -16.04 -37.81
C ASN B 324 -7.09 -15.00 -36.99
N LEU B 325 -8.24 -15.37 -36.40
CA LEU B 325 -9.11 -14.41 -35.68
C LEU B 325 -8.43 -14.03 -34.37
N LYS B 326 -7.95 -15.02 -33.62
CA LYS B 326 -7.31 -14.74 -32.31
C LYS B 326 -6.12 -13.79 -32.50
N LEU B 327 -5.29 -14.05 -33.49
CA LEU B 327 -4.09 -13.21 -33.78
C LEU B 327 -4.55 -11.79 -34.09
N GLU B 328 -5.55 -11.64 -34.96
CA GLU B 328 -6.02 -10.29 -35.36
C GLU B 328 -6.63 -9.60 -34.13
N ALA B 329 -7.36 -10.34 -33.30
CA ALA B 329 -7.94 -9.80 -32.06
C ALA B 329 -6.83 -9.22 -31.17
N ILE B 330 -5.71 -9.93 -31.05
CA ILE B 330 -4.58 -9.47 -30.20
C ILE B 330 -3.97 -8.21 -30.83
N ARG B 331 -3.79 -8.19 -32.16
CA ARG B 331 -3.22 -7.01 -32.85
C ARG B 331 -4.12 -5.79 -32.59
N GLN B 332 -5.44 -5.99 -32.59
CA GLN B 332 -6.44 -4.92 -32.40
C GLN B 332 -6.58 -4.57 -30.91
N ASN B 333 -5.96 -5.35 -30.01
CA ASN B 333 -6.00 -5.09 -28.55
C ASN B 333 -7.45 -5.07 -28.07
N ASP B 334 -8.23 -6.06 -28.49
CA ASP B 334 -9.71 -6.11 -28.30
C ASP B 334 -10.05 -7.34 -27.45
N LEU B 335 -10.29 -7.14 -26.15
CA LEU B 335 -10.50 -8.27 -25.21
C LEU B 335 -11.70 -9.10 -25.63
N LEU B 336 -12.81 -8.44 -26.00
CA LEU B 336 -14.06 -9.14 -26.37
C LEU B 336 -13.75 -10.08 -27.53
N ALA B 337 -12.98 -9.63 -28.51
CA ALA B 337 -12.69 -10.42 -29.73
C ALA B 337 -11.80 -11.61 -29.36
N VAL B 338 -10.88 -11.45 -28.41
CA VAL B 338 -10.03 -12.59 -27.95
C VAL B 338 -10.93 -13.60 -27.24
N MET B 339 -11.84 -13.12 -26.39
CA MET B 339 -12.80 -14.00 -25.67
C MET B 339 -13.60 -14.80 -26.70
N ILE B 340 -14.12 -14.12 -27.72
CA ILE B 340 -14.92 -14.77 -28.80
C ILE B 340 -14.03 -15.75 -29.57
N ALA B 341 -12.82 -15.34 -29.96
CA ALA B 341 -11.88 -16.20 -30.70
C ALA B 341 -11.69 -17.51 -29.95
N ASP B 342 -11.51 -17.44 -28.62
CA ASP B 342 -11.24 -18.63 -27.78
C ASP B 342 -12.49 -19.51 -27.74
N LYS B 343 -13.68 -18.90 -27.70
CA LYS B 343 -14.94 -19.67 -27.70
C LYS B 343 -15.09 -20.44 -29.02
N LEU B 344 -14.57 -19.90 -30.12
CA LEU B 344 -14.70 -20.52 -31.46
C LEU B 344 -13.61 -21.57 -31.70
N LEU B 345 -12.48 -21.48 -30.97
CA LEU B 345 -11.38 -22.48 -31.06
C LEU B 345 -11.78 -23.74 -30.28
N MET C 19 -40.98 -4.67 -88.69
CA MET C 19 -40.41 -4.72 -87.32
C MET C 19 -40.32 -6.18 -86.87
N LYS C 20 -39.16 -6.59 -86.37
CA LYS C 20 -38.92 -8.00 -85.93
C LYS C 20 -39.53 -8.21 -84.55
N LYS C 21 -39.92 -9.44 -84.27
CA LYS C 21 -40.38 -9.88 -82.92
C LYS C 21 -39.21 -9.82 -81.94
N VAL C 22 -38.07 -10.43 -82.28
CA VAL C 22 -36.93 -10.59 -81.35
C VAL C 22 -35.63 -10.24 -82.07
N SER C 23 -34.77 -9.50 -81.39
CA SER C 23 -33.33 -9.33 -81.74
C SER C 23 -32.50 -10.11 -80.71
N VAL C 24 -31.81 -11.15 -81.14
CA VAL C 24 -30.81 -11.84 -80.27
C VAL C 24 -29.49 -11.09 -80.40
N ILE C 25 -28.96 -10.63 -79.28
CA ILE C 25 -27.70 -9.82 -79.23
C ILE C 25 -26.62 -10.68 -78.59
N MET C 26 -25.54 -10.93 -79.32
CA MET C 26 -24.45 -11.84 -78.89
C MET C 26 -23.10 -11.14 -79.09
N PRO C 27 -22.44 -10.69 -78.01
CA PRO C 27 -21.05 -10.25 -78.08
C PRO C 27 -20.13 -11.45 -78.26
N THR C 28 -19.05 -11.31 -79.04
CA THR C 28 -18.03 -12.37 -79.22
C THR C 28 -16.66 -11.82 -78.88
N PHE C 29 -15.76 -12.70 -78.44
CA PHE C 29 -14.33 -12.42 -78.27
C PHE C 29 -13.55 -13.73 -78.18
N ASN C 30 -12.78 -14.05 -79.21
CA ASN C 30 -11.83 -15.18 -79.25
C ASN C 30 -12.56 -16.48 -78.89
N ASN C 31 -13.76 -16.66 -79.42
CA ASN C 31 -14.59 -17.86 -79.16
C ASN C 31 -14.10 -19.03 -80.01
N GLY C 32 -13.64 -18.76 -81.23
CA GLY C 32 -13.14 -19.81 -82.13
C GLY C 32 -14.26 -20.72 -82.60
N GLU C 33 -13.94 -22.01 -82.79
CA GLU C 33 -14.80 -22.97 -83.52
C GLU C 33 -16.06 -23.29 -82.70
N LYS C 34 -16.02 -23.08 -81.37
CA LYS C 34 -17.14 -23.39 -80.44
C LYS C 34 -18.38 -22.55 -80.81
N LEU C 35 -18.17 -21.39 -81.42
CA LEU C 35 -19.22 -20.39 -81.75
C LEU C 35 -20.24 -21.00 -82.74
N HIS C 36 -19.83 -21.96 -83.58
CA HIS C 36 -20.72 -22.67 -84.53
C HIS C 36 -21.97 -23.17 -83.79
N ARG C 37 -21.75 -23.91 -82.70
CA ARG C 37 -22.81 -24.58 -81.92
C ARG C 37 -23.83 -23.53 -81.45
N THR C 38 -23.34 -22.39 -80.96
CA THR C 38 -24.18 -21.30 -80.41
C THR C 38 -24.99 -20.67 -81.54
N ILE C 39 -24.31 -20.25 -82.60
CA ILE C 39 -24.97 -19.55 -83.74
C ILE C 39 -26.04 -20.49 -84.32
N SER C 40 -25.72 -21.78 -84.46
CA SER C 40 -26.65 -22.80 -85.00
C SER C 40 -27.89 -22.88 -84.12
N SER C 41 -27.73 -22.79 -82.80
CA SER C 41 -28.86 -22.92 -81.83
C SER C 41 -29.85 -21.76 -82.05
N VAL C 42 -29.34 -20.59 -82.43
CA VAL C 42 -30.17 -19.38 -82.69
C VAL C 42 -30.83 -19.51 -84.07
N LEU C 43 -30.12 -20.04 -85.08
CA LEU C 43 -30.64 -20.11 -86.46
C LEU C 43 -31.68 -21.25 -86.56
N ASN C 44 -31.61 -22.26 -85.71
CA ASN C 44 -32.54 -23.41 -85.67
C ASN C 44 -33.62 -23.14 -84.62
N GLN C 45 -34.53 -22.20 -84.86
CA GLN C 45 -35.65 -21.90 -83.93
C GLN C 45 -36.98 -22.26 -84.60
N THR C 46 -37.95 -22.68 -83.79
CA THR C 46 -39.36 -22.92 -84.22
C THR C 46 -39.98 -21.62 -84.70
N MET C 47 -39.53 -20.48 -84.18
CA MET C 47 -40.04 -19.15 -84.65
C MET C 47 -39.67 -18.97 -86.13
N LYS C 48 -40.59 -18.42 -86.91
CA LYS C 48 -40.40 -17.99 -88.30
C LYS C 48 -39.07 -17.22 -88.37
N SER C 49 -38.20 -17.59 -89.31
CA SER C 49 -36.82 -17.06 -89.39
C SER C 49 -36.82 -15.59 -89.79
N THR C 50 -37.90 -15.12 -90.42
CA THR C 50 -38.04 -13.70 -90.84
C THR C 50 -38.56 -12.84 -89.67
N ASP C 51 -39.01 -13.47 -88.58
CA ASP C 51 -39.57 -12.75 -87.41
C ASP C 51 -38.47 -12.39 -86.41
N TYR C 52 -37.25 -12.90 -86.57
CA TYR C 52 -36.14 -12.55 -85.65
C TYR C 52 -34.83 -12.40 -86.40
N GLU C 53 -33.84 -11.83 -85.71
CA GLU C 53 -32.48 -11.60 -86.23
C GLU C 53 -31.45 -11.90 -85.13
N LEU C 54 -30.26 -12.33 -85.56
CA LEU C 54 -29.09 -12.52 -84.67
C LEU C 54 -28.11 -11.40 -84.96
N ILE C 55 -27.88 -10.53 -83.98
CA ILE C 55 -26.87 -9.45 -84.10
C ILE C 55 -25.61 -9.92 -83.37
N ILE C 56 -24.51 -10.06 -84.09
CA ILE C 56 -23.20 -10.45 -83.51
C ILE C 56 -22.30 -9.21 -83.45
N ILE C 57 -21.77 -8.91 -82.27
CA ILE C 57 -20.83 -7.77 -82.11
C ILE C 57 -19.51 -8.34 -81.58
N ASP C 58 -18.51 -8.41 -82.44
CA ASP C 58 -17.17 -8.94 -82.05
C ASP C 58 -16.39 -7.81 -81.38
N ASP C 59 -15.88 -8.08 -80.18
CA ASP C 59 -15.13 -7.09 -79.35
C ASP C 59 -13.66 -7.15 -79.75
N HIS C 60 -13.39 -6.98 -81.05
CA HIS C 60 -12.04 -6.96 -81.67
C HIS C 60 -11.25 -8.20 -81.26
N SER C 61 -11.76 -9.38 -81.62
CA SER C 61 -11.07 -10.69 -81.49
C SER C 61 -9.67 -10.58 -82.10
N ASN C 62 -8.68 -11.19 -81.46
CA ASN C 62 -7.27 -11.19 -81.94
C ASN C 62 -6.73 -12.62 -81.96
N ASP C 63 -7.57 -13.60 -82.31
CA ASP C 63 -7.21 -15.04 -82.29
C ASP C 63 -6.82 -15.52 -83.70
N ASN C 64 -6.04 -14.71 -84.42
CA ASN C 64 -5.55 -15.06 -85.78
C ASN C 64 -6.75 -15.29 -86.71
N GLY C 65 -7.83 -14.53 -86.52
CA GLY C 65 -9.00 -14.52 -87.40
C GLY C 65 -9.90 -15.75 -87.25
N GLU C 66 -9.63 -16.63 -86.27
CA GLU C 66 -10.39 -17.89 -86.10
C GLU C 66 -11.88 -17.54 -85.86
N THR C 67 -12.13 -16.62 -84.94
CA THR C 67 -13.51 -16.19 -84.55
C THR C 67 -14.18 -15.52 -85.76
N LEU C 68 -13.49 -14.61 -86.43
CA LEU C 68 -14.04 -13.89 -87.61
C LEU C 68 -14.35 -14.91 -88.72
N ASN C 69 -13.53 -15.95 -88.86
CA ASN C 69 -13.71 -16.98 -89.92
C ASN C 69 -15.00 -17.75 -89.66
N VAL C 70 -15.33 -18.01 -88.39
CA VAL C 70 -16.57 -18.74 -88.00
C VAL C 70 -17.78 -17.85 -88.34
N ILE C 71 -17.68 -16.56 -88.03
CA ILE C 71 -18.79 -15.58 -88.25
C ILE C 71 -18.99 -15.37 -89.75
N LYS C 72 -17.91 -15.40 -90.54
CA LYS C 72 -17.95 -15.16 -92.02
C LYS C 72 -18.75 -16.26 -92.72
N LYS C 73 -18.83 -17.46 -92.14
CA LYS C 73 -19.61 -18.60 -92.69
C LYS C 73 -21.13 -18.31 -92.61
N TYR C 74 -21.57 -17.32 -91.83
CA TYR C 74 -23.00 -16.94 -91.70
C TYR C 74 -23.27 -15.56 -92.30
N LYS C 75 -22.39 -15.05 -93.15
CA LYS C 75 -22.62 -13.78 -93.89
C LYS C 75 -23.96 -13.88 -94.64
N GLY C 76 -24.81 -12.88 -94.47
CA GLY C 76 -26.14 -12.82 -95.11
C GLY C 76 -27.22 -13.40 -94.22
N LEU C 77 -26.88 -14.18 -93.20
CA LEU C 77 -27.85 -14.86 -92.31
C LEU C 77 -27.89 -14.19 -90.93
N VAL C 78 -26.96 -13.28 -90.65
CA VAL C 78 -26.84 -12.58 -89.33
C VAL C 78 -26.43 -11.14 -89.63
N ARG C 79 -26.74 -10.22 -88.72
CA ARG C 79 -26.16 -8.85 -88.77
C ARG C 79 -24.88 -8.89 -87.94
N PHE C 80 -23.84 -8.21 -88.39
CA PHE C 80 -22.51 -8.28 -87.74
C PHE C 80 -21.90 -6.88 -87.68
N LYS C 81 -21.25 -6.57 -86.57
CA LYS C 81 -20.46 -5.33 -86.39
C LYS C 81 -19.18 -5.72 -85.66
N GLN C 82 -18.05 -5.18 -86.11
CA GLN C 82 -16.73 -5.42 -85.48
C GLN C 82 -16.31 -4.12 -84.79
N LEU C 83 -16.08 -4.17 -83.49
CA LEU C 83 -15.58 -3.00 -82.72
C LEU C 83 -14.11 -2.80 -83.10
N LYS C 84 -13.66 -1.55 -83.20
CA LYS C 84 -12.26 -1.19 -83.57
C LYS C 84 -11.30 -1.60 -82.45
N LYS C 85 -11.71 -1.55 -81.18
CA LYS C 85 -10.85 -1.86 -80.01
C LYS C 85 -11.60 -2.77 -79.02
N ASN C 86 -10.89 -3.69 -78.34
CA ASN C 86 -11.48 -4.55 -77.29
C ASN C 86 -11.87 -3.67 -76.10
N SER C 87 -13.17 -3.59 -75.81
CA SER C 87 -13.74 -2.79 -74.69
C SER C 87 -13.37 -3.43 -73.34
N GLY C 88 -13.17 -4.75 -73.31
CA GLY C 88 -12.76 -5.48 -72.08
C GLY C 88 -13.93 -6.17 -71.39
N ASN C 89 -15.15 -5.68 -71.55
CA ASN C 89 -16.37 -6.34 -71.00
C ASN C 89 -17.49 -6.32 -72.05
N ALA C 90 -18.60 -6.99 -71.74
CA ALA C 90 -19.72 -7.23 -72.67
C ALA C 90 -20.60 -5.98 -72.79
N SER C 91 -20.40 -4.98 -71.93
CA SER C 91 -21.27 -3.78 -71.87
C SER C 91 -21.28 -3.04 -73.21
N VAL C 92 -20.11 -2.70 -73.75
CA VAL C 92 -20.03 -1.89 -75.00
C VAL C 92 -20.66 -2.67 -76.16
N PRO C 93 -20.27 -3.94 -76.40
CA PRO C 93 -20.90 -4.75 -77.44
C PRO C 93 -22.43 -4.85 -77.29
N ARG C 94 -22.92 -5.05 -76.07
CA ARG C 94 -24.39 -5.18 -75.83
C ARG C 94 -25.08 -3.85 -76.13
N ASN C 95 -24.46 -2.73 -75.77
CA ASN C 95 -25.02 -1.38 -76.05
C ASN C 95 -25.08 -1.18 -77.57
N THR C 96 -24.04 -1.62 -78.29
CA THR C 96 -23.97 -1.55 -79.77
C THR C 96 -25.14 -2.33 -80.36
N GLY C 97 -25.37 -3.55 -79.87
CA GLY C 97 -26.50 -4.41 -80.26
C GLY C 97 -27.84 -3.73 -80.03
N LEU C 98 -28.01 -3.07 -78.88
CA LEU C 98 -29.27 -2.37 -78.54
C LEU C 98 -29.54 -1.25 -79.56
N LYS C 99 -28.52 -0.46 -79.90
CA LYS C 99 -28.65 0.64 -80.90
C LYS C 99 -29.06 0.05 -82.26
N MET C 100 -28.58 -1.15 -82.58
CA MET C 100 -28.80 -1.80 -83.90
C MET C 100 -30.18 -2.46 -83.98
N SER C 101 -30.81 -2.76 -82.85
CA SER C 101 -32.10 -3.49 -82.82
C SER C 101 -33.27 -2.49 -82.86
N LYS C 102 -34.27 -2.79 -83.70
CA LYS C 102 -35.57 -2.08 -83.77
C LYS C 102 -36.70 -3.09 -83.51
N ALA C 103 -36.38 -4.21 -82.86
CA ALA C 103 -37.35 -5.30 -82.61
C ALA C 103 -38.23 -4.96 -81.40
N GLU C 104 -39.26 -5.78 -81.21
CA GLU C 104 -40.24 -5.61 -80.10
C GLU C 104 -39.54 -6.03 -78.79
N TYR C 105 -38.79 -7.12 -78.85
CA TYR C 105 -38.03 -7.67 -77.72
C TYR C 105 -36.57 -7.92 -78.12
N VAL C 106 -35.68 -7.82 -77.14
CA VAL C 106 -34.26 -8.25 -77.30
C VAL C 106 -34.01 -9.43 -76.37
N PHE C 107 -33.10 -10.29 -76.78
CA PHE C 107 -32.64 -11.43 -75.98
C PHE C 107 -31.12 -11.45 -76.02
N PHE C 108 -30.47 -11.31 -74.88
CA PHE C 108 -28.99 -11.33 -74.79
C PHE C 108 -28.54 -12.78 -74.63
N LEU C 109 -27.56 -13.17 -75.45
CA LEU C 109 -27.00 -14.54 -75.46
C LEU C 109 -25.48 -14.44 -75.29
N ASP C 110 -24.91 -15.21 -74.39
CA ASP C 110 -23.43 -15.33 -74.23
C ASP C 110 -22.92 -16.27 -75.32
N SER C 111 -21.72 -15.98 -75.83
CA SER C 111 -21.12 -16.62 -77.02
C SER C 111 -20.92 -18.12 -76.83
N ASP C 112 -20.86 -18.66 -75.61
CA ASP C 112 -20.60 -20.12 -75.44
C ASP C 112 -21.88 -20.89 -75.10
N ASP C 113 -23.05 -20.24 -75.16
CA ASP C 113 -24.31 -20.80 -74.60
C ASP C 113 -25.19 -21.33 -75.75
N LEU C 114 -26.27 -22.03 -75.43
CA LEU C 114 -27.18 -22.63 -76.43
C LEU C 114 -28.63 -22.21 -76.13
N LEU C 115 -29.41 -21.93 -77.17
CA LEU C 115 -30.87 -21.77 -77.07
C LEU C 115 -31.54 -23.09 -77.44
N HIS C 116 -32.53 -23.51 -76.65
CA HIS C 116 -33.51 -24.56 -77.03
C HIS C 116 -34.21 -24.13 -78.32
N GLU C 117 -34.59 -25.09 -79.16
CA GLU C 117 -35.19 -24.79 -80.49
C GLU C 117 -36.51 -24.02 -80.31
N ARG C 118 -37.18 -24.13 -79.16
CA ARG C 118 -38.49 -23.48 -78.97
C ARG C 118 -38.39 -22.25 -78.06
N ALA C 119 -37.19 -21.68 -77.88
CA ALA C 119 -36.94 -20.61 -76.89
C ALA C 119 -37.61 -19.31 -77.36
N LEU C 120 -37.27 -18.80 -78.54
CA LEU C 120 -37.77 -17.49 -79.02
C LEU C 120 -39.30 -17.55 -79.15
N GLU C 121 -39.84 -18.58 -79.78
CA GLU C 121 -41.31 -18.71 -80.04
C GLU C 121 -42.05 -18.77 -78.69
N ASP C 122 -41.70 -19.71 -77.82
CA ASP C 122 -42.43 -19.96 -76.54
C ASP C 122 -42.35 -18.72 -75.64
N LEU C 123 -41.17 -18.12 -75.50
CA LEU C 123 -40.98 -16.95 -74.62
C LEU C 123 -41.74 -15.75 -75.20
N TYR C 124 -41.60 -15.50 -76.50
CA TYR C 124 -42.29 -14.36 -77.16
C TYR C 124 -43.81 -14.54 -77.01
N ASN C 125 -44.33 -15.72 -77.32
CA ASN C 125 -45.79 -15.99 -77.30
C ASN C 125 -46.29 -15.76 -75.89
N TYR C 126 -45.57 -16.26 -74.87
CA TYR C 126 -45.98 -16.12 -73.46
C TYR C 126 -45.98 -14.64 -73.09
N GLY C 127 -44.96 -13.92 -73.54
CA GLY C 127 -44.82 -12.47 -73.29
C GLY C 127 -45.95 -11.68 -73.92
N LYS C 128 -46.27 -11.99 -75.17
CA LYS C 128 -47.30 -11.27 -75.95
C LYS C 128 -48.66 -11.53 -75.31
N GLU C 129 -48.92 -12.77 -74.89
CA GLU C 129 -50.20 -13.21 -74.28
C GLU C 129 -50.37 -12.54 -72.91
N ASN C 130 -49.29 -12.22 -72.20
CA ASN C 130 -49.38 -11.66 -70.82
C ASN C 130 -48.86 -10.22 -70.79
N ASN C 131 -48.69 -9.60 -71.95
CA ASN C 131 -48.23 -8.18 -72.06
C ASN C 131 -46.97 -8.01 -71.17
N SER C 132 -46.05 -8.96 -71.23
CA SER C 132 -44.83 -9.02 -70.38
C SER C 132 -43.78 -8.04 -70.88
N ASP C 133 -43.18 -7.31 -69.96
CA ASP C 133 -41.99 -6.45 -70.18
C ASP C 133 -40.76 -7.36 -70.13
N LEU C 134 -40.85 -8.49 -69.41
CA LEU C 134 -39.71 -9.38 -69.18
C LEU C 134 -40.20 -10.82 -69.17
N ILE C 135 -39.51 -11.69 -69.92
CA ILE C 135 -39.82 -13.14 -69.89
C ILE C 135 -38.54 -13.88 -69.56
N ILE C 136 -38.62 -14.77 -68.58
CA ILE C 136 -37.45 -15.55 -68.09
C ILE C 136 -37.73 -17.02 -68.39
N GLY C 137 -36.92 -17.60 -69.24
CA GLY C 137 -36.95 -19.04 -69.57
C GLY C 137 -36.07 -19.82 -68.61
N LYS C 138 -36.50 -21.02 -68.24
CA LYS C 138 -35.75 -21.93 -67.35
C LYS C 138 -34.36 -22.16 -67.93
N TYR C 139 -33.34 -22.03 -67.08
CA TYR C 139 -31.91 -22.25 -67.44
C TYR C 139 -31.55 -23.70 -67.17
N GLY C 140 -30.81 -24.30 -68.10
CA GLY C 140 -30.03 -25.51 -67.86
C GLY C 140 -28.54 -25.19 -67.82
N VAL C 141 -27.74 -26.12 -67.31
CA VAL C 141 -26.27 -25.90 -67.21
C VAL C 141 -25.54 -27.17 -67.65
N GLU C 142 -24.44 -26.99 -68.36
CA GLU C 142 -23.51 -28.06 -68.79
C GLU C 142 -22.15 -27.78 -68.15
N GLY C 143 -21.69 -28.69 -67.29
CA GLY C 143 -20.35 -28.59 -66.65
C GLY C 143 -20.40 -27.77 -65.36
N LYS C 144 -19.34 -27.87 -64.56
CA LYS C 144 -19.16 -27.12 -63.30
C LYS C 144 -18.54 -25.76 -63.64
N GLY C 145 -18.86 -24.72 -62.85
CA GLY C 145 -18.40 -23.34 -63.08
C GLY C 145 -19.49 -22.34 -62.70
N ARG C 146 -19.96 -21.56 -63.67
CA ARG C 146 -21.18 -20.70 -63.53
C ARG C 146 -22.34 -21.57 -63.03
N SER C 147 -23.02 -21.15 -61.96
CA SER C 147 -24.27 -21.78 -61.45
C SER C 147 -25.48 -21.09 -62.10
N VAL C 148 -26.64 -21.72 -62.07
CA VAL C 148 -27.88 -21.09 -62.61
C VAL C 148 -28.96 -21.06 -61.53
N PRO C 149 -29.85 -20.05 -61.55
CA PRO C 149 -30.97 -19.98 -60.61
C PRO C 149 -31.90 -21.19 -60.76
N LYS C 150 -32.52 -21.60 -59.66
CA LYS C 150 -33.41 -22.79 -59.59
C LYS C 150 -34.75 -22.39 -58.93
N ALA C 151 -34.73 -21.65 -57.83
CA ALA C 151 -35.93 -21.35 -57.01
C ALA C 151 -36.98 -20.62 -57.87
N ILE C 152 -36.56 -19.70 -58.73
CA ILE C 152 -37.46 -18.90 -59.61
C ILE C 152 -38.31 -19.86 -60.48
N PHE C 153 -37.85 -21.06 -60.81
CA PHE C 153 -38.53 -21.98 -61.75
C PHE C 153 -39.31 -23.08 -61.03
N GLU C 154 -39.35 -23.06 -59.70
CA GLU C 154 -39.89 -24.19 -58.88
C GLU C 154 -41.41 -24.10 -58.78
N LYS C 155 -42.06 -23.03 -59.27
CA LYS C 155 -43.54 -22.88 -59.19
C LYS C 155 -44.18 -23.08 -60.57
N GLY C 156 -43.40 -23.61 -61.52
CA GLY C 156 -43.83 -23.73 -62.93
C GLY C 156 -44.01 -22.36 -63.58
N ASN C 157 -44.84 -22.32 -64.61
CA ASN C 157 -45.09 -21.08 -65.39
C ASN C 157 -45.80 -20.06 -64.49
N VAL C 158 -45.35 -18.81 -64.54
CA VAL C 158 -45.93 -17.67 -63.80
C VAL C 158 -46.11 -16.52 -64.79
N ALA C 159 -47.35 -16.11 -65.01
CA ALA C 159 -47.72 -15.10 -66.02
C ALA C 159 -47.42 -13.69 -65.51
N LYS C 160 -47.71 -13.44 -64.23
CA LYS C 160 -47.48 -12.15 -63.56
C LYS C 160 -46.66 -12.42 -62.29
N ALA C 161 -45.34 -12.45 -62.43
CA ALA C 161 -44.41 -12.82 -61.34
C ALA C 161 -44.17 -11.61 -60.44
N ASP C 162 -43.71 -11.89 -59.23
CA ASP C 162 -43.43 -10.87 -58.18
C ASP C 162 -41.95 -11.02 -57.82
N ILE C 163 -41.23 -9.91 -57.73
CA ILE C 163 -39.76 -9.92 -57.50
C ILE C 163 -39.47 -10.79 -56.27
N ILE C 164 -40.19 -10.56 -55.18
CA ILE C 164 -39.89 -11.23 -53.88
C ILE C 164 -40.42 -12.67 -53.89
N ASP C 165 -41.67 -12.88 -54.26
CA ASP C 165 -42.32 -14.22 -54.15
C ASP C 165 -41.71 -15.19 -55.16
N ASN C 166 -41.13 -14.70 -56.27
CA ASN C 166 -40.62 -15.58 -57.35
C ASN C 166 -39.09 -15.48 -57.44
N SER C 167 -38.43 -14.96 -56.41
CA SER C 167 -36.96 -15.04 -56.26
C SER C 167 -36.23 -14.41 -57.46
N ILE C 168 -36.75 -13.30 -57.98
CA ILE C 168 -36.21 -12.68 -59.22
C ILE C 168 -34.85 -12.03 -58.94
N PHE C 169 -34.59 -11.58 -57.70
CA PHE C 169 -33.27 -10.96 -57.35
C PHE C 169 -32.18 -12.05 -57.31
N TYR C 170 -32.56 -13.32 -57.44
CA TYR C 170 -31.60 -14.45 -57.56
C TYR C 170 -31.41 -14.89 -59.01
N ALA C 171 -31.98 -14.15 -59.96
CA ALA C 171 -31.82 -14.42 -61.40
C ALA C 171 -31.67 -13.09 -62.14
N LEU C 172 -30.58 -12.37 -61.91
CA LEU C 172 -30.40 -10.99 -62.42
C LEU C 172 -29.50 -10.99 -63.66
N SER C 173 -29.22 -12.14 -64.27
CA SER C 173 -28.49 -12.18 -65.57
C SER C 173 -29.37 -11.47 -66.63
N VAL C 174 -28.77 -11.02 -67.73
CA VAL C 174 -29.54 -10.42 -68.84
C VAL C 174 -29.87 -11.50 -69.88
N LEU C 175 -29.77 -12.78 -69.53
CA LEU C 175 -30.04 -13.91 -70.45
C LEU C 175 -31.55 -14.16 -70.44
N LYS C 176 -32.28 -13.16 -70.92
CA LYS C 176 -33.75 -13.05 -70.77
C LYS C 176 -34.29 -12.28 -71.97
N MET C 177 -35.61 -12.30 -72.13
CA MET C 177 -36.29 -11.53 -73.18
C MET C 177 -36.84 -10.23 -72.56
N PHE C 178 -36.29 -9.09 -72.98
CA PHE C 178 -36.66 -7.73 -72.51
C PHE C 178 -37.45 -6.98 -73.58
N LYS C 179 -38.54 -6.33 -73.21
CA LYS C 179 -39.30 -5.44 -74.13
C LYS C 179 -38.44 -4.21 -74.43
N LYS C 180 -38.20 -3.94 -75.71
CA LYS C 180 -37.25 -2.88 -76.17
C LYS C 180 -37.80 -1.50 -75.78
N SER C 181 -39.11 -1.31 -75.80
CA SER C 181 -39.71 0.03 -75.54
C SER C 181 -39.36 0.50 -74.13
N VAL C 182 -39.27 -0.42 -73.18
CA VAL C 182 -38.92 -0.08 -71.78
C VAL C 182 -37.47 0.41 -71.74
N ILE C 183 -36.57 -0.27 -72.46
CA ILE C 183 -35.13 0.08 -72.58
C ILE C 183 -35.01 1.47 -73.24
N ASP C 184 -35.74 1.70 -74.33
CA ASP C 184 -35.67 2.95 -75.12
C ASP C 184 -36.25 4.12 -74.31
N LYS C 185 -37.46 3.98 -73.78
CA LYS C 185 -38.17 5.08 -73.07
C LYS C 185 -37.35 5.52 -71.86
N ASN C 186 -36.71 4.58 -71.15
CA ASN C 186 -35.99 4.86 -69.88
C ASN C 186 -34.49 4.98 -70.16
N LYS C 187 -34.06 4.88 -71.42
CA LYS C 187 -32.64 5.05 -71.83
C LYS C 187 -31.76 4.16 -70.95
N ILE C 188 -32.10 2.88 -70.85
CA ILE C 188 -31.34 1.87 -70.06
C ILE C 188 -30.19 1.37 -70.93
N LYS C 189 -28.97 1.59 -70.47
CA LYS C 189 -27.71 1.14 -71.13
C LYS C 189 -26.89 0.35 -70.12
N PHE C 190 -26.09 -0.59 -70.58
CA PHE C 190 -25.08 -1.27 -69.72
C PHE C 190 -24.01 -0.24 -69.36
N LYS C 191 -23.61 -0.15 -68.09
CA LYS C 191 -22.54 0.77 -67.65
C LYS C 191 -21.19 0.06 -67.77
N THR C 192 -20.10 0.82 -67.69
CA THR C 192 -18.70 0.33 -67.79
C THR C 192 -17.90 0.71 -66.54
N PHE C 193 -18.57 1.03 -65.43
CA PHE C 193 -17.95 1.40 -64.14
C PHE C 193 -17.05 0.26 -63.64
N SER C 194 -17.51 -0.98 -63.80
CA SER C 194 -16.83 -2.21 -63.32
C SER C 194 -16.97 -3.35 -64.34
N LYS C 195 -16.14 -4.37 -64.18
CA LYS C 195 -16.06 -5.58 -65.05
C LYS C 195 -17.14 -6.58 -64.60
N THR C 196 -17.70 -6.37 -63.41
CA THR C 196 -18.63 -7.30 -62.72
C THR C 196 -19.91 -6.55 -62.31
N ALA C 197 -21.02 -7.29 -62.28
CA ALA C 197 -22.35 -6.86 -61.79
C ALA C 197 -23.01 -5.82 -62.70
N GLU C 198 -22.51 -5.58 -63.91
CA GLU C 198 -23.10 -4.59 -64.84
C GLU C 198 -24.40 -5.16 -65.42
N ASP C 199 -24.46 -6.49 -65.59
CA ASP C 199 -25.68 -7.20 -66.04
C ASP C 199 -26.76 -7.09 -64.94
N GLN C 200 -26.37 -7.26 -63.67
CA GLN C 200 -27.30 -7.14 -62.52
C GLN C 200 -27.93 -5.74 -62.53
N LEU C 201 -27.10 -4.71 -62.68
CA LEU C 201 -27.57 -3.30 -62.65
C LEU C 201 -28.58 -3.09 -63.78
N PHE C 202 -28.31 -3.64 -64.96
CA PHE C 202 -29.18 -3.49 -66.14
C PHE C 202 -30.54 -4.12 -65.82
N THR C 203 -30.55 -5.37 -65.35
CA THR C 203 -31.80 -6.09 -65.02
C THR C 203 -32.54 -5.35 -63.90
N ILE C 204 -31.84 -4.85 -62.91
CA ILE C 204 -32.47 -4.12 -61.78
C ILE C 204 -33.11 -2.85 -62.34
N GLU C 205 -32.38 -2.08 -63.16
CA GLU C 205 -32.92 -0.82 -63.73
C GLU C 205 -34.19 -1.17 -64.51
N PHE C 206 -34.18 -2.27 -65.24
CA PHE C 206 -35.32 -2.71 -66.06
C PHE C 206 -36.51 -3.08 -65.17
N LEU C 207 -36.25 -3.88 -64.13
CA LEU C 207 -37.30 -4.35 -63.18
C LEU C 207 -37.93 -3.15 -62.49
N MET C 208 -37.13 -2.15 -62.12
CA MET C 208 -37.63 -0.97 -61.39
C MET C 208 -38.39 -0.03 -62.34
N ASN C 209 -38.40 -0.29 -63.64
CA ASN C 209 -39.08 0.59 -64.63
C ASN C 209 -40.13 -0.21 -65.42
N SER C 210 -40.56 -1.36 -64.92
CA SER C 210 -41.58 -2.22 -65.58
C SER C 210 -42.36 -2.98 -64.53
N LYS C 211 -43.49 -3.58 -64.90
CA LYS C 211 -44.42 -4.24 -63.94
C LYS C 211 -44.62 -5.72 -64.29
N ASN C 212 -44.62 -6.05 -65.57
CA ASN C 212 -45.12 -7.36 -66.06
C ASN C 212 -43.93 -8.28 -66.31
N TYR C 213 -43.76 -9.28 -65.45
CA TYR C 213 -42.68 -10.28 -65.54
C TYR C 213 -43.30 -11.66 -65.66
N SER C 214 -42.76 -12.48 -66.56
CA SER C 214 -43.26 -13.84 -66.83
C SER C 214 -42.11 -14.83 -66.68
N ILE C 215 -42.43 -16.03 -66.20
CA ILE C 215 -41.48 -17.15 -66.03
C ILE C 215 -42.03 -18.35 -66.80
N LYS C 216 -41.23 -18.90 -67.72
CA LYS C 216 -41.60 -20.05 -68.56
C LYS C 216 -40.66 -21.20 -68.24
N THR C 217 -41.17 -22.39 -67.93
CA THR C 217 -40.38 -23.51 -67.37
C THR C 217 -40.63 -24.83 -68.11
N ASP C 218 -41.31 -24.80 -69.26
CA ASP C 218 -41.68 -26.03 -70.01
C ASP C 218 -40.43 -26.79 -70.42
N TYR C 219 -39.38 -26.07 -70.82
CA TYR C 219 -38.09 -26.64 -71.25
C TYR C 219 -36.92 -25.87 -70.62
N GLU C 220 -35.73 -26.48 -70.63
CA GLU C 220 -34.46 -25.74 -70.40
C GLU C 220 -34.23 -24.90 -71.66
N TYR C 221 -34.77 -23.69 -71.68
CA TYR C 221 -34.84 -22.81 -72.88
C TYR C 221 -33.46 -22.21 -73.19
N TYR C 222 -32.64 -21.99 -72.16
CA TYR C 222 -31.28 -21.40 -72.25
C TYR C 222 -30.33 -22.32 -71.50
N ILE C 223 -29.30 -22.83 -72.17
CA ILE C 223 -28.29 -23.72 -71.54
C ILE C 223 -26.99 -22.93 -71.39
N VAL C 224 -26.60 -22.65 -70.14
CA VAL C 224 -25.25 -22.10 -69.82
C VAL C 224 -24.23 -23.21 -69.99
N VAL C 225 -23.24 -23.02 -70.85
CA VAL C 225 -22.17 -24.03 -71.10
C VAL C 225 -20.88 -23.52 -70.44
N ASN C 226 -20.38 -24.24 -69.44
CA ASN C 226 -19.07 -23.99 -68.78
C ASN C 226 -17.95 -24.70 -69.56
N ASP C 227 -16.82 -24.02 -69.74
CA ASP C 227 -15.56 -24.56 -70.31
C ASP C 227 -14.41 -23.65 -69.86
N PHE C 228 -13.17 -24.16 -69.79
CA PHE C 228 -11.97 -23.35 -69.48
C PHE C 228 -10.71 -24.01 -70.08
N SER C 239 -10.49 -5.25 -57.59
CA SER C 239 -9.68 -5.90 -56.52
C SER C 239 -9.74 -5.09 -55.23
N THR C 240 -9.72 -3.74 -55.32
CA THR C 240 -9.93 -2.79 -54.19
C THR C 240 -11.42 -2.70 -53.86
N GLY C 241 -12.29 -2.92 -54.87
CA GLY C 241 -13.75 -2.84 -54.72
C GLY C 241 -14.30 -1.45 -54.99
N ASN C 242 -13.47 -0.48 -55.37
CA ASN C 242 -13.96 0.89 -55.67
C ASN C 242 -14.99 0.82 -56.81
N GLN C 243 -14.72 0.06 -57.85
CA GLN C 243 -15.58 0.01 -59.08
C GLN C 243 -16.79 -0.89 -58.81
N TYR C 244 -16.57 -2.05 -58.21
CA TYR C 244 -17.64 -3.02 -57.91
C TYR C 244 -18.69 -2.36 -57.01
N PHE C 245 -18.28 -1.69 -55.94
CA PHE C 245 -19.24 -1.12 -54.95
C PHE C 245 -19.89 0.14 -55.53
N ALA C 246 -19.27 0.78 -56.53
CA ALA C 246 -19.92 1.90 -57.27
C ALA C 246 -21.14 1.34 -58.04
N THR C 247 -21.00 0.13 -58.57
CA THR C 247 -22.08 -0.57 -59.30
C THR C 247 -23.16 -0.99 -58.30
N ILE C 248 -22.77 -1.52 -57.14
CA ILE C 248 -23.75 -1.97 -56.11
C ILE C 248 -24.52 -0.73 -55.63
N ASN C 249 -23.83 0.39 -55.49
CA ASN C 249 -24.46 1.67 -55.09
C ASN C 249 -25.56 2.04 -56.11
N GLU C 250 -25.30 1.85 -57.40
CA GLU C 250 -26.25 2.19 -58.49
C GLU C 250 -27.49 1.28 -58.41
N ILE C 251 -27.31 0.04 -57.99
CA ILE C 251 -28.45 -0.91 -57.85
C ILE C 251 -29.39 -0.39 -56.77
N TYR C 252 -28.86 0.00 -55.62
CA TYR C 252 -29.67 0.54 -54.50
C TYR C 252 -30.34 1.84 -54.96
N LYS C 253 -29.61 2.70 -55.68
CA LYS C 253 -30.16 3.97 -56.22
C LYS C 253 -31.37 3.65 -57.11
N ALA C 254 -31.26 2.64 -57.97
CA ALA C 254 -32.32 2.28 -58.92
C ALA C 254 -33.59 1.86 -58.15
N ILE C 255 -33.42 1.13 -57.06
CA ILE C 255 -34.55 0.62 -56.24
C ILE C 255 -35.24 1.82 -55.59
N TYR C 256 -34.48 2.71 -54.97
CA TYR C 256 -35.04 3.83 -54.15
C TYR C 256 -35.57 4.96 -55.05
N LYS C 257 -35.32 4.92 -56.36
CA LYS C 257 -35.82 5.95 -57.31
C LYS C 257 -36.88 5.35 -58.24
N SER C 258 -37.31 4.10 -57.98
CA SER C 258 -38.20 3.36 -58.89
C SER C 258 -39.53 4.10 -59.05
N PRO C 259 -39.93 4.44 -60.30
CA PRO C 259 -41.26 5.00 -60.56
C PRO C 259 -42.39 3.96 -60.52
N ILE C 260 -42.05 2.66 -60.50
CA ILE C 260 -43.05 1.57 -60.38
C ILE C 260 -43.28 1.27 -58.89
N TYR C 261 -42.20 1.03 -58.14
CA TYR C 261 -42.27 0.73 -56.69
C TYR C 261 -42.01 2.03 -55.93
N LYS C 262 -43.05 2.85 -55.78
CA LYS C 262 -42.98 4.23 -55.25
C LYS C 262 -43.11 4.20 -53.73
N ASN C 263 -43.79 3.20 -53.18
CA ASN C 263 -44.03 3.09 -51.72
C ASN C 263 -42.68 2.87 -51.04
N GLN C 264 -42.35 3.71 -50.07
CA GLN C 264 -41.00 3.70 -49.43
C GLN C 264 -40.80 2.36 -48.72
N GLU C 265 -41.84 1.79 -48.12
CA GLU C 265 -41.69 0.52 -47.37
C GLU C 265 -41.42 -0.60 -48.37
N LYS C 266 -42.00 -0.51 -49.56
CA LYS C 266 -41.79 -1.55 -50.61
C LYS C 266 -40.34 -1.46 -51.09
N ARG C 267 -39.81 -0.24 -51.21
CA ARG C 267 -38.39 -0.01 -51.57
C ARG C 267 -37.50 -0.64 -50.49
N HIS C 268 -37.82 -0.46 -49.20
CA HIS C 268 -37.03 -1.03 -48.09
C HIS C 268 -37.00 -2.56 -48.24
N GLN C 269 -38.14 -3.15 -48.58
CA GLN C 269 -38.28 -4.62 -48.72
C GLN C 269 -37.40 -5.09 -49.87
N LEU C 270 -37.44 -4.39 -51.00
CA LEU C 270 -36.68 -4.76 -52.21
C LEU C 270 -35.19 -4.61 -51.90
N ALA C 271 -34.80 -3.50 -51.28
CA ALA C 271 -33.39 -3.21 -50.91
C ALA C 271 -32.91 -4.31 -49.95
N GLY C 272 -33.74 -4.71 -48.99
CA GLY C 272 -33.37 -5.76 -48.03
C GLY C 272 -33.18 -7.09 -48.74
N LYS C 273 -34.01 -7.37 -49.74
CA LYS C 273 -33.92 -8.64 -50.50
C LYS C 273 -32.61 -8.61 -51.29
N TYR C 274 -32.26 -7.45 -51.87
CA TYR C 274 -31.01 -7.35 -52.66
C TYR C 274 -29.81 -7.57 -51.70
N THR C 275 -29.86 -6.97 -50.51
CA THR C 275 -28.79 -7.10 -49.50
C THR C 275 -28.60 -8.59 -49.18
N THR C 276 -29.69 -9.33 -49.00
CA THR C 276 -29.63 -10.78 -48.73
C THR C 276 -28.90 -11.46 -49.89
N ARG C 277 -29.29 -11.17 -51.13
CA ARG C 277 -28.68 -11.79 -52.33
C ARG C 277 -27.18 -11.45 -52.39
N LEU C 278 -26.83 -10.21 -52.07
CA LEU C 278 -25.43 -9.72 -52.09
C LEU C 278 -24.60 -10.50 -51.04
N LEU C 279 -25.16 -10.74 -49.86
CA LEU C 279 -24.43 -11.48 -48.79
C LEU C 279 -24.38 -12.97 -49.12
N ARG C 280 -25.35 -13.48 -49.88
CA ARG C 280 -25.38 -14.93 -50.24
C ARG C 280 -24.50 -15.22 -51.44
N HIS C 281 -24.36 -14.29 -52.39
CA HIS C 281 -23.78 -14.59 -53.72
C HIS C 281 -22.86 -13.48 -54.22
N GLY C 282 -22.60 -12.43 -53.44
CA GLY C 282 -21.76 -11.30 -53.87
C GLY C 282 -20.32 -11.72 -54.13
N GLN C 283 -19.59 -10.89 -54.87
CA GLN C 283 -18.16 -11.07 -55.17
C GLN C 283 -17.39 -11.07 -53.83
N LYS C 284 -16.47 -12.03 -53.66
CA LYS C 284 -15.57 -12.11 -52.49
C LYS C 284 -16.38 -12.10 -51.20
N LYS C 285 -17.46 -12.88 -51.15
CA LYS C 285 -18.38 -12.83 -49.99
C LYS C 285 -17.64 -13.25 -48.72
N ASN C 286 -16.59 -14.07 -48.84
CA ASN C 286 -15.83 -14.62 -47.68
C ASN C 286 -14.44 -13.97 -47.60
N PHE C 287 -14.33 -12.70 -47.96
CA PHE C 287 -13.04 -11.97 -47.97
C PHE C 287 -12.44 -11.92 -46.56
N ALA C 288 -13.26 -11.81 -45.52
CA ALA C 288 -12.79 -11.45 -44.16
C ALA C 288 -11.82 -12.50 -43.61
N ASN C 289 -12.09 -13.80 -43.81
CA ASN C 289 -11.24 -14.89 -43.28
C ASN C 289 -10.32 -15.45 -44.38
N SER C 290 -10.20 -14.75 -45.51
CA SER C 290 -9.44 -15.20 -46.71
C SER C 290 -7.93 -14.91 -46.54
N LYS C 291 -7.14 -15.23 -47.56
CA LYS C 291 -5.67 -15.03 -47.60
C LYS C 291 -5.35 -13.64 -48.15
N MET C 292 -6.37 -12.81 -48.41
CA MET C 292 -6.23 -11.39 -48.80
C MET C 292 -5.34 -10.66 -47.79
N LYS C 293 -4.43 -9.80 -48.26
CA LYS C 293 -3.61 -8.94 -47.37
C LYS C 293 -4.56 -8.08 -46.52
N TYR C 294 -4.20 -7.89 -45.26
CA TYR C 294 -4.95 -7.08 -44.28
C TYR C 294 -5.35 -5.74 -44.88
N GLU C 295 -4.41 -5.02 -45.50
CA GLU C 295 -4.66 -3.65 -46.00
C GLU C 295 -5.73 -3.70 -47.10
N ASP C 296 -5.78 -4.77 -47.89
CA ASP C 296 -6.77 -4.94 -48.98
C ASP C 296 -8.12 -5.27 -48.35
N LYS C 297 -8.15 -6.06 -47.28
CA LYS C 297 -9.39 -6.38 -46.55
C LYS C 297 -10.01 -5.08 -46.03
N ILE C 298 -9.18 -4.22 -45.45
CA ILE C 298 -9.66 -2.93 -44.86
C ILE C 298 -10.22 -2.06 -45.99
N GLU C 299 -9.54 -1.97 -47.13
CA GLU C 299 -9.98 -1.12 -48.26
C GLU C 299 -11.30 -1.68 -48.83
N TRP C 300 -11.38 -3.00 -48.96
CA TRP C 300 -12.58 -3.69 -49.50
C TRP C 300 -13.77 -3.43 -48.56
N LEU C 301 -13.58 -3.67 -47.26
CA LEU C 301 -14.65 -3.49 -46.25
C LEU C 301 -15.04 -2.01 -46.19
N ASN C 302 -14.08 -1.10 -46.35
CA ASN C 302 -14.35 0.35 -46.30
C ASN C 302 -15.31 0.71 -47.45
N ASN C 303 -15.07 0.19 -48.66
CA ASN C 303 -15.94 0.45 -49.83
C ASN C 303 -17.32 -0.16 -49.59
N PHE C 304 -17.36 -1.37 -49.05
CA PHE C 304 -18.61 -2.11 -48.76
C PHE C 304 -19.41 -1.30 -47.74
N SER C 305 -18.75 -0.88 -46.68
CA SER C 305 -19.35 -0.13 -45.56
C SER C 305 -19.93 1.19 -46.08
N LYS C 306 -19.15 1.95 -46.85
CA LYS C 306 -19.55 3.28 -47.39
C LYS C 306 -20.84 3.10 -48.22
N THR C 307 -20.89 2.03 -49.02
CA THR C 307 -22.00 1.76 -49.95
C THR C 307 -23.24 1.37 -49.14
N ILE C 308 -23.09 0.45 -48.20
CA ILE C 308 -24.24 -0.07 -47.42
C ILE C 308 -24.76 1.03 -46.49
N ASN C 309 -23.91 1.97 -46.06
CA ASN C 309 -24.35 3.04 -45.13
C ASN C 309 -25.11 4.14 -45.88
N LYS C 310 -25.20 4.09 -47.20
CA LYS C 310 -26.12 4.97 -47.98
C LYS C 310 -27.49 4.30 -48.09
N VAL C 311 -27.62 3.03 -47.70
CA VAL C 311 -28.91 2.30 -47.76
C VAL C 311 -29.61 2.48 -46.41
N PRO C 312 -30.88 2.95 -46.41
CA PRO C 312 -31.63 3.10 -45.16
C PRO C 312 -31.60 1.84 -44.27
N ARG C 313 -31.44 2.03 -42.97
CA ARG C 313 -31.47 0.94 -41.97
C ARG C 313 -32.87 0.32 -41.91
N ASP C 314 -33.89 1.03 -42.41
CA ASP C 314 -35.28 0.51 -42.53
C ASP C 314 -35.30 -0.77 -43.38
N SER C 315 -34.34 -0.97 -44.27
CA SER C 315 -34.28 -2.17 -45.16
C SER C 315 -33.80 -3.38 -44.37
N ASP C 316 -33.09 -3.17 -43.26
CA ASP C 316 -32.34 -4.24 -42.56
C ASP C 316 -33.31 -5.31 -42.05
N LYS C 317 -34.51 -4.91 -41.61
CA LYS C 317 -35.49 -5.88 -41.05
C LYS C 317 -35.99 -6.84 -42.14
N TYR C 318 -35.78 -6.52 -43.42
CA TYR C 318 -36.21 -7.38 -44.56
C TYR C 318 -35.07 -8.31 -44.98
N VAL C 319 -33.90 -8.18 -44.37
CA VAL C 319 -32.75 -9.09 -44.65
C VAL C 319 -32.97 -10.38 -43.89
N THR C 320 -32.72 -11.54 -44.49
CA THR C 320 -32.86 -12.84 -43.81
C THR C 320 -32.00 -12.83 -42.54
N GLN C 321 -32.58 -13.23 -41.40
CA GLN C 321 -32.05 -12.86 -40.05
C GLN C 321 -30.69 -13.51 -39.79
N ILE C 322 -30.35 -14.64 -40.38
CA ILE C 322 -29.00 -15.28 -40.20
C ILE C 322 -27.90 -14.27 -40.52
N PHE C 323 -28.17 -13.27 -41.36
CA PHE C 323 -27.16 -12.28 -41.83
C PHE C 323 -27.18 -11.02 -40.98
N ASN C 324 -27.97 -10.99 -39.90
CA ASN C 324 -28.16 -9.76 -39.09
C ASN C 324 -26.80 -9.26 -38.58
N LEU C 325 -25.96 -10.16 -38.06
CA LEU C 325 -24.65 -9.80 -37.46
C LEU C 325 -23.70 -9.35 -38.57
N LYS C 326 -23.59 -10.13 -39.64
CA LYS C 326 -22.65 -9.80 -40.74
C LYS C 326 -23.00 -8.41 -41.30
N LEU C 327 -24.29 -8.16 -41.55
CA LEU C 327 -24.74 -6.85 -42.10
C LEU C 327 -24.34 -5.73 -41.14
N GLU C 328 -24.60 -5.90 -39.85
CA GLU C 328 -24.31 -4.84 -38.85
C GLU C 328 -22.79 -4.66 -38.78
N ALA C 329 -22.03 -5.75 -38.84
CA ALA C 329 -20.54 -5.69 -38.85
C ALA C 329 -20.07 -4.81 -40.01
N ILE C 330 -20.66 -5.00 -41.20
CA ILE C 330 -20.27 -4.21 -42.40
C ILE C 330 -20.64 -2.74 -42.19
N ARG C 331 -21.82 -2.46 -41.64
CA ARG C 331 -22.25 -1.07 -41.37
C ARG C 331 -21.26 -0.40 -40.42
N GLN C 332 -20.79 -1.13 -39.41
CA GLN C 332 -19.85 -0.63 -38.38
C GLN C 332 -18.41 -0.59 -38.94
N ASN C 333 -18.17 -1.15 -40.13
CA ASN C 333 -16.84 -1.14 -40.78
C ASN C 333 -15.82 -1.82 -39.86
N ASP C 334 -16.19 -2.98 -39.30
CA ASP C 334 -15.44 -3.68 -38.22
C ASP C 334 -15.00 -5.05 -38.77
N LEU C 335 -13.73 -5.16 -39.17
CA LEU C 335 -13.23 -6.39 -39.84
C LEU C 335 -13.36 -7.58 -38.88
N LEU C 336 -12.98 -7.42 -37.61
CA LEU C 336 -13.04 -8.53 -36.63
C LEU C 336 -14.46 -9.09 -36.58
N ALA C 337 -15.46 -8.22 -36.56
CA ALA C 337 -16.88 -8.62 -36.43
C ALA C 337 -17.31 -9.37 -37.70
N VAL C 338 -16.83 -8.95 -38.87
CA VAL C 338 -17.16 -9.65 -40.13
C VAL C 338 -16.50 -11.04 -40.10
N MET C 339 -15.25 -11.12 -39.66
CA MET C 339 -14.53 -12.41 -39.53
C MET C 339 -15.34 -13.34 -38.63
N ILE C 340 -15.79 -12.83 -37.48
CA ILE C 340 -16.57 -13.63 -36.50
C ILE C 340 -17.91 -14.03 -37.14
N ALA C 341 -18.60 -13.07 -37.77
CA ALA C 341 -19.91 -13.34 -38.41
C ALA C 341 -19.76 -14.52 -39.37
N ASP C 342 -18.70 -14.53 -40.17
CA ASP C 342 -18.46 -15.59 -41.20
C ASP C 342 -18.20 -16.92 -40.51
N LYS C 343 -17.48 -16.91 -39.38
CA LYS C 343 -17.21 -18.15 -38.63
C LYS C 343 -18.51 -18.73 -38.10
N LEU C 344 -19.50 -17.89 -37.76
CA LEU C 344 -20.79 -18.34 -37.18
C LEU C 344 -21.77 -18.75 -38.28
N LEU C 345 -21.60 -18.27 -39.51
CA LEU C 345 -22.46 -18.66 -40.66
C LEU C 345 -22.06 -20.06 -41.17
N MET D 19 -30.06 14.18 69.35
CA MET D 19 -28.89 13.98 68.46
C MET D 19 -28.17 15.31 68.24
N LYS D 20 -26.86 15.35 68.43
CA LYS D 20 -26.06 16.58 68.28
C LYS D 20 -25.82 16.86 66.78
N LYS D 21 -25.66 18.14 66.46
CA LYS D 21 -25.29 18.60 65.11
C LYS D 21 -23.86 18.19 64.82
N VAL D 22 -22.92 18.51 65.70
CA VAL D 22 -21.46 18.31 65.45
C VAL D 22 -20.80 17.67 66.68
N SER D 23 -19.93 16.69 66.44
CA SER D 23 -18.94 16.18 67.41
C SER D 23 -17.56 16.67 66.98
N VAL D 24 -16.92 17.52 67.77
CA VAL D 24 -15.49 17.87 67.55
C VAL D 24 -14.64 16.81 68.24
N ILE D 25 -13.76 16.16 67.48
CA ILE D 25 -12.90 15.05 67.97
C ILE D 25 -11.46 15.56 68.00
N MET D 26 -10.85 15.55 69.18
CA MET D 26 -9.49 16.11 69.40
C MET D 26 -8.64 15.09 70.15
N PRO D 27 -7.68 14.43 69.48
CA PRO D 27 -6.65 13.65 70.17
C PRO D 27 -5.67 14.58 70.88
N THR D 28 -5.18 14.19 72.06
CA THR D 28 -4.13 14.95 72.79
C THR D 28 -2.96 14.03 73.09
N PHE D 29 -1.78 14.62 73.20
CA PHE D 29 -0.56 13.95 73.72
C PHE D 29 0.46 15.01 74.11
N ASN D 30 0.68 15.17 75.41
CA ASN D 30 1.76 16.01 76.00
C ASN D 30 1.66 17.43 75.44
N ASN D 31 0.44 17.95 75.35
CA ASN D 31 0.17 19.32 74.83
C ASN D 31 0.48 20.35 75.91
N GLY D 32 0.20 20.03 77.17
CA GLY D 32 0.44 20.95 78.30
C GLY D 32 -0.50 22.16 78.24
N GLU D 33 0.00 23.31 78.67
CA GLU D 33 -0.81 24.51 78.98
C GLU D 33 -1.37 25.12 77.67
N LYS D 34 -0.75 24.82 76.52
CA LYS D 34 -1.17 25.37 75.19
C LYS D 34 -2.61 24.93 74.85
N LEU D 35 -3.02 23.77 75.40
CA LEU D 35 -4.32 23.12 75.11
C LEU D 35 -5.49 24.03 75.52
N HIS D 36 -5.31 24.88 76.53
CA HIS D 36 -6.33 25.85 77.01
C HIS D 36 -6.90 26.63 75.81
N ARG D 37 -6.01 27.23 75.02
CA ARG D 37 -6.35 28.12 73.90
C ARG D 37 -7.25 27.36 72.91
N THR D 38 -6.88 26.11 72.62
CA THR D 38 -7.60 25.25 71.65
C THR D 38 -8.98 24.91 72.19
N ILE D 39 -9.04 24.38 73.41
CA ILE D 39 -10.32 23.94 74.04
C ILE D 39 -11.26 25.15 74.10
N SER D 40 -10.73 26.30 74.50
CA SER D 40 -11.52 27.56 74.62
C SER D 40 -12.11 27.93 73.26
N SER D 41 -11.36 27.74 72.17
CA SER D 41 -11.81 28.12 70.81
C SER D 41 -13.04 27.28 70.43
N VAL D 42 -13.09 26.03 70.89
CA VAL D 42 -14.22 25.09 70.62
C VAL D 42 -15.41 25.45 71.52
N LEU D 43 -15.15 25.83 72.78
CA LEU D 43 -16.26 26.09 73.75
C LEU D 43 -16.89 27.46 73.43
N ASN D 44 -16.16 28.38 72.81
CA ASN D 44 -16.63 29.73 72.43
C ASN D 44 -17.11 29.72 70.98
N GLN D 45 -18.22 29.05 70.69
CA GLN D 45 -18.80 29.00 69.32
C GLN D 45 -20.14 29.73 69.29
N THR D 46 -20.47 30.36 68.16
CA THR D 46 -21.79 30.97 67.88
C THR D 46 -22.87 29.89 67.90
N MET D 47 -22.53 28.65 67.57
CA MET D 47 -23.50 27.53 67.62
C MET D 47 -23.96 27.32 69.07
N LYS D 48 -25.25 27.08 69.26
CA LYS D 48 -25.87 26.66 70.54
C LYS D 48 -24.98 25.57 71.15
N SER D 49 -24.61 25.74 72.43
CA SER D 49 -23.63 24.86 73.10
C SER D 49 -24.23 23.44 73.29
N THR D 50 -25.55 23.31 73.30
CA THR D 50 -26.24 22.00 73.44
C THR D 50 -26.32 21.27 72.09
N ASP D 51 -25.99 21.95 70.99
CA ASP D 51 -26.07 21.38 69.63
C ASP D 51 -24.75 20.69 69.25
N TYR D 52 -23.68 20.86 70.04
CA TYR D 52 -22.40 20.19 69.75
C TYR D 52 -21.70 19.72 71.01
N GLU D 53 -20.67 18.89 70.84
CA GLU D 53 -19.82 18.35 71.93
C GLU D 53 -18.36 18.35 71.49
N LEU D 54 -17.46 18.49 72.47
CA LEU D 54 -16.00 18.32 72.26
C LEU D 54 -15.60 16.99 72.90
N ILE D 55 -15.15 16.05 72.09
CA ILE D 55 -14.65 14.74 72.58
C ILE D 55 -13.12 14.82 72.58
N ILE D 56 -12.51 14.70 73.75
CA ILE D 56 -11.03 14.70 73.91
C ILE D 56 -10.57 13.27 74.18
N ILE D 57 -9.64 12.76 73.39
CA ILE D 57 -9.06 11.41 73.59
C ILE D 57 -7.56 11.57 73.80
N ASP D 58 -7.10 11.44 75.04
CA ASP D 58 -5.68 11.56 75.39
C ASP D 58 -5.00 10.24 75.08
N ASP D 59 -3.90 10.29 74.31
CA ASP D 59 -3.14 9.10 73.85
C ASP D 59 -2.09 8.78 74.91
N HIS D 60 -2.54 8.62 76.16
CA HIS D 60 -1.71 8.28 77.34
C HIS D 60 -0.52 9.25 77.47
N SER D 61 -0.82 10.53 77.63
CA SER D 61 0.16 11.61 77.95
C SER D 61 1.00 11.17 79.16
N ASN D 62 2.30 11.46 79.13
CA ASN D 62 3.25 11.11 80.22
C ASN D 62 4.05 12.35 80.61
N ASP D 63 3.43 13.53 80.60
CA ASP D 63 4.13 14.82 80.86
C ASP D 63 3.88 15.25 82.31
N ASN D 64 3.98 14.32 83.26
CA ASN D 64 3.84 14.60 84.71
C ASN D 64 2.45 15.20 84.97
N GLY D 65 1.44 14.73 84.23
CA GLY D 65 0.02 15.07 84.45
C GLY D 65 -0.35 16.47 83.98
N GLU D 66 0.57 17.19 83.31
CA GLU D 66 0.33 18.60 82.90
C GLU D 66 -0.88 18.63 81.96
N THR D 67 -0.89 17.76 80.94
CA THR D 67 -1.96 17.70 79.92
C THR D 67 -3.27 17.29 80.59
N LEU D 68 -3.25 16.27 81.44
CA LEU D 68 -4.47 15.77 82.14
C LEU D 68 -5.01 16.88 83.04
N ASN D 69 -4.12 17.68 83.65
CA ASN D 69 -4.52 18.77 84.57
C ASN D 69 -5.29 19.85 83.79
N VAL D 70 -4.87 20.13 82.55
CA VAL D 70 -5.54 21.13 81.68
C VAL D 70 -6.94 20.61 81.32
N ILE D 71 -7.04 19.33 80.98
CA ILE D 71 -8.33 18.69 80.56
C ILE D 71 -9.28 18.62 81.77
N LYS D 72 -8.74 18.41 82.97
CA LYS D 72 -9.55 18.26 84.22
C LYS D 72 -10.27 19.58 84.56
N LYS D 73 -9.74 20.71 84.11
CA LYS D 73 -10.37 22.05 84.32
C LYS D 73 -11.67 22.18 83.51
N TYR D 74 -11.93 21.31 82.54
CA TYR D 74 -13.17 21.33 81.72
C TYR D 74 -14.05 20.10 82.00
N LYS D 75 -13.84 19.43 83.13
CA LYS D 75 -14.72 18.31 83.57
C LYS D 75 -16.18 18.80 83.58
N GLY D 76 -17.06 18.02 82.96
CA GLY D 76 -18.49 18.34 82.87
C GLY D 76 -18.83 19.10 81.60
N LEU D 77 -17.85 19.72 80.93
CA LEU D 77 -18.08 20.60 79.75
C LEU D 77 -17.60 19.93 78.47
N VAL D 78 -16.90 18.80 78.58
CA VAL D 78 -16.35 18.02 77.44
C VAL D 78 -16.52 16.54 77.77
N ARG D 79 -16.55 15.69 76.76
CA ARG D 79 -16.44 14.23 76.95
C ARG D 79 -14.97 13.88 76.84
N PHE D 80 -14.49 12.97 77.69
CA PHE D 80 -13.05 12.65 77.78
C PHE D 80 -12.88 11.15 77.90
N LYS D 81 -11.88 10.62 77.20
CA LYS D 81 -11.46 9.21 77.31
C LYS D 81 -9.93 9.19 77.31
N GLN D 82 -9.35 8.39 78.19
CA GLN D 82 -7.87 8.24 78.29
C GLN D 82 -7.52 6.84 77.78
N LEU D 83 -6.69 6.76 76.74
CA LEU D 83 -6.19 5.46 76.23
C LEU D 83 -5.19 4.91 77.24
N LYS D 84 -5.19 3.58 77.44
CA LYS D 84 -4.31 2.89 78.40
C LYS D 84 -2.85 2.96 77.92
N LYS D 85 -2.60 2.95 76.60
CA LYS D 85 -1.23 2.96 76.02
C LYS D 85 -1.14 3.99 74.88
N ASN D 86 0.01 4.63 74.71
CA ASN D 86 0.27 5.56 73.58
C ASN D 86 0.28 4.76 72.28
N SER D 87 -0.69 5.01 71.40
CA SER D 87 -0.82 4.33 70.08
C SER D 87 0.29 4.78 69.12
N GLY D 88 0.83 5.99 69.30
CA GLY D 88 1.94 6.51 68.49
C GLY D 88 1.49 7.46 67.41
N ASN D 89 0.26 7.32 66.90
CA ASN D 89 -0.31 8.26 65.90
C ASN D 89 -1.76 8.60 66.28
N ALA D 90 -2.36 9.54 65.53
CA ALA D 90 -3.69 10.11 65.84
C ALA D 90 -4.81 9.17 65.40
N SER D 91 -4.49 8.11 64.67
CA SER D 91 -5.50 7.18 64.08
C SER D 91 -6.34 6.53 65.19
N VAL D 92 -5.71 5.92 66.19
CA VAL D 92 -6.46 5.17 67.25
C VAL D 92 -7.33 6.15 68.03
N PRO D 93 -6.80 7.28 68.54
CA PRO D 93 -7.63 8.28 69.21
C PRO D 93 -8.82 8.77 68.37
N ARG D 94 -8.59 9.05 67.08
CA ARG D 94 -9.65 9.54 66.18
C ARG D 94 -10.72 8.46 66.00
N ASN D 95 -10.31 7.20 65.88
CA ASN D 95 -11.26 6.06 65.75
C ASN D 95 -12.09 5.95 67.02
N THR D 96 -11.46 6.14 68.19
CA THR D 96 -12.13 6.11 69.51
C THR D 96 -13.21 7.21 69.54
N GLY D 97 -12.84 8.42 69.11
CA GLY D 97 -13.77 9.56 68.98
C GLY D 97 -14.94 9.25 68.08
N LEU D 98 -14.70 8.61 66.93
CA LEU D 98 -15.76 8.24 65.97
C LEU D 98 -16.76 7.29 66.65
N LYS D 99 -16.28 6.27 67.37
CA LYS D 99 -17.15 5.28 68.08
C LYS D 99 -17.99 6.04 69.11
N MET D 100 -17.44 7.09 69.73
CA MET D 100 -18.10 7.82 70.83
C MET D 100 -19.13 8.83 70.30
N SER D 101 -19.04 9.23 69.04
CA SER D 101 -19.93 10.27 68.47
C SER D 101 -21.18 9.63 67.86
N LYS D 102 -22.35 10.22 68.13
CA LYS D 102 -23.64 9.88 67.48
C LYS D 102 -24.21 11.16 66.85
N ALA D 103 -23.34 12.12 66.52
CA ALA D 103 -23.74 13.41 65.92
C ALA D 103 -23.99 13.25 64.42
N GLU D 104 -24.55 14.28 63.82
CA GLU D 104 -24.89 14.33 62.37
C GLU D 104 -23.58 14.47 61.60
N TYR D 105 -22.69 15.33 62.09
CA TYR D 105 -21.35 15.60 61.51
C TYR D 105 -20.27 15.47 62.60
N VAL D 106 -19.07 15.10 62.15
CA VAL D 106 -17.86 15.14 63.01
C VAL D 106 -16.89 16.16 62.42
N PHE D 107 -16.09 16.77 63.28
CA PHE D 107 -15.06 17.74 62.90
C PHE D 107 -13.80 17.37 63.66
N PHE D 108 -12.73 16.99 62.95
CA PHE D 108 -11.45 16.63 63.59
C PHE D 108 -10.62 17.89 63.80
N LEU D 109 -10.11 18.06 65.01
CA LEU D 109 -9.30 19.22 65.43
C LEU D 109 -7.97 18.71 65.99
N ASP D 110 -6.85 19.26 65.53
CA ASP D 110 -5.51 18.99 66.10
C ASP D 110 -5.36 19.80 67.38
N SER D 111 -4.67 19.24 68.37
CA SER D 111 -4.58 19.75 69.76
C SER D 111 -3.94 21.15 69.81
N ASP D 112 -3.17 21.59 68.82
CA ASP D 112 -2.50 22.92 68.92
C ASP D 112 -3.23 23.98 68.07
N ASP D 113 -4.39 23.67 67.50
CA ASP D 113 -5.05 24.51 66.47
C ASP D 113 -6.22 25.28 67.10
N LEU D 114 -6.78 26.23 66.35
CA LEU D 114 -7.88 27.11 66.84
C LEU D 114 -9.06 27.09 65.87
N LEU D 115 -10.28 27.07 66.39
CA LEU D 115 -11.50 27.30 65.59
C LEU D 115 -11.90 28.77 65.70
N HIS D 116 -12.25 29.39 64.57
CA HIS D 116 -12.99 30.69 64.53
C HIS D 116 -14.30 30.50 65.28
N GLU D 117 -14.80 31.56 65.90
CA GLU D 117 -16.01 31.50 66.76
C GLU D 117 -17.24 31.08 65.91
N ARG D 118 -17.22 31.30 64.59
CA ARG D 118 -18.39 31.02 63.74
C ARG D 118 -18.18 29.75 62.90
N ALA D 119 -17.23 28.89 63.26
CA ALA D 119 -16.81 27.75 62.42
C ALA D 119 -17.92 26.69 62.39
N LEU D 120 -18.33 26.18 63.55
CA LEU D 120 -19.31 25.06 63.61
C LEU D 120 -20.64 25.53 63.00
N GLU D 121 -21.14 26.69 63.38
CA GLU D 121 -22.45 27.22 62.92
C GLU D 121 -22.42 27.40 61.40
N ASP D 122 -21.47 28.18 60.88
CA ASP D 122 -21.40 28.53 59.44
C ASP D 122 -21.22 27.28 58.58
N LEU D 123 -20.32 26.39 58.97
CA LEU D 123 -20.02 25.16 58.19
C LEU D 123 -21.24 24.23 58.24
N TYR D 124 -21.82 24.03 59.41
CA TYR D 124 -23.00 23.15 59.56
C TYR D 124 -24.15 23.70 58.71
N ASN D 125 -24.44 25.00 58.85
CA ASN D 125 -25.59 25.64 58.16
C ASN D 125 -25.38 25.49 56.64
N TYR D 126 -24.17 25.72 56.15
CA TYR D 126 -23.85 25.63 54.71
C TYR D 126 -24.04 24.18 54.26
N GLY D 127 -23.61 23.23 55.09
CA GLY D 127 -23.73 21.79 54.81
C GLY D 127 -25.18 21.37 54.75
N LYS D 128 -25.98 21.81 55.71
CA LYS D 128 -27.42 21.45 55.84
C LYS D 128 -28.17 22.03 54.64
N GLU D 129 -27.86 23.26 54.26
CA GLU D 129 -28.51 24.00 53.15
C GLU D 129 -28.17 23.31 51.81
N ASN D 130 -27.00 22.66 51.69
CA ASN D 130 -26.55 22.09 50.40
C ASN D 130 -26.47 20.57 50.50
N ASN D 131 -27.05 19.97 51.54
CA ASN D 131 -27.07 18.50 51.72
C ASN D 131 -25.65 17.96 51.53
N SER D 132 -24.65 18.63 52.11
CA SER D 132 -23.22 18.32 51.96
C SER D 132 -22.83 17.12 52.82
N ASP D 133 -22.06 16.22 52.24
CA ASP D 133 -21.37 15.10 52.94
C ASP D 133 -20.09 15.65 53.56
N LEU D 134 -19.55 16.72 52.99
CA LEU D 134 -18.23 17.27 53.41
C LEU D 134 -18.29 18.79 53.29
N ILE D 135 -17.85 19.48 54.33
CA ILE D 135 -17.73 20.96 54.29
C ILE D 135 -16.30 21.31 54.67
N ILE D 136 -15.67 22.13 53.84
CA ILE D 136 -14.26 22.56 54.04
C ILE D 136 -14.27 24.06 54.30
N GLY D 137 -13.84 24.45 55.49
CA GLY D 137 -13.67 25.86 55.88
C GLY D 137 -12.29 26.34 55.55
N LYS D 138 -12.17 27.59 55.11
CA LYS D 138 -10.89 28.23 54.77
C LYS D 138 -9.93 28.12 55.96
N TYR D 139 -8.69 27.69 55.71
CA TYR D 139 -7.63 27.54 56.72
C TYR D 139 -6.82 28.84 56.77
N GLY D 140 -6.49 29.26 57.98
CA GLY D 140 -5.41 30.22 58.27
C GLY D 140 -4.23 29.50 58.89
N VAL D 141 -3.06 30.13 58.90
CA VAL D 141 -1.83 29.54 59.49
C VAL D 141 -1.11 30.60 60.32
N GLU D 142 -0.57 30.18 61.45
CA GLU D 142 0.27 31.00 62.36
C GLU D 142 1.65 30.34 62.42
N GLY D 143 2.68 31.05 61.96
CA GLY D 143 4.09 30.59 62.04
C GLY D 143 4.49 29.72 60.86
N LYS D 144 5.79 29.50 60.70
CA LYS D 144 6.37 28.66 59.62
C LYS D 144 6.36 27.19 60.09
N GLY D 145 6.23 26.26 59.15
CA GLY D 145 6.12 24.81 59.43
C GLY D 145 5.14 24.15 58.47
N ARG D 146 4.07 23.55 59.02
CA ARG D 146 2.90 23.05 58.25
C ARG D 146 2.39 24.17 57.33
N SER D 147 2.22 23.91 56.05
CA SER D 147 1.57 24.82 55.07
C SER D 147 0.07 24.49 55.00
N VAL D 148 -0.75 25.41 54.48
CA VAL D 148 -2.20 25.15 54.30
C VAL D 148 -2.59 25.36 52.84
N PRO D 149 -3.61 24.63 52.34
CA PRO D 149 -4.09 24.80 50.98
C PRO D 149 -4.64 26.22 50.77
N LYS D 150 -4.55 26.72 49.55
CA LYS D 150 -4.97 28.10 49.18
C LYS D 150 -5.89 28.05 47.94
N ALA D 151 -5.52 27.29 46.91
CA ALA D 151 -6.21 27.31 45.60
C ALA D 151 -7.68 26.90 45.78
N ILE D 152 -7.97 25.92 46.64
CA ILE D 152 -9.36 25.42 46.91
C ILE D 152 -10.26 26.60 47.36
N PHE D 153 -9.72 27.66 47.97
CA PHE D 153 -10.53 28.76 48.57
C PHE D 153 -10.55 30.00 47.67
N GLU D 154 -9.95 29.93 46.48
CA GLU D 154 -9.74 31.13 45.62
C GLU D 154 -10.99 31.41 44.78
N LYS D 155 -12.02 30.56 44.80
CA LYS D 155 -13.25 30.79 44.01
C LYS D 155 -14.41 31.23 44.92
N GLY D 156 -14.11 31.57 46.16
CA GLY D 156 -15.11 31.88 47.19
C GLY D 156 -15.92 30.64 47.55
N ASN D 157 -17.14 30.85 48.03
CA ASN D 157 -18.03 29.76 48.49
C ASN D 157 -18.42 28.91 47.28
N VAL D 158 -18.37 27.59 47.44
CA VAL D 158 -18.79 26.60 46.42
C VAL D 158 -19.70 25.58 47.10
N ALA D 159 -20.95 25.51 46.67
CA ALA D 159 -22.01 24.70 47.29
C ALA D 159 -21.85 23.24 46.86
N LYS D 160 -21.54 23.00 45.59
CA LYS D 160 -21.34 21.66 45.00
C LYS D 160 -19.97 21.67 44.30
N ALA D 161 -18.91 21.36 45.06
CA ALA D 161 -17.53 21.43 44.57
C ALA D 161 -17.19 20.16 43.79
N ASP D 162 -16.15 20.26 42.96
CA ASP D 162 -15.64 19.16 42.12
C ASP D 162 -14.20 18.90 42.53
N ILE D 163 -13.84 17.63 42.71
CA ILE D 163 -12.49 17.25 43.21
C ILE D 163 -11.43 17.95 42.36
N ILE D 164 -11.55 17.86 41.04
CA ILE D 164 -10.50 18.36 40.12
C ILE D 164 -10.60 19.89 39.98
N ASP D 165 -11.77 20.43 39.70
CA ASP D 165 -11.94 21.88 39.42
C ASP D 165 -11.67 22.72 40.68
N ASN D 166 -11.84 22.14 41.88
CA ASN D 166 -11.72 22.92 43.15
C ASN D 166 -10.51 22.44 43.96
N SER D 167 -9.58 21.71 43.32
CA SER D 167 -8.27 21.40 43.92
C SER D 167 -8.42 20.66 45.26
N ILE D 168 -9.38 19.75 45.37
CA ILE D 168 -9.68 19.07 46.66
C ILE D 168 -8.57 18.08 47.00
N PHE D 169 -7.89 17.51 46.00
CA PHE D 169 -6.76 16.57 46.24
C PHE D 169 -5.55 17.33 46.81
N TYR D 170 -5.59 18.65 46.86
CA TYR D 170 -4.55 19.49 47.52
C TYR D 170 -4.97 19.91 48.93
N ALA D 171 -6.10 19.39 49.43
CA ALA D 171 -6.59 19.69 50.79
C ALA D 171 -7.16 18.42 51.40
N LEU D 172 -6.32 17.43 51.66
CA LEU D 172 -6.75 16.07 52.06
C LEU D 172 -6.59 15.89 53.58
N SER D 173 -6.38 16.95 54.35
CA SER D 173 -6.37 16.85 55.83
C SER D 173 -7.79 16.45 56.28
N VAL D 174 -7.93 15.92 57.50
CA VAL D 174 -9.28 15.60 58.04
C VAL D 174 -9.78 16.77 58.89
N LEU D 175 -9.20 17.96 58.75
CA LEU D 175 -9.59 19.17 59.52
C LEU D 175 -10.78 19.81 58.80
N LYS D 176 -11.89 19.05 58.79
CA LYS D 176 -13.08 19.33 57.95
C LYS D 176 -14.31 18.79 58.68
N MET D 177 -15.49 19.16 58.19
CA MET D 177 -16.76 18.65 58.72
C MET D 177 -17.24 17.52 57.81
N PHE D 178 -17.27 16.28 58.34
CA PHE D 178 -17.69 15.06 57.63
C PHE D 178 -19.06 14.58 58.13
N LYS D 179 -19.96 14.21 57.23
CA LYS D 179 -21.27 13.62 57.58
C LYS D 179 -21.01 12.22 58.14
N LYS D 180 -21.48 11.95 59.36
CA LYS D 180 -21.18 10.71 60.12
C LYS D 180 -21.81 9.51 59.41
N SER D 181 -22.97 9.67 58.77
CA SER D 181 -23.68 8.52 58.15
C SER D 181 -22.81 7.91 57.05
N VAL D 182 -22.05 8.73 56.33
CA VAL D 182 -21.16 8.23 55.24
C VAL D 182 -20.04 7.37 55.87
N ILE D 183 -19.48 7.84 57.00
CA ILE D 183 -18.42 7.13 57.75
C ILE D 183 -18.98 5.80 58.27
N ASP D 184 -20.17 5.81 58.85
CA ASP D 184 -20.81 4.63 59.48
C ASP D 184 -21.20 3.61 58.39
N LYS D 185 -21.93 4.04 57.35
CA LYS D 185 -22.46 3.13 56.29
C LYS D 185 -21.30 2.44 55.59
N ASN D 186 -20.18 3.14 55.36
CA ASN D 186 -19.03 2.62 54.57
C ASN D 186 -17.93 2.12 55.52
N LYS D 187 -18.16 2.18 56.83
CA LYS D 187 -17.22 1.65 57.85
C LYS D 187 -15.83 2.24 57.59
N ILE D 188 -15.75 3.56 57.46
CA ILE D 188 -14.48 4.30 57.22
C ILE D 188 -13.81 4.52 58.58
N LYS D 189 -12.62 3.98 58.74
CA LYS D 189 -11.78 4.10 59.95
C LYS D 189 -10.41 4.61 59.51
N PHE D 190 -9.70 5.33 60.37
CA PHE D 190 -8.27 5.67 60.17
C PHE D 190 -7.47 4.37 60.27
N LYS D 191 -6.54 4.12 59.36
CA LYS D 191 -5.66 2.93 59.41
C LYS D 191 -4.40 3.27 60.21
N THR D 192 -3.65 2.25 60.57
CA THR D 192 -2.36 2.33 61.33
C THR D 192 -1.26 1.63 60.51
N PHE D 193 -1.42 1.52 59.20
CA PHE D 193 -0.41 1.03 58.21
C PHE D 193 0.94 1.78 58.40
N SER D 194 0.84 3.09 58.55
CA SER D 194 1.96 4.06 58.56
C SER D 194 1.65 5.22 59.50
N LYS D 195 2.68 6.00 59.85
CA LYS D 195 2.62 7.16 60.78
C LYS D 195 2.17 8.40 59.99
N THR D 196 2.22 8.31 58.66
CA THR D 196 2.02 9.44 57.72
C THR D 196 0.97 9.05 56.68
N ALA D 197 0.22 10.05 56.18
CA ALA D 197 -0.75 9.98 55.06
C ALA D 197 -2.01 9.18 55.43
N GLU D 198 -2.24 8.88 56.71
CA GLU D 198 -3.43 8.11 57.15
C GLU D 198 -4.66 9.03 57.07
N ASP D 199 -4.45 10.32 57.30
CA ASP D 199 -5.51 11.35 57.18
C ASP D 199 -5.91 11.49 55.70
N GLN D 200 -4.93 11.49 54.79
CA GLN D 200 -5.18 11.55 53.32
C GLN D 200 -6.07 10.37 52.92
N LEU D 201 -5.71 9.16 53.35
CA LEU D 201 -6.43 7.93 52.99
C LEU D 201 -7.87 8.05 53.46
N PHE D 202 -8.08 8.57 54.68
CA PHE D 202 -9.42 8.71 55.27
C PHE D 202 -10.25 9.65 54.38
N THR D 203 -9.72 10.83 54.08
CA THR D 203 -10.44 11.84 53.27
C THR D 203 -10.69 11.27 51.86
N ILE D 204 -9.73 10.56 51.30
CA ILE D 204 -9.90 9.96 49.94
C ILE D 204 -11.03 8.92 50.01
N GLU D 205 -11.01 8.04 51.01
CA GLU D 205 -12.06 6.99 51.16
C GLU D 205 -13.42 7.69 51.25
N PHE D 206 -13.47 8.79 52.00
CA PHE D 206 -14.71 9.56 52.21
C PHE D 206 -15.18 10.17 50.89
N LEU D 207 -14.28 10.83 50.18
CA LEU D 207 -14.57 11.51 48.89
C LEU D 207 -15.08 10.48 47.88
N MET D 208 -14.48 9.29 47.85
CA MET D 208 -14.83 8.25 46.87
C MET D 208 -16.17 7.58 47.26
N ASN D 209 -16.74 7.89 48.42
CA ASN D 209 -18.00 7.27 48.88
C ASN D 209 -19.06 8.35 49.15
N SER D 210 -18.89 9.55 48.60
CA SER D 210 -19.85 10.67 48.76
C SER D 210 -19.81 11.56 47.52
N LYS D 211 -20.79 12.44 47.35
CA LYS D 211 -20.93 13.28 46.13
C LYS D 211 -20.90 14.77 46.47
N ASN D 212 -21.45 15.15 47.62
CA ASN D 212 -21.77 16.57 47.90
C ASN D 212 -20.67 17.17 48.77
N TYR D 213 -19.86 18.05 48.18
CA TYR D 213 -18.74 18.72 48.87
C TYR D 213 -18.96 20.22 48.79
N SER D 214 -18.74 20.91 49.91
CA SER D 214 -18.96 22.37 50.03
C SER D 214 -17.67 23.02 50.53
N ILE D 215 -17.42 24.24 50.06
CA ILE D 215 -16.25 25.06 50.45
C ILE D 215 -16.78 26.39 50.97
N LYS D 216 -16.42 26.74 52.21
CA LYS D 216 -16.86 27.99 52.87
C LYS D 216 -15.61 28.84 53.14
N THR D 217 -15.62 30.10 52.71
CA THR D 217 -14.40 30.95 52.70
C THR D 217 -14.65 32.32 53.34
N ASP D 218 -15.80 32.53 54.00
CA ASP D 218 -16.15 33.86 54.58
C ASP D 218 -15.10 34.28 55.61
N TYR D 219 -14.59 33.34 56.39
CA TYR D 219 -13.55 33.59 57.44
C TYR D 219 -12.48 32.50 57.39
N GLU D 220 -11.33 32.78 58.00
CA GLU D 220 -10.33 31.73 58.34
C GLU D 220 -10.93 30.92 59.49
N TYR D 221 -11.71 29.89 59.16
CA TYR D 221 -12.54 29.11 60.11
C TYR D 221 -11.68 28.21 60.99
N TYR D 222 -10.57 27.72 60.45
CA TYR D 222 -9.63 26.80 61.14
C TYR D 222 -8.22 27.39 61.01
N ILE D 223 -7.56 27.64 62.13
CA ILE D 223 -6.17 28.20 62.14
C ILE D 223 -5.20 27.08 62.56
N VAL D 224 -4.36 26.65 61.64
CA VAL D 224 -3.21 25.75 61.94
C VAL D 224 -2.14 26.56 62.67
N VAL D 225 -1.77 26.17 63.87
CA VAL D 225 -0.74 26.87 64.69
C VAL D 225 0.53 26.01 64.68
N ASN D 226 1.62 26.53 64.10
CA ASN D 226 2.97 25.91 64.15
C ASN D 226 3.70 26.37 65.43
N ASP D 227 4.38 25.46 66.13
CA ASP D 227 5.09 25.74 67.40
C ASP D 227 6.11 24.65 67.65
N SER D 239 10.96 5.15 56.82
CA SER D 239 12.32 5.46 56.32
C SER D 239 12.65 4.58 55.10
N THR D 240 12.23 3.30 55.09
CA THR D 240 12.34 2.39 53.91
C THR D 240 11.21 2.70 52.93
N GLY D 241 10.06 3.19 53.43
CA GLY D 241 8.88 3.51 52.60
C GLY D 241 7.94 2.31 52.45
N ASN D 242 8.21 1.18 53.10
CA ASN D 242 7.31 0.01 52.99
C ASN D 242 5.90 0.39 53.49
N GLN D 243 5.81 1.11 54.60
CA GLN D 243 4.53 1.43 55.26
C GLN D 243 3.86 2.61 54.54
N TYR D 244 4.63 3.64 54.24
CA TYR D 244 4.12 4.85 53.54
C TYR D 244 3.50 4.43 52.19
N PHE D 245 4.20 3.62 51.40
CA PHE D 245 3.74 3.28 50.03
C PHE D 245 2.58 2.27 50.11
N ALA D 246 2.45 1.54 51.21
CA ALA D 246 1.27 0.67 51.47
C ALA D 246 0.02 1.56 51.62
N THR D 247 0.19 2.73 52.25
CA THR D 247 -0.89 3.71 52.43
C THR D 247 -1.22 4.35 51.07
N ILE D 248 -0.19 4.69 50.29
CA ILE D 248 -0.40 5.33 48.96
C ILE D 248 -1.15 4.31 48.08
N ASN D 249 -0.77 3.05 48.18
CA ASN D 249 -1.43 1.96 47.43
C ASN D 249 -2.94 1.94 47.77
N GLU D 250 -3.29 2.12 49.04
CA GLU D 250 -4.70 2.08 49.51
C GLU D 250 -5.48 3.27 48.91
N ILE D 251 -4.82 4.41 48.74
CA ILE D 251 -5.46 5.62 48.15
C ILE D 251 -5.86 5.30 46.70
N TYR D 252 -4.96 4.73 45.93
CA TYR D 252 -5.24 4.37 44.52
C TYR D 252 -6.34 3.31 44.49
N LYS D 253 -6.31 2.33 45.39
CA LYS D 253 -7.35 1.27 45.50
C LYS D 253 -8.71 1.95 45.72
N ALA D 254 -8.77 2.94 46.61
CA ALA D 254 -10.04 3.61 46.98
C ALA D 254 -10.63 4.30 45.73
N ILE D 255 -9.76 4.91 44.92
CA ILE D 255 -10.17 5.65 43.71
C ILE D 255 -10.76 4.66 42.69
N TYR D 256 -10.05 3.56 42.45
CA TYR D 256 -10.41 2.59 41.37
C TYR D 256 -11.56 1.68 41.80
N LYS D 257 -11.98 1.71 43.07
CA LYS D 257 -13.12 0.89 43.57
C LYS D 257 -14.30 1.81 43.93
N SER D 258 -14.22 3.10 43.60
CA SER D 258 -15.23 4.10 44.03
C SER D 258 -16.60 3.73 43.48
N PRO D 259 -17.62 3.58 44.35
CA PRO D 259 -19.00 3.39 43.89
C PRO D 259 -19.67 4.70 43.41
N ILE D 260 -19.05 5.85 43.65
CA ILE D 260 -19.54 7.17 43.18
C ILE D 260 -18.95 7.45 41.80
N TYR D 261 -17.62 7.36 41.67
CA TYR D 261 -16.90 7.59 40.40
C TYR D 261 -16.65 6.24 39.74
N LYS D 262 -17.65 5.72 39.03
CA LYS D 262 -17.68 4.34 38.49
C LYS D 262 -17.04 4.33 37.10
N ASN D 263 -17.10 5.44 36.38
CA ASN D 263 -16.56 5.52 35.00
C ASN D 263 -15.04 5.36 35.08
N GLN D 264 -14.50 4.41 34.32
CA GLN D 264 -13.07 4.04 34.40
C GLN D 264 -12.22 5.24 34.01
N GLU D 265 -12.64 6.03 33.03
CA GLU D 265 -11.85 7.18 32.55
C GLU D 265 -11.83 8.25 33.64
N LYS D 266 -12.91 8.37 34.40
CA LYS D 266 -13.00 9.37 35.50
C LYS D 266 -12.03 8.92 36.61
N ARG D 267 -11.95 7.62 36.87
CA ARG D 267 -10.98 7.05 37.83
C ARG D 267 -9.56 7.36 37.38
N HIS D 268 -9.25 7.21 36.09
CA HIS D 268 -7.91 7.50 35.55
C HIS D 268 -7.57 8.98 35.81
N GLN D 269 -8.55 9.86 35.62
CA GLN D 269 -8.35 11.32 35.80
C GLN D 269 -8.06 11.61 37.27
N LEU D 270 -8.83 10.99 38.17
CA LEU D 270 -8.67 11.20 39.64
C LEU D 270 -7.30 10.66 40.05
N ALA D 271 -6.95 9.46 39.60
CA ALA D 271 -5.67 8.80 39.92
C ALA D 271 -4.53 9.68 39.41
N GLY D 272 -4.66 10.23 38.20
CA GLY D 272 -3.62 11.11 37.63
C GLY D 272 -3.47 12.36 38.46
N LYS D 273 -4.57 12.90 38.96
CA LYS D 273 -4.54 14.14 39.77
C LYS D 273 -3.84 13.81 41.09
N TYR D 274 -4.11 12.64 41.66
CA TYR D 274 -3.48 12.25 42.94
C TYR D 274 -1.97 12.10 42.70
N THR D 275 -1.57 11.47 41.59
CA THR D 275 -0.16 11.28 41.22
C THR D 275 0.53 12.65 41.17
N THR D 276 -0.11 13.63 40.55
CA THR D 276 0.44 15.00 40.46
C THR D 276 0.66 15.53 41.89
N ARG D 277 -0.35 15.40 42.75
CA ARG D 277 -0.25 15.92 44.14
C ARG D 277 0.90 15.20 44.88
N LEU D 278 1.03 13.89 44.67
CA LEU D 278 2.08 13.06 45.30
C LEU D 278 3.46 13.54 44.85
N LEU D 279 3.63 13.86 43.57
CA LEU D 279 4.93 14.33 43.03
C LEU D 279 5.19 15.78 43.47
N ARG D 280 4.15 16.56 43.73
CA ARG D 280 4.31 17.98 44.14
C ARG D 280 4.54 18.08 45.65
N HIS D 281 3.97 17.20 46.46
CA HIS D 281 3.90 17.40 47.93
C HIS D 281 4.17 16.11 48.71
N GLY D 282 4.50 15.00 48.05
CA GLY D 282 4.70 13.72 48.74
C GLY D 282 5.89 13.74 49.69
N GLN D 283 5.93 12.78 50.61
CA GLN D 283 7.04 12.59 51.57
C GLN D 283 8.33 12.34 50.78
N LYS D 284 9.41 13.02 51.14
CA LYS D 284 10.76 12.79 50.55
C LYS D 284 10.68 12.92 49.03
N LYS D 285 10.00 13.95 48.53
CA LYS D 285 9.76 14.09 47.08
C LYS D 285 11.11 14.24 46.35
N ASN D 286 12.13 14.77 47.02
CA ASN D 286 13.46 15.04 46.41
C ASN D 286 14.51 14.07 46.99
N PHE D 287 14.12 12.82 47.25
CA PHE D 287 15.01 11.79 47.82
C PHE D 287 16.18 11.51 46.86
N ALA D 288 15.95 11.57 45.55
CA ALA D 288 16.91 11.05 44.54
C ALA D 288 18.26 11.78 44.63
N ASN D 289 18.26 13.12 44.79
CA ASN D 289 19.51 13.92 44.81
C ASN D 289 19.87 14.27 46.26
N SER D 290 19.25 13.62 47.25
CA SER D 290 19.44 13.91 48.70
C SER D 290 20.70 13.23 49.25
N LYS D 291 20.95 13.40 50.54
CA LYS D 291 22.12 12.82 51.27
C LYS D 291 21.77 11.42 51.80
N MET D 292 20.59 10.91 51.47
CA MET D 292 20.15 9.52 51.75
C MET D 292 21.21 8.53 51.23
N LYS D 293 21.52 7.48 51.99
CA LYS D 293 22.43 6.40 51.53
C LYS D 293 21.84 5.79 50.25
N TYR D 294 22.69 5.47 49.28
CA TYR D 294 22.33 4.82 48.00
C TYR D 294 21.38 3.65 48.24
N GLU D 295 21.70 2.75 49.18
CA GLU D 295 20.91 1.50 49.37
C GLU D 295 19.49 1.87 49.82
N ASP D 296 19.34 2.96 50.59
CA ASP D 296 18.02 3.44 51.08
C ASP D 296 17.25 4.08 49.92
N LYS D 297 17.95 4.80 49.04
CA LYS D 297 17.33 5.39 47.83
C LYS D 297 16.76 4.26 46.97
N ILE D 298 17.51 3.19 46.78
CA ILE D 298 17.08 2.04 45.93
C ILE D 298 15.84 1.40 46.57
N GLU D 299 15.84 1.20 47.89
CA GLU D 299 14.72 0.53 48.58
C GLU D 299 13.48 1.44 48.51
N TRP D 300 13.66 2.74 48.70
CA TRP D 300 12.57 3.75 48.66
C TRP D 300 11.96 3.76 47.25
N LEU D 301 12.81 3.88 46.22
CA LEU D 301 12.34 3.95 44.81
C LEU D 301 11.69 2.61 44.45
N ASN D 302 12.19 1.50 44.97
CA ASN D 302 11.62 0.16 44.67
C ASN D 302 10.17 0.12 45.18
N ASN D 303 9.92 0.62 46.40
CA ASN D 303 8.57 0.65 46.99
C ASN D 303 7.66 1.59 46.18
N PHE D 304 8.20 2.73 45.79
CA PHE D 304 7.46 3.76 45.00
C PHE D 304 7.08 3.15 43.66
N SER D 305 8.05 2.51 43.01
CA SER D 305 7.90 1.89 41.67
C SER D 305 6.83 0.80 41.74
N LYS D 306 6.92 -0.10 42.73
CA LYS D 306 5.98 -1.25 42.89
C LYS D 306 4.55 -0.69 43.02
N THR D 307 4.38 0.37 43.79
CA THR D 307 3.07 0.97 44.09
C THR D 307 2.52 1.63 42.83
N ILE D 308 3.33 2.44 42.16
CA ILE D 308 2.88 3.21 40.96
C ILE D 308 2.60 2.23 39.81
N ASN D 309 3.28 1.08 39.76
CA ASN D 309 3.09 0.13 38.64
C ASN D 309 1.83 -0.69 38.84
N LYS D 310 1.12 -0.56 39.96
CA LYS D 310 -0.23 -1.13 40.14
C LYS D 310 -1.29 -0.11 39.65
N VAL D 311 -0.87 1.11 39.33
CA VAL D 311 -1.79 2.16 38.82
C VAL D 311 -1.78 2.09 37.30
N PRO D 312 -2.96 1.97 36.64
CA PRO D 312 -3.01 1.95 35.18
C PRO D 312 -2.26 3.12 34.54
N ARG D 313 -1.53 2.84 33.46
CA ARG D 313 -0.80 3.85 32.67
C ARG D 313 -1.79 4.81 32.01
N ASP D 314 -3.05 4.42 31.89
CA ASP D 314 -4.13 5.30 31.36
C ASP D 314 -4.25 6.59 32.20
N SER D 315 -3.82 6.56 33.46
CA SER D 315 -3.91 7.73 34.37
C SER D 315 -2.81 8.75 34.02
N ASP D 316 -1.74 8.31 33.37
CA ASP D 316 -0.50 9.12 33.21
C ASP D 316 -0.80 10.37 32.39
N LYS D 317 -1.69 10.29 31.41
CA LYS D 317 -2.00 11.44 30.52
C LYS D 317 -2.70 12.55 31.33
N TYR D 318 -3.24 12.25 32.51
CA TYR D 318 -3.91 13.25 33.37
C TYR D 318 -2.94 13.86 34.37
N VAL D 319 -1.68 13.40 34.38
CA VAL D 319 -0.63 13.98 35.26
C VAL D 319 -0.12 15.25 34.59
N THR D 320 0.09 16.32 35.34
CA THR D 320 0.60 17.61 34.78
C THR D 320 1.93 17.31 34.08
N GLN D 321 2.09 17.79 32.84
CA GLN D 321 3.10 17.24 31.88
C GLN D 321 4.53 17.49 32.35
N ILE D 322 4.82 18.53 33.13
CA ILE D 322 6.19 18.78 33.66
C ILE D 322 6.73 17.54 34.38
N PHE D 323 5.84 16.69 34.91
CA PHE D 323 6.23 15.50 35.72
C PHE D 323 6.31 14.24 34.85
N ASN D 324 6.15 14.37 33.53
CA ASN D 324 6.06 13.19 32.62
C ASN D 324 7.33 12.33 32.78
N LEU D 325 8.50 12.95 32.80
CA LEU D 325 9.80 12.22 32.86
C LEU D 325 9.95 11.58 34.25
N LYS D 326 9.72 12.36 35.32
CA LYS D 326 9.89 11.85 36.70
C LYS D 326 8.98 10.65 36.91
N LEU D 327 7.72 10.74 36.47
CA LEU D 327 6.74 9.64 36.64
C LEU D 327 7.25 8.41 35.90
N GLU D 328 7.70 8.57 34.65
CA GLU D 328 8.15 7.42 33.83
C GLU D 328 9.42 6.85 34.48
N ALA D 329 10.30 7.70 34.99
CA ALA D 329 11.53 7.26 35.70
C ALA D 329 11.14 6.34 36.88
N ILE D 330 10.11 6.73 37.65
CA ILE D 330 9.67 5.93 38.83
C ILE D 330 9.09 4.60 38.33
N ARG D 331 8.30 4.62 37.26
CA ARG D 331 7.70 3.36 36.71
C ARG D 331 8.83 2.42 36.28
N GLN D 332 9.90 2.97 35.71
CA GLN D 332 11.06 2.17 35.21
C GLN D 332 11.98 1.79 36.38
N ASN D 333 11.75 2.32 37.58
CA ASN D 333 12.55 1.99 38.79
C ASN D 333 14.02 2.34 38.52
N ASP D 334 14.27 3.52 37.96
CA ASP D 334 15.59 3.95 37.43
C ASP D 334 16.03 5.19 38.23
N LEU D 335 16.93 4.99 39.20
CA LEU D 335 17.34 6.08 40.13
C LEU D 335 18.01 7.20 39.33
N LEU D 336 18.89 6.88 38.38
CA LEU D 336 19.60 7.91 37.59
C LEU D 336 18.58 8.83 36.91
N ALA D 337 17.52 8.24 36.34
CA ALA D 337 16.50 9.00 35.58
C ALA D 337 15.72 9.90 36.54
N VAL D 338 15.46 9.43 37.77
CA VAL D 338 14.75 10.26 38.78
C VAL D 338 15.66 11.42 39.18
N MET D 339 16.95 11.15 39.39
CA MET D 339 17.94 12.19 39.74
C MET D 339 17.94 13.26 38.64
N ILE D 340 17.99 12.82 37.38
CA ILE D 340 18.01 13.74 36.21
C ILE D 340 16.69 14.51 36.16
N ALA D 341 15.56 13.81 36.30
CA ALA D 341 14.22 14.45 36.25
C ALA D 341 14.18 15.60 37.25
N ASP D 342 14.69 15.38 38.46
CA ASP D 342 14.65 16.39 39.55
C ASP D 342 15.55 17.57 39.19
N LYS D 343 16.69 17.31 38.55
CA LYS D 343 17.61 18.39 38.13
C LYS D 343 16.92 19.26 37.07
N LEU D 344 16.05 18.69 36.24
CA LEU D 344 15.35 19.43 35.15
C LEU D 344 14.10 20.14 35.68
N LEU D 345 13.54 19.71 36.81
CA LEU D 345 12.36 20.37 37.44
C LEU D 345 12.82 21.63 38.18
N MET E 19 -29.63 22.92 -113.21
CA MET E 19 -28.22 23.02 -112.75
C MET E 19 -27.65 21.60 -112.56
N LYS E 20 -26.96 21.38 -111.45
CA LYS E 20 -26.48 20.05 -110.99
C LYS E 20 -26.99 19.77 -109.57
N LYS E 21 -27.15 18.50 -109.24
CA LYS E 21 -27.68 18.09 -107.90
C LYS E 21 -26.58 18.35 -106.86
N VAL E 22 -25.39 17.83 -107.10
CA VAL E 22 -24.28 17.78 -106.09
C VAL E 22 -22.95 18.14 -106.76
N SER E 23 -22.14 18.95 -106.09
CA SER E 23 -20.71 19.15 -106.39
C SER E 23 -19.90 18.51 -105.28
N VAL E 24 -19.12 17.48 -105.57
CA VAL E 24 -18.12 16.93 -104.61
C VAL E 24 -16.84 17.75 -104.77
N ILE E 25 -16.37 18.34 -103.68
CA ILE E 25 -15.16 19.22 -103.67
C ILE E 25 -14.06 18.49 -102.90
N MET E 26 -12.94 18.23 -103.58
CA MET E 26 -11.83 17.41 -103.05
C MET E 26 -10.51 18.15 -103.27
N PRO E 27 -9.90 18.69 -102.19
CA PRO E 27 -8.53 19.20 -102.27
C PRO E 27 -7.53 18.03 -102.30
N THR E 28 -6.47 18.15 -103.10
CA THR E 28 -5.48 17.06 -103.29
C THR E 28 -4.06 17.60 -103.06
N PHE E 29 -3.16 16.72 -102.66
CA PHE E 29 -1.75 17.15 -102.36
C PHE E 29 -0.71 16.07 -102.29
N LEU E 35 -4.98 7.95 -104.37
CA LEU E 35 -6.03 8.87 -104.92
C LEU E 35 -6.97 8.10 -105.84
N HIS E 36 -6.48 7.05 -106.53
CA HIS E 36 -7.30 6.19 -107.43
C HIS E 36 -8.56 5.73 -106.69
N ARG E 37 -8.38 5.15 -105.50
CA ARG E 37 -9.47 4.54 -104.69
C ARG E 37 -10.55 5.60 -104.42
N THR E 38 -10.12 6.81 -104.06
CA THR E 38 -11.02 7.93 -103.70
C THR E 38 -11.79 8.38 -104.94
N ILE E 39 -11.06 8.69 -106.02
CA ILE E 39 -11.68 9.20 -107.28
C ILE E 39 -12.68 8.16 -107.77
N SER E 40 -12.31 6.88 -107.73
CA SER E 40 -13.18 5.76 -108.19
C SER E 40 -14.47 5.75 -107.37
N SER E 41 -14.39 6.02 -106.06
CA SER E 41 -15.57 5.97 -105.16
C SER E 41 -16.57 7.05 -105.58
N VAL E 42 -16.08 8.19 -106.07
CA VAL E 42 -16.93 9.31 -106.56
C VAL E 42 -17.50 8.97 -107.95
N LEU E 43 -16.71 8.33 -108.81
CA LEU E 43 -17.11 7.89 -110.18
C LEU E 43 -18.21 6.81 -110.14
N ASN E 44 -17.93 5.62 -109.61
CA ASN E 44 -18.94 4.52 -109.50
C ASN E 44 -19.97 4.77 -108.38
N GLN E 45 -21.01 5.56 -108.65
CA GLN E 45 -22.01 5.91 -107.63
C GLN E 45 -23.31 6.31 -108.33
N THR E 46 -24.44 5.93 -107.74
CA THR E 46 -25.81 6.16 -108.25
C THR E 46 -26.00 5.69 -109.69
N SER E 49 -24.05 9.36 -112.90
CA SER E 49 -23.31 10.61 -112.56
C SER E 49 -23.61 11.66 -113.67
N THR E 50 -24.86 11.70 -114.10
CA THR E 50 -25.41 12.77 -114.99
C THR E 50 -25.84 13.97 -114.13
N ASP E 51 -25.93 13.81 -112.80
CA ASP E 51 -26.54 14.83 -111.90
C ASP E 51 -25.48 15.43 -110.98
N TYR E 52 -24.25 14.95 -111.04
CA TYR E 52 -23.18 15.39 -110.08
C TYR E 52 -21.82 15.52 -110.77
N GLU E 53 -20.91 16.18 -110.08
CA GLU E 53 -19.56 16.53 -110.59
C GLU E 53 -18.54 16.39 -109.45
N LEU E 54 -17.32 16.01 -109.81
CA LEU E 54 -16.17 15.94 -108.87
C LEU E 54 -15.24 17.10 -109.21
N ILE E 55 -15.09 18.06 -108.31
CA ILE E 55 -14.17 19.20 -108.48
C ILE E 55 -12.91 18.90 -107.68
N ILE E 56 -11.77 18.75 -108.37
CA ILE E 56 -10.47 18.45 -107.73
C ILE E 56 -9.63 19.72 -107.75
N ILE E 57 -9.14 20.15 -106.59
CA ILE E 57 -8.27 21.36 -106.50
C ILE E 57 -6.95 20.92 -105.88
N ASP E 58 -5.90 20.83 -106.69
CA ASP E 58 -4.55 20.45 -106.22
C ASP E 58 -3.89 21.68 -105.60
N ASP E 59 -3.39 21.57 -104.37
CA ASP E 59 -2.72 22.69 -103.65
C ASP E 59 -1.25 22.77 -104.05
N HIS E 60 -0.98 22.77 -105.36
CA HIS E 60 0.36 22.71 -106.01
C HIS E 60 1.13 21.52 -105.46
N SER E 61 0.60 20.30 -105.63
CA SER E 61 1.26 19.04 -105.21
C SER E 61 2.59 18.98 -105.97
N GLU E 66 4.39 13.62 -109.84
CA GLU E 66 3.69 12.34 -110.10
C GLU E 66 2.24 12.42 -109.63
N THR E 67 1.94 13.13 -108.54
CA THR E 67 0.57 13.25 -107.96
C THR E 67 -0.35 13.94 -108.98
N LEU E 68 0.09 15.05 -109.58
CA LEU E 68 -0.73 15.79 -110.57
C LEU E 68 -1.00 14.88 -111.78
N ASN E 69 -0.02 14.06 -112.17
CA ASN E 69 -0.12 13.14 -113.33
C ASN E 69 -1.20 12.09 -113.07
N VAL E 70 -1.31 11.62 -111.82
CA VAL E 70 -2.34 10.60 -111.42
C VAL E 70 -3.71 11.26 -111.49
N ILE E 71 -3.85 12.50 -111.03
CA ILE E 71 -5.12 13.27 -111.08
C ILE E 71 -5.49 13.56 -112.54
N LYS E 72 -4.50 13.76 -113.42
CA LYS E 72 -4.65 14.00 -114.87
C LYS E 72 -5.24 12.75 -115.57
N LYS E 73 -5.21 11.57 -114.98
CA LYS E 73 -5.48 10.29 -115.69
C LYS E 73 -6.97 10.18 -116.05
N TYR E 74 -7.84 10.98 -115.45
CA TYR E 74 -9.32 10.96 -115.69
C TYR E 74 -9.78 12.28 -116.33
N LYS E 75 -8.89 12.95 -117.07
CA LYS E 75 -9.17 14.26 -117.71
C LYS E 75 -10.44 14.13 -118.55
N GLY E 76 -11.36 15.07 -118.37
CA GLY E 76 -12.65 15.10 -119.07
C GLY E 76 -13.74 14.36 -118.31
N LEU E 77 -13.41 13.74 -117.15
CA LEU E 77 -14.46 13.07 -116.33
C LEU E 77 -14.78 13.86 -115.05
N VAL E 78 -13.94 14.82 -114.70
CA VAL E 78 -14.06 15.67 -113.48
C VAL E 78 -13.48 17.05 -113.81
N ARG E 79 -13.86 18.07 -113.04
CA ARG E 79 -13.31 19.42 -113.23
C ARG E 79 -12.08 19.56 -112.33
N PHE E 80 -11.01 20.15 -112.83
CA PHE E 80 -9.70 20.16 -112.13
C PHE E 80 -9.08 21.54 -112.23
N LYS E 81 -8.50 22.00 -111.13
CA LYS E 81 -7.81 23.31 -111.05
C LYS E 81 -6.56 23.12 -110.20
N GLN E 82 -5.43 23.65 -110.65
CA GLN E 82 -4.15 23.59 -109.93
C GLN E 82 -3.85 24.99 -109.39
N LEU E 83 -3.70 25.12 -108.07
CA LEU E 83 -3.29 26.39 -107.44
C LEU E 83 -1.81 26.65 -107.79
N LYS E 84 -1.45 27.91 -108.00
CA LYS E 84 -0.06 28.34 -108.35
C LYS E 84 0.88 28.11 -107.16
N LYS E 85 0.40 28.26 -105.92
CA LYS E 85 1.22 28.16 -104.68
C LYS E 85 0.51 27.30 -103.63
N ASN E 86 1.26 26.52 -102.85
CA ASN E 86 0.69 25.71 -101.74
C ASN E 86 0.18 26.66 -100.66
N SER E 87 -1.14 26.69 -100.42
CA SER E 87 -1.79 27.54 -99.40
C SER E 87 -1.44 27.07 -97.99
N GLY E 88 -1.15 25.77 -97.81
CA GLY E 88 -0.73 25.20 -96.52
C GLY E 88 -1.87 24.49 -95.80
N ASN E 89 -3.12 24.88 -96.04
CA ASN E 89 -4.31 24.22 -95.43
C ASN E 89 -5.39 24.04 -96.50
N ALA E 90 -6.47 23.35 -96.15
CA ALA E 90 -7.55 22.93 -97.06
C ALA E 90 -8.51 24.09 -97.35
N SER E 91 -8.38 25.20 -96.61
CA SER E 91 -9.33 26.34 -96.68
C SER E 91 -9.33 26.93 -98.10
N VAL E 92 -8.17 27.29 -98.64
CA VAL E 92 -8.11 27.98 -99.97
C VAL E 92 -8.64 27.03 -101.04
N PRO E 93 -8.16 25.77 -101.14
CA PRO E 93 -8.72 24.83 -102.11
C PRO E 93 -10.24 24.64 -102.01
N ARG E 94 -10.76 24.52 -100.79
CA ARG E 94 -12.22 24.33 -100.59
C ARG E 94 -12.98 25.57 -101.05
N ASN E 95 -12.44 26.76 -100.78
CA ASN E 95 -13.08 28.04 -101.20
C ASN E 95 -13.07 28.10 -102.73
N THR E 96 -11.99 27.65 -103.38
CA THR E 96 -11.84 27.60 -104.85
C THR E 96 -12.95 26.69 -105.41
N GLY E 97 -13.12 25.51 -104.81
CA GLY E 97 -14.20 24.56 -105.17
C GLY E 97 -15.59 25.19 -105.05
N LEU E 98 -15.83 25.93 -103.97
CA LEU E 98 -17.14 26.60 -103.74
C LEU E 98 -17.42 27.60 -104.86
N LYS E 99 -16.43 28.42 -105.25
CA LYS E 99 -16.57 29.41 -106.35
C LYS E 99 -16.92 28.67 -107.65
N MET E 100 -16.35 27.47 -107.85
CA MET E 100 -16.49 26.70 -109.12
C MET E 100 -17.84 25.98 -109.17
N SER E 101 -18.50 25.73 -108.03
CA SER E 101 -19.76 24.95 -107.98
C SER E 101 -20.97 25.86 -108.15
N LYS E 102 -21.93 25.46 -108.98
CA LYS E 102 -23.26 26.10 -109.13
C LYS E 102 -24.34 25.05 -108.86
N ALA E 103 -24.01 24.01 -108.13
CA ALA E 103 -24.91 22.87 -107.82
C ALA E 103 -25.87 23.26 -106.69
N GLU E 104 -26.85 22.41 -106.43
CA GLU E 104 -27.88 22.61 -105.37
C GLU E 104 -27.22 22.34 -104.03
N TYR E 105 -26.40 21.29 -103.97
CA TYR E 105 -25.66 20.88 -102.75
C TYR E 105 -24.18 20.68 -103.07
N VAL E 106 -23.34 20.93 -102.07
CA VAL E 106 -21.89 20.60 -102.14
C VAL E 106 -21.58 19.54 -101.08
N PHE E 107 -20.60 18.70 -101.36
CA PHE E 107 -20.13 17.65 -100.44
C PHE E 107 -18.62 17.69 -100.43
N PHE E 108 -18.02 17.98 -99.28
CA PHE E 108 -16.55 18.04 -99.14
C PHE E 108 -16.02 16.64 -98.84
N LEU E 109 -15.00 16.23 -99.58
CA LEU E 109 -14.37 14.89 -99.47
C LEU E 109 -12.87 15.06 -99.28
N ASP E 110 -12.28 14.43 -98.26
CA ASP E 110 -10.82 14.43 -98.05
C ASP E 110 -10.19 13.42 -99.01
N SER E 111 -8.99 13.72 -99.49
CA SER E 111 -8.30 13.01 -100.60
C SER E 111 -8.05 11.53 -100.28
N ASP E 112 -8.01 11.12 -99.01
CA ASP E 112 -7.67 9.70 -98.70
C ASP E 112 -8.92 8.90 -98.32
N ASP E 113 -10.12 9.47 -98.48
CA ASP E 113 -11.38 8.88 -97.95
C ASP E 113 -12.17 8.26 -99.10
N LEU E 114 -13.23 7.52 -98.78
CA LEU E 114 -14.08 6.79 -99.77
C LEU E 114 -15.55 7.16 -99.56
N LEU E 115 -16.30 7.31 -100.64
CA LEU E 115 -17.77 7.43 -100.61
C LEU E 115 -18.37 6.05 -100.88
N HIS E 116 -19.39 5.66 -100.10
CA HIS E 116 -20.29 4.53 -100.42
C HIS E 116 -20.95 4.80 -101.79
N GLU E 117 -21.25 3.76 -102.55
CA GLU E 117 -21.79 3.93 -103.92
C GLU E 117 -23.27 4.29 -103.84
N ARG E 118 -23.87 4.55 -102.70
CA ARG E 118 -25.23 5.17 -102.67
C ARG E 118 -25.22 6.43 -101.82
N ALA E 119 -24.07 7.08 -101.66
CA ALA E 119 -23.91 8.26 -100.76
C ALA E 119 -24.62 9.46 -101.37
N LEU E 120 -24.26 9.89 -102.57
CA LEU E 120 -24.79 11.12 -103.18
C LEU E 120 -26.31 10.98 -103.38
N GLU E 121 -26.75 9.86 -103.95
CA GLU E 121 -28.18 9.62 -104.27
C GLU E 121 -29.00 9.64 -102.97
N ASP E 122 -28.66 8.78 -102.01
CA ASP E 122 -29.40 8.57 -100.74
C ASP E 122 -29.47 9.89 -99.95
N LEU E 123 -28.33 10.58 -99.79
CA LEU E 123 -28.26 11.81 -98.97
C LEU E 123 -29.05 12.91 -99.68
N TYR E 124 -28.87 13.07 -101.00
CA TYR E 124 -29.60 14.11 -101.77
C TYR E 124 -31.11 13.86 -101.66
N ASN E 125 -31.54 12.61 -101.92
CA ASN E 125 -32.98 12.26 -101.91
C ASN E 125 -33.56 12.57 -100.53
N TYR E 126 -32.86 12.18 -99.46
CA TYR E 126 -33.33 12.38 -98.07
C TYR E 126 -33.43 13.89 -97.81
N GLY E 127 -32.44 14.65 -98.29
CA GLY E 127 -32.40 16.11 -98.13
C GLY E 127 -33.56 16.78 -98.86
N LYS E 128 -33.81 16.36 -100.09
CA LYS E 128 -34.87 16.94 -100.96
C LYS E 128 -36.24 16.63 -100.34
N GLU E 129 -36.43 15.40 -99.90
CA GLU E 129 -37.72 14.99 -99.31
C GLU E 129 -37.96 15.71 -97.99
N ASN E 130 -36.91 16.34 -97.43
CA ASN E 130 -37.10 17.03 -96.12
C ASN E 130 -36.67 18.51 -96.20
N ASN E 131 -36.34 19.00 -97.40
CA ASN E 131 -35.89 20.40 -97.58
C ASN E 131 -34.77 20.66 -96.56
N SER E 132 -33.81 19.74 -96.52
CA SER E 132 -32.69 19.76 -95.55
C SER E 132 -31.57 20.66 -96.07
N ASP E 133 -31.18 21.64 -95.26
CA ASP E 133 -30.03 22.48 -95.65
C ASP E 133 -28.73 21.77 -95.34
N LEU E 134 -28.79 20.75 -94.51
CA LEU E 134 -27.60 19.92 -94.15
C LEU E 134 -28.03 18.47 -94.05
N ILE E 135 -27.27 17.57 -94.68
CA ILE E 135 -27.50 16.12 -94.54
C ILE E 135 -26.18 15.49 -94.09
N ILE E 136 -26.26 14.69 -93.03
CA ILE E 136 -25.07 14.04 -92.43
C ILE E 136 -25.23 12.53 -92.59
N GLY E 137 -24.34 11.92 -93.37
CA GLY E 137 -24.30 10.46 -93.57
C GLY E 137 -23.42 9.81 -92.53
N LYS E 138 -23.82 8.62 -92.05
CA LYS E 138 -23.05 7.85 -91.04
C LYS E 138 -21.62 7.64 -91.56
N TYR E 139 -20.63 7.89 -90.69
CA TYR E 139 -19.19 7.72 -90.99
C TYR E 139 -18.74 6.32 -90.59
N GLY E 140 -17.93 5.69 -91.45
CA GLY E 140 -17.11 4.52 -91.10
C GLY E 140 -15.65 4.91 -91.02
N VAL E 141 -14.81 4.02 -90.52
CA VAL E 141 -13.35 4.29 -90.37
C VAL E 141 -12.57 3.04 -90.77
N GLU E 142 -11.42 3.26 -91.43
CA GLU E 142 -10.54 2.17 -91.95
C GLU E 142 -9.18 2.13 -91.25
N GLY E 143 -8.46 3.24 -90.94
CA GLY E 143 -7.09 3.19 -90.40
C GLY E 143 -7.09 3.13 -88.87
N LYS E 144 -5.97 3.50 -88.25
CA LYS E 144 -5.90 3.95 -86.82
C LYS E 144 -4.71 4.91 -86.70
N VAL E 148 -14.19 8.86 -85.47
CA VAL E 148 -15.39 9.47 -86.12
C VAL E 148 -16.53 9.54 -85.09
N PRO E 149 -17.45 10.52 -85.24
CA PRO E 149 -18.59 10.63 -84.34
C PRO E 149 -19.48 9.38 -84.41
N LYS E 150 -20.14 9.06 -83.29
CA LYS E 150 -20.99 7.85 -83.14
C LYS E 150 -22.36 8.25 -82.58
N ALA E 151 -22.42 9.11 -81.57
CA ALA E 151 -23.65 9.46 -80.83
C ALA E 151 -24.70 10.03 -81.79
N ILE E 152 -24.28 10.89 -82.72
CA ILE E 152 -25.19 11.54 -83.72
C ILE E 152 -25.96 10.47 -84.52
N PHE E 153 -25.44 9.26 -84.70
CA PHE E 153 -26.04 8.22 -85.57
C PHE E 153 -26.78 7.16 -84.76
N GLU E 154 -26.89 7.32 -83.44
CA GLU E 154 -27.40 6.26 -82.55
C GLU E 154 -28.95 6.25 -82.53
N LYS E 155 -29.61 7.23 -83.16
CA LYS E 155 -31.09 7.30 -83.15
C LYS E 155 -31.64 6.94 -84.54
N GLY E 156 -30.80 6.37 -85.40
CA GLY E 156 -31.15 6.08 -86.80
C GLY E 156 -31.41 7.34 -87.60
N ASN E 157 -32.20 7.22 -88.68
CA ASN E 157 -32.50 8.35 -89.59
C ASN E 157 -33.32 9.42 -88.86
N VAL E 158 -32.92 10.69 -89.03
CA VAL E 158 -33.63 11.85 -88.41
C VAL E 158 -33.83 12.90 -89.52
N ALA E 159 -35.09 13.27 -89.79
CA ALA E 159 -35.40 14.24 -90.86
C ALA E 159 -35.17 15.68 -90.37
N LYS E 160 -35.54 15.97 -89.12
CA LYS E 160 -35.41 17.34 -88.57
C LYS E 160 -34.63 17.22 -87.24
N ALA E 161 -33.30 17.25 -87.33
CA ALA E 161 -32.42 17.01 -86.17
C ALA E 161 -32.27 18.29 -85.35
N ASP E 162 -31.84 18.14 -84.11
CA ASP E 162 -31.64 19.24 -83.14
C ASP E 162 -30.16 19.22 -82.73
N ILE E 163 -29.53 20.38 -82.73
CA ILE E 163 -28.07 20.47 -82.44
C ILE E 163 -27.77 19.72 -81.15
N ILE E 164 -28.53 20.00 -80.08
CA ILE E 164 -28.21 19.46 -78.73
C ILE E 164 -28.68 18.01 -78.63
N ASP E 165 -29.92 17.71 -78.99
CA ASP E 165 -30.50 16.36 -78.80
C ASP E 165 -29.81 15.33 -79.72
N ASN E 166 -29.21 15.76 -80.83
CA ASN E 166 -28.62 14.81 -81.83
C ASN E 166 -27.10 14.98 -81.88
N SER E 167 -26.51 15.63 -80.88
CA SER E 167 -25.04 15.64 -80.66
C SER E 167 -24.32 16.20 -81.89
N ILE E 168 -24.86 17.23 -82.53
CA ILE E 168 -24.31 17.77 -83.80
C ILE E 168 -23.00 18.52 -83.50
N PHE E 169 -22.84 19.10 -82.31
CA PHE E 169 -21.59 19.81 -81.93
C PHE E 169 -20.44 18.79 -81.73
N TYR E 170 -20.74 17.49 -81.76
CA TYR E 170 -19.71 16.42 -81.71
C TYR E 170 -19.42 15.87 -83.10
N ALA E 171 -19.96 16.48 -84.16
CA ALA E 171 -19.73 16.05 -85.56
C ALA E 171 -19.63 17.29 -86.44
N LEU E 172 -18.59 18.11 -86.24
CA LEU E 172 -18.49 19.44 -86.88
C LEU E 172 -17.56 19.39 -88.09
N SER E 173 -17.18 18.21 -88.58
CA SER E 173 -16.41 18.11 -89.85
C SER E 173 -17.27 18.65 -91.00
N VAL E 174 -16.66 19.04 -92.12
CA VAL E 174 -17.43 19.49 -93.31
C VAL E 174 -17.65 18.30 -94.27
N LEU E 175 -17.49 17.07 -93.78
CA LEU E 175 -17.66 15.85 -94.61
C LEU E 175 -19.16 15.52 -94.63
N LYS E 176 -19.92 16.42 -95.23
CA LYS E 176 -21.39 16.47 -95.15
C LYS E 176 -21.93 17.10 -96.44
N MET E 177 -23.23 17.00 -96.66
CA MET E 177 -23.91 17.62 -97.81
C MET E 177 -24.55 18.94 -97.34
N PHE E 178 -24.03 20.06 -97.85
CA PHE E 178 -24.51 21.43 -97.51
C PHE E 178 -25.29 22.03 -98.69
N LYS E 179 -26.44 22.65 -98.41
CA LYS E 179 -27.22 23.39 -99.42
C LYS E 179 -26.45 24.65 -99.81
N LYS E 180 -26.18 24.83 -101.10
CA LYS E 180 -25.37 25.96 -101.68
C LYS E 180 -26.24 27.20 -101.94
N SER E 181 -27.37 27.34 -101.29
CA SER E 181 -28.13 28.62 -101.11
C SER E 181 -27.72 29.22 -99.76
N VAL E 182 -27.59 28.40 -98.71
CA VAL E 182 -27.26 28.92 -97.36
C VAL E 182 -25.84 29.48 -97.37
N ILE E 183 -24.91 28.77 -98.01
CA ILE E 183 -23.47 29.15 -98.13
C ILE E 183 -23.40 30.45 -98.96
N ASP E 184 -24.14 30.51 -100.08
CA ASP E 184 -24.11 31.67 -101.01
C ASP E 184 -24.75 32.89 -100.36
N LYS E 185 -25.95 32.78 -99.82
CA LYS E 185 -26.72 33.93 -99.26
C LYS E 185 -25.93 34.54 -98.09
N ASN E 186 -25.26 33.72 -97.29
CA ASN E 186 -24.56 34.19 -96.06
C ASN E 186 -23.06 34.35 -96.34
N LYS E 187 -22.61 34.10 -97.58
CA LYS E 187 -21.20 34.26 -98.00
C LYS E 187 -20.29 33.53 -96.99
N ILE E 188 -20.58 32.25 -96.74
CA ILE E 188 -19.81 31.41 -95.79
C ILE E 188 -18.59 30.87 -96.54
N LYS E 189 -17.41 31.22 -96.04
CA LYS E 189 -16.09 30.81 -96.61
C LYS E 189 -15.27 30.17 -95.49
N PHE E 190 -14.40 29.24 -95.84
CA PHE E 190 -13.38 28.71 -94.89
C PHE E 190 -12.40 29.85 -94.59
N LYS E 191 -12.06 30.06 -93.31
CA LYS E 191 -11.06 31.09 -92.91
C LYS E 191 -9.68 30.43 -92.87
N THR E 192 -8.62 31.23 -92.95
CA THR E 192 -7.22 30.75 -93.06
C THR E 192 -6.37 31.31 -91.92
N PHE E 193 -6.96 31.94 -90.88
CA PHE E 193 -6.19 32.52 -89.75
C PHE E 193 -5.68 31.40 -88.84
N SER E 194 -6.11 30.14 -88.95
CA SER E 194 -5.60 29.01 -88.12
C SER E 194 -5.45 27.75 -88.99
N LYS E 195 -4.58 26.83 -88.58
CA LYS E 195 -4.30 25.56 -89.32
C LYS E 195 -5.30 24.50 -88.86
N THR E 196 -6.00 24.77 -87.74
CA THR E 196 -6.87 23.76 -87.06
C THR E 196 -8.25 24.38 -86.80
N ALA E 197 -9.32 23.58 -86.77
CA ALA E 197 -10.69 23.97 -86.34
C ALA E 197 -11.38 24.90 -87.35
N GLU E 198 -10.84 25.04 -88.57
CA GLU E 198 -11.42 25.91 -89.61
C GLU E 198 -12.68 25.25 -90.17
N ASP E 199 -12.68 23.92 -90.22
CA ASP E 199 -13.85 23.11 -90.65
C ASP E 199 -14.97 23.26 -89.61
N GLN E 200 -14.63 23.23 -88.31
CA GLN E 200 -15.61 23.41 -87.21
C GLN E 200 -16.30 24.77 -87.39
N LEU E 201 -15.52 25.82 -87.59
CA LEU E 201 -16.04 27.20 -87.73
C LEU E 201 -17.02 27.26 -88.89
N PHE E 202 -16.66 26.61 -90.01
CA PHE E 202 -17.50 26.62 -91.23
C PHE E 202 -18.85 25.95 -90.90
N THR E 203 -18.82 24.75 -90.33
CA THR E 203 -20.05 24.00 -89.99
C THR E 203 -20.87 24.79 -88.96
N ILE E 204 -20.22 25.41 -87.99
CA ILE E 204 -20.94 26.21 -86.95
C ILE E 204 -21.61 27.39 -87.65
N GLU E 205 -20.89 28.12 -88.52
CA GLU E 205 -21.46 29.29 -89.22
C GLU E 205 -22.69 28.82 -90.02
N PHE E 206 -22.58 27.65 -90.64
CA PHE E 206 -23.68 27.07 -91.47
C PHE E 206 -24.87 26.75 -90.57
N LEU E 207 -24.63 26.04 -89.47
CA LEU E 207 -25.68 25.61 -88.50
C LEU E 207 -26.41 26.84 -87.96
N MET E 208 -25.66 27.90 -87.64
CA MET E 208 -26.24 29.13 -87.03
C MET E 208 -27.01 29.94 -88.09
N ASN E 209 -26.94 29.56 -89.37
CA ASN E 209 -27.64 30.32 -90.45
C ASN E 209 -28.63 29.41 -91.19
N SER E 210 -29.01 28.27 -90.61
CA SER E 210 -29.96 27.32 -91.23
C SER E 210 -30.75 26.60 -90.13
N LYS E 211 -31.85 25.93 -90.48
CA LYS E 211 -32.76 25.28 -89.51
C LYS E 211 -32.86 23.77 -89.76
N ASN E 212 -32.80 23.33 -91.01
CA ASN E 212 -33.21 21.95 -91.39
C ASN E 212 -31.95 21.07 -91.52
N TYR E 213 -31.76 20.18 -90.56
CA TYR E 213 -30.62 19.23 -90.53
C TYR E 213 -31.16 17.81 -90.54
N SER E 214 -30.56 16.95 -91.35
CA SER E 214 -31.00 15.55 -91.53
C SER E 214 -29.82 14.63 -91.28
N ILE E 215 -30.11 13.46 -90.70
CA ILE E 215 -29.10 12.41 -90.39
C ILE E 215 -29.54 11.12 -91.06
N LYS E 216 -28.66 10.54 -91.89
CA LYS E 216 -28.94 9.31 -92.66
C LYS E 216 -27.96 8.23 -92.21
N THR E 217 -28.44 7.05 -91.82
CA THR E 217 -27.62 6.01 -91.15
C THR E 217 -27.78 4.64 -91.81
N ASP E 218 -28.40 4.55 -93.00
CA ASP E 218 -28.69 3.25 -93.66
C ASP E 218 -27.37 2.50 -93.93
N TYR E 219 -26.33 3.24 -94.33
CA TYR E 219 -24.99 2.68 -94.64
C TYR E 219 -23.91 3.58 -94.05
N GLU E 220 -22.68 3.03 -93.94
CA GLU E 220 -21.46 3.85 -93.73
C GLU E 220 -21.20 4.60 -95.04
N TYR E 221 -21.80 5.78 -95.19
CA TYR E 221 -21.85 6.55 -96.45
C TYR E 221 -20.48 7.17 -96.76
N TYR E 222 -19.72 7.53 -95.72
CA TYR E 222 -18.39 8.17 -95.86
C TYR E 222 -17.41 7.39 -94.99
N ILE E 223 -16.36 6.83 -95.58
CA ILE E 223 -15.34 6.04 -94.84
C ILE E 223 -14.06 6.86 -94.73
N VAL E 224 -13.73 7.30 -93.52
CA VAL E 224 -12.46 8.02 -93.22
C VAL E 224 -11.34 6.97 -93.21
N VAL E 225 -10.32 7.13 -94.05
CA VAL E 225 -9.12 6.24 -94.04
C VAL E 225 -7.96 6.99 -93.37
N ASN E 226 -7.48 6.50 -92.23
CA ASN E 226 -6.53 7.24 -91.35
C ASN E 226 -5.12 6.75 -91.68
N THR E 240 1.39 27.93 -79.46
CA THR E 240 1.14 29.06 -78.51
C THR E 240 -0.37 29.30 -78.36
N GLY E 241 -1.17 28.99 -79.38
CA GLY E 241 -2.64 28.99 -79.29
C GLY E 241 -3.24 30.34 -79.70
N ASN E 242 -2.43 31.31 -80.14
CA ASN E 242 -2.97 32.62 -80.57
C ASN E 242 -3.97 32.41 -81.74
N GLN E 243 -3.62 31.55 -82.69
CA GLN E 243 -4.42 31.37 -83.94
C GLN E 243 -5.60 30.44 -83.64
N TYR E 244 -5.34 29.34 -82.93
CA TYR E 244 -6.38 28.35 -82.56
C TYR E 244 -7.51 29.03 -81.79
N PHE E 245 -7.17 29.81 -80.76
CA PHE E 245 -8.19 30.41 -79.85
C PHE E 245 -8.88 31.58 -80.57
N ALA E 246 -8.26 32.17 -81.60
CA ALA E 246 -8.92 33.17 -82.46
C ALA E 246 -10.06 32.50 -83.22
N THR E 247 -9.85 31.26 -83.65
CA THR E 247 -10.86 30.45 -84.36
C THR E 247 -11.97 30.05 -83.37
N ILE E 248 -11.60 29.65 -82.15
CA ILE E 248 -12.59 29.25 -81.12
C ILE E 248 -13.45 30.48 -80.80
N ASN E 249 -12.81 31.64 -80.70
CA ASN E 249 -13.52 32.91 -80.44
C ASN E 249 -14.59 33.14 -81.54
N GLU E 250 -14.26 32.85 -82.80
CA GLU E 250 -15.17 33.07 -83.95
C GLU E 250 -16.38 32.12 -83.84
N ILE E 251 -16.17 30.92 -83.30
CA ILE E 251 -17.27 29.93 -83.14
C ILE E 251 -18.28 30.50 -82.13
N TYR E 252 -17.80 31.00 -81.00
CA TYR E 252 -18.69 31.60 -79.96
C TYR E 252 -19.40 32.82 -80.57
N LYS E 253 -18.68 33.65 -81.32
CA LYS E 253 -19.26 34.84 -81.99
C LYS E 253 -20.40 34.39 -82.91
N ALA E 254 -20.21 33.31 -83.66
CA ALA E 254 -21.21 32.83 -84.64
C ALA E 254 -22.49 32.42 -83.90
N ILE E 255 -22.34 31.79 -82.74
CA ILE E 255 -23.48 31.31 -81.92
C ILE E 255 -24.26 32.53 -81.40
N TYR E 256 -23.57 33.51 -80.84
CA TYR E 256 -24.20 34.67 -80.15
C TYR E 256 -24.71 35.69 -81.17
N LYS E 257 -24.42 35.54 -82.47
CA LYS E 257 -24.91 36.46 -83.53
C LYS E 257 -25.90 35.72 -84.44
N SER E 258 -26.29 34.50 -84.09
CA SER E 258 -27.12 33.63 -84.96
C SER E 258 -28.46 34.31 -85.23
N PRO E 259 -28.84 34.50 -86.51
CA PRO E 259 -30.18 34.97 -86.85
C PRO E 259 -31.26 33.88 -86.76
N ILE E 260 -30.87 32.61 -86.61
CA ILE E 260 -31.82 31.47 -86.43
C ILE E 260 -32.09 31.29 -84.94
N TYR E 261 -31.04 31.18 -84.12
CA TYR E 261 -31.14 31.01 -82.65
C TYR E 261 -30.97 32.39 -82.02
N LYS E 262 -32.07 33.17 -81.98
CA LYS E 262 -32.06 34.59 -81.56
C LYS E 262 -32.25 34.70 -80.04
N ASN E 263 -32.89 33.71 -79.44
CA ASN E 263 -33.19 33.74 -77.98
C ASN E 263 -31.85 33.67 -77.23
N GLN E 264 -31.60 34.63 -76.33
CA GLN E 264 -30.30 34.75 -75.63
C GLN E 264 -30.05 33.50 -74.79
N GLU E 265 -31.09 32.94 -74.16
CA GLU E 265 -30.92 31.75 -73.29
C GLU E 265 -30.57 30.56 -74.16
N LYS E 266 -31.09 30.50 -75.38
CA LYS E 266 -30.81 29.39 -76.32
C LYS E 266 -29.34 29.49 -76.75
N ARG E 267 -28.86 30.71 -76.96
CA ARG E 267 -27.44 30.98 -77.28
C ARG E 267 -26.56 30.50 -76.12
N HIS E 268 -26.94 30.79 -74.88
CA HIS E 268 -26.17 30.36 -73.69
C HIS E 268 -26.08 28.83 -73.68
N GLN E 269 -27.17 28.15 -74.01
CA GLN E 269 -27.24 26.68 -74.00
C GLN E 269 -26.30 26.13 -75.08
N LEU E 270 -26.34 26.71 -76.28
CA LEU E 270 -25.50 26.28 -77.42
C LEU E 270 -24.04 26.53 -77.06
N ALA E 271 -23.72 27.70 -76.54
CA ALA E 271 -22.35 28.09 -76.14
C ALA E 271 -21.85 27.12 -75.06
N GLY E 272 -22.70 26.78 -74.09
CA GLY E 272 -22.33 25.85 -73.02
C GLY E 272 -22.05 24.46 -73.59
N LYS E 273 -22.82 24.06 -74.58
CA LYS E 273 -22.66 22.72 -75.21
C LYS E 273 -21.33 22.73 -75.96
N TYR E 274 -20.99 23.83 -76.64
CA TYR E 274 -19.73 23.92 -77.38
C TYR E 274 -18.56 23.87 -76.39
N THR E 275 -18.68 24.56 -75.26
CA THR E 275 -17.65 24.58 -74.19
C THR E 275 -17.40 23.14 -73.73
N THR E 276 -18.47 22.37 -73.52
CA THR E 276 -18.36 20.95 -73.12
C THR E 276 -17.56 20.20 -74.19
N ARG E 277 -17.91 20.37 -75.46
CA ARG E 277 -17.24 19.66 -76.58
C ARG E 277 -15.75 20.06 -76.62
N LEU E 278 -15.47 21.34 -76.40
CA LEU E 278 -14.09 21.88 -76.41
C LEU E 278 -13.27 21.23 -75.28
N LEU E 279 -13.85 21.07 -74.09
CA LEU E 279 -13.16 20.47 -72.93
C LEU E 279 -13.04 18.95 -73.11
N ARG E 280 -13.95 18.34 -73.86
CA ARG E 280 -13.94 16.87 -74.08
C ARG E 280 -12.99 16.51 -75.23
N HIS E 281 -12.84 17.34 -76.24
CA HIS E 281 -12.19 16.94 -77.52
C HIS E 281 -11.28 18.03 -78.08
N GLY E 282 -11.11 19.17 -77.40
CA GLY E 282 -10.29 20.28 -77.93
C GLY E 282 -8.83 19.92 -78.09
N GLN E 283 -8.12 20.70 -78.89
CA GLN E 283 -6.66 20.56 -79.11
C GLN E 283 -5.95 20.73 -77.76
N LYS E 284 -5.00 19.83 -77.46
CA LYS E 284 -4.14 19.91 -76.24
C LYS E 284 -5.02 20.03 -75.00
N LYS E 285 -6.08 19.24 -74.90
CA LYS E 285 -7.05 19.37 -73.78
C LYS E 285 -6.33 19.10 -72.46
N ASN E 286 -5.26 18.30 -72.47
CA ASN E 286 -4.53 17.90 -71.23
C ASN E 286 -3.15 18.58 -71.18
N PHE E 287 -3.05 19.82 -71.67
CA PHE E 287 -1.80 20.60 -71.71
C PHE E 287 -1.25 20.82 -70.29
N ALA E 288 -2.12 20.99 -69.29
CA ALA E 288 -1.72 21.48 -67.96
C ALA E 288 -0.72 20.52 -67.30
N ASN E 289 -0.93 19.20 -67.38
CA ASN E 289 -0.04 18.20 -66.72
C ASN E 289 0.93 17.60 -67.74
N SER E 290 1.05 18.19 -68.93
CA SER E 290 1.87 17.67 -70.06
C SER E 290 3.35 18.04 -69.90
N LYS E 291 4.19 17.65 -70.86
CA LYS E 291 5.66 17.91 -70.84
C LYS E 291 5.94 19.25 -71.53
N MET E 292 4.92 20.00 -71.91
CA MET E 292 5.00 21.39 -72.44
C MET E 292 5.83 22.25 -71.47
N LYS E 293 6.71 23.10 -72.00
CA LYS E 293 7.47 24.09 -71.18
C LYS E 293 6.46 24.97 -70.42
N TYR E 294 6.76 25.27 -69.17
CA TYR E 294 5.94 26.14 -68.28
C TYR E 294 5.51 27.41 -69.02
N GLU E 295 6.44 28.11 -69.67
CA GLU E 295 6.15 29.43 -70.30
C GLU E 295 5.11 29.23 -71.42
N ASP E 296 5.14 28.09 -72.11
CA ASP E 296 4.19 27.77 -73.21
C ASP E 296 2.82 27.43 -72.59
N LYS E 297 2.81 26.73 -71.46
CA LYS E 297 1.55 26.43 -70.73
C LYS E 297 0.87 27.74 -70.35
N ILE E 298 1.63 28.70 -69.83
CA ILE E 298 1.09 30.01 -69.37
C ILE E 298 0.51 30.74 -70.59
N GLU E 299 1.23 30.76 -71.71
CA GLU E 299 0.79 31.49 -72.93
C GLU E 299 -0.49 30.81 -73.47
N TRP E 300 -0.51 29.48 -73.49
CA TRP E 300 -1.66 28.69 -73.99
C TRP E 300 -2.89 28.96 -73.11
N LEU E 301 -2.72 28.87 -71.79
CA LEU E 301 -3.84 29.09 -70.83
C LEU E 301 -4.29 30.55 -70.92
N ASN E 302 -3.37 31.48 -71.14
CA ASN E 302 -3.70 32.92 -71.25
C ASN E 302 -4.65 33.12 -72.44
N ASN E 303 -4.34 32.50 -73.58
CA ASN E 303 -5.17 32.62 -74.81
C ASN E 303 -6.54 31.97 -74.56
N PHE E 304 -6.53 30.81 -73.90
CA PHE E 304 -7.76 30.04 -73.59
C PHE E 304 -8.65 30.90 -72.68
N SER E 305 -8.03 31.45 -71.63
CA SER E 305 -8.70 32.28 -70.61
C SER E 305 -9.32 33.52 -71.27
N LYS E 306 -8.54 34.23 -72.08
CA LYS E 306 -8.99 35.48 -72.77
C LYS E 306 -10.23 35.16 -73.61
N THR E 307 -10.21 34.03 -74.31
CA THR E 307 -11.28 33.62 -75.25
C THR E 307 -12.53 33.25 -74.45
N ILE E 308 -12.37 32.43 -73.42
CA ILE E 308 -13.53 31.93 -72.61
C ILE E 308 -14.13 33.10 -71.82
N ASN E 309 -13.34 34.10 -71.45
CA ASN E 309 -13.86 35.23 -70.64
C ASN E 309 -14.63 36.23 -71.51
N LYS E 310 -14.66 36.05 -72.83
CA LYS E 310 -15.58 36.81 -73.72
C LYS E 310 -16.92 36.07 -73.83
N VAL E 311 -17.01 34.85 -73.31
CA VAL E 311 -18.25 34.04 -73.34
C VAL E 311 -19.01 34.32 -72.05
N PRO E 312 -20.29 34.72 -72.12
CA PRO E 312 -21.09 34.98 -70.92
C PRO E 312 -21.05 33.82 -69.92
N ARG E 313 -20.94 34.14 -68.63
CA ARG E 313 -20.97 33.15 -67.53
C ARG E 313 -22.35 32.46 -67.47
N ASP E 314 -23.37 33.07 -68.07
CA ASP E 314 -24.73 32.50 -68.20
C ASP E 314 -24.67 31.15 -68.93
N SER E 315 -23.65 30.90 -69.77
CA SER E 315 -23.52 29.63 -70.53
C SER E 315 -23.00 28.52 -69.62
N ASP E 316 -22.36 28.87 -68.50
CA ASP E 316 -21.58 27.90 -67.68
C ASP E 316 -22.53 26.85 -67.09
N LYS E 317 -23.76 27.22 -66.75
CA LYS E 317 -24.73 26.27 -66.14
C LYS E 317 -25.13 25.19 -67.15
N TYR E 318 -24.89 25.40 -68.44
CA TYR E 318 -25.21 24.40 -69.50
C TYR E 318 -24.01 23.48 -69.77
N VAL E 319 -22.87 23.74 -69.14
CA VAL E 319 -21.67 22.88 -69.29
C VAL E 319 -21.85 21.66 -68.39
N THR E 320 -21.50 20.47 -68.86
CA THR E 320 -21.63 19.23 -68.06
C THR E 320 -20.84 19.43 -66.75
N GLN E 321 -21.46 19.09 -65.62
CA GLN E 321 -21.01 19.56 -64.27
C GLN E 321 -19.62 19.00 -63.91
N ILE E 322 -19.19 17.83 -64.42
CA ILE E 322 -17.83 17.30 -64.11
C ILE E 322 -16.77 18.34 -64.48
N PHE E 323 -17.06 19.23 -65.43
CA PHE E 323 -16.08 20.22 -65.94
C PHE E 323 -16.21 21.56 -65.21
N ASN E 324 -17.02 21.64 -64.15
CA ASN E 324 -17.28 22.92 -63.45
C ASN E 324 -15.95 23.52 -62.95
N LEU E 325 -15.09 22.69 -62.34
CA LEU E 325 -13.81 23.17 -61.75
C LEU E 325 -12.85 23.56 -62.87
N LYS E 326 -12.68 22.69 -63.86
CA LYS E 326 -11.74 22.97 -64.98
C LYS E 326 -12.13 24.28 -65.66
N LEU E 327 -13.42 24.46 -65.95
CA LEU E 327 -13.91 25.67 -66.64
C LEU E 327 -13.59 26.89 -65.78
N GLU E 328 -13.88 26.84 -64.49
CA GLU E 328 -13.66 27.99 -63.59
C GLU E 328 -12.16 28.25 -63.50
N ALA E 329 -11.34 27.21 -63.44
CA ALA E 329 -9.87 27.34 -63.42
C ALA E 329 -9.41 28.12 -64.66
N ILE E 330 -9.96 27.80 -65.84
CA ILE E 330 -9.57 28.48 -67.10
C ILE E 330 -10.01 29.96 -67.03
N ARG E 331 -11.22 30.23 -66.54
CA ARG E 331 -11.72 31.62 -66.43
C ARG E 331 -10.79 32.42 -65.50
N GLN E 332 -10.31 31.80 -64.43
CA GLN E 332 -9.42 32.44 -63.42
C GLN E 332 -7.97 32.50 -63.94
N ASN E 333 -7.67 31.84 -65.07
CA ASN E 333 -6.32 31.85 -65.69
C ASN E 333 -5.31 31.31 -64.68
N ASP E 334 -5.63 30.20 -64.02
CA ASP E 334 -4.88 29.64 -62.87
C ASP E 334 -4.36 28.25 -63.27
N LEU E 335 -3.09 28.15 -63.62
CA LEU E 335 -2.50 26.89 -64.16
C LEU E 335 -2.59 25.80 -63.09
N LEU E 336 -2.26 26.11 -61.83
CA LEU E 336 -2.31 25.09 -60.75
C LEU E 336 -3.70 24.47 -60.68
N ALA E 337 -4.75 25.30 -60.77
CA ALA E 337 -6.14 24.83 -60.63
C ALA E 337 -6.50 23.95 -61.83
N VAL E 338 -6.01 24.28 -63.03
CA VAL E 338 -6.27 23.44 -64.23
C VAL E 338 -5.56 22.10 -64.05
N MET E 339 -4.32 22.12 -63.56
CA MET E 339 -3.55 20.88 -63.29
C MET E 339 -4.34 20.00 -62.32
N ILE E 340 -4.83 20.60 -61.24
CA ILE E 340 -5.62 19.88 -60.20
C ILE E 340 -6.92 19.37 -60.84
N ALA E 341 -7.64 20.20 -61.58
CA ALA E 341 -8.92 19.83 -62.22
C ALA E 341 -8.70 18.56 -63.06
N ASP E 342 -7.61 18.52 -63.82
CA ASP E 342 -7.29 17.39 -64.73
C ASP E 342 -6.99 16.14 -63.91
N LYS E 343 -6.31 16.29 -62.77
CA LYS E 343 -6.00 15.15 -61.89
C LYS E 343 -7.30 14.56 -61.33
N LEU E 344 -8.33 15.39 -61.11
CA LEU E 344 -9.61 14.95 -60.52
C LEU E 344 -10.54 14.37 -61.59
N LEU E 345 -10.35 14.73 -62.85
CA LEU E 345 -11.17 14.20 -63.98
C LEU E 345 -10.71 12.79 -64.35
N SER F 18 -4.62 -23.61 -8.55
CA SER F 18 -5.78 -24.30 -7.88
C SER F 18 -5.65 -24.17 -6.35
N MET F 19 -4.45 -24.46 -5.82
CA MET F 19 -4.11 -24.49 -4.37
C MET F 19 -4.32 -23.10 -3.76
N LYS F 20 -5.02 -23.03 -2.63
CA LYS F 20 -5.33 -21.75 -1.96
C LYS F 20 -4.12 -21.29 -1.16
N LYS F 21 -3.99 -19.98 -0.97
CA LYS F 21 -2.99 -19.36 -0.08
C LYS F 21 -3.32 -19.71 1.38
N VAL F 22 -4.54 -19.46 1.81
CA VAL F 22 -4.94 -19.61 3.24
C VAL F 22 -6.28 -20.34 3.33
N SER F 23 -6.37 -21.28 4.26
CA SER F 23 -7.63 -21.86 4.78
C SER F 23 -7.87 -21.31 6.18
N VAL F 24 -8.92 -20.53 6.36
CA VAL F 24 -9.40 -20.13 7.71
C VAL F 24 -10.30 -21.24 8.24
N ILE F 25 -9.97 -21.80 9.39
CA ILE F 25 -10.71 -22.92 10.01
C ILE F 25 -11.43 -22.41 11.25
N MET F 26 -12.76 -22.50 11.26
CA MET F 26 -13.60 -21.96 12.35
C MET F 26 -14.59 -23.03 12.80
N PRO F 27 -14.38 -23.63 14.00
CA PRO F 27 -15.39 -24.48 14.61
C PRO F 27 -16.56 -23.62 15.13
N THR F 28 -17.78 -24.12 15.04
CA THR F 28 -18.97 -23.44 15.61
C THR F 28 -19.70 -24.39 16.56
N PHE F 29 -20.39 -23.81 17.54
CA PHE F 29 -21.37 -24.52 18.39
C PHE F 29 -22.27 -23.49 19.08
N ASN F 30 -23.53 -23.46 18.65
CA ASN F 30 -24.62 -22.67 19.29
C ASN F 30 -24.18 -21.20 19.39
N ASN F 31 -23.55 -20.68 18.33
CA ASN F 31 -23.08 -19.28 18.26
C ASN F 31 -24.25 -18.35 18.00
N GLY F 32 -25.23 -18.79 17.18
CA GLY F 32 -26.39 -17.97 16.84
C GLY F 32 -26.00 -16.77 15.99
N GLU F 33 -26.71 -15.66 16.18
CA GLU F 33 -26.71 -14.49 15.26
C GLU F 33 -25.36 -13.76 15.37
N LYS F 34 -24.60 -13.94 16.45
CA LYS F 34 -23.28 -13.27 16.68
C LYS F 34 -22.28 -13.67 15.58
N LEU F 35 -22.46 -14.87 15.02
CA LEU F 35 -21.56 -15.49 14.01
C LEU F 35 -21.47 -14.63 12.76
N HIS F 36 -22.52 -13.88 12.42
CA HIS F 36 -22.56 -12.95 11.26
C HIS F 36 -21.30 -12.07 11.27
N ARG F 37 -21.04 -11.41 12.39
CA ARG F 37 -19.96 -10.41 12.56
C ARG F 37 -18.61 -11.09 12.23
N THR F 38 -18.42 -12.30 12.74
CA THR F 38 -17.14 -13.06 12.57
C THR F 38 -16.99 -13.45 11.10
N ILE F 39 -18.02 -14.10 10.54
CA ILE F 39 -17.96 -14.59 9.13
C ILE F 39 -17.71 -13.40 8.21
N SER F 40 -18.37 -12.27 8.46
CA SER F 40 -18.24 -11.04 7.65
C SER F 40 -16.78 -10.56 7.69
N SER F 41 -16.12 -10.66 8.84
CA SER F 41 -14.73 -10.16 9.01
C SER F 41 -13.79 -10.99 8.12
N VAL F 42 -14.10 -12.28 7.93
CA VAL F 42 -13.31 -13.20 7.08
C VAL F 42 -13.62 -12.95 5.60
N LEU F 43 -14.87 -12.67 5.26
CA LEU F 43 -15.28 -12.49 3.83
C LEU F 43 -14.82 -11.11 3.32
N ASN F 44 -14.66 -10.14 4.22
CA ASN F 44 -14.19 -8.77 3.88
C ASN F 44 -12.69 -8.69 4.10
N GLN F 45 -11.90 -9.36 3.26
CA GLN F 45 -10.42 -9.31 3.32
C GLN F 45 -9.89 -8.61 2.07
N THR F 46 -8.79 -7.88 2.21
CA THR F 46 -8.02 -7.25 1.11
C THR F 46 -7.49 -8.35 0.19
N MET F 47 -7.23 -9.54 0.71
CA MET F 47 -6.76 -10.69 -0.12
C MET F 47 -7.87 -11.03 -1.13
N LYS F 48 -7.46 -11.33 -2.37
CA LYS F 48 -8.31 -11.85 -3.46
C LYS F 48 -9.15 -12.98 -2.87
N SER F 49 -10.47 -12.95 -3.09
CA SER F 49 -11.43 -13.89 -2.43
C SER F 49 -11.21 -15.31 -2.95
N THR F 50 -10.62 -15.48 -4.13
CA THR F 50 -10.34 -16.80 -4.75
C THR F 50 -9.03 -17.38 -4.20
N ASP F 51 -8.24 -16.59 -3.46
CA ASP F 51 -6.93 -17.03 -2.92
C ASP F 51 -7.09 -17.66 -1.54
N TYR F 52 -8.28 -17.55 -0.92
CA TYR F 52 -8.52 -18.17 0.40
C TYR F 52 -9.93 -18.76 0.49
N GLU F 53 -10.13 -19.55 1.53
CA GLU F 53 -11.41 -20.17 1.88
C GLU F 53 -11.65 -20.07 3.39
N LEU F 54 -12.92 -20.00 3.77
CA LEU F 54 -13.39 -20.14 5.16
C LEU F 54 -14.02 -21.52 5.29
N ILE F 55 -13.44 -22.38 6.10
CA ILE F 55 -13.97 -23.73 6.41
C ILE F 55 -14.68 -23.62 7.76
N ILE F 56 -15.99 -23.85 7.76
CA ILE F 56 -16.80 -23.84 9.00
C ILE F 56 -17.13 -25.30 9.35
N ILE F 57 -16.80 -25.70 10.57
CA ILE F 57 -17.16 -27.07 11.05
C ILE F 57 -18.04 -26.91 12.27
N ASP F 58 -19.33 -27.16 12.11
CA ASP F 58 -20.30 -27.06 13.23
C ASP F 58 -20.22 -28.35 14.03
N ASP F 59 -20.04 -28.21 15.35
CA ASP F 59 -19.89 -29.36 16.29
C ASP F 59 -21.29 -29.77 16.75
N HIS F 60 -22.17 -30.07 15.79
CA HIS F 60 -23.58 -30.52 15.99
C HIS F 60 -24.31 -29.55 16.94
N SER F 61 -24.42 -28.29 16.54
CA SER F 61 -25.25 -27.26 17.20
C SER F 61 -26.66 -27.80 17.44
N ASN F 62 -27.25 -27.51 18.59
CA ASN F 62 -28.63 -27.96 18.94
C ASN F 62 -29.45 -26.75 19.41
N ASP F 63 -29.25 -25.58 18.79
CA ASP F 63 -29.91 -24.31 19.18
C ASP F 63 -31.11 -24.05 18.25
N ASN F 64 -31.90 -25.08 17.95
CA ASN F 64 -33.13 -24.97 17.13
C ASN F 64 -32.77 -24.40 15.75
N GLY F 65 -31.60 -24.79 15.23
CA GLY F 65 -31.16 -24.46 13.85
C GLY F 65 -30.69 -23.02 13.70
N GLU F 66 -30.60 -22.23 14.79
CA GLU F 66 -30.26 -20.79 14.71
C GLU F 66 -28.86 -20.66 14.09
N THR F 67 -27.89 -21.43 14.58
CA THR F 67 -26.49 -21.40 14.12
C THR F 67 -26.42 -21.87 12.66
N LEU F 68 -27.08 -22.97 12.33
CA LEU F 68 -27.09 -23.51 10.95
C LEU F 68 -27.73 -22.48 10.00
N ASN F 69 -28.75 -21.76 10.47
CA ASN F 69 -29.47 -20.76 9.64
C ASN F 69 -28.53 -19.60 9.30
N VAL F 70 -27.65 -19.22 10.22
CA VAL F 70 -26.66 -18.12 9.99
C VAL F 70 -25.65 -18.60 8.95
N ILE F 71 -25.19 -19.84 9.06
CA ILE F 71 -24.18 -20.44 8.15
C ILE F 71 -24.79 -20.62 6.75
N LYS F 72 -26.08 -20.94 6.68
CA LYS F 72 -26.79 -21.22 5.38
C LYS F 72 -26.87 -19.93 4.54
N LYS F 73 -26.83 -18.75 5.18
CA LYS F 73 -26.86 -17.45 4.49
C LYS F 73 -25.56 -17.23 3.71
N TYR F 74 -24.48 -17.99 3.97
CA TYR F 74 -23.19 -17.84 3.27
C TYR F 74 -22.87 -19.09 2.43
N LYS F 75 -23.88 -19.91 2.11
CA LYS F 75 -23.69 -21.07 1.20
C LYS F 75 -23.10 -20.54 -0.12
N GLY F 76 -22.03 -21.16 -0.61
CA GLY F 76 -21.36 -20.76 -1.85
C GLY F 76 -20.23 -19.77 -1.61
N LEU F 77 -20.14 -19.19 -0.41
CA LEU F 77 -19.01 -18.31 -0.01
C LEU F 77 -18.08 -19.04 0.97
N VAL F 78 -18.48 -20.20 1.49
CA VAL F 78 -17.74 -20.93 2.55
C VAL F 78 -17.82 -22.43 2.26
N ARG F 79 -16.84 -23.19 2.73
CA ARG F 79 -16.95 -24.67 2.81
C ARG F 79 -17.53 -24.97 4.19
N PHE F 80 -18.43 -25.94 4.26
CA PHE F 80 -19.12 -26.27 5.52
C PHE F 80 -19.19 -27.79 5.70
N LYS F 81 -18.99 -28.23 6.94
CA LYS F 81 -19.16 -29.63 7.33
C LYS F 81 -19.86 -29.63 8.70
N GLN F 82 -20.84 -30.51 8.85
CA GLN F 82 -21.59 -30.69 10.11
C GLN F 82 -21.16 -32.02 10.72
N LEU F 83 -20.63 -32.00 11.93
CA LEU F 83 -20.30 -33.24 12.68
C LEU F 83 -21.62 -33.89 13.11
N LYS F 84 -21.69 -35.22 13.08
CA LYS F 84 -22.89 -36.00 13.48
C LYS F 84 -23.12 -35.87 14.99
N LYS F 85 -22.06 -35.74 15.81
CA LYS F 85 -22.16 -35.67 17.29
C LYS F 85 -21.29 -34.53 17.84
N ASN F 86 -21.73 -33.88 18.92
CA ASN F 86 -20.94 -32.84 19.63
C ASN F 86 -19.72 -33.51 20.27
N SER F 87 -18.51 -33.17 19.82
CA SER F 87 -17.22 -33.69 20.36
C SER F 87 -16.96 -33.13 21.76
N GLY F 88 -17.48 -31.95 22.08
CA GLY F 88 -17.32 -31.32 23.41
C GLY F 88 -16.24 -30.25 23.45
N ASN F 89 -15.23 -30.34 22.58
CA ASN F 89 -14.19 -29.27 22.48
C ASN F 89 -13.88 -28.99 21.00
N ALA F 90 -13.04 -28.00 20.74
CA ALA F 90 -12.73 -27.46 19.40
C ALA F 90 -11.75 -28.38 18.65
N SER F 91 -11.16 -29.36 19.35
CA SER F 91 -10.08 -30.21 18.79
C SER F 91 -10.59 -30.99 17.59
N VAL F 92 -11.70 -31.72 17.72
CA VAL F 92 -12.21 -32.59 16.62
C VAL F 92 -12.60 -31.73 15.42
N PRO F 93 -13.40 -30.65 15.59
CA PRO F 93 -13.71 -29.75 14.47
C PRO F 93 -12.46 -29.18 13.78
N ARG F 94 -11.46 -28.75 14.55
CA ARG F 94 -10.21 -28.18 13.98
C ARG F 94 -9.47 -29.26 13.18
N ASN F 95 -9.44 -30.49 13.68
CA ASN F 95 -8.78 -31.63 12.99
C ASN F 95 -9.52 -31.89 11.67
N THR F 96 -10.85 -31.82 11.69
CA THR F 96 -11.72 -32.00 10.49
C THR F 96 -11.35 -30.94 9.45
N GLY F 97 -11.24 -29.68 9.89
CA GLY F 97 -10.80 -28.53 9.06
C GLY F 97 -9.45 -28.77 8.43
N LEU F 98 -8.50 -29.29 9.21
CA LEU F 98 -7.12 -29.57 8.70
C LEU F 98 -7.19 -30.59 7.57
N LYS F 99 -7.95 -31.69 7.75
CA LYS F 99 -8.09 -32.75 6.72
C LYS F 99 -8.70 -32.13 5.45
N MET F 100 -9.60 -31.15 5.59
CA MET F 100 -10.35 -30.55 4.46
C MET F 100 -9.50 -29.51 3.72
N SER F 101 -8.46 -28.97 4.34
CA SER F 101 -7.65 -27.89 3.73
C SER F 101 -6.50 -28.48 2.91
N LYS F 102 -6.26 -27.95 1.72
CA LYS F 102 -5.07 -28.26 0.88
C LYS F 102 -4.39 -26.92 0.56
N ALA F 103 -4.57 -25.91 1.42
CA ALA F 103 -3.96 -24.58 1.27
C ALA F 103 -2.51 -24.60 1.73
N GLU F 104 -1.79 -23.53 1.42
CA GLU F 104 -0.38 -23.35 1.76
C GLU F 104 -0.27 -23.11 3.27
N TYR F 105 -1.18 -22.28 3.80
CA TYR F 105 -1.26 -21.93 5.23
C TYR F 105 -2.69 -22.14 5.74
N VAL F 106 -2.81 -22.42 7.02
CA VAL F 106 -4.10 -22.45 7.75
C VAL F 106 -4.08 -21.35 8.81
N PHE F 107 -5.25 -20.81 9.12
CA PHE F 107 -5.44 -19.80 10.17
C PHE F 107 -6.65 -20.23 10.99
N PHE F 108 -6.46 -20.51 12.27
CA PHE F 108 -7.58 -20.90 13.16
C PHE F 108 -8.22 -19.65 13.74
N LEU F 109 -9.55 -19.61 13.65
CA LEU F 109 -10.35 -18.47 14.13
C LEU F 109 -11.40 -19.00 15.10
N ASP F 110 -11.52 -18.37 16.28
CA ASP F 110 -12.61 -18.68 17.24
C ASP F 110 -13.89 -18.02 16.75
N SER F 111 -15.03 -18.65 16.98
CA SER F 111 -16.35 -18.26 16.40
C SER F 111 -16.79 -16.88 16.91
N ASP F 112 -16.26 -16.34 18.00
CA ASP F 112 -16.73 -15.01 18.50
C ASP F 112 -15.73 -13.89 18.15
N ASP F 113 -14.69 -14.17 17.36
CA ASP F 113 -13.55 -13.22 17.17
C ASP F 113 -13.65 -12.55 15.80
N LEU F 114 -12.83 -11.52 15.56
CA LEU F 114 -12.86 -10.71 14.31
C LEU F 114 -11.47 -10.64 13.69
N LEU F 115 -11.38 -10.73 12.37
CA LEU F 115 -10.15 -10.48 11.59
C LEU F 115 -10.17 -9.04 11.08
N HIS F 116 -9.06 -8.32 11.21
CA HIS F 116 -8.80 -7.06 10.48
C HIS F 116 -8.87 -7.35 8.98
N GLU F 117 -9.30 -6.37 8.19
CA GLU F 117 -9.52 -6.55 6.74
C GLU F 117 -8.21 -6.91 6.04
N ARG F 118 -7.05 -6.56 6.62
CA ARG F 118 -5.75 -6.80 5.95
C ARG F 118 -4.99 -7.96 6.59
N ALA F 119 -5.66 -8.83 7.35
CA ALA F 119 -5.01 -9.88 8.16
C ALA F 119 -4.44 -10.96 7.25
N LEU F 120 -5.24 -11.59 6.40
CA LEU F 120 -4.78 -12.72 5.57
C LEU F 120 -3.70 -12.24 4.60
N GLU F 121 -3.91 -11.12 3.92
CA GLU F 121 -2.97 -10.58 2.91
C GLU F 121 -1.62 -10.27 3.59
N ASP F 122 -1.63 -9.43 4.61
CA ASP F 122 -0.40 -8.93 5.28
C ASP F 122 0.39 -10.10 5.90
N LEU F 123 -0.29 -11.00 6.60
CA LEU F 123 0.38 -12.14 7.28
C LEU F 123 0.94 -13.09 6.22
N TYR F 124 0.15 -13.43 5.20
CA TYR F 124 0.59 -14.35 4.12
C TYR F 124 1.81 -13.76 3.42
N ASN F 125 1.73 -12.48 3.03
CA ASN F 125 2.79 -11.82 2.23
C ASN F 125 4.07 -11.83 3.08
N TYR F 126 3.97 -11.50 4.37
CA TYR F 126 5.14 -11.45 5.27
C TYR F 126 5.74 -12.85 5.37
N GLY F 127 4.87 -13.86 5.49
CA GLY F 127 5.29 -15.26 5.62
C GLY F 127 6.01 -15.74 4.38
N LYS F 128 5.44 -15.43 3.20
CA LYS F 128 5.98 -15.87 1.89
C LYS F 128 7.35 -15.21 1.69
N GLU F 129 7.46 -13.91 2.02
CA GLU F 129 8.70 -13.11 1.83
C GLU F 129 9.79 -13.62 2.79
N ASN F 130 9.44 -14.20 3.93
CA ASN F 130 10.45 -14.62 4.96
C ASN F 130 10.45 -16.14 5.11
N ASN F 131 9.81 -16.86 4.19
CA ASN F 131 9.78 -18.35 4.20
C ASN F 131 9.37 -18.81 5.61
N SER F 132 8.37 -18.16 6.21
CA SER F 132 7.91 -18.42 7.60
C SER F 132 7.04 -19.68 7.64
N ASP F 133 7.29 -20.51 8.65
CA ASP F 133 6.43 -21.66 9.03
C ASP F 133 5.26 -21.13 9.87
N LEU F 134 5.44 -20.00 10.52
CA LEU F 134 4.47 -19.46 11.50
C LEU F 134 4.50 -17.93 11.40
N ILE F 135 3.32 -17.33 11.30
CA ILE F 135 3.19 -15.85 11.32
C ILE F 135 2.19 -15.50 12.42
N ILE F 136 2.59 -14.59 13.29
CA ILE F 136 1.77 -14.17 14.46
C ILE F 136 1.42 -12.71 14.26
N GLY F 137 0.11 -12.43 14.11
CA GLY F 137 -0.41 -11.06 13.99
C GLY F 137 -0.73 -10.51 15.37
N LYS F 138 -0.48 -9.21 15.58
CA LYS F 138 -0.78 -8.51 16.84
C LYS F 138 -2.27 -8.69 17.17
N TYR F 139 -2.56 -9.05 18.42
CA TYR F 139 -3.93 -9.24 18.94
C TYR F 139 -4.45 -7.93 19.53
N GLY F 140 -5.71 -7.62 19.25
CA GLY F 140 -6.52 -6.64 20.00
C GLY F 140 -7.56 -7.35 20.84
N VAL F 141 -8.17 -6.65 21.79
CA VAL F 141 -9.18 -7.26 22.68
C VAL F 141 -10.36 -6.29 22.83
N GLU F 142 -11.57 -6.85 22.86
CA GLU F 142 -12.83 -6.11 23.15
C GLU F 142 -13.43 -6.70 24.43
N GLY F 143 -13.53 -5.88 25.48
CA GLY F 143 -14.16 -6.27 26.76
C GLY F 143 -13.20 -6.96 27.70
N LYS F 144 -13.61 -7.10 28.97
CA LYS F 144 -12.83 -7.78 30.03
C LYS F 144 -13.12 -9.28 29.96
N GLY F 145 -12.15 -10.12 30.34
CA GLY F 145 -12.23 -11.59 30.28
C GLY F 145 -10.89 -12.18 29.87
N ARG F 146 -10.84 -12.88 28.73
CA ARG F 146 -9.58 -13.32 28.08
C ARG F 146 -8.64 -12.12 27.95
N SER F 147 -7.39 -12.24 28.39
CA SER F 147 -6.31 -11.24 28.15
C SER F 147 -5.54 -11.65 26.87
N VAL F 148 -4.75 -10.74 26.29
CA VAL F 148 -3.94 -11.08 25.09
C VAL F 148 -2.48 -10.75 25.35
N PRO F 149 -1.54 -11.50 24.73
CA PRO F 149 -0.12 -11.24 24.88
C PRO F 149 0.26 -9.84 24.37
N LYS F 150 1.31 -9.26 24.97
CA LYS F 150 1.79 -7.89 24.66
C LYS F 150 3.29 -7.91 24.33
N ALA F 151 4.11 -8.60 25.13
CA ALA F 151 5.59 -8.49 25.03
C ALA F 151 6.07 -8.93 23.64
N ILE F 152 5.47 -9.98 23.09
CA ILE F 152 5.82 -10.53 21.74
C ILE F 152 5.71 -9.43 20.68
N PHE F 153 4.86 -8.42 20.84
CA PHE F 153 4.58 -7.40 19.79
C PHE F 153 5.31 -6.09 20.06
N GLU F 154 6.15 -6.02 21.10
CA GLU F 154 6.73 -4.74 21.57
C GLU F 154 7.94 -4.33 20.73
N LYS F 155 8.44 -5.19 19.83
CA LYS F 155 9.66 -4.91 19.04
C LYS F 155 9.29 -4.63 17.59
N GLY F 156 7.99 -4.43 17.31
CA GLY F 156 7.52 -4.26 15.93
C GLY F 156 7.63 -5.57 15.16
N ASN F 157 7.70 -5.45 13.84
CA ASN F 157 7.79 -6.60 12.92
C ASN F 157 9.13 -7.32 13.16
N VAL F 158 9.08 -8.65 13.21
CA VAL F 158 10.25 -9.54 13.37
C VAL F 158 10.13 -10.65 12.33
N ALA F 159 11.09 -10.71 11.41
CA ALA F 159 11.06 -11.63 10.26
C ALA F 159 11.47 -13.04 10.70
N LYS F 160 12.49 -13.13 11.56
CA LYS F 160 13.03 -14.39 12.09
C LYS F 160 13.04 -14.30 13.62
N ALA F 161 11.93 -14.65 14.24
CA ALA F 161 11.73 -14.53 15.69
C ALA F 161 12.37 -15.73 16.41
N ASP F 162 12.61 -15.57 17.70
CA ASP F 162 13.20 -16.60 18.59
C ASP F 162 12.23 -16.82 19.73
N ILE F 163 11.97 -18.09 20.05
CA ILE F 163 10.97 -18.46 21.09
C ILE F 163 11.26 -17.64 22.36
N ILE F 164 12.51 -17.64 22.83
CA ILE F 164 12.84 -17.04 24.16
C ILE F 164 12.93 -15.51 24.02
N ASP F 165 13.67 -15.00 23.04
CA ASP F 165 13.92 -13.54 22.91
C ASP F 165 12.62 -12.79 22.54
N ASN F 166 11.64 -13.45 21.92
CA ASN F 166 10.41 -12.77 21.43
C ASN F 166 9.19 -13.26 22.22
N SER F 167 9.40 -13.92 23.37
CA SER F 167 8.33 -14.20 24.34
C SER F 167 7.22 -15.03 23.69
N ILE F 168 7.57 -15.99 22.84
CA ILE F 168 6.57 -16.78 22.08
C ILE F 168 5.88 -17.77 23.05
N PHE F 169 6.53 -18.21 24.12
CA PHE F 169 5.91 -19.13 25.10
C PHE F 169 4.82 -18.39 25.90
N TYR F 170 4.72 -17.07 25.76
CA TYR F 170 3.67 -16.24 26.40
C TYR F 170 2.53 -15.96 25.39
N ALA F 171 2.56 -16.56 24.19
CA ALA F 171 1.53 -16.35 23.14
C ALA F 171 1.26 -17.65 22.39
N LEU F 172 0.76 -18.66 23.08
CA LEU F 172 0.71 -20.05 22.53
C LEU F 172 -0.69 -20.40 22.00
N SER F 173 -1.57 -19.44 21.79
CA SER F 173 -2.89 -19.68 21.14
C SER F 173 -2.66 -20.20 19.70
N VAL F 174 -3.64 -20.85 19.08
CA VAL F 174 -3.50 -21.27 17.65
C VAL F 174 -4.12 -20.22 16.73
N LEU F 175 -4.31 -18.99 17.24
CA LEU F 175 -4.93 -17.87 16.47
C LEU F 175 -3.79 -17.22 15.68
N LYS F 176 -3.23 -18.01 14.76
CA LYS F 176 -1.98 -17.70 14.02
C LYS F 176 -2.06 -18.33 12.64
N MET F 177 -1.14 -17.95 11.76
CA MET F 177 -1.03 -18.54 10.42
C MET F 177 0.09 -19.59 10.45
N PHE F 178 -0.28 -20.86 10.26
CA PHE F 178 0.62 -22.03 10.26
C PHE F 178 0.81 -22.58 8.85
N LYS F 179 2.05 -22.89 8.45
CA LYS F 179 2.35 -23.55 7.17
C LYS F 179 1.82 -24.99 7.23
N LYS F 180 0.96 -25.36 6.28
CA LYS F 180 0.24 -26.66 6.30
C LYS F 180 1.23 -27.82 6.14
N SER F 181 2.29 -27.65 5.36
CA SER F 181 3.25 -28.74 5.07
C SER F 181 3.90 -29.23 6.38
N VAL F 182 4.14 -28.33 7.32
CA VAL F 182 4.73 -28.71 8.64
C VAL F 182 3.74 -29.59 9.40
N ILE F 183 2.47 -29.21 9.39
CA ILE F 183 1.36 -29.97 10.05
C ILE F 183 1.22 -31.35 9.40
N ASP F 184 1.25 -31.41 8.07
CA ASP F 184 1.06 -32.67 7.30
C ASP F 184 2.26 -33.59 7.50
N LYS F 185 3.49 -33.10 7.29
CA LYS F 185 4.73 -33.93 7.35
C LYS F 185 4.85 -34.53 8.75
N ASN F 186 4.51 -33.78 9.80
CA ASN F 186 4.72 -34.19 11.22
C ASN F 186 3.42 -34.73 11.80
N LYS F 187 2.35 -34.80 11.01
CA LYS F 187 1.04 -35.37 11.43
C LYS F 187 0.62 -34.71 12.75
N ILE F 188 0.63 -33.38 12.80
CA ILE F 188 0.26 -32.59 14.01
C ILE F 188 -1.26 -32.46 14.05
N LYS F 189 -1.87 -33.01 15.10
CA LYS F 189 -3.32 -32.99 15.34
C LYS F 189 -3.58 -32.38 16.72
N PHE F 190 -4.72 -31.72 16.88
CA PHE F 190 -5.23 -31.30 18.20
C PHE F 190 -5.60 -32.55 18.99
N LYS F 191 -5.17 -32.61 20.26
CA LYS F 191 -5.48 -33.77 21.14
C LYS F 191 -6.77 -33.47 21.89
N THR F 192 -7.37 -34.48 22.51
CA THR F 192 -8.69 -34.38 23.20
C THR F 192 -8.56 -34.81 24.67
N PHE F 193 -7.33 -34.86 25.20
CA PHE F 193 -7.03 -35.26 26.60
C PHE F 193 -7.79 -34.36 27.58
N SER F 194 -7.84 -33.05 27.28
CA SER F 194 -8.43 -32.01 28.15
C SER F 194 -9.16 -30.95 27.31
N LYS F 195 -10.00 -30.16 27.99
CA LYS F 195 -10.82 -29.07 27.41
C LYS F 195 -9.98 -27.81 27.34
N THR F 196 -8.84 -27.80 28.02
CA THR F 196 -7.94 -26.62 28.21
C THR F 196 -6.52 -26.97 27.75
N ALA F 197 -5.80 -25.98 27.23
CA ALA F 197 -4.35 -26.02 26.87
C ALA F 197 -4.11 -26.92 25.65
N GLU F 198 -5.11 -27.35 24.90
CA GLU F 198 -4.90 -28.21 23.70
C GLU F 198 -4.34 -27.35 22.57
N ASP F 199 -4.72 -26.07 22.53
CA ASP F 199 -4.16 -25.08 21.59
C ASP F 199 -2.67 -24.84 21.91
N GLN F 200 -2.31 -24.72 23.19
CA GLN F 200 -0.89 -24.55 23.62
C GLN F 200 -0.06 -25.73 23.09
N LEU F 201 -0.55 -26.95 23.32
CA LEU F 201 0.15 -28.18 22.92
C LEU F 201 0.38 -28.16 21.41
N PHE F 202 -0.63 -27.76 20.66
CA PHE F 202 -0.57 -27.75 19.18
C PHE F 202 0.52 -26.77 18.75
N THR F 203 0.48 -25.55 19.25
CA THR F 203 1.50 -24.51 18.92
C THR F 203 2.90 -24.98 19.33
N ILE F 204 3.02 -25.60 20.50
CA ILE F 204 4.34 -26.10 20.99
C ILE F 204 4.81 -27.19 20.02
N GLU F 205 3.96 -28.14 19.67
CA GLU F 205 4.35 -29.25 18.75
C GLU F 205 4.81 -28.62 17.42
N PHE F 206 4.12 -27.58 16.97
CA PHE F 206 4.45 -26.90 15.70
C PHE F 206 5.80 -26.19 15.82
N LEU F 207 6.00 -25.44 16.91
CA LEU F 207 7.24 -24.67 17.18
C LEU F 207 8.42 -25.64 17.23
N MET F 208 8.24 -26.81 17.85
CA MET F 208 9.32 -27.80 18.03
C MET F 208 9.59 -28.53 16.71
N ASN F 209 8.79 -28.32 15.67
CA ASN F 209 8.98 -29.01 14.36
C ASN F 209 9.18 -27.98 13.24
N SER F 210 9.53 -26.74 13.57
CA SER F 210 9.75 -25.67 12.56
C SER F 210 10.78 -24.67 13.08
N LYS F 211 11.33 -23.83 12.21
CA LYS F 211 12.42 -22.89 12.57
C LYS F 211 12.01 -21.43 12.33
N ASN F 212 11.19 -21.16 11.33
CA ASN F 212 10.99 -19.79 10.80
C ASN F 212 9.68 -19.24 11.39
N TYR F 213 9.78 -18.29 12.31
CA TYR F 213 8.64 -17.64 12.97
C TYR F 213 8.70 -16.14 12.67
N SER F 214 7.57 -15.54 12.34
CA SER F 214 7.45 -14.11 12.00
C SER F 214 6.38 -13.48 12.89
N ILE F 215 6.59 -12.21 13.23
CA ILE F 215 5.66 -11.40 14.04
C ILE F 215 5.31 -10.14 13.24
N LYS F 216 4.02 -9.91 13.04
CA LYS F 216 3.51 -8.75 12.26
C LYS F 216 2.66 -7.88 13.21
N THR F 217 2.94 -6.59 13.29
CA THR F 217 2.35 -5.70 14.34
C THR F 217 1.80 -4.40 13.73
N ASP F 218 1.69 -4.29 12.40
CA ASP F 218 1.24 -3.04 11.74
C ASP F 218 -0.17 -2.68 12.23
N TYR F 219 -1.04 -3.69 12.41
CA TYR F 219 -2.44 -3.50 12.86
C TYR F 219 -2.79 -4.55 13.92
N GLU F 220 -3.88 -4.29 14.66
CA GLU F 220 -4.53 -5.33 15.50
C GLU F 220 -5.23 -6.28 14.51
N TYR F 221 -4.51 -7.29 14.04
CA TYR F 221 -4.92 -8.17 12.92
C TYR F 221 -6.03 -9.14 13.37
N TYR F 222 -6.02 -9.52 14.64
CA TYR F 222 -6.99 -10.48 15.25
C TYR F 222 -7.52 -9.84 16.52
N ILE F 223 -8.83 -9.67 16.60
CA ILE F 223 -9.49 -9.08 17.80
C ILE F 223 -10.20 -10.20 18.55
N VAL F 224 -9.71 -10.50 19.76
CA VAL F 224 -10.40 -11.43 20.71
C VAL F 224 -11.59 -10.65 21.29
N VAL F 225 -12.81 -11.17 21.12
CA VAL F 225 -14.04 -10.53 21.63
C VAL F 225 -14.53 -11.31 22.85
N ASN F 226 -14.54 -10.67 24.03
CA ASN F 226 -15.13 -11.24 25.28
C ASN F 226 -16.62 -10.89 25.32
N ASP F 227 -17.47 -11.85 25.72
CA ASP F 227 -18.94 -11.65 25.83
C ASP F 227 -19.49 -12.62 26.87
N PHE F 228 -20.78 -12.92 26.79
CA PHE F 228 -21.50 -13.72 27.80
C PHE F 228 -21.27 -15.20 27.50
N THR F 240 -9.76 -31.21 38.98
CA THR F 240 -8.75 -32.05 39.71
C THR F 240 -7.36 -31.78 39.14
N GLY F 241 -7.27 -31.40 37.86
CA GLY F 241 -6.01 -31.15 37.15
C GLY F 241 -5.47 -32.40 36.48
N ASN F 242 -6.19 -33.51 36.54
CA ASN F 242 -5.71 -34.78 35.93
C ASN F 242 -5.54 -34.62 34.42
N GLN F 243 -6.48 -33.94 33.75
CA GLN F 243 -6.42 -33.74 32.28
C GLN F 243 -5.47 -32.59 31.93
N TYR F 244 -5.62 -31.45 32.62
CA TYR F 244 -4.80 -30.24 32.37
C TYR F 244 -3.31 -30.63 32.43
N PHE F 245 -2.87 -31.33 33.49
CA PHE F 245 -1.44 -31.62 33.70
C PHE F 245 -1.00 -32.72 32.73
N ALA F 246 -1.92 -33.55 32.22
CA ALA F 246 -1.61 -34.53 31.15
C ALA F 246 -1.21 -33.77 29.88
N THR F 247 -1.87 -32.64 29.64
CA THR F 247 -1.58 -31.76 28.48
C THR F 247 -0.24 -31.06 28.71
N ILE F 248 0.00 -30.57 29.92
CA ILE F 248 1.28 -29.87 30.27
C ILE F 248 2.42 -30.88 30.10
N ASN F 249 2.20 -32.13 30.51
CA ASN F 249 3.17 -33.22 30.35
C ASN F 249 3.54 -33.37 28.88
N GLU F 250 2.55 -33.30 27.98
CA GLU F 250 2.77 -33.48 26.51
C GLU F 250 3.60 -32.31 25.97
N ILE F 251 3.45 -31.12 26.53
CA ILE F 251 4.22 -29.94 26.09
C ILE F 251 5.71 -30.18 26.40
N TYR F 252 6.02 -30.65 27.61
CA TYR F 252 7.41 -30.95 28.00
C TYR F 252 7.95 -32.08 27.11
N LYS F 253 7.14 -33.11 26.85
CA LYS F 253 7.53 -34.23 25.95
C LYS F 253 7.89 -33.67 24.57
N ALA F 254 7.10 -32.74 24.05
CA ALA F 254 7.29 -32.18 22.70
C ALA F 254 8.63 -31.43 22.64
N ILE F 255 8.99 -30.73 23.71
CA ILE F 255 10.24 -29.95 23.79
C ILE F 255 11.41 -30.93 23.78
N TYR F 256 11.37 -31.97 24.60
CA TYR F 256 12.51 -32.90 24.82
C TYR F 256 12.63 -33.90 23.65
N LYS F 257 11.69 -33.94 22.71
CA LYS F 257 11.73 -34.83 21.52
C LYS F 257 11.91 -33.99 20.24
N SER F 258 12.13 -32.69 20.37
CA SER F 258 12.15 -31.75 19.21
C SER F 258 13.27 -32.15 18.24
N PRO F 259 12.96 -32.39 16.95
CA PRO F 259 13.98 -32.58 15.92
C PRO F 259 14.66 -31.28 15.46
N ILE F 260 14.13 -30.12 15.84
CA ILE F 260 14.73 -28.79 15.52
C ILE F 260 15.70 -28.41 16.64
N TYR F 261 15.23 -28.45 17.89
CA TYR F 261 16.04 -28.12 19.09
C TYR F 261 16.55 -29.45 19.67
N LYS F 262 17.65 -29.97 19.10
CA LYS F 262 18.18 -31.32 19.39
C LYS F 262 19.15 -31.25 20.56
N ASN F 263 19.79 -30.11 20.76
CA ASN F 263 20.81 -29.95 21.82
CA ASN F 263 20.82 -29.95 21.83
C ASN F 263 20.08 -30.05 23.17
N GLN F 264 20.56 -30.93 24.04
CA GLN F 264 19.89 -31.24 25.32
C GLN F 264 19.85 -29.97 26.18
N GLU F 265 20.89 -29.15 26.15
CA GLU F 265 20.96 -27.93 27.00
C GLU F 265 19.92 -26.93 26.48
N LYS F 266 19.69 -26.89 25.17
CA LYS F 266 18.70 -25.99 24.56
C LYS F 266 17.31 -26.43 24.99
N ARG F 267 17.07 -27.74 25.05
CA ARG F 267 15.81 -28.32 25.55
C ARG F 267 15.60 -27.90 27.01
N HIS F 268 16.64 -27.98 27.85
CA HIS F 268 16.55 -27.59 29.28
C HIS F 268 16.14 -26.12 29.37
N GLN F 269 16.71 -25.27 28.51
CA GLN F 269 16.44 -23.82 28.52
C GLN F 269 14.96 -23.59 28.14
N LEU F 270 14.48 -24.28 27.09
CA LEU F 270 13.08 -24.14 26.61
C LEU F 270 12.14 -24.63 27.69
N ALA F 271 12.43 -25.79 28.27
CA ALA F 271 11.62 -26.38 29.36
C ALA F 271 11.58 -25.43 30.54
N GLY F 272 12.70 -24.84 30.90
CA GLY F 272 12.75 -23.89 32.04
C GLY F 272 11.96 -22.64 31.74
N LYS F 273 11.97 -22.19 30.48
CA LYS F 273 11.20 -20.98 30.09
C LYS F 273 9.73 -21.34 30.17
N TYR F 274 9.33 -22.53 29.77
CA TYR F 274 7.90 -22.94 29.82
C TYR F 274 7.47 -23.01 31.29
N THR F 275 8.33 -23.56 32.16
CA THR F 275 8.07 -23.65 33.62
C THR F 275 7.81 -22.24 34.16
N THR F 276 8.63 -21.28 33.78
CA THR F 276 8.45 -19.86 34.19
C THR F 276 7.07 -19.38 33.74
N ARG F 277 6.71 -19.62 32.48
CA ARG F 277 5.41 -19.18 31.92
C ARG F 277 4.27 -19.82 32.71
N LEU F 278 4.42 -21.10 33.02
CA LEU F 278 3.41 -21.90 33.76
C LEU F 278 3.22 -21.32 35.16
N LEU F 279 4.30 -20.95 35.83
CA LEU F 279 4.24 -20.38 37.21
C LEU F 279 3.72 -18.93 37.16
N ARG F 280 3.92 -18.23 36.04
CA ARG F 280 3.49 -16.81 35.91
C ARG F 280 2.02 -16.74 35.49
N HIS F 281 1.54 -17.69 34.68
CA HIS F 281 0.24 -17.53 33.96
C HIS F 281 -0.55 -18.83 33.91
N GLY F 282 -0.10 -19.89 34.56
CA GLY F 282 -0.80 -21.20 34.51
C GLY F 282 -2.15 -21.12 35.19
N GLN F 283 -2.97 -22.12 34.90
CA GLN F 283 -4.32 -22.25 35.52
C GLN F 283 -4.16 -22.36 37.03
N LYS F 284 -4.96 -21.62 37.79
CA LYS F 284 -5.01 -21.72 39.27
C LYS F 284 -3.61 -21.54 39.87
N LYS F 285 -2.87 -20.57 39.41
CA LYS F 285 -1.44 -20.39 39.82
C LYS F 285 -1.36 -20.15 41.34
N ASN F 286 -2.42 -19.57 41.93
CA ASN F 286 -2.42 -19.21 43.38
C ASN F 286 -3.39 -20.13 44.13
N PHE F 287 -3.48 -21.39 43.73
CA PHE F 287 -4.39 -22.38 44.35
C PHE F 287 -4.05 -22.59 45.83
N ALA F 288 -2.78 -22.54 46.20
CA ALA F 288 -2.31 -23.00 47.53
C ALA F 288 -2.97 -22.20 48.66
N ASN F 289 -3.09 -20.87 48.54
CA ASN F 289 -3.66 -20.01 49.62
C ASN F 289 -5.12 -19.65 49.29
N SER F 290 -5.73 -20.34 48.31
CA SER F 290 -7.11 -20.03 47.82
C SER F 290 -8.17 -20.67 48.73
N LYS F 291 -9.45 -20.49 48.38
CA LYS F 291 -10.60 -21.02 49.16
C LYS F 291 -10.97 -22.42 48.65
N MET F 292 -10.17 -22.98 47.74
CA MET F 292 -10.26 -24.39 47.26
C MET F 292 -10.28 -25.35 48.47
N LYS F 293 -11.13 -26.37 48.43
CA LYS F 293 -11.17 -27.44 49.45
C LYS F 293 -9.78 -28.08 49.54
N TYR F 294 -9.34 -28.38 50.76
CA TYR F 294 -8.04 -29.00 51.05
C TYR F 294 -7.80 -30.21 50.12
N GLU F 295 -8.78 -31.11 50.01
CA GLU F 295 -8.60 -32.38 49.27
C GLU F 295 -8.34 -32.06 47.79
N ASP F 296 -8.94 -30.99 47.26
CA ASP F 296 -8.74 -30.57 45.85
C ASP F 296 -7.34 -29.96 45.69
N LYS F 297 -6.88 -29.20 46.68
CA LYS F 297 -5.52 -28.63 46.67
C LYS F 297 -4.50 -29.77 46.59
N ILE F 298 -4.70 -30.81 47.40
CA ILE F 298 -3.75 -31.95 47.46
C ILE F 298 -3.76 -32.66 46.10
N GLU F 299 -4.93 -32.88 45.51
CA GLU F 299 -5.05 -33.62 44.23
C GLU F 299 -4.39 -32.77 43.14
N TRP F 300 -4.64 -31.46 43.13
CA TRP F 300 -4.09 -30.53 42.14
C TRP F 300 -2.57 -30.50 42.23
N LEU F 301 -2.03 -30.33 43.43
CA LEU F 301 -0.56 -30.28 43.66
C LEU F 301 0.04 -31.64 43.30
N ASN F 302 -0.66 -32.74 43.58
CA ASN F 302 -0.14 -34.10 43.28
C ASN F 302 0.07 -34.21 41.77
N ASN F 303 -0.90 -33.75 40.97
CA ASN F 303 -0.83 -33.84 39.50
C ASN F 303 0.30 -32.93 38.99
N PHE F 304 0.41 -31.74 39.58
CA PHE F 304 1.44 -30.74 39.20
C PHE F 304 2.82 -31.33 39.49
N SER F 305 2.96 -31.91 40.69
CA SER F 305 4.22 -32.51 41.18
C SER F 305 4.62 -33.66 40.26
N LYS F 306 3.70 -34.57 39.95
CA LYS F 306 3.98 -35.78 39.13
C LYS F 306 4.51 -35.31 37.76
N THR F 307 3.89 -34.27 37.20
CA THR F 307 4.20 -33.75 35.85
C THR F 307 5.57 -33.09 35.88
N ILE F 308 5.82 -32.22 36.85
CA ILE F 308 7.08 -31.45 36.91
C ILE F 308 8.24 -32.41 37.24
N ASN F 309 7.98 -33.52 37.94
CA ASN F 309 9.06 -34.46 38.33
C ASN F 309 9.44 -35.36 37.15
N LYS F 310 8.75 -35.29 36.02
CA LYS F 310 9.20 -35.94 34.76
C LYS F 310 10.10 -34.98 33.99
N VAL F 311 10.21 -33.73 34.41
CA VAL F 311 11.06 -32.71 33.75
C VAL F 311 12.42 -32.72 34.41
N PRO F 312 13.52 -32.89 33.65
CA PRO F 312 14.87 -32.83 34.22
C PRO F 312 15.11 -31.61 35.12
N ARG F 313 15.78 -31.82 36.25
CA ARG F 313 16.17 -30.73 37.18
C ARG F 313 17.18 -29.79 36.51
N ASP F 314 17.83 -30.23 35.45
CA ASP F 314 18.75 -29.41 34.62
C ASP F 314 18.02 -28.18 34.06
N SER F 315 16.69 -28.23 33.92
CA SER F 315 15.89 -27.09 33.38
C SER F 315 15.72 -26.02 34.46
N ASP F 316 15.85 -26.38 35.74
CA ASP F 316 15.44 -25.51 36.87
C ASP F 316 16.29 -24.25 36.87
N LYS F 317 17.56 -24.32 36.47
CA LYS F 317 18.47 -23.15 36.51
C LYS F 317 18.03 -22.11 35.47
N TYR F 318 17.18 -22.48 34.51
CA TYR F 318 16.66 -21.55 33.48
C TYR F 318 15.34 -20.91 33.93
N VAL F 319 14.81 -21.33 35.07
CA VAL F 319 13.57 -20.74 35.63
C VAL F 319 13.94 -19.44 36.34
N THR F 320 13.14 -18.40 36.18
CA THR F 320 13.36 -17.09 36.86
C THR F 320 13.51 -17.34 38.38
N GLN F 321 14.54 -16.78 39.00
CA GLN F 321 15.04 -17.22 40.33
C GLN F 321 14.01 -16.91 41.43
N ILE F 322 13.14 -15.89 41.29
CA ILE F 322 12.10 -15.58 42.31
C ILE F 322 11.25 -16.84 42.56
N PHE F 323 11.14 -17.75 41.59
CA PHE F 323 10.28 -18.94 41.67
C PHE F 323 11.05 -20.16 42.19
N ASN F 324 12.29 -19.99 42.63
CA ASN F 324 13.17 -21.12 43.04
C ASN F 324 12.47 -21.95 44.15
N LEU F 325 11.91 -21.29 45.15
CA LEU F 325 11.29 -21.97 46.33
C LEU F 325 9.98 -22.61 45.88
N LYS F 326 9.13 -21.87 45.17
CA LYS F 326 7.82 -22.38 44.72
C LYS F 326 8.03 -23.63 43.87
N LEU F 327 8.97 -23.59 42.93
CA LEU F 327 9.24 -24.72 42.02
C LEU F 327 9.69 -25.92 42.86
N GLU F 328 10.60 -25.72 43.81
CA GLU F 328 11.12 -26.82 44.63
C GLU F 328 9.98 -27.37 45.49
N ALA F 329 9.13 -26.50 46.03
CA ALA F 329 7.95 -26.89 46.83
C ALA F 329 7.06 -27.83 45.98
N ILE F 330 6.83 -27.50 44.71
CA ILE F 330 5.98 -28.33 43.83
C ILE F 330 6.67 -29.68 43.59
N ARG F 331 7.98 -29.68 43.34
CA ARG F 331 8.74 -30.95 43.11
C ARG F 331 8.61 -31.83 44.36
N GLN F 332 8.64 -31.24 45.55
CA GLN F 332 8.57 -31.97 46.85
C GLN F 332 7.12 -32.33 47.17
N ASN F 333 6.15 -31.83 46.41
CA ASN F 333 4.71 -32.15 46.60
C ASN F 333 4.29 -31.74 48.03
N ASP F 334 4.67 -30.53 48.44
CA ASP F 334 4.55 -30.05 49.84
C ASP F 334 3.63 -28.83 49.84
N LEU F 335 2.37 -29.00 50.21
CA LEU F 335 1.36 -27.91 50.11
C LEU F 335 1.78 -26.75 51.01
N LEU F 336 2.22 -27.02 52.24
CA LEU F 336 2.61 -25.95 53.19
C LEU F 336 3.69 -25.09 52.55
N ALA F 337 4.67 -25.70 51.89
CA ALA F 337 5.82 -24.98 51.29
C ALA F 337 5.33 -24.13 50.12
N VAL F 338 4.35 -24.63 49.35
CA VAL F 338 3.78 -23.83 48.22
C VAL F 338 3.04 -22.63 48.81
N MET F 339 2.27 -22.85 49.88
CA MET F 339 1.53 -21.76 50.56
C MET F 339 2.53 -20.70 51.01
N ILE F 340 3.62 -21.13 51.65
CA ILE F 340 4.68 -20.20 52.15
C ILE F 340 5.32 -19.49 50.94
N ALA F 341 5.70 -20.24 49.91
CA ALA F 341 6.35 -19.67 48.70
C ALA F 341 5.48 -18.53 48.15
N ASP F 342 4.16 -18.74 48.08
CA ASP F 342 3.23 -17.74 47.52
C ASP F 342 3.18 -16.51 48.44
N LYS F 343 3.22 -16.73 49.75
CA LYS F 343 3.21 -15.60 50.72
C LYS F 343 4.47 -14.76 50.55
N LEU F 344 5.60 -15.36 50.15
CA LEU F 344 6.89 -14.65 50.02
C LEU F 344 7.01 -13.98 48.64
N LEU F 345 6.26 -14.45 47.63
CA LEU F 345 6.24 -13.83 46.28
C LEU F 345 5.38 -12.56 46.33
N MET G 19 67.11 -23.59 75.14
CA MET G 19 65.69 -23.66 74.69
C MET G 19 65.23 -22.26 74.26
N LYS G 20 64.64 -22.15 73.07
CA LYS G 20 64.18 -20.84 72.53
C LYS G 20 62.84 -20.47 73.17
N LYS G 21 62.60 -19.17 73.28
CA LYS G 21 61.31 -18.61 73.76
C LYS G 21 60.20 -18.94 72.75
N VAL G 22 60.41 -18.61 71.48
CA VAL G 22 59.38 -18.72 70.43
C VAL G 22 59.97 -19.38 69.17
N SER G 23 59.20 -20.30 68.59
CA SER G 23 59.41 -20.81 67.22
C SER G 23 58.30 -20.24 66.34
N VAL G 24 58.65 -19.40 65.37
CA VAL G 24 57.69 -18.95 64.33
C VAL G 24 57.70 -20.00 63.23
N ILE G 25 56.54 -20.56 62.92
CA ILE G 25 56.37 -21.65 61.90
C ILE G 25 55.62 -21.05 60.72
N MET G 26 56.24 -21.07 59.55
CA MET G 26 55.71 -20.43 58.33
C MET G 26 55.78 -21.42 57.18
N PRO G 27 54.62 -21.99 56.75
CA PRO G 27 54.57 -22.74 55.50
C PRO G 27 54.67 -21.77 54.31
N THR G 28 55.34 -22.18 53.24
CA THR G 28 55.41 -21.39 51.98
C THR G 28 54.93 -22.24 50.81
N PHE G 29 54.39 -21.57 49.80
CA PHE G 29 54.08 -22.19 48.49
C PHE G 29 53.89 -21.09 47.44
N ASN G 30 54.84 -20.96 46.52
CA ASN G 30 54.74 -20.09 45.33
C ASN G 30 54.43 -18.64 45.76
N ASN G 31 55.08 -18.19 46.81
CA ASN G 31 54.88 -16.82 47.38
C ASN G 31 55.64 -15.80 46.53
N GLY G 32 56.82 -16.18 46.02
CA GLY G 32 57.65 -15.29 45.19
C GLY G 32 58.20 -14.12 46.01
N GLU G 33 58.33 -12.95 45.38
CA GLU G 33 59.14 -11.83 45.91
C GLU G 33 58.44 -11.19 47.13
N LYS G 34 57.12 -11.42 47.29
CA LYS G 34 56.31 -10.85 48.42
C LYS G 34 56.85 -11.38 49.76
N LEU G 35 57.47 -12.56 49.77
CA LEU G 35 57.94 -13.28 50.97
C LEU G 35 59.02 -12.46 51.68
N HIS G 36 59.79 -11.62 50.96
CA HIS G 36 60.82 -10.72 51.55
C HIS G 36 60.23 -9.94 52.72
N ARG G 37 59.09 -9.27 52.46
CA ARG G 37 58.43 -8.36 53.42
C ARG G 37 58.09 -9.14 54.69
N THR G 38 57.57 -10.36 54.54
CA THR G 38 57.14 -11.23 55.66
C THR G 38 58.37 -11.65 56.47
N ILE G 39 59.37 -12.22 55.79
CA ILE G 39 60.58 -12.76 56.47
C ILE G 39 61.25 -11.60 57.21
N SER G 40 61.34 -10.43 56.59
CA SER G 40 61.96 -9.23 57.19
C SER G 40 61.22 -8.85 58.48
N SER G 41 59.89 -8.96 58.49
CA SER G 41 59.06 -8.56 59.65
C SER G 41 59.38 -9.47 60.84
N VAL G 42 59.71 -10.75 60.58
CA VAL G 42 60.06 -11.74 61.63
C VAL G 42 61.50 -11.49 62.09
N LEU G 43 62.42 -11.14 61.19
CA LEU G 43 63.86 -10.98 61.55
C LEU G 43 64.06 -9.66 62.29
N ASN G 44 63.20 -8.66 62.05
CA ASN G 44 63.27 -7.33 62.71
C ASN G 44 62.31 -7.32 63.89
N GLN G 45 62.64 -8.05 64.97
CA GLN G 45 61.83 -8.07 66.21
C GLN G 45 62.62 -7.40 67.34
N THR G 46 61.92 -6.77 68.26
CA THR G 46 62.47 -6.22 69.53
C THR G 46 63.03 -7.36 70.38
N MET G 47 62.48 -8.57 70.25
CA MET G 47 62.99 -9.75 70.99
C MET G 47 64.44 -10.03 70.52
N LYS G 48 65.31 -10.37 71.48
CA LYS G 48 66.70 -10.86 71.23
C LYS G 48 66.62 -11.92 70.13
N SER G 49 67.46 -11.80 69.10
CA SER G 49 67.38 -12.66 67.89
C SER G 49 67.76 -14.10 68.23
N THR G 50 68.50 -14.33 69.32
CA THR G 50 68.92 -15.69 69.76
C THR G 50 67.81 -16.34 70.60
N ASP G 51 66.77 -15.58 70.98
CA ASP G 51 65.66 -16.10 71.82
C ASP G 51 64.55 -16.69 70.96
N TYR G 52 64.58 -16.51 69.64
CA TYR G 52 63.57 -17.09 68.75
C TYR G 52 64.18 -17.58 67.45
N GLU G 53 63.39 -18.36 66.71
CA GLU G 53 63.76 -18.91 65.40
C GLU G 53 62.56 -18.81 64.46
N LEU G 54 62.85 -18.67 63.17
CA LEU G 54 61.87 -18.73 62.07
C LEU G 54 62.09 -20.07 61.36
N ILE G 55 61.11 -20.96 61.43
CA ILE G 55 61.13 -22.25 60.72
C ILE G 55 60.27 -22.09 59.47
N ILE G 56 60.88 -22.22 58.30
CA ILE G 56 60.18 -22.12 56.99
C ILE G 56 60.04 -23.54 56.44
N ILE G 57 58.82 -23.95 56.10
CA ILE G 57 58.57 -25.28 55.48
C ILE G 57 57.91 -25.02 54.13
N ASP G 58 58.67 -25.19 53.05
CA ASP G 58 58.16 -24.98 51.68
C ASP G 58 57.42 -26.24 51.25
N ASP G 59 56.18 -26.07 50.79
CA ASP G 59 55.28 -27.19 50.39
C ASP G 59 55.56 -27.49 48.91
N HIS G 60 56.82 -27.73 48.57
CA HIS G 60 57.31 -28.08 47.22
C HIS G 60 56.82 -27.03 46.19
N SER G 61 57.20 -25.77 46.39
CA SER G 61 57.00 -24.66 45.43
C SER G 61 57.48 -25.08 44.04
N ASN G 62 56.73 -24.71 43.00
CA ASN G 62 57.05 -25.06 41.60
C ASN G 62 56.98 -23.78 40.73
N ASP G 63 57.41 -22.64 41.27
CA ASP G 63 57.27 -21.33 40.59
C ASP G 63 58.62 -20.94 39.95
N ASN G 64 59.27 -21.88 39.28
CA ASN G 64 60.56 -21.63 38.55
C ASN G 64 61.60 -21.11 39.55
N GLY G 65 61.57 -21.63 40.79
CA GLY G 65 62.58 -21.38 41.83
C GLY G 65 62.48 -19.99 42.45
N GLU G 66 61.45 -19.21 42.13
CA GLU G 66 61.33 -17.80 42.59
C GLU G 66 61.26 -17.79 44.12
N THR G 67 60.38 -18.63 44.69
CA THR G 67 60.14 -18.71 46.16
C THR G 67 61.43 -19.22 46.83
N LEU G 68 62.05 -20.27 46.30
CA LEU G 68 63.29 -20.84 46.89
C LEU G 68 64.40 -19.80 46.84
N ASN G 69 64.45 -18.98 45.78
CA ASN G 69 65.50 -17.93 45.60
C ASN G 69 65.35 -16.88 46.69
N VAL G 70 64.13 -16.53 47.07
CA VAL G 70 63.86 -15.54 48.15
C VAL G 70 64.34 -16.12 49.48
N ILE G 71 64.03 -17.40 49.74
CA ILE G 71 64.37 -18.08 51.02
C ILE G 71 65.90 -18.25 51.09
N LYS G 72 66.57 -18.48 49.97
CA LYS G 72 68.05 -18.73 49.91
C LYS G 72 68.82 -17.49 50.35
N LYS G 73 68.23 -16.30 50.20
CA LYS G 73 68.86 -15.02 50.63
C LYS G 73 68.94 -14.95 52.17
N TYR G 74 68.22 -15.79 52.92
CA TYR G 74 68.23 -15.79 54.40
C TYR G 74 68.83 -17.09 54.94
N LYS G 75 69.60 -17.83 54.13
CA LYS G 75 70.38 -19.00 54.59
C LYS G 75 71.22 -18.58 55.79
N GLY G 76 71.16 -19.36 56.88
CA GLY G 76 71.92 -19.09 58.11
C GLY G 76 71.14 -18.24 59.11
N LEU G 77 70.04 -17.60 58.68
CA LEU G 77 69.20 -16.75 59.56
C LEU G 77 67.88 -17.44 59.87
N VAL G 78 67.56 -18.56 59.21
CA VAL G 78 66.28 -19.28 59.36
C VAL G 78 66.58 -20.78 59.33
N ARG G 79 65.72 -21.59 59.93
CA ARG G 79 65.73 -23.06 59.70
C ARG G 79 64.78 -23.32 58.54
N PHE G 80 65.14 -24.21 57.63
CA PHE G 80 64.37 -24.43 56.39
C PHE G 80 64.27 -25.92 56.11
N LYS G 81 63.09 -26.34 55.66
CA LYS G 81 62.85 -27.75 55.27
C LYS G 81 61.95 -27.75 54.05
N GLN G 82 62.29 -28.52 53.02
CA GLN G 82 61.51 -28.58 51.76
C GLN G 82 60.81 -29.94 51.71
N LEU G 83 59.47 -29.94 51.65
CA LEU G 83 58.68 -31.17 51.49
C LEU G 83 58.88 -31.70 50.08
N LYS G 84 58.94 -33.03 49.93
CA LYS G 84 59.21 -33.71 48.62
C LYS G 84 58.01 -33.50 47.67
N LYS G 85 56.78 -33.44 48.19
CA LYS G 85 55.53 -33.29 47.38
C LYS G 85 54.64 -32.20 48.01
N ASN G 86 53.89 -31.48 47.17
CA ASN G 86 52.89 -30.48 47.64
C ASN G 86 51.76 -31.23 48.35
N SER G 87 51.59 -31.01 49.65
CA SER G 87 50.55 -31.64 50.50
C SER G 87 49.17 -31.07 50.14
N GLY G 88 49.09 -29.84 49.63
CA GLY G 88 47.84 -29.21 49.18
C GLY G 88 47.28 -28.24 50.22
N ASN G 89 47.53 -28.47 51.51
CA ASN G 89 47.09 -27.54 52.59
C ASN G 89 48.25 -27.31 53.57
N ALA G 90 48.04 -26.41 54.52
CA ALA G 90 49.08 -25.92 55.46
C ALA G 90 49.28 -26.93 56.61
N SER G 91 48.41 -27.94 56.72
CA SER G 91 48.44 -28.91 57.85
C SER G 91 49.79 -29.64 57.90
N VAL G 92 50.22 -30.25 56.79
CA VAL G 92 51.46 -31.08 56.78
C VAL G 92 52.66 -30.18 57.10
N PRO G 93 52.86 -29.04 56.40
CA PRO G 93 53.94 -28.13 56.74
C PRO G 93 53.96 -27.66 58.19
N ARG G 94 52.79 -27.32 58.74
CA ARG G 94 52.68 -26.85 60.14
C ARG G 94 53.07 -27.99 61.10
N ASN G 95 52.66 -29.22 60.80
CA ASN G 95 53.00 -30.40 61.64
C ASN G 95 54.52 -30.61 61.59
N THR G 96 55.12 -30.44 60.41
CA THR G 96 56.60 -30.55 60.22
C THR G 96 57.30 -29.52 61.10
N GLY G 97 56.82 -28.27 61.09
CA GLY G 97 57.31 -27.18 61.95
C GLY G 97 57.22 -27.52 63.43
N LEU G 98 56.10 -28.11 63.85
CA LEU G 98 55.88 -28.49 65.27
C LEU G 98 56.94 -29.53 65.69
N LYS G 99 57.19 -30.55 64.86
CA LYS G 99 58.20 -31.60 65.15
C LYS G 99 59.58 -30.94 65.29
N MET G 100 59.85 -29.88 64.50
CA MET G 100 61.18 -29.23 64.42
C MET G 100 61.38 -28.27 65.60
N SER G 101 60.31 -27.81 66.25
CA SER G 101 60.42 -26.80 67.33
C SER G 101 60.59 -27.48 68.69
N LYS G 102 61.51 -26.97 69.50
CA LYS G 102 61.69 -27.35 70.92
C LYS G 102 61.56 -26.10 71.80
N ALA G 103 60.87 -25.07 71.29
CA ALA G 103 60.71 -23.77 71.98
C ALA G 103 59.60 -23.87 73.04
N GLU G 104 59.51 -22.83 73.86
CA GLU G 104 58.51 -22.73 74.95
C GLU G 104 57.14 -22.48 74.31
N TYR G 105 57.11 -21.61 73.31
CA TYR G 105 55.89 -21.24 72.54
C TYR G 105 56.15 -21.36 71.04
N VAL G 106 55.09 -21.66 70.29
CA VAL G 106 55.10 -21.59 68.81
C VAL G 106 54.13 -20.50 68.36
N PHE G 107 54.43 -19.89 67.23
CA PHE G 107 53.60 -18.85 66.60
C PHE G 107 53.50 -19.19 65.12
N PHE G 108 52.29 -19.47 64.64
CA PHE G 108 52.06 -19.81 63.22
C PHE G 108 51.85 -18.50 62.44
N LEU G 109 52.56 -18.35 61.34
CA LEU G 109 52.54 -17.15 60.46
C LEU G 109 52.24 -17.61 59.03
N ASP G 110 51.25 -16.97 58.38
CA ASP G 110 50.97 -17.20 56.94
C ASP G 110 52.00 -16.41 56.13
N SER G 111 52.41 -16.98 54.99
CA SER G 111 53.54 -16.53 54.15
C SER G 111 53.35 -15.11 53.62
N ASP G 112 52.12 -14.60 53.53
CA ASP G 112 51.91 -13.24 52.95
C ASP G 112 51.68 -12.18 54.03
N ASP G 113 51.84 -12.53 55.32
CA ASP G 113 51.40 -11.68 56.45
C ASP G 113 52.64 -11.01 57.08
N LEU G 114 52.42 -10.05 57.98
CA LEU G 114 53.49 -9.27 58.63
C LEU G 114 53.34 -9.33 60.15
N LEU G 115 54.45 -9.44 60.86
CA LEU G 115 54.50 -9.26 62.33
C LEU G 115 54.92 -7.82 62.63
N HIS G 116 54.25 -7.16 63.56
CA HIS G 116 54.71 -5.92 64.21
C HIS G 116 56.07 -6.19 64.85
N GLU G 117 56.93 -5.18 64.91
CA GLU G 117 58.32 -5.34 65.43
C GLU G 117 58.28 -5.78 66.90
N ARG G 118 57.20 -5.49 67.63
CA ARG G 118 57.14 -5.81 69.09
C ARG G 118 56.24 -7.01 69.37
N ALA G 119 55.95 -7.84 68.37
CA ALA G 119 54.95 -8.92 68.47
C ALA G 119 55.48 -10.03 69.38
N LEU G 120 56.63 -10.62 69.05
CA LEU G 120 57.14 -11.80 69.80
C LEU G 120 57.43 -11.40 71.25
N GLU G 121 58.11 -10.27 71.46
CA GLU G 121 58.51 -9.81 72.82
C GLU G 121 57.25 -9.55 73.66
N ASP G 122 56.35 -8.69 73.19
CA ASP G 122 55.15 -8.27 73.95
C ASP G 122 54.25 -9.47 74.26
N LEU G 123 53.99 -10.32 73.28
CA LEU G 123 53.09 -11.50 73.46
C LEU G 123 53.75 -12.49 74.42
N TYR G 124 55.04 -12.78 74.23
CA TYR G 124 55.76 -13.74 75.11
C TYR G 124 55.75 -13.20 76.54
N ASN G 125 56.11 -11.93 76.73
CA ASN G 125 56.22 -11.32 78.08
C ASN G 125 54.85 -11.39 78.75
N TYR G 126 53.77 -11.07 78.03
CA TYR G 126 52.38 -11.07 78.59
C TYR G 126 52.03 -12.51 78.97
N GLY G 127 52.41 -13.46 78.12
CA GLY G 127 52.15 -14.90 78.37
C GLY G 127 52.88 -15.39 79.59
N LYS G 128 54.15 -15.05 79.71
CA LYS G 128 55.03 -15.49 80.82
C LYS G 128 54.50 -14.89 82.14
N GLU G 129 54.11 -13.62 82.11
CA GLU G 129 53.61 -12.87 83.29
C GLU G 129 52.26 -13.44 83.74
N ASN G 130 51.45 -14.02 82.84
CA ASN G 130 50.09 -14.50 83.18
C ASN G 130 50.02 -16.02 83.04
N ASN G 131 51.15 -16.70 82.93
CA ASN G 131 51.21 -18.18 82.83
C ASN G 131 50.21 -18.64 81.75
N SER G 132 50.19 -17.94 80.61
CA SER G 132 49.23 -18.17 79.50
C SER G 132 49.63 -19.40 78.70
N ASP G 133 48.64 -20.24 78.38
CA ASP G 133 48.77 -21.35 77.41
C ASP G 133 48.61 -20.78 76.00
N LEU G 134 47.91 -19.64 75.88
CA LEU G 134 47.57 -19.05 74.57
C LEU G 134 47.61 -17.53 74.70
N ILE G 135 48.26 -16.87 73.76
CA ILE G 135 48.26 -15.38 73.70
C ILE G 135 47.81 -14.96 72.31
N ILE G 136 46.83 -14.08 72.26
CA ILE G 136 46.22 -13.61 70.99
C ILE G 136 46.52 -12.13 70.85
N GLY G 137 47.30 -11.77 69.82
CA GLY G 137 47.61 -10.38 69.50
C GLY G 137 46.60 -9.81 68.54
N LYS G 138 46.24 -8.53 68.72
CA LYS G 138 45.25 -7.84 67.86
C LYS G 138 45.71 -7.94 66.40
N TYR G 139 44.78 -8.29 65.51
CA TYR G 139 45.00 -8.42 64.05
C TYR G 139 44.68 -7.09 63.39
N GLY G 140 45.54 -6.67 62.46
CA GLY G 140 45.25 -5.64 61.47
C GLY G 140 45.11 -6.25 60.09
N VAL G 141 44.66 -5.47 59.13
CA VAL G 141 44.40 -5.98 57.75
C VAL G 141 44.88 -4.94 56.75
N GLU G 142 45.48 -5.41 55.66
CA GLU G 142 45.88 -4.60 54.49
C GLU G 142 45.09 -5.10 53.27
N GLY G 143 44.25 -4.25 52.69
CA GLY G 143 43.48 -4.55 51.47
C GLY G 143 42.16 -5.25 51.77
N LYS G 144 41.28 -5.30 50.77
CA LYS G 144 39.96 -5.98 50.86
C LYS G 144 40.15 -7.47 50.55
N GLY G 145 39.32 -8.33 51.15
CA GLY G 145 39.40 -9.79 51.00
C GLY G 145 39.08 -10.50 52.30
N ARG G 146 40.03 -11.27 52.85
CA ARG G 146 39.97 -11.86 54.20
C ARG G 146 39.63 -10.74 55.21
N SER G 147 38.61 -10.99 56.04
CA SER G 147 38.30 -10.16 57.24
C SER G 147 39.07 -10.73 58.44
N VAL G 148 39.16 -9.96 59.52
CA VAL G 148 39.83 -10.40 60.79
C VAL G 148 38.87 -10.19 61.94
N PRO G 149 38.99 -10.98 63.02
CA PRO G 149 38.16 -10.80 64.21
C PRO G 149 38.38 -9.42 64.83
N LYS G 150 37.33 -8.87 65.44
CA LYS G 150 37.31 -7.51 66.04
C LYS G 150 36.78 -7.59 67.48
N ALA G 151 35.70 -8.33 67.71
CA ALA G 151 34.99 -8.37 69.00
C ALA G 151 35.93 -8.83 70.11
N ILE G 152 36.77 -9.84 69.84
CA ILE G 152 37.74 -10.37 70.84
C ILE G 152 38.66 -9.26 71.38
N PHE G 153 38.92 -8.19 70.62
CA PHE G 153 39.90 -7.14 71.00
C PHE G 153 39.21 -5.88 71.53
N GLU G 154 37.89 -5.90 71.69
CA GLU G 154 37.10 -4.68 72.00
C GLU G 154 37.15 -4.38 73.50
N LYS G 155 37.70 -5.26 74.34
CA LYS G 155 37.74 -5.06 75.82
C LYS G 155 39.18 -4.73 76.25
N GLY G 156 40.06 -4.42 75.30
CA GLY G 156 41.49 -4.18 75.56
C GLY G 156 42.20 -5.43 76.04
N ASN G 157 43.29 -5.28 76.80
CA ASN G 157 44.09 -6.42 77.28
C ASN G 157 43.26 -7.24 78.27
N VAL G 158 43.32 -8.55 78.13
CA VAL G 158 42.65 -9.52 79.04
C VAL G 158 43.67 -10.58 79.39
N ALA G 159 44.01 -10.70 80.67
CA ALA G 159 45.07 -11.60 81.16
C ALA G 159 44.53 -13.03 81.26
N LYS G 160 43.28 -13.17 81.72
CA LYS G 160 42.59 -14.48 81.86
C LYS G 160 41.26 -14.40 81.12
N ALA G 161 41.25 -14.68 79.82
CA ALA G 161 40.08 -14.50 78.96
C ALA G 161 39.12 -15.69 79.10
N ASP G 162 37.87 -15.48 78.68
CA ASP G 162 36.79 -16.49 78.73
C ASP G 162 36.31 -16.72 77.31
N ILE G 163 36.17 -17.97 76.89
CA ILE G 163 35.80 -18.30 75.50
C ILE G 163 34.55 -17.53 75.11
N ILE G 164 33.53 -17.56 75.94
CA ILE G 164 32.21 -16.96 75.61
C ILE G 164 32.26 -15.43 75.75
N ASP G 165 32.72 -14.93 76.90
CA ASP G 165 32.68 -13.48 77.19
C ASP G 165 33.65 -12.71 76.28
N ASN G 166 34.68 -13.35 75.74
CA ASN G 166 35.73 -12.66 74.93
C ASN G 166 35.67 -13.12 73.47
N SER G 167 34.59 -13.77 73.05
CA SER G 167 34.28 -14.04 71.63
C SER G 167 35.42 -14.84 70.98
N ILE G 168 35.98 -15.82 71.70
CA ILE G 168 37.16 -16.58 71.21
C ILE G 168 36.75 -17.51 70.07
N PHE G 169 35.52 -17.99 70.05
CA PHE G 169 35.02 -18.88 68.97
C PHE G 169 34.86 -18.10 67.67
N TYR G 170 35.02 -16.77 67.69
CA TYR G 170 35.03 -15.92 66.48
C TYR G 170 36.46 -15.59 66.05
N ALA G 171 37.48 -16.18 66.69
CA ALA G 171 38.90 -15.95 66.34
C ALA G 171 39.67 -17.26 66.48
N LEU G 172 39.33 -18.25 65.63
CA LEU G 172 39.84 -19.64 65.78
C LEU G 172 41.01 -19.88 64.82
N SER G 173 41.59 -18.84 64.20
CA SER G 173 42.83 -19.01 63.38
C SER G 173 43.96 -19.49 64.30
N VAL G 174 45.01 -20.07 63.75
CA VAL G 174 46.20 -20.48 64.56
C VAL G 174 47.25 -19.37 64.50
N LEU G 175 46.87 -18.14 64.12
CA LEU G 175 47.83 -17.00 64.02
C LEU G 175 47.97 -16.40 65.42
N LYS G 176 48.51 -17.20 66.33
CA LYS G 176 48.52 -16.96 67.79
C LYS G 176 49.78 -17.59 68.38
N MET G 177 50.07 -17.27 69.64
CA MET G 177 51.20 -17.86 70.38
C MET G 177 50.65 -18.97 71.28
N PHE G 178 51.01 -20.23 70.98
CA PHE G 178 50.58 -21.44 71.73
C PHE G 178 51.73 -22.00 72.55
N LYS G 179 51.47 -22.37 73.81
CA LYS G 179 52.46 -23.05 74.67
C LYS G 179 52.69 -24.45 74.12
N LYS G 180 53.95 -24.80 73.83
CA LYS G 180 54.31 -26.06 73.14
C LYS G 180 53.99 -27.26 74.02
N SER G 181 54.14 -27.13 75.33
CA SER G 181 53.94 -28.28 76.27
C SER G 181 52.50 -28.78 76.17
N VAL G 182 51.53 -27.89 75.96
CA VAL G 182 50.10 -28.29 75.84
C VAL G 182 49.93 -29.11 74.56
N ILE G 183 50.56 -28.66 73.46
CA ILE G 183 50.53 -29.36 72.14
C ILE G 183 51.18 -30.75 72.29
N ASP G 184 52.34 -30.82 72.95
CA ASP G 184 53.13 -32.07 73.11
C ASP G 184 52.38 -33.04 74.03
N LYS G 185 51.96 -32.61 75.22
CA LYS G 185 51.30 -33.47 76.24
C LYS G 185 50.01 -34.07 75.65
N ASN G 186 49.26 -33.31 74.86
CA ASN G 186 47.94 -33.74 74.33
C ASN G 186 48.08 -34.22 72.88
N LYS G 187 49.31 -34.25 72.35
CA LYS G 187 49.61 -34.76 70.99
C LYS G 187 48.66 -34.09 69.98
N ILE G 188 48.57 -32.76 70.03
CA ILE G 188 47.71 -31.96 69.12
C ILE G 188 48.47 -31.75 67.81
N LYS G 189 47.91 -32.25 66.72
CA LYS G 189 48.44 -32.13 65.34
C LYS G 189 47.33 -31.55 64.46
N PHE G 190 47.69 -30.85 63.40
CA PHE G 190 46.74 -30.44 62.35
C PHE G 190 46.28 -31.70 61.61
N LYS G 191 44.99 -31.85 61.37
CA LYS G 191 44.46 -33.03 60.64
C LYS G 191 44.42 -32.66 59.14
N THR G 192 44.28 -33.68 58.29
CA THR G 192 44.18 -33.56 56.82
C THR G 192 42.86 -34.20 56.34
N PHE G 193 41.87 -34.32 57.22
CA PHE G 193 40.51 -34.82 56.89
C PHE G 193 39.87 -33.96 55.79
N SER G 194 40.06 -32.64 55.89
CA SER G 194 39.50 -31.63 54.95
C SER G 194 40.51 -30.52 54.67
N LYS G 195 40.25 -29.74 53.61
CA LYS G 195 41.10 -28.63 53.13
C LYS G 195 40.78 -27.37 53.95
N THR G 196 39.66 -27.40 54.68
CA THR G 196 39.04 -26.23 55.37
C THR G 196 38.77 -26.61 56.82
N ALA G 197 38.83 -25.59 57.70
CA ALA G 197 38.47 -25.66 59.14
C ALA G 197 39.46 -26.49 59.97
N GLU G 198 40.62 -26.85 59.44
CA GLU G 198 41.61 -27.67 60.15
C GLU G 198 42.31 -26.81 61.21
N ASP G 199 42.47 -25.51 60.91
CA ASP G 199 43.03 -24.52 61.87
C ASP G 199 42.05 -24.35 63.04
N GLN G 200 40.74 -24.27 62.75
CA GLN G 200 39.69 -24.14 63.79
C GLN G 200 39.78 -25.33 64.73
N LEU G 201 39.85 -26.54 64.18
CA LEU G 201 39.87 -27.79 64.99
C LEU G 201 41.09 -27.75 65.91
N PHE G 202 42.23 -27.32 65.39
CA PHE G 202 43.50 -27.25 66.16
C PHE G 202 43.31 -26.30 67.35
N THR G 203 42.83 -25.08 67.08
CA THR G 203 42.63 -24.07 68.15
C THR G 203 41.59 -24.58 69.16
N ILE G 204 40.53 -25.21 68.68
CA ILE G 204 39.47 -25.74 69.59
C ILE G 204 40.09 -26.83 70.46
N GLU G 205 40.83 -27.76 69.89
CA GLU G 205 41.46 -28.87 70.66
C GLU G 205 42.36 -28.25 71.73
N PHE G 206 43.08 -27.19 71.36
CA PHE G 206 44.02 -26.50 72.29
C PHE G 206 43.22 -25.84 73.43
N LEU G 207 42.17 -25.10 73.07
CA LEU G 207 41.32 -24.37 74.04
C LEU G 207 40.70 -25.36 75.02
N MET G 208 40.24 -26.51 74.53
CA MET G 208 39.55 -27.51 75.38
C MET G 208 40.56 -28.26 76.26
N ASN G 209 41.87 -28.05 76.07
CA ASN G 209 42.91 -28.76 76.87
C ASN G 209 43.79 -27.74 77.60
N SER G 210 43.34 -26.51 77.78
CA SER G 210 44.10 -25.45 78.48
C SER G 210 43.12 -24.48 79.14
N LYS G 211 43.60 -23.64 80.07
CA LYS G 211 42.72 -22.74 80.86
C LYS G 211 43.11 -21.27 80.65
N ASN G 212 44.40 -20.99 80.45
CA ASN G 212 44.93 -19.61 80.56
C ASN G 212 45.06 -19.04 79.15
N TYR G 213 44.18 -18.10 78.81
CA TYR G 213 44.18 -17.42 77.49
C TYR G 213 44.31 -15.93 77.73
N SER G 214 45.16 -15.29 76.95
CA SER G 214 45.49 -13.85 77.10
C SER G 214 45.23 -13.17 75.77
N ILE G 215 44.78 -11.93 75.83
CA ILE G 215 44.48 -11.08 74.66
C ILE G 215 45.28 -9.79 74.81
N LYS G 216 46.10 -9.46 73.83
CA LYS G 216 47.01 -8.27 73.86
C LYS G 216 46.59 -7.38 72.69
N THR G 217 46.30 -6.10 72.96
CA THR G 217 45.69 -5.19 71.97
C THR G 217 46.46 -3.86 71.89
N ASP G 218 47.66 -3.77 72.44
CA ASP G 218 48.46 -2.52 72.48
C ASP G 218 48.76 -2.08 71.04
N TYR G 219 49.05 -3.02 70.15
CA TYR G 219 49.37 -2.76 68.73
C TYR G 219 48.63 -3.76 67.84
N GLU G 220 48.52 -3.45 66.55
CA GLU G 220 48.18 -4.45 65.51
C GLU G 220 49.40 -5.34 65.35
N TYR G 221 49.49 -6.40 66.16
CA TYR G 221 50.69 -7.25 66.30
C TYR G 221 50.88 -8.14 65.07
N TYR G 222 49.78 -8.53 64.42
CA TYR G 222 49.75 -9.43 63.25
C TYR G 222 48.91 -8.73 62.17
N ILE G 223 49.48 -8.49 61.00
CA ILE G 223 48.76 -7.86 59.86
C ILE G 223 48.48 -8.92 58.80
N VAL G 224 47.21 -9.25 58.59
CA VAL G 224 46.76 -10.10 57.44
C VAL G 224 46.85 -9.24 56.17
N VAL G 225 47.61 -9.69 55.18
CA VAL G 225 47.76 -8.96 53.89
C VAL G 225 46.97 -9.69 52.81
N ASN G 226 45.96 -9.02 52.24
CA ASN G 226 45.18 -9.50 51.07
C ASN G 226 45.90 -9.14 49.76
N THR G 240 30.17 -31.54 48.00
CA THR G 240 29.82 -32.53 49.06
C THR G 240 30.65 -32.21 50.33
N GLY G 241 30.03 -32.26 51.48
CA GLY G 241 30.66 -31.82 52.74
C GLY G 241 31.02 -32.99 53.59
N ASN G 242 31.35 -34.15 53.02
CA ASN G 242 31.71 -35.34 53.83
C ASN G 242 32.93 -35.01 54.71
N GLN G 243 33.92 -34.34 54.14
CA GLN G 243 35.22 -34.06 54.80
C GLN G 243 35.06 -32.87 55.76
N TYR G 244 34.41 -31.80 55.28
CA TYR G 244 34.18 -30.57 56.07
C TYR G 244 33.42 -30.92 57.35
N PHE G 245 32.31 -31.67 57.23
CA PHE G 245 31.43 -31.95 58.40
C PHE G 245 32.08 -33.00 59.30
N ALA G 246 33.03 -33.79 58.80
CA ALA G 246 33.85 -34.69 59.65
C ALA G 246 34.72 -33.82 60.58
N THR G 247 35.21 -32.70 60.08
CA THR G 247 36.03 -31.75 60.85
C THR G 247 35.12 -31.04 61.87
N ILE G 248 33.93 -30.62 61.46
CA ILE G 248 32.97 -29.93 62.36
C ILE G 248 32.58 -30.89 63.48
N ASN G 249 32.39 -32.15 63.12
CA ASN G 249 32.05 -33.21 64.10
C ASN G 249 33.15 -33.31 65.14
N GLU G 250 34.42 -33.20 64.74
CA GLU G 250 35.59 -33.31 65.65
C GLU G 250 35.60 -32.11 66.61
N ILE G 251 35.16 -30.94 66.15
CA ILE G 251 35.12 -29.72 67.01
C ILE G 251 34.11 -29.97 68.14
N TYR G 252 32.93 -30.46 67.82
CA TYR G 252 31.88 -30.75 68.83
C TYR G 252 32.41 -31.85 69.76
N LYS G 253 33.06 -32.88 69.23
CA LYS G 253 33.65 -33.98 70.03
C LYS G 253 34.65 -33.39 71.03
N ALA G 254 35.48 -32.45 70.60
CA ALA G 254 36.55 -31.86 71.44
C ALA G 254 35.88 -31.12 72.61
N ILE G 255 34.78 -30.44 72.36
CA ILE G 255 34.06 -29.65 73.39
C ILE G 255 33.48 -30.61 74.42
N TYR G 256 32.80 -31.67 73.96
CA TYR G 256 32.03 -32.58 74.86
C TYR G 256 32.96 -33.57 75.56
N LYS G 257 34.25 -33.62 75.19
CA LYS G 257 35.25 -34.52 75.85
C LYS G 257 36.27 -33.69 76.62
N SER G 258 36.06 -32.38 76.74
CA SER G 258 37.06 -31.45 77.34
C SER G 258 37.34 -31.85 78.77
N PRO G 259 38.63 -32.11 79.13
CA PRO G 259 38.99 -32.32 80.53
C PRO G 259 39.07 -31.02 81.35
N ILE G 260 39.01 -29.86 80.68
CA ILE G 260 39.01 -28.53 81.36
C ILE G 260 37.55 -28.14 81.63
N TYR G 261 36.70 -28.16 80.62
CA TYR G 261 35.25 -27.83 80.73
C TYR G 261 34.46 -29.11 80.90
N LYS G 262 34.40 -29.62 82.13
CA LYS G 262 33.85 -30.96 82.45
C LYS G 262 32.36 -30.86 82.71
N ASN G 263 31.88 -29.71 83.16
CA ASN G 263 30.46 -29.51 83.51
C ASN G 263 29.63 -29.62 82.22
N GLN G 264 28.62 -30.49 82.22
CA GLN G 264 27.86 -30.82 81.00
C GLN G 264 27.13 -29.56 80.51
N GLU G 265 26.63 -28.72 81.42
CA GLU G 265 25.88 -27.52 81.02
C GLU G 265 26.84 -26.53 80.37
N LYS G 266 28.09 -26.50 80.84
CA LYS G 266 29.11 -25.59 80.27
C LYS G 266 29.45 -26.05 78.85
N ARG G 267 29.52 -27.36 78.65
CA ARG G 267 29.72 -27.96 77.31
C ARG G 267 28.56 -27.56 76.39
N HIS G 268 27.32 -27.62 76.87
CA HIS G 268 26.13 -27.24 76.05
C HIS G 268 26.26 -25.79 75.62
N GLN G 269 26.72 -24.92 76.53
CA GLN G 269 26.85 -23.47 76.26
C GLN G 269 27.92 -23.27 75.18
N LEU G 270 29.06 -23.96 75.32
CA LEU G 270 30.20 -23.84 74.36
C LEU G 270 29.73 -24.36 73.00
N ALA G 271 29.08 -25.53 72.97
CA ALA G 271 28.58 -26.15 71.74
C ALA G 271 27.57 -25.21 71.07
N GLY G 272 26.68 -24.59 71.84
CA GLY G 272 25.70 -23.65 71.29
C GLY G 272 26.36 -22.42 70.71
N LYS G 273 27.45 -21.97 71.35
CA LYS G 273 28.17 -20.78 70.86
C LYS G 273 28.84 -21.16 69.53
N TYR G 274 29.40 -22.38 69.45
CA TYR G 274 30.07 -22.81 68.21
C TYR G 274 29.02 -22.92 67.09
N THR G 275 27.83 -23.45 67.40
CA THR G 275 26.72 -23.59 66.43
C THR G 275 26.39 -22.20 65.86
N THR G 276 26.29 -21.20 66.74
CA THR G 276 26.02 -19.80 66.30
C THR G 276 27.11 -19.36 65.34
N ARG G 277 28.37 -19.57 65.69
CA ARG G 277 29.53 -19.14 64.84
C ARG G 277 29.45 -19.86 63.49
N LEU G 278 29.11 -21.14 63.49
CA LEU G 278 29.01 -21.98 62.28
C LEU G 278 27.90 -21.43 61.37
N LEU G 279 26.76 -21.04 61.94
CA LEU G 279 25.62 -20.50 61.13
C LEU G 279 25.94 -19.07 60.68
N ARG G 280 26.78 -18.34 61.40
CA ARG G 280 27.13 -16.94 61.04
C ARG G 280 28.26 -16.92 59.99
N HIS G 281 29.19 -17.86 60.04
CA HIS G 281 30.47 -17.74 59.29
C HIS G 281 30.90 -19.06 58.64
N GLY G 282 30.11 -20.12 58.74
CA GLY G 282 30.50 -21.44 58.19
C GLY G 282 30.64 -21.41 56.67
N GLN G 283 31.35 -22.40 56.13
CA GLN G 283 31.49 -22.63 54.68
C GLN G 283 30.10 -22.84 54.08
N LYS G 284 29.82 -22.17 52.96
CA LYS G 284 28.57 -22.35 52.17
C LYS G 284 27.36 -22.15 53.09
N LYS G 285 27.38 -21.10 53.91
CA LYS G 285 26.32 -20.88 54.92
C LYS G 285 24.98 -20.68 54.19
N ASN G 286 24.99 -20.18 52.96
CA ASN G 286 23.76 -19.86 52.19
C ASN G 286 23.59 -20.86 51.03
N PHE G 287 23.96 -22.12 51.23
CA PHE G 287 23.92 -23.16 50.19
C PHE G 287 22.46 -23.39 49.72
N ALA G 288 21.48 -23.25 50.60
CA ALA G 288 20.10 -23.71 50.35
C ALA G 288 19.48 -22.96 49.15
N ASN G 289 19.68 -21.65 49.05
CA ASN G 289 19.08 -20.83 47.95
C ASN G 289 20.11 -20.56 46.86
N SER G 290 21.25 -21.28 46.87
CA SER G 290 22.38 -21.05 45.93
C SER G 290 22.13 -21.74 44.59
N LYS G 291 23.10 -21.64 43.67
CA LYS G 291 23.07 -22.22 42.32
C LYS G 291 23.61 -23.66 42.34
N MET G 292 23.94 -24.18 43.52
CA MET G 292 24.33 -25.59 43.75
C MET G 292 23.26 -26.54 43.16
N LYS G 293 23.69 -27.60 42.48
CA LYS G 293 22.78 -28.66 41.98
C LYS G 293 21.98 -29.23 43.17
N TYR G 294 20.71 -29.50 42.96
CA TYR G 294 19.78 -30.09 43.97
C TYR G 294 20.44 -31.28 44.67
N GLU G 295 21.01 -32.21 43.91
CA GLU G 295 21.54 -33.48 44.47
C GLU G 295 22.69 -33.15 45.44
N ASP G 296 23.48 -32.10 45.14
CA ASP G 296 24.62 -31.66 45.98
C ASP G 296 24.09 -30.98 47.24
N LYS G 297 23.01 -30.21 47.11
CA LYS G 297 22.35 -29.56 48.27
C LYS G 297 21.89 -30.64 49.23
N ILE G 298 21.27 -31.71 48.73
CA ILE G 298 20.73 -32.80 49.56
C ILE G 298 21.90 -33.48 50.29
N GLU G 299 22.99 -33.76 49.58
CA GLU G 299 24.15 -34.46 50.16
C GLU G 299 24.78 -33.56 51.23
N TRP G 300 24.91 -32.28 50.94
CA TRP G 300 25.51 -31.28 51.87
C TRP G 300 24.65 -31.18 53.13
N LEU G 301 23.34 -31.00 52.98
CA LEU G 301 22.40 -30.85 54.13
C LEU G 301 22.38 -32.17 54.91
N ASN G 302 22.49 -33.31 54.22
CA ASN G 302 22.47 -34.63 54.89
C ASN G 302 23.67 -34.71 55.85
N ASN G 303 24.86 -34.30 55.39
CA ASN G 303 26.09 -34.33 56.21
C ASN G 303 25.96 -33.34 57.38
N PHE G 304 25.40 -32.16 57.11
CA PHE G 304 25.21 -31.10 58.12
C PHE G 304 24.26 -31.63 59.20
N SER G 305 23.16 -32.22 58.75
CA SER G 305 22.09 -32.75 59.62
C SER G 305 22.66 -33.87 60.50
N LYS G 306 23.37 -34.83 59.90
CA LYS G 306 23.97 -36.00 60.62
C LYS G 306 24.89 -35.46 61.72
N THR G 307 25.69 -34.45 61.42
CA THR G 307 26.70 -33.89 62.34
C THR G 307 25.98 -33.17 63.48
N ILE G 308 25.03 -32.30 63.15
CA ILE G 308 24.32 -31.48 64.17
C ILE G 308 23.46 -32.39 65.06
N ASN G 309 22.97 -33.52 64.53
CA ASN G 309 22.09 -34.42 65.32
C ASN G 309 22.90 -35.28 66.28
N LYS G 310 24.23 -35.23 66.24
CA LYS G 310 25.09 -35.84 67.28
C LYS G 310 25.32 -34.82 68.41
N VAL G 311 24.92 -33.57 68.22
CA VAL G 311 25.06 -32.51 69.26
C VAL G 311 23.77 -32.48 70.08
N PRO G 312 23.85 -32.62 71.42
CA PRO G 312 22.67 -32.56 72.27
C PRO G 312 21.78 -31.33 71.99
N ARG G 313 20.47 -31.53 71.99
CA ARG G 313 19.48 -30.43 71.83
C ARG G 313 19.56 -29.46 73.01
N ASP G 314 20.14 -29.89 74.14
CA ASP G 314 20.39 -29.01 75.31
C ASP G 314 21.26 -27.80 74.92
N SER G 315 22.05 -27.89 73.85
CA SER G 315 22.92 -26.77 73.40
C SER G 315 22.09 -25.72 72.67
N ASP G 316 20.91 -26.09 72.15
CA ASP G 316 20.14 -25.23 71.20
C ASP G 316 19.71 -23.94 71.90
N LYS G 317 19.41 -23.99 73.19
CA LYS G 317 18.93 -22.78 73.93
C LYS G 317 20.06 -21.75 74.03
N TYR G 318 21.32 -22.13 73.79
CA TYR G 318 22.48 -21.20 73.84
C TYR G 318 22.75 -20.61 72.45
N VAL G 319 22.02 -21.06 71.42
CA VAL G 319 22.19 -20.54 70.04
C VAL G 319 21.39 -19.23 69.94
N THR G 320 21.95 -18.21 69.31
CA THR G 320 21.26 -16.89 69.15
C THR G 320 19.92 -17.15 68.45
N GLN G 321 18.84 -16.58 68.98
CA GLN G 321 17.45 -17.00 68.67
C GLN G 321 17.08 -16.71 67.20
N ILE G 322 17.69 -15.73 66.52
CA ILE G 322 17.39 -15.48 65.07
C ILE G 322 17.60 -16.77 64.26
N PHE G 323 18.46 -17.67 64.73
CA PHE G 323 18.83 -18.91 64.00
C PHE G 323 17.96 -20.09 64.44
N ASN G 324 16.94 -19.87 65.27
CA ASN G 324 16.11 -20.96 65.85
C ASN G 324 15.52 -21.80 64.72
N LEU G 325 14.95 -21.17 63.68
CA LEU G 325 14.26 -21.90 62.59
C LEU G 325 15.29 -22.62 61.72
N LYS G 326 16.35 -21.91 61.33
CA LYS G 326 17.39 -22.51 60.46
C LYS G 326 17.99 -23.74 61.15
N LEU G 327 18.31 -23.63 62.43
CA LEU G 327 18.92 -24.74 63.19
C LEU G 327 17.95 -25.93 63.20
N GLU G 328 16.67 -25.67 63.48
CA GLU G 328 15.66 -26.76 63.57
C GLU G 328 15.50 -27.37 62.18
N ALA G 329 15.50 -26.54 61.14
CA ALA G 329 15.41 -27.02 59.74
C ALA G 329 16.56 -28.00 59.45
N ILE G 330 17.77 -27.68 59.88
CA ILE G 330 18.96 -28.55 59.64
C ILE G 330 18.79 -29.85 60.43
N ARG G 331 18.32 -29.78 61.68
CA ARG G 331 18.10 -30.99 62.49
C ARG G 331 17.09 -31.90 61.79
N GLN G 332 16.05 -31.32 61.20
CA GLN G 332 14.96 -32.06 60.50
C GLN G 332 15.42 -32.51 59.10
N ASN G 333 16.59 -32.05 58.63
CA ASN G 333 17.15 -32.44 57.31
C ASN G 333 16.14 -32.07 56.23
N ASP G 334 15.60 -30.85 56.29
CA ASP G 334 14.48 -30.38 55.45
C ASP G 334 14.97 -29.21 54.60
N LEU G 335 15.29 -29.45 53.32
CA LEU G 335 15.90 -28.42 52.45
C LEU G 335 14.94 -27.25 52.29
N LEU G 336 13.65 -27.51 52.07
CA LEU G 336 12.66 -26.43 51.86
C LEU G 336 12.68 -25.49 53.08
N ALA G 337 12.74 -26.05 54.28
CA ALA G 337 12.69 -25.26 55.54
C ALA G 337 13.97 -24.43 55.66
N VAL G 338 15.11 -24.96 55.24
CA VAL G 338 16.40 -24.20 55.27
C VAL G 338 16.30 -23.05 54.26
N MET G 339 15.77 -23.32 53.07
CA MET G 339 15.58 -22.29 52.03
C MET G 339 14.70 -21.17 52.60
N ILE G 340 13.59 -21.54 53.24
CA ILE G 340 12.66 -20.56 53.84
C ILE G 340 13.36 -19.81 54.97
N ALA G 341 14.05 -20.53 55.86
CA ALA G 341 14.77 -19.91 57.00
C ALA G 341 15.69 -18.81 56.48
N ASP G 342 16.42 -19.10 55.40
CA ASP G 342 17.41 -18.15 54.83
C ASP G 342 16.68 -16.93 54.26
N LYS G 343 15.52 -17.13 53.64
CA LYS G 343 14.72 -16.02 53.08
C LYS G 343 14.25 -15.11 54.22
N LEU G 344 14.00 -15.65 55.41
CA LEU G 344 13.48 -14.87 56.57
C LEU G 344 14.62 -14.20 57.34
N LEU G 345 15.87 -14.71 57.23
CA LEU G 345 17.05 -14.10 57.87
C LEU G 345 17.49 -12.86 57.07
N MET H 19 -38.67 -14.80 95.67
CA MET H 19 -37.62 -15.19 94.63
C MET H 19 -36.80 -13.94 94.29
N LYS H 20 -35.47 -14.02 94.39
CA LYS H 20 -34.59 -12.85 94.19
C LYS H 20 -34.41 -12.58 92.69
N LYS H 21 -34.17 -11.32 92.35
CA LYS H 21 -33.86 -10.89 90.97
C LYS H 21 -32.47 -11.43 90.58
N VAL H 22 -31.46 -11.19 91.42
CA VAL H 22 -30.05 -11.51 91.07
C VAL H 22 -29.36 -12.18 92.27
N SER H 23 -28.60 -13.23 92.00
CA SER H 23 -27.61 -13.82 92.92
C SER H 23 -26.21 -13.47 92.42
N VAL H 24 -25.46 -12.68 93.16
CA VAL H 24 -24.02 -12.44 92.85
C VAL H 24 -23.21 -13.56 93.50
N ILE H 25 -22.43 -14.29 92.70
CA ILE H 25 -21.64 -15.45 93.17
C ILE H 25 -20.16 -15.08 93.10
N MET H 26 -19.49 -15.12 94.25
CA MET H 26 -18.07 -14.67 94.38
C MET H 26 -17.28 -15.74 95.12
N PRO H 27 -16.40 -16.49 94.41
CA PRO H 27 -15.42 -17.36 95.07
C PRO H 27 -14.32 -16.51 95.72
N THR H 28 -13.80 -16.96 96.87
CA THR H 28 -12.63 -16.33 97.53
C THR H 28 -11.55 -17.38 97.77
N PHE H 29 -10.29 -16.95 97.81
CA PHE H 29 -9.14 -17.79 98.22
C PHE H 29 -7.95 -16.91 98.61
N ASN H 30 -7.69 -16.80 99.91
CA ASN H 30 -6.64 -15.95 100.50
C ASN H 30 -6.75 -14.52 99.97
N ASN H 31 -7.98 -14.00 99.84
CA ASN H 31 -8.23 -12.59 99.51
C ASN H 31 -8.15 -11.87 100.86
N GLY H 32 -7.50 -10.73 100.87
CA GLY H 32 -7.07 -10.07 102.12
C GLY H 32 -8.04 -8.99 102.55
N GLU H 33 -7.49 -7.85 103.01
CA GLU H 33 -8.24 -6.61 103.31
C GLU H 33 -8.81 -6.00 102.01
N LYS H 34 -8.28 -6.36 100.83
CA LYS H 34 -8.75 -5.89 99.50
C LYS H 34 -10.22 -6.24 99.28
N LEU H 35 -10.70 -7.32 99.91
CA LEU H 35 -12.06 -7.89 99.74
C LEU H 35 -13.12 -6.88 100.18
N HIS H 36 -12.79 -6.00 101.15
CA HIS H 36 -13.72 -4.93 101.65
C HIS H 36 -14.28 -4.15 100.46
N ARG H 37 -13.39 -3.65 99.59
CA ARG H 37 -13.72 -2.78 98.45
C ARG H 37 -14.74 -3.50 97.56
N THR H 38 -14.51 -4.78 97.29
CA THR H 38 -15.35 -5.61 96.40
C THR H 38 -16.72 -5.81 97.04
N ILE H 39 -16.75 -6.29 98.28
CA ILE H 39 -18.01 -6.61 99.00
C ILE H 39 -18.83 -5.32 99.09
N SER H 40 -18.19 -4.19 99.39
CA SER H 40 -18.85 -2.88 99.52
C SER H 40 -19.52 -2.51 98.19
N SER H 41 -18.86 -2.79 97.06
CA SER H 41 -19.37 -2.42 95.72
C SER H 41 -20.68 -3.19 95.46
N VAL H 42 -20.78 -4.41 95.97
CA VAL H 42 -21.99 -5.27 95.80
C VAL H 42 -23.10 -4.80 96.76
N LEU H 43 -22.75 -4.39 97.98
CA LEU H 43 -23.75 -4.02 99.01
C LEU H 43 -24.32 -2.63 98.69
N ASN H 44 -23.55 -1.77 98.01
CA ASN H 44 -23.97 -0.41 97.63
C ASN H 44 -24.52 -0.43 96.20
N GLN H 45 -25.69 -1.03 95.98
CA GLN H 45 -26.34 -1.08 94.65
C GLN H 45 -27.64 -0.27 94.66
N THR H 46 -27.99 0.32 93.51
CA THR H 46 -29.29 0.99 93.25
C THR H 46 -30.43 -0.01 93.42
N MET H 47 -30.19 -1.30 93.16
CA MET H 47 -31.23 -2.33 93.33
C MET H 47 -31.65 -2.40 94.80
N LYS H 48 -32.96 -2.54 95.04
CA LYS H 48 -33.56 -2.76 96.37
C LYS H 48 -32.75 -3.85 97.08
N SER H 49 -32.36 -3.62 98.32
CA SER H 49 -31.58 -4.56 99.16
C SER H 49 -32.34 -5.89 99.36
N THR H 50 -33.65 -5.92 99.10
CA THR H 50 -34.47 -7.16 99.21
C THR H 50 -34.36 -7.99 97.91
N ASP H 51 -33.88 -7.39 96.83
CA ASP H 51 -34.09 -7.95 95.46
C ASP H 51 -32.88 -8.79 95.05
N TYR H 52 -31.77 -8.73 95.79
CA TYR H 52 -30.56 -9.51 95.42
C TYR H 52 -29.82 -10.03 96.64
N GLU H 53 -28.89 -10.94 96.40
CA GLU H 53 -28.01 -11.53 97.45
C GLU H 53 -26.59 -11.65 96.92
N LEU H 54 -25.61 -11.58 97.83
CA LEU H 54 -24.19 -11.86 97.54
C LEU H 54 -23.86 -13.20 98.19
N ILE H 55 -23.55 -14.20 97.40
CA ILE H 55 -23.12 -15.54 97.89
C ILE H 55 -21.60 -15.60 97.80
N ILE H 56 -20.93 -15.74 98.93
CA ILE H 56 -19.45 -15.88 99.01
C ILE H 56 -19.12 -17.34 99.29
N ILE H 57 -18.28 -17.93 98.45
CA ILE H 57 -17.83 -19.34 98.65
C ILE H 57 -16.31 -19.33 98.78
N ASP H 58 -15.80 -19.51 99.99
CA ASP H 58 -14.34 -19.54 100.24
C ASP H 58 -13.82 -20.94 99.91
N ASP H 59 -12.78 -21.01 99.08
CA ASP H 59 -12.17 -22.28 98.62
C ASP H 59 -11.14 -22.77 99.64
N HIS H 60 -11.56 -22.87 100.91
CA HIS H 60 -10.76 -23.38 102.06
C HIS H 60 -9.43 -22.62 102.16
N SER H 61 -9.49 -21.29 102.31
CA SER H 61 -8.28 -20.40 102.27
C SER H 61 -7.30 -20.89 103.33
N ASN H 62 -6.02 -20.94 102.98
CA ASN H 62 -4.93 -21.54 103.82
C ASN H 62 -4.05 -20.41 104.36
N ASP H 63 -4.70 -19.33 104.81
CA ASP H 63 -4.05 -18.09 105.32
C ASP H 63 -4.11 -18.18 106.85
N ASN H 64 -3.92 -17.08 107.57
CA ASN H 64 -4.02 -17.07 109.04
C ASN H 64 -5.46 -16.75 109.44
N GLY H 65 -6.47 -17.06 108.61
CA GLY H 65 -7.88 -16.73 108.83
C GLY H 65 -8.18 -15.24 108.63
N GLU H 66 -7.22 -14.48 108.09
CA GLU H 66 -7.37 -13.03 107.79
C GLU H 66 -8.57 -12.85 106.85
N THR H 67 -8.64 -13.62 105.77
CA THR H 67 -9.70 -13.61 104.74
C THR H 67 -11.06 -13.92 105.40
N LEU H 68 -11.13 -14.99 106.18
CA LEU H 68 -12.40 -15.43 106.83
C LEU H 68 -12.83 -14.33 107.82
N ASN H 69 -11.87 -13.68 108.49
CA ASN H 69 -12.15 -12.61 109.49
C ASN H 69 -12.80 -11.41 108.79
N VAL H 70 -12.37 -11.10 107.57
CA VAL H 70 -12.93 -9.96 106.77
C VAL H 70 -14.37 -10.32 106.39
N ILE H 71 -14.61 -11.56 105.96
CA ILE H 71 -15.95 -12.03 105.50
C ILE H 71 -16.90 -12.08 106.72
N LYS H 72 -16.39 -12.43 107.91
CA LYS H 72 -17.22 -12.60 109.13
C LYS H 72 -17.80 -11.23 109.57
N LYS H 73 -17.14 -10.13 109.21
CA LYS H 73 -17.58 -8.75 109.57
C LYS H 73 -18.85 -8.41 108.78
N TYR H 74 -19.25 -9.17 107.75
CA TYR H 74 -20.51 -8.94 107.01
C TYR H 74 -21.41 -10.18 107.19
N LYS H 75 -21.54 -10.61 108.44
CA LYS H 75 -22.59 -11.62 108.84
C LYS H 75 -23.95 -10.89 108.79
N GLY H 76 -24.65 -11.01 107.67
CA GLY H 76 -25.91 -10.30 107.40
C GLY H 76 -26.08 -9.88 105.94
N LEU H 77 -27.25 -10.16 105.36
CA LEU H 77 -27.60 -9.83 103.95
C LEU H 77 -26.49 -10.35 103.00
N VAL H 78 -25.64 -11.24 103.49
CA VAL H 78 -24.65 -12.01 102.66
C VAL H 78 -24.66 -13.50 103.05
N ARG H 79 -24.78 -14.40 102.08
CA ARG H 79 -24.71 -15.84 102.32
C ARG H 79 -23.26 -16.26 102.19
N PHE H 80 -22.80 -17.17 103.04
CA PHE H 80 -21.41 -17.63 103.04
C PHE H 80 -21.37 -19.14 103.20
N LYS H 81 -20.47 -19.79 102.46
CA LYS H 81 -20.20 -21.22 102.57
C LYS H 81 -18.69 -21.42 102.45
N GLN H 82 -18.11 -22.26 103.31
CA GLN H 82 -16.68 -22.63 103.27
C GLN H 82 -16.56 -24.05 102.73
N LEU H 83 -15.83 -24.23 101.64
CA LEU H 83 -15.55 -25.57 101.06
C LEU H 83 -14.59 -26.30 102.00
N LYS H 84 -14.76 -27.61 102.16
CA LYS H 84 -13.95 -28.47 103.06
C LYS H 84 -12.51 -28.58 102.54
N LYS H 85 -12.30 -28.57 101.22
CA LYS H 85 -10.94 -28.71 100.59
C LYS H 85 -10.77 -27.66 99.49
N ASN H 86 -9.55 -27.15 99.30
CA ASN H 86 -9.21 -26.22 98.20
C ASN H 86 -9.33 -26.99 96.87
N SER H 87 -10.28 -26.61 96.02
CA SER H 87 -10.52 -27.23 94.70
C SER H 87 -9.39 -26.90 93.72
N GLY H 88 -8.72 -25.75 93.91
CA GLY H 88 -7.59 -25.31 93.06
C GLY H 88 -8.01 -24.30 91.99
N ASN H 89 -9.27 -24.30 91.57
CA ASN H 89 -9.79 -23.31 90.58
C ASN H 89 -11.18 -22.83 91.02
N ALA H 90 -11.75 -21.87 90.31
CA ALA H 90 -13.00 -21.17 90.65
C ALA H 90 -14.22 -22.03 90.29
N SER H 91 -14.02 -23.14 89.56
CA SER H 91 -15.13 -23.97 89.04
C SER H 91 -15.97 -24.51 90.19
N VAL H 92 -15.36 -25.18 91.17
CA VAL H 92 -16.14 -25.85 92.26
C VAL H 92 -16.86 -24.78 93.07
N PRO H 93 -16.21 -23.71 93.54
CA PRO H 93 -16.91 -22.63 94.24
C PRO H 93 -18.10 -22.03 93.46
N ARG H 94 -17.90 -21.79 92.17
CA ARG H 94 -18.98 -21.20 91.32
C ARG H 94 -20.15 -22.19 91.21
N ASN H 95 -19.86 -23.48 91.08
CA ASN H 95 -20.90 -24.54 91.00
C ASN H 95 -21.67 -24.56 92.33
N THR H 96 -20.97 -24.43 93.45
CA THR H 96 -21.56 -24.39 94.82
C THR H 96 -22.53 -23.20 94.89
N GLY H 97 -22.09 -22.03 94.43
CA GLY H 97 -22.92 -20.81 94.34
C GLY H 97 -24.19 -21.04 93.51
N LEU H 98 -24.05 -21.70 92.37
CA LEU H 98 -25.21 -22.00 91.47
C LEU H 98 -26.24 -22.86 92.22
N LYS H 99 -25.80 -23.91 92.93
CA LYS H 99 -26.70 -24.80 93.71
C LYS H 99 -27.42 -23.97 94.78
N MET H 100 -26.75 -22.97 95.35
CA MET H 100 -27.28 -22.15 96.48
C MET H 100 -28.25 -21.09 95.96
N SER H 101 -28.20 -20.71 94.68
CA SER H 101 -29.04 -19.61 94.15
C SER H 101 -30.37 -20.16 93.62
N LYS H 102 -31.46 -19.46 93.94
CA LYS H 102 -32.83 -19.71 93.40
C LYS H 102 -33.31 -18.41 92.75
N ALA H 103 -32.39 -17.53 92.34
CA ALA H 103 -32.71 -16.21 91.76
C ALA H 103 -33.05 -16.37 90.28
N GLU H 104 -33.55 -15.30 89.69
CA GLU H 104 -33.96 -15.24 88.27
C GLU H 104 -32.69 -15.21 87.41
N TYR H 105 -31.71 -14.42 87.84
CA TYR H 105 -30.39 -14.28 87.18
C TYR H 105 -29.27 -14.47 88.19
N VAL H 106 -28.13 -14.95 87.70
CA VAL H 106 -26.86 -15.00 88.48
C VAL H 106 -25.85 -14.08 87.82
N PHE H 107 -24.96 -13.54 88.63
CA PHE H 107 -23.85 -12.67 88.17
C PHE H 107 -22.59 -13.13 88.87
N PHE H 108 -21.60 -13.60 88.11
CA PHE H 108 -20.32 -14.07 88.69
C PHE H 108 -19.38 -12.88 88.82
N LEU H 109 -18.77 -12.75 90.00
CA LEU H 109 -17.86 -11.65 90.36
C LEU H 109 -16.54 -12.24 90.85
N ASP H 110 -15.40 -11.74 90.36
CA ASP H 110 -14.05 -12.06 90.91
C ASP H 110 -13.88 -11.33 92.24
N SER H 111 -13.15 -11.94 93.16
CA SER H 111 -12.89 -11.42 94.53
C SER H 111 -12.15 -10.06 94.50
N ASP H 112 -11.45 -9.72 93.41
CA ASP H 112 -10.65 -8.46 93.42
C ASP H 112 -11.33 -7.37 92.58
N ASP H 113 -12.57 -7.59 92.12
CA ASP H 113 -13.21 -6.72 91.10
C ASP H 113 -14.26 -5.83 91.78
N LEU H 114 -14.77 -4.84 91.05
CA LEU H 114 -15.77 -3.86 91.58
C LEU H 114 -16.98 -3.79 90.64
N LEU H 115 -18.17 -3.72 91.22
CA LEU H 115 -19.43 -3.44 90.48
C LEU H 115 -19.73 -1.95 90.58
N HIS H 116 -20.12 -1.33 89.46
CA HIS H 116 -20.75 0.02 89.43
C HIS H 116 -21.99 0.01 90.33
N GLU H 117 -22.34 1.12 90.95
CA GLU H 117 -23.50 1.21 91.89
C GLU H 117 -24.80 0.85 91.14
N ARG H 118 -24.85 1.07 89.83
CA ARG H 118 -26.11 0.87 89.05
C ARG H 118 -26.04 -0.41 88.20
N ALA H 119 -25.11 -1.32 88.49
CA ALA H 119 -24.79 -2.49 87.65
C ALA H 119 -25.94 -3.50 87.69
N LEU H 120 -26.31 -3.99 88.87
CA LEU H 120 -27.38 -5.02 88.99
C LEU H 120 -28.70 -4.45 88.47
N GLU H 121 -29.06 -3.22 88.85
CA GLU H 121 -30.34 -2.57 88.47
C GLU H 121 -30.42 -2.46 86.93
N ASP H 122 -29.47 -1.77 86.32
CA ASP H 122 -29.44 -1.43 84.88
C ASP H 122 -29.41 -2.72 84.05
N LEU H 123 -28.56 -3.68 84.40
CA LEU H 123 -28.42 -4.94 83.62
C LEU H 123 -29.71 -5.75 83.76
N TYR H 124 -30.24 -5.89 84.99
CA TYR H 124 -31.48 -6.66 85.23
C TYR H 124 -32.63 -6.03 84.44
N ASN H 125 -32.79 -4.71 84.56
CA ASN H 125 -33.92 -3.99 83.91
C ASN H 125 -33.82 -4.20 82.39
N TYR H 126 -32.63 -4.07 81.83
CA TYR H 126 -32.41 -4.22 80.37
C TYR H 126 -32.75 -5.65 79.96
N GLY H 127 -32.34 -6.62 80.79
CA GLY H 127 -32.59 -8.05 80.55
C GLY H 127 -34.08 -8.35 80.57
N LYS H 128 -34.78 -7.83 81.58
CA LYS H 128 -36.22 -8.09 81.79
C LYS H 128 -37.00 -7.46 80.62
N GLU H 129 -36.62 -6.25 80.20
CA GLU H 129 -37.29 -5.49 79.12
C GLU H 129 -37.06 -6.20 77.77
N ASN H 130 -35.96 -6.94 77.59
CA ASN H 130 -35.63 -7.58 76.29
C ASN H 130 -35.67 -9.10 76.40
N ASN H 131 -36.23 -9.63 77.48
CA ASN H 131 -36.36 -11.10 77.70
C ASN H 131 -35.01 -11.76 77.41
N SER H 132 -33.93 -11.16 77.93
CA SER H 132 -32.53 -11.59 77.69
C SER H 132 -32.19 -12.83 78.54
N ASP H 133 -31.54 -13.80 77.93
CA ASP H 133 -30.91 -14.96 78.61
C ASP H 133 -29.55 -14.51 79.15
N LEU H 134 -28.95 -13.48 78.54
CA LEU H 134 -27.59 -13.04 78.87
C LEU H 134 -27.52 -11.52 78.73
N ILE H 135 -26.97 -10.84 79.74
CA ILE H 135 -26.73 -9.38 79.66
C ILE H 135 -25.27 -9.13 79.96
N ILE H 136 -24.59 -8.38 79.10
CA ILE H 136 -23.14 -8.09 79.21
C ILE H 136 -22.99 -6.60 79.44
N GLY H 137 -22.46 -6.23 80.59
CA GLY H 137 -22.14 -4.82 80.93
C GLY H 137 -20.74 -4.47 80.50
N LYS H 138 -20.55 -3.24 80.01
CA LYS H 138 -19.22 -2.73 79.58
C LYS H 138 -18.22 -2.89 80.73
N TYR H 139 -17.03 -3.43 80.43
CA TYR H 139 -15.93 -3.64 81.39
C TYR H 139 -15.01 -2.42 81.40
N GLY H 140 -14.60 -2.01 82.59
CA GLY H 140 -13.41 -1.13 82.78
C GLY H 140 -12.26 -1.94 83.38
N VAL H 141 -11.01 -1.86 82.90
CA VAL H 141 -9.82 -2.27 83.70
C VAL H 141 -9.40 -1.08 84.57
N GLU H 142 -8.84 -1.35 85.73
CA GLU H 142 -8.24 -0.33 86.64
C GLU H 142 -6.97 -0.96 87.25
N GLY H 143 -5.81 -0.82 86.61
CA GLY H 143 -4.63 -1.71 86.87
C GLY H 143 -3.70 -1.81 85.68
N LYS H 144 -3.06 -2.97 85.48
CA LYS H 144 -2.01 -3.17 84.46
C LYS H 144 -1.85 -4.68 84.21
N GLY H 145 -1.39 -5.04 83.02
CA GLY H 145 -1.09 -6.44 82.63
C GLY H 145 -2.36 -7.25 82.63
N ARG H 146 -3.47 -6.63 82.21
CA ARG H 146 -4.76 -7.33 81.93
C ARG H 146 -5.59 -6.47 80.96
N SER H 147 -6.03 -7.05 79.84
CA SER H 147 -6.91 -6.37 78.86
C SER H 147 -8.35 -6.80 79.16
N VAL H 148 -9.32 -6.03 78.68
CA VAL H 148 -10.77 -6.45 78.63
C VAL H 148 -11.25 -6.26 77.20
N PRO H 149 -12.31 -6.97 76.77
CA PRO H 149 -12.89 -6.79 75.44
C PRO H 149 -13.42 -5.37 75.24
N LYS H 150 -13.36 -4.90 73.99
CA LYS H 150 -13.70 -3.51 73.60
C LYS H 150 -14.68 -3.52 72.42
N ALA H 151 -14.45 -4.35 71.40
CA ALA H 151 -15.23 -4.34 70.16
C ALA H 151 -16.71 -4.62 70.45
N ILE H 152 -17.00 -5.54 71.37
CA ILE H 152 -18.41 -5.89 71.76
C ILE H 152 -19.18 -4.63 72.21
N PHE H 153 -18.52 -3.61 72.76
CA PHE H 153 -19.20 -2.42 73.35
C PHE H 153 -19.17 -1.22 72.41
N GLU H 154 -18.66 -1.37 71.19
CA GLU H 154 -18.38 -0.22 70.28
C GLU H 154 -19.64 0.19 69.52
N LYS H 155 -20.75 -0.56 69.62
CA LYS H 155 -22.01 -0.22 68.90
C LYS H 155 -23.05 0.32 69.88
N GLY H 156 -22.64 0.67 71.10
CA GLY H 156 -23.54 1.07 72.19
C GLY H 156 -24.44 -0.07 72.63
N ASN H 157 -25.61 0.26 73.18
CA ASN H 157 -26.56 -0.75 73.70
C ASN H 157 -27.09 -1.59 72.53
N VAL H 158 -27.15 -2.91 72.72
CA VAL H 158 -27.72 -3.88 71.75
C VAL H 158 -28.68 -4.79 72.50
N ALA H 159 -29.95 -4.77 72.12
CA ALA H 159 -31.03 -5.48 72.83
C ALA H 159 -31.02 -6.96 72.41
N LYS H 160 -30.80 -7.23 71.13
CA LYS H 160 -30.73 -8.61 70.57
C LYS H 160 -29.42 -8.74 69.79
N ALA H 161 -28.35 -9.12 70.49
CA ALA H 161 -26.98 -9.18 69.93
C ALA H 161 -26.79 -10.47 69.14
N ASP H 162 -25.78 -10.48 68.27
CA ASP H 162 -25.41 -11.63 67.41
C ASP H 162 -23.97 -12.01 67.77
N ILE H 163 -23.71 -13.29 67.96
CA ILE H 163 -22.37 -13.77 68.41
C ILE H 163 -21.31 -13.17 67.49
N ILE H 164 -21.49 -13.28 66.17
CA ILE H 164 -20.44 -12.89 65.19
C ILE H 164 -20.42 -11.37 65.03
N ASP H 165 -21.57 -10.75 64.78
CA ASP H 165 -21.62 -9.29 64.46
C ASP H 165 -21.25 -8.45 65.69
N ASN H 166 -21.39 -8.98 66.91
CA ASN H 166 -21.14 -8.20 68.16
C ASN H 166 -19.92 -8.76 68.90
N SER H 167 -19.11 -9.58 68.25
CA SER H 167 -17.77 -9.99 68.75
C SER H 167 -17.90 -10.67 70.12
N ILE H 168 -18.92 -11.50 70.32
CA ILE H 168 -19.20 -12.12 71.65
C ILE H 168 -18.16 -13.21 71.92
N PHE H 169 -17.58 -13.85 70.90
CA PHE H 169 -16.52 -14.88 71.09
C PHE H 169 -15.22 -14.22 71.57
N TYR H 170 -15.16 -12.89 71.59
CA TYR H 170 -14.00 -12.14 72.16
C TYR H 170 -14.29 -11.65 73.57
N ALA H 171 -15.43 -12.05 74.16
CA ALA H 171 -15.80 -11.67 75.54
C ALA H 171 -16.46 -12.85 76.22
N LEU H 172 -15.72 -13.93 76.46
CA LEU H 172 -16.29 -15.22 76.92
C LEU H 172 -16.08 -15.39 78.42
N SER H 173 -15.73 -14.33 79.17
CA SER H 173 -15.68 -14.39 80.65
C SER H 173 -17.11 -14.65 81.18
N VAL H 174 -17.23 -15.15 82.40
CA VAL H 174 -18.56 -15.34 83.03
C VAL H 174 -18.91 -14.12 83.89
N LEU H 175 -18.24 -12.99 83.68
CA LEU H 175 -18.48 -11.75 84.46
C LEU H 175 -19.66 -11.02 83.80
N LYS H 176 -20.82 -11.67 83.86
CA LYS H 176 -22.03 -11.33 83.08
C LYS H 176 -23.25 -11.75 83.88
N MET H 177 -24.42 -11.31 83.45
CA MET H 177 -25.70 -11.70 84.07
C MET H 177 -26.33 -12.80 83.21
N PHE H 178 -26.43 -14.01 83.77
CA PHE H 178 -27.01 -15.22 83.10
C PHE H 178 -28.38 -15.55 83.69
N LYS H 179 -29.35 -15.86 82.84
CA LYS H 179 -30.69 -16.34 83.28
C LYS H 179 -30.52 -17.75 83.86
N LYS H 180 -30.96 -17.94 85.10
CA LYS H 180 -30.71 -19.19 85.89
C LYS H 180 -31.46 -20.36 85.23
N SER H 181 -32.64 -20.12 84.64
CA SER H 181 -33.48 -21.20 84.09
C SER H 181 -32.72 -21.92 82.96
N VAL H 182 -31.94 -21.17 82.18
CA VAL H 182 -31.15 -21.76 81.06
C VAL H 182 -30.08 -22.70 81.65
N ILE H 183 -29.41 -22.26 82.73
CA ILE H 183 -28.37 -23.03 83.43
C ILE H 183 -28.99 -24.31 84.01
N ASP H 184 -30.16 -24.18 84.66
CA ASP H 184 -30.84 -25.32 85.34
C ASP H 184 -31.36 -26.31 84.30
N LYS H 185 -32.11 -25.85 83.29
CA LYS H 185 -32.76 -26.73 82.28
C LYS H 185 -31.69 -27.53 81.54
N ASN H 186 -30.54 -26.91 81.23
CA ASN H 186 -29.48 -27.53 80.39
C ASN H 186 -28.37 -28.10 81.29
N LYS H 187 -28.52 -28.00 82.62
CA LYS H 187 -27.58 -28.59 83.60
C LYS H 187 -26.17 -28.10 83.26
N ILE H 188 -26.00 -26.80 83.09
CA ILE H 188 -24.68 -26.17 82.75
C ILE H 188 -23.91 -25.97 84.05
N LYS H 189 -22.76 -26.62 84.15
CA LYS H 189 -21.85 -26.54 85.30
C LYS H 189 -20.46 -26.16 84.78
N PHE H 190 -19.67 -25.48 85.59
CA PHE H 190 -18.23 -25.25 85.31
C PHE H 190 -17.51 -26.60 85.41
N LYS H 191 -16.66 -26.91 84.44
CA LYS H 191 -15.90 -28.19 84.43
C LYS H 191 -14.57 -27.98 85.14
N THR H 192 -13.88 -29.07 85.47
CA THR H 192 -12.58 -29.07 86.20
C THR H 192 -11.53 -29.83 85.38
N PHE H 193 -11.72 -29.97 84.07
CA PHE H 193 -10.74 -30.63 83.15
C PHE H 193 -9.38 -29.90 83.21
N SER H 194 -9.42 -28.57 83.28
CA SER H 194 -8.22 -27.69 83.23
C SER H 194 -8.41 -26.48 84.16
N LYS H 195 -7.31 -25.79 84.45
CA LYS H 195 -7.26 -24.61 85.36
C LYS H 195 -7.64 -23.35 84.58
N THR H 196 -7.64 -23.46 83.24
CA THR H 196 -7.83 -22.33 82.31
C THR H 196 -8.96 -22.67 81.30
N ALA H 197 -9.63 -21.62 80.82
CA ALA H 197 -10.66 -21.65 79.75
C ALA H 197 -11.96 -22.33 80.19
N GLU H 198 -12.14 -22.59 81.48
CA GLU H 198 -13.36 -23.26 82.01
C GLU H 198 -14.52 -22.26 81.97
N ASP H 199 -14.21 -20.97 82.17
CA ASP H 199 -15.21 -19.87 82.06
C ASP H 199 -15.66 -19.75 80.61
N GLN H 200 -14.73 -19.84 79.64
CA GLN H 200 -15.06 -19.79 78.20
C GLN H 200 -16.05 -20.90 77.87
N LEU H 201 -15.76 -22.12 78.31
CA LEU H 201 -16.60 -23.31 78.01
C LEU H 201 -18.01 -23.06 78.56
N PHE H 202 -18.11 -22.52 79.76
CA PHE H 202 -19.40 -22.25 80.43
C PHE H 202 -20.20 -21.26 79.57
N THR H 203 -19.60 -20.13 79.21
CA THR H 203 -20.27 -19.09 78.41
C THR H 203 -20.65 -19.66 77.04
N ILE H 204 -19.79 -20.45 76.42
CA ILE H 204 -20.08 -21.06 75.10
C ILE H 204 -21.27 -22.00 75.26
N GLU H 205 -21.27 -22.87 76.27
CA GLU H 205 -22.39 -23.83 76.50
C GLU H 205 -23.68 -23.01 76.65
N PHE H 206 -23.61 -21.90 77.37
CA PHE H 206 -24.79 -21.03 77.62
C PHE H 206 -25.26 -20.41 76.30
N LEU H 207 -24.35 -19.83 75.53
CA LEU H 207 -24.65 -19.17 74.24
C LEU H 207 -25.29 -20.17 73.29
N MET H 208 -24.78 -21.40 73.26
CA MET H 208 -25.28 -22.44 72.32
C MET H 208 -26.63 -22.99 72.79
N ASN H 209 -27.11 -22.60 73.97
CA ASN H 209 -28.41 -23.10 74.51
C ASN H 209 -29.36 -21.93 74.78
N SER H 210 -29.12 -20.76 74.20
CA SER H 210 -29.98 -19.56 74.40
C SER H 210 -29.93 -18.70 73.15
N LYS H 211 -30.87 -17.75 73.02
CA LYS H 211 -30.99 -16.91 71.79
C LYS H 211 -30.83 -15.43 72.12
N ASN H 212 -31.26 -14.98 73.30
CA ASN H 212 -31.45 -13.54 73.59
C ASN H 212 -30.24 -13.04 74.38
N TYR H 213 -29.39 -12.25 73.73
CA TYR H 213 -28.18 -11.66 74.35
C TYR H 213 -28.27 -10.14 74.26
N SER H 214 -27.94 -9.46 75.33
CA SER H 214 -28.04 -7.99 75.44
C SER H 214 -26.69 -7.43 75.86
N ILE H 215 -26.36 -6.25 75.37
CA ILE H 215 -25.10 -5.52 75.67
C ILE H 215 -25.48 -4.13 76.19
N LYS H 216 -25.01 -3.78 77.38
CA LYS H 216 -25.31 -2.48 78.04
C LYS H 216 -23.98 -1.75 78.23
N THR H 217 -23.91 -0.49 77.77
CA THR H 217 -22.63 0.25 77.68
C THR H 217 -22.76 1.66 78.29
N ASP H 218 -23.83 1.96 79.01
CA ASP H 218 -24.07 3.31 79.60
C ASP H 218 -22.93 3.67 80.55
N TYR H 219 -22.44 2.70 81.32
CA TYR H 219 -21.33 2.88 82.30
C TYR H 219 -20.34 1.72 82.20
N GLU H 220 -19.14 1.92 82.73
CA GLU H 220 -18.21 0.80 83.05
C GLU H 220 -18.81 0.06 84.25
N TYR H 221 -19.69 -0.91 83.98
CA TYR H 221 -20.54 -1.58 85.00
C TYR H 221 -19.69 -2.53 85.86
N TYR H 222 -18.65 -3.12 85.27
CA TYR H 222 -17.76 -4.11 85.94
C TYR H 222 -16.32 -3.64 85.74
N ILE H 223 -15.60 -3.42 86.84
CA ILE H 223 -14.18 -2.97 86.77
C ILE H 223 -13.29 -4.16 87.19
N VAL H 224 -12.51 -4.66 86.24
CA VAL H 224 -11.42 -5.63 86.50
C VAL H 224 -10.28 -4.92 87.21
N VAL H 225 -9.90 -5.38 88.40
CA VAL H 225 -8.67 -4.88 89.09
C VAL H 225 -7.53 -5.91 88.94
N ASN H 226 -6.47 -5.57 88.22
CA ASN H 226 -5.39 -6.50 87.82
C ASN H 226 -4.30 -6.51 88.89
N SER H 239 2.96 -26.59 81.07
CA SER H 239 1.78 -27.41 80.67
C SER H 239 2.07 -28.19 79.37
N THR H 240 1.64 -29.45 79.34
CA THR H 240 1.68 -30.36 78.15
C THR H 240 0.54 -30.01 77.20
N GLY H 241 -0.56 -29.44 77.72
CA GLY H 241 -1.74 -29.04 76.95
C GLY H 241 -2.77 -30.14 76.88
N ASN H 242 -2.58 -31.29 77.53
CA ASN H 242 -3.58 -32.38 77.51
C ASN H 242 -4.92 -31.85 78.08
N GLN H 243 -4.87 -31.09 79.16
CA GLN H 243 -6.08 -30.62 79.89
C GLN H 243 -6.68 -29.42 79.16
N TYR H 244 -5.83 -28.46 78.78
CA TYR H 244 -6.27 -27.24 78.08
C TYR H 244 -7.01 -27.62 76.78
N PHE H 245 -6.43 -28.51 75.97
CA PHE H 245 -7.00 -28.86 74.64
C PHE H 245 -8.23 -29.76 74.82
N ALA H 246 -8.37 -30.44 75.95
CA ALA H 246 -9.60 -31.19 76.31
C ALA H 246 -10.75 -30.19 76.50
N THR H 247 -10.45 -29.03 77.07
CA THR H 247 -11.43 -27.94 77.28
C THR H 247 -11.78 -27.33 75.91
N ILE H 248 -10.77 -27.10 75.06
CA ILE H 248 -10.99 -26.49 73.73
C ILE H 248 -11.87 -27.46 72.91
N ASN H 249 -11.59 -28.75 73.04
CA ASN H 249 -12.38 -29.79 72.35
C ASN H 249 -13.86 -29.68 72.77
N GLU H 250 -14.14 -29.42 74.05
CA GLU H 250 -15.52 -29.32 74.59
C GLU H 250 -16.23 -28.10 74.01
N ILE H 251 -15.48 -27.02 73.77
CA ILE H 251 -16.06 -25.77 73.18
C ILE H 251 -16.55 -26.09 71.77
N TYR H 252 -15.74 -26.76 70.96
CA TYR H 252 -16.12 -27.14 69.59
C TYR H 252 -17.31 -28.10 69.64
N LYS H 253 -17.30 -29.05 70.57
CA LYS H 253 -18.42 -30.02 70.75
C LYS H 253 -19.70 -29.24 71.02
N ALA H 254 -19.64 -28.22 71.89
CA ALA H 254 -20.82 -27.45 72.31
C ALA H 254 -21.43 -26.74 71.08
N ILE H 255 -20.57 -26.23 70.21
CA ILE H 255 -21.00 -25.49 68.99
C ILE H 255 -21.70 -26.46 68.05
N TYR H 256 -21.09 -27.62 67.80
CA TYR H 256 -21.58 -28.58 66.78
C TYR H 256 -22.78 -29.40 67.30
N LYS H 257 -23.13 -29.28 68.59
CA LYS H 257 -24.29 -30.00 69.18
C LYS H 257 -25.38 -28.98 69.56
N SER H 258 -25.22 -27.71 69.19
CA SER H 258 -26.12 -26.61 69.63
C SER H 258 -27.55 -26.89 69.16
N PRO H 259 -28.54 -26.93 70.07
CA PRO H 259 -29.94 -27.01 69.68
C PRO H 259 -30.52 -25.67 69.19
N ILE H 260 -29.81 -24.56 69.38
CA ILE H 260 -30.21 -23.22 68.88
C ILE H 260 -29.66 -23.03 67.47
N TYR H 261 -28.36 -23.23 67.29
CA TYR H 261 -27.68 -23.10 65.97
C TYR H 261 -27.57 -24.49 65.35
N LYS H 262 -28.65 -24.94 64.72
CA LYS H 262 -28.82 -26.33 64.22
C LYS H 262 -28.26 -26.43 62.79
N ASN H 263 -28.26 -25.34 62.05
CA ASN H 263 -27.81 -25.33 60.64
C ASN H 263 -26.30 -25.62 60.64
N GLN H 264 -25.89 -26.64 59.88
CA GLN H 264 -24.49 -27.14 59.88
C GLN H 264 -23.56 -26.02 59.41
N GLU H 265 -23.98 -25.23 58.43
CA GLU H 265 -23.10 -24.15 57.88
C GLU H 265 -22.93 -23.06 58.94
N LYS H 266 -23.96 -22.83 59.75
CA LYS H 266 -23.90 -21.82 60.83
C LYS H 266 -22.91 -22.30 61.90
N ARG H 267 -22.94 -23.60 62.18
CA ARG H 267 -21.97 -24.23 63.13
C ARG H 267 -20.55 -24.04 62.58
N HIS H 268 -20.32 -24.26 61.28
CA HIS H 268 -18.98 -24.10 60.67
C HIS H 268 -18.51 -22.66 60.87
N GLN H 269 -19.42 -21.70 60.70
CA GLN H 269 -19.09 -20.26 60.81
C GLN H 269 -18.70 -19.95 62.26
N LEU H 270 -19.47 -20.46 63.22
CA LEU H 270 -19.22 -20.23 64.67
C LEU H 270 -17.88 -20.87 65.04
N ALA H 271 -17.67 -22.11 64.61
CA ALA H 271 -16.43 -22.86 64.88
C ALA H 271 -15.24 -22.11 64.28
N GLY H 272 -15.38 -21.58 63.06
CA GLY H 272 -14.31 -20.82 62.42
C GLY H 272 -14.01 -19.54 63.18
N LYS H 273 -15.04 -18.91 63.72
CA LYS H 273 -14.86 -17.66 64.49
C LYS H 273 -14.12 -18.00 65.79
N TYR H 274 -14.46 -19.13 66.41
CA TYR H 274 -13.79 -19.53 67.66
C TYR H 274 -12.31 -19.82 67.35
N THR H 275 -12.03 -20.51 66.25
CA THR H 275 -10.66 -20.84 65.80
C THR H 275 -9.86 -19.53 65.67
N THR H 276 -10.44 -18.51 65.06
CA THR H 276 -9.78 -17.19 64.90
C THR H 276 -9.45 -16.65 66.30
N ARG H 277 -10.41 -16.67 67.21
CA ARG H 277 -10.21 -16.13 68.58
C ARG H 277 -9.09 -16.92 69.28
N LEU H 278 -9.07 -18.24 69.11
CA LEU H 278 -8.07 -19.15 69.71
C LEU H 278 -6.68 -18.78 69.18
N LEU H 279 -6.54 -18.52 67.88
CA LEU H 279 -5.24 -18.18 67.27
C LEU H 279 -4.84 -16.75 67.65
N ARG H 280 -5.80 -15.86 67.93
CA ARG H 280 -5.50 -14.46 68.29
C ARG H 280 -5.18 -14.34 69.78
N HIS H 281 -5.78 -15.15 70.65
CA HIS H 281 -5.77 -14.90 72.11
C HIS H 281 -5.57 -16.17 72.92
N GLY H 282 -5.39 -17.33 72.30
CA GLY H 282 -5.23 -18.61 73.01
C GLY H 282 -4.00 -18.65 73.89
N GLN H 283 -4.00 -19.57 74.84
CA GLN H 283 -2.85 -19.84 75.74
C GLN H 283 -1.63 -20.24 74.90
N LYS H 284 -0.48 -19.64 75.18
CA LYS H 284 0.81 -20.00 74.53
C LYS H 284 0.67 -19.91 73.01
N LYS H 285 0.04 -18.87 72.50
CA LYS H 285 -0.27 -18.75 71.05
C LYS H 285 1.04 -18.73 70.27
N ASN H 286 2.14 -18.26 70.86
CA ASN H 286 3.46 -18.11 70.18
C ASN H 286 4.46 -19.14 70.72
N PHE H 287 3.97 -20.34 71.06
CA PHE H 287 4.81 -21.43 71.62
C PHE H 287 5.90 -21.83 70.62
N ALA H 288 5.63 -21.80 69.32
CA ALA H 288 6.50 -22.44 68.29
C ALA H 288 7.90 -21.81 68.29
N ASN H 289 8.01 -20.49 68.40
CA ASN H 289 9.33 -19.78 68.34
C ASN H 289 9.79 -19.42 69.75
N SER H 290 9.18 -19.98 70.79
CA SER H 290 9.44 -19.64 72.22
C SER H 290 10.67 -20.41 72.74
N LYS H 291 10.99 -20.23 74.03
CA LYS H 291 12.15 -20.87 74.70
C LYS H 291 11.72 -22.22 75.29
N MET H 292 10.49 -22.64 75.05
CA MET H 292 9.96 -23.99 75.42
C MET H 292 10.90 -25.08 74.88
N LYS H 293 11.17 -26.11 75.68
CA LYS H 293 11.93 -27.31 75.25
C LYS H 293 11.24 -27.91 74.01
N TYR H 294 12.04 -28.34 73.04
CA TYR H 294 11.57 -28.98 71.79
C TYR H 294 10.52 -30.05 72.09
N GLU H 295 10.78 -30.95 73.03
CA GLU H 295 9.90 -32.12 73.31
C GLU H 295 8.54 -31.60 73.81
N ASP H 296 8.52 -30.49 74.54
CA ASP H 296 7.27 -29.87 75.05
C ASP H 296 6.51 -29.21 73.90
N LYS H 297 7.24 -28.58 72.97
CA LYS H 297 6.63 -27.98 71.76
C LYS H 297 5.91 -29.08 70.97
N ILE H 298 6.56 -30.23 70.78
CA ILE H 298 5.99 -31.36 70.00
C ILE H 298 4.73 -31.86 70.70
N GLU H 299 4.78 -32.02 72.04
CA GLU H 299 3.63 -32.56 72.80
C GLU H 299 2.48 -31.55 72.74
N TRP H 300 2.79 -30.27 72.88
CA TRP H 300 1.77 -29.18 72.84
C TRP H 300 1.10 -29.15 71.45
N LEU H 301 1.91 -29.14 70.39
CA LEU H 301 1.40 -29.08 69.01
C LEU H 301 0.60 -30.36 68.71
N ASN H 302 1.03 -31.50 69.25
CA ASN H 302 0.33 -32.78 69.04
C ASN H 302 -1.09 -32.69 69.59
N ASN H 303 -1.24 -32.14 70.80
CA ASN H 303 -2.56 -31.98 71.45
C ASN H 303 -3.42 -30.99 70.65
N PHE H 304 -2.80 -29.90 70.20
CA PHE H 304 -3.48 -28.84 69.42
C PHE H 304 -3.98 -29.46 68.11
N SER H 305 -3.10 -30.20 67.45
CA SER H 305 -3.38 -30.84 66.14
C SER H 305 -4.53 -31.84 66.29
N LYS H 306 -4.46 -32.71 67.30
CA LYS H 306 -5.48 -33.76 67.55
C LYS H 306 -6.86 -33.08 67.73
N THR H 307 -6.89 -31.97 68.47
CA THR H 307 -8.14 -31.26 68.82
C THR H 307 -8.69 -30.59 67.57
N ILE H 308 -7.85 -29.87 66.83
CA ILE H 308 -8.30 -29.10 65.63
C ILE H 308 -8.71 -30.09 64.53
N ASN H 309 -8.14 -31.29 64.49
CA ASN H 309 -8.45 -32.27 63.42
C ASN H 309 -9.78 -32.98 63.70
N LYS H 310 -10.41 -32.75 64.86
CA LYS H 310 -11.80 -33.19 65.11
C LYS H 310 -12.78 -32.12 64.63
N VAL H 311 -12.29 -30.94 64.25
CA VAL H 311 -13.15 -29.83 63.77
C VAL H 311 -13.22 -29.92 62.24
N PRO H 312 -14.43 -29.97 61.65
CA PRO H 312 -14.58 -30.02 60.21
C PRO H 312 -13.75 -28.94 59.47
N ARG H 313 -13.12 -29.33 58.36
CA ARG H 313 -12.35 -28.40 57.50
C ARG H 313 -13.29 -27.37 56.87
N ASP H 314 -14.59 -27.66 56.83
CA ASP H 314 -15.64 -26.72 56.36
C ASP H 314 -15.60 -25.41 57.17
N SER H 315 -15.11 -25.44 58.41
CA SER H 315 -15.04 -24.23 59.28
C SER H 315 -13.87 -23.32 58.84
N ASP H 316 -12.88 -23.88 58.15
CA ASP H 316 -11.59 -23.19 57.90
C ASP H 316 -11.83 -21.93 57.05
N LYS H 317 -12.78 -21.95 56.12
CA LYS H 317 -13.04 -20.80 55.22
C LYS H 317 -13.60 -19.62 56.03
N TYR H 318 -14.08 -19.84 57.25
CA TYR H 318 -14.62 -18.77 58.12
C TYR H 318 -13.54 -18.22 59.04
N VAL H 319 -12.34 -18.78 59.00
CA VAL H 319 -11.19 -18.28 59.80
C VAL H 319 -10.60 -17.08 59.05
N THR H 320 -10.24 -16.01 59.75
CA THR H 320 -9.62 -14.82 59.12
C THR H 320 -8.37 -15.28 58.33
N GLN H 321 -8.24 -14.86 57.07
CA GLN H 321 -7.32 -15.47 56.10
C GLN H 321 -5.86 -15.29 56.50
N ILE H 322 -5.47 -14.27 57.26
CA ILE H 322 -4.04 -14.11 57.71
C ILE H 322 -3.58 -15.40 58.43
N PHE H 323 -4.50 -16.16 59.01
CA PHE H 323 -4.19 -17.36 59.82
C PHE H 323 -4.26 -18.63 58.98
N ASN H 324 -4.45 -18.52 57.66
CA ASN H 324 -4.66 -19.69 56.78
C ASN H 324 -3.47 -20.67 56.91
N LEU H 325 -2.25 -20.14 56.87
CA LEU H 325 -1.02 -20.97 56.90
C LEU H 325 -0.86 -21.59 58.29
N LYS H 326 -0.96 -20.77 59.34
CA LYS H 326 -0.79 -21.25 60.73
C LYS H 326 -1.79 -22.36 61.01
N LEU H 327 -3.06 -22.17 60.63
CA LEU H 327 -4.12 -23.18 60.89
C LEU H 327 -3.75 -24.47 60.16
N GLU H 328 -3.35 -24.38 58.89
CA GLU H 328 -3.03 -25.59 58.10
C GLU H 328 -1.80 -26.26 58.71
N ALA H 329 -0.81 -25.47 59.15
CA ALA H 329 0.40 -26.00 59.82
C ALA H 329 -0.02 -26.84 61.05
N ILE H 330 -0.97 -26.34 61.84
CA ILE H 330 -1.42 -27.06 63.07
C ILE H 330 -2.13 -28.35 62.64
N ARG H 331 -2.97 -28.29 61.62
CA ARG H 331 -3.70 -29.50 61.13
C ARG H 331 -2.68 -30.55 60.69
N GLN H 332 -1.59 -30.14 60.05
CA GLN H 332 -0.53 -31.03 59.53
C GLN H 332 0.42 -31.47 60.67
N ASN H 333 0.29 -30.88 61.86
CA ASN H 333 1.11 -31.24 63.04
C ASN H 333 2.59 -31.03 62.70
N ASP H 334 2.91 -29.89 62.09
CA ASP H 334 4.24 -29.59 61.49
C ASP H 334 4.84 -28.39 62.24
N LEU H 335 5.76 -28.64 63.17
CA LEU H 335 6.31 -27.57 64.04
C LEU H 335 7.03 -26.54 63.18
N LEU H 336 7.84 -26.97 62.20
CA LEU H 336 8.61 -26.02 61.34
C LEU H 336 7.63 -25.04 60.68
N ALA H 337 6.50 -25.55 60.17
CA ALA H 337 5.51 -24.74 59.43
C ALA H 337 4.86 -23.74 60.40
N VAL H 338 4.60 -24.15 61.65
CA VAL H 338 4.00 -23.23 62.66
C VAL H 338 5.03 -22.14 62.97
N MET H 339 6.31 -22.51 63.13
CA MET H 339 7.39 -21.54 63.40
C MET H 339 7.42 -20.52 62.26
N ILE H 340 7.39 -20.99 61.01
CA ILE H 340 7.43 -20.12 59.82
C ILE H 340 6.16 -19.25 59.81
N ALA H 341 4.98 -19.84 60.02
CA ALA H 341 3.70 -19.11 60.00
C ALA H 341 3.79 -17.92 60.96
N ASP H 342 4.33 -18.16 62.16
CA ASP H 342 4.42 -17.10 63.21
C ASP H 342 5.40 -16.01 62.77
N LYS H 343 6.49 -16.39 62.10
CA LYS H 343 7.47 -15.39 61.61
C LYS H 343 6.81 -14.50 60.54
N LEU H 344 5.87 -15.03 59.78
CA LEU H 344 5.19 -14.27 58.68
C LEU H 344 4.03 -13.44 59.23
N LEU H 345 3.46 -13.79 60.37
CA LEU H 345 2.37 -13.02 61.02
C LEU H 345 2.96 -11.77 61.70
N SER I 18 -47.09 31.27 -5.75
CA SER I 18 -47.68 32.20 -6.76
C SER I 18 -46.94 32.08 -8.10
N MET I 19 -45.60 32.10 -8.07
CA MET I 19 -44.68 32.02 -9.23
C MET I 19 -44.89 30.70 -9.98
N LYS I 20 -45.01 30.77 -11.31
CA LYS I 20 -45.27 29.57 -12.14
C LYS I 20 -43.98 28.79 -12.34
N LYS I 21 -44.12 27.49 -12.53
CA LYS I 21 -43.01 26.57 -12.86
C LYS I 21 -42.50 26.89 -14.27
N VAL I 22 -43.40 26.93 -15.25
CA VAL I 22 -43.02 27.06 -16.68
C VAL I 22 -43.90 28.10 -17.37
N SER I 23 -43.29 28.95 -18.19
CA SER I 23 -43.97 29.79 -19.18
C SER I 23 -43.65 29.22 -20.56
N VAL I 24 -44.67 28.73 -21.27
CA VAL I 24 -44.51 28.37 -22.70
C VAL I 24 -44.74 29.63 -23.52
N ILE I 25 -43.77 29.99 -24.35
CA ILE I 25 -43.82 31.22 -25.18
C ILE I 25 -43.96 30.80 -26.64
N MET I 26 -45.06 31.23 -27.28
CA MET I 26 -45.40 30.83 -28.65
C MET I 26 -45.75 32.07 -29.46
N PRO I 27 -44.85 32.51 -30.39
CA PRO I 27 -45.19 33.53 -31.38
C PRO I 27 -46.16 32.95 -32.43
N THR I 28 -47.10 33.75 -32.92
CA THR I 28 -48.01 33.35 -34.02
C THR I 28 -47.93 34.37 -35.14
N PHE I 29 -48.20 33.92 -36.36
CA PHE I 29 -48.42 34.79 -37.54
C PHE I 29 -49.12 33.96 -38.63
N ASN I 30 -50.39 34.27 -38.87
CA ASN I 30 -51.20 33.72 -40.00
C ASN I 30 -51.15 32.20 -39.96
N ASN I 31 -51.26 31.61 -38.75
CA ASN I 31 -51.24 30.15 -38.56
C ASN I 31 -52.60 29.56 -38.93
N GLY I 32 -53.69 30.29 -38.65
CA GLY I 32 -55.05 29.83 -38.96
C GLY I 32 -55.44 28.63 -38.10
N GLU I 33 -56.24 27.73 -38.67
CA GLU I 33 -56.95 26.66 -37.93
C GLU I 33 -55.95 25.62 -37.42
N LYS I 34 -54.75 25.53 -37.99
CA LYS I 34 -53.70 24.53 -37.60
C LYS I 34 -53.27 24.76 -36.14
N LEU I 35 -53.41 26.00 -35.65
CA LEU I 35 -52.94 26.45 -34.31
C LEU I 35 -53.70 25.68 -33.22
N HIS I 36 -54.94 25.24 -33.48
CA HIS I 36 -55.76 24.43 -32.53
C HIS I 36 -54.92 23.27 -31.98
N ARG I 37 -54.33 22.48 -32.89
CA ARG I 37 -53.58 21.24 -32.57
C ARG I 37 -52.45 21.58 -31.59
N THR I 38 -51.73 22.68 -31.87
CA THR I 38 -50.56 23.11 -31.07
C THR I 38 -51.03 23.56 -29.70
N ILE I 39 -51.99 24.48 -29.65
CA ILE I 39 -52.51 25.06 -28.37
C ILE I 39 -53.03 23.90 -27.51
N SER I 40 -53.75 22.96 -28.12
CA SER I 40 -54.34 21.79 -27.40
C SER I 40 -53.20 20.98 -26.76
N SER I 41 -52.08 20.82 -27.46
CA SER I 41 -50.94 19.99 -26.97
C SER I 41 -50.37 20.62 -25.69
N VAL I 42 -50.38 21.95 -25.60
CA VAL I 42 -49.89 22.71 -24.41
C VAL I 42 -50.92 22.65 -23.29
N LEU I 43 -52.22 22.72 -23.60
CA LEU I 43 -53.28 22.75 -22.55
C LEU I 43 -53.48 21.35 -21.97
N ASN I 44 -53.16 20.30 -22.73
CA ASN I 44 -53.29 18.89 -22.28
C ASN I 44 -51.93 18.42 -21.77
N GLN I 45 -51.50 18.92 -20.62
CA GLN I 45 -50.22 18.51 -19.98
C GLN I 45 -50.55 17.79 -18.66
N THR I 46 -49.72 16.80 -18.31
CA THR I 46 -49.75 16.09 -17.01
C THR I 46 -49.47 17.08 -15.89
N MET I 47 -48.69 18.13 -16.15
CA MET I 47 -48.41 19.17 -15.13
C MET I 47 -49.73 19.86 -14.75
N LYS I 48 -49.91 20.13 -13.46
CA LYS I 48 -51.03 20.93 -12.89
C LYS I 48 -51.16 22.19 -13.74
N SER I 49 -52.38 22.51 -14.19
CA SER I 49 -52.63 23.61 -15.15
C SER I 49 -52.34 24.96 -14.50
N THR I 50 -52.37 25.05 -13.17
CA THR I 50 -52.07 26.31 -12.42
C THR I 50 -50.56 26.49 -12.24
N ASP I 51 -49.76 25.48 -12.55
CA ASP I 51 -48.28 25.53 -12.38
C ASP I 51 -47.59 26.08 -13.65
N TYR I 52 -48.34 26.22 -14.75
CA TYR I 52 -47.74 26.78 -15.99
C TYR I 52 -48.73 27.69 -16.71
N GLU I 53 -48.21 28.44 -17.67
CA GLU I 53 -48.98 29.34 -18.55
C GLU I 53 -48.48 29.18 -19.99
N LEU I 54 -49.40 29.43 -20.92
CA LEU I 54 -49.10 29.57 -22.37
C LEU I 54 -49.22 31.05 -22.70
N ILE I 55 -48.12 31.67 -23.08
CA ILE I 55 -48.10 33.09 -23.54
C ILE I 55 -48.07 33.06 -25.05
N ILE I 56 -49.11 33.60 -25.68
CA ILE I 56 -49.20 33.69 -27.16
C ILE I 56 -48.94 35.15 -27.54
N ILE I 57 -47.99 35.38 -28.44
CA ILE I 57 -47.70 36.74 -28.96
C ILE I 57 -47.90 36.72 -30.46
N ASP I 58 -49.00 37.30 -30.92
CA ASP I 58 -49.32 37.36 -32.36
C ASP I 58 -48.53 38.53 -32.96
N ASP I 59 -47.81 38.26 -34.05
CA ASP I 59 -46.94 39.24 -34.75
C ASP I 59 -47.80 39.96 -35.79
N HIS I 60 -48.92 40.54 -35.35
CA HIS I 60 -49.89 41.30 -36.18
C HIS I 60 -50.31 40.49 -37.41
N SER I 61 -50.92 39.33 -37.18
CA SER I 61 -51.56 38.48 -38.21
C SER I 61 -52.51 39.35 -39.06
N ASN I 62 -52.54 39.11 -40.37
CA ASN I 62 -53.42 39.86 -41.30
C ASN I 62 -54.20 38.85 -42.17
N ASP I 63 -54.62 37.72 -41.59
CA ASP I 63 -55.29 36.63 -42.34
C ASP I 63 -56.81 36.72 -42.12
N ASN I 64 -57.38 37.93 -42.19
CA ASN I 64 -58.84 38.17 -42.08
C ASN I 64 -59.32 37.66 -40.71
N GLY I 65 -58.48 37.80 -39.68
CA GLY I 65 -58.83 37.50 -38.28
C GLY I 65 -58.87 36.02 -37.96
N GLU I 66 -58.48 35.15 -38.91
CA GLU I 66 -58.60 33.67 -38.75
C GLU I 66 -57.75 33.24 -37.55
N THR I 67 -56.50 33.69 -37.49
CA THR I 67 -55.54 33.34 -36.42
C THR I 67 -56.06 33.89 -35.08
N LEU I 68 -56.50 35.14 -35.05
CA LEU I 68 -57.00 35.78 -33.81
C LEU I 68 -58.26 35.03 -33.33
N ASN I 69 -59.09 34.56 -34.27
CA ASN I 69 -60.35 33.83 -33.95
C ASN I 69 -60.01 32.50 -33.26
N VAL I 70 -58.94 31.83 -33.69
CA VAL I 70 -58.50 30.54 -33.07
C VAL I 70 -58.02 30.83 -31.64
N ILE I 71 -57.25 31.90 -31.45
CA ILE I 71 -56.68 32.27 -30.13
C ILE I 71 -57.82 32.71 -29.19
N LYS I 72 -58.85 33.37 -29.71
CA LYS I 72 -60.00 33.91 -28.90
C LYS I 72 -60.80 32.76 -28.29
N LYS I 73 -60.77 31.56 -28.90
CA LYS I 73 -61.46 30.35 -28.37
C LYS I 73 -60.80 29.87 -27.07
N TYR I 74 -59.59 30.32 -26.75
CA TYR I 74 -58.86 29.90 -25.51
C TYR I 74 -58.66 31.09 -24.58
N LYS I 75 -59.44 32.17 -24.73
CA LYS I 75 -59.41 33.32 -23.79
C LYS I 75 -59.69 32.78 -22.39
N GLY I 76 -58.86 33.15 -21.41
CA GLY I 76 -58.98 32.70 -20.02
C GLY I 76 -58.17 31.43 -19.74
N LEU I 77 -57.69 30.75 -20.77
CA LEU I 77 -56.78 29.59 -20.64
C LEU I 77 -55.34 29.97 -21.01
N VAL I 78 -55.14 31.15 -21.62
CA VAL I 78 -53.82 31.59 -22.13
C VAL I 78 -53.64 33.08 -21.83
N ARG I 79 -52.41 33.54 -21.73
CA ARG I 79 -52.09 34.99 -21.77
C ARG I 79 -51.85 35.33 -23.24
N PHE I 80 -52.31 36.50 -23.67
CA PHE I 80 -52.20 36.89 -25.09
C PHE I 80 -51.77 38.35 -25.20
N LYS I 81 -50.91 38.64 -26.16
CA LYS I 81 -50.50 40.00 -26.51
C LYS I 81 -50.42 40.09 -28.04
N GLN I 82 -50.94 41.16 -28.61
CA GLN I 82 -50.93 41.42 -30.06
C GLN I 82 -49.93 42.55 -30.31
N LEU I 83 -48.92 42.30 -31.13
CA LEU I 83 -47.96 43.35 -31.55
C LEU I 83 -48.69 44.28 -32.53
N LYS I 84 -48.40 45.58 -32.47
CA LYS I 84 -49.01 46.62 -33.35
C LYS I 84 -48.53 46.42 -34.80
N LYS I 85 -47.29 45.96 -35.02
CA LYS I 85 -46.70 45.80 -36.37
C LYS I 85 -46.02 44.42 -36.50
N ASN I 86 -46.06 43.83 -37.70
CA ASN I 86 -45.32 42.57 -37.99
C ASN I 86 -43.81 42.85 -37.94
N SER I 87 -43.11 42.26 -36.99
CA SER I 87 -41.64 42.37 -36.83
C SER I 87 -40.90 41.65 -37.97
N GLY I 88 -41.49 40.62 -38.55
CA GLY I 88 -40.90 39.86 -39.67
C GLY I 88 -40.27 38.54 -39.23
N ASN I 89 -39.78 38.45 -37.99
CA ASN I 89 -39.23 37.17 -37.44
C ASN I 89 -39.74 36.95 -36.01
N ALA I 90 -39.42 35.79 -35.43
CA ALA I 90 -39.92 35.32 -34.13
C ALA I 90 -39.20 36.02 -32.97
N SER I 91 -38.12 36.75 -33.25
CA SER I 91 -37.26 37.35 -32.21
C SER I 91 -38.05 38.35 -31.36
N VAL I 92 -38.73 39.31 -31.97
CA VAL I 92 -39.44 40.38 -31.21
C VAL I 92 -40.57 39.74 -30.39
N PRO I 93 -41.44 38.89 -30.97
CA PRO I 93 -42.47 38.20 -30.18
C PRO I 93 -41.90 37.38 -29.00
N ARG I 94 -40.80 36.66 -29.22
CA ARG I 94 -40.16 35.84 -28.14
C ARG I 94 -39.63 36.77 -27.04
N ASN I 95 -39.06 37.91 -27.40
CA ASN I 95 -38.53 38.88 -26.42
C ASN I 95 -39.71 39.43 -25.60
N THR I 96 -40.84 39.70 -26.26
CA THR I 96 -42.09 40.18 -25.61
C THR I 96 -42.54 39.14 -24.58
N GLY I 97 -42.58 37.87 -24.98
CA GLY I 97 -42.90 36.72 -24.10
C GLY I 97 -41.98 36.66 -22.89
N LEU I 98 -40.68 36.86 -23.09
CA LEU I 98 -39.68 36.82 -21.99
C LEU I 98 -40.02 37.91 -20.96
N LYS I 99 -40.30 39.14 -21.42
CA LYS I 99 -40.65 40.28 -20.53
C LYS I 99 -41.92 39.91 -19.75
N MET I 100 -42.85 39.18 -20.35
CA MET I 100 -44.17 38.87 -19.75
C MET I 100 -44.07 37.72 -18.76
N SER I 101 -43.04 36.88 -18.84
CA SER I 101 -42.92 35.68 -17.97
C SER I 101 -42.19 36.03 -16.68
N LYS I 102 -42.69 35.55 -15.55
CA LYS I 102 -42.04 35.61 -14.22
C LYS I 102 -41.96 34.17 -13.69
N ALA I 103 -41.94 33.18 -14.58
CA ALA I 103 -41.84 31.75 -14.22
C ALA I 103 -40.40 31.38 -13.93
N GLU I 104 -40.22 30.19 -13.37
CA GLU I 104 -38.90 29.65 -13.00
C GLU I 104 -38.17 29.26 -14.29
N TYR I 105 -38.89 28.65 -15.23
CA TYR I 105 -38.38 28.24 -16.54
C TYR I 105 -39.28 28.75 -17.66
N VAL I 106 -38.69 28.97 -18.84
CA VAL I 106 -39.43 29.25 -20.09
C VAL I 106 -39.19 28.10 -21.06
N PHE I 107 -40.17 27.86 -21.91
CA PHE I 107 -40.10 26.86 -22.99
C PHE I 107 -40.62 27.51 -24.26
N PHE I 108 -39.78 27.62 -25.29
CA PHE I 108 -40.19 28.23 -26.57
C PHE I 108 -40.79 27.15 -27.45
N LEU I 109 -41.97 27.45 -28.02
CA LEU I 109 -42.72 26.52 -28.88
C LEU I 109 -43.00 27.21 -30.20
N ASP I 110 -42.69 26.55 -31.32
CA ASP I 110 -43.07 27.06 -32.66
C ASP I 110 -44.55 26.78 -32.89
N SER I 111 -45.25 27.68 -33.59
CA SER I 111 -46.73 27.68 -33.71
C SER I 111 -47.24 26.42 -34.43
N ASP I 112 -46.41 25.69 -35.20
CA ASP I 112 -46.93 24.51 -35.94
C ASP I 112 -46.52 23.20 -35.25
N ASP I 113 -45.94 23.24 -34.05
CA ASP I 113 -45.31 22.05 -33.40
C ASP I 113 -46.23 21.51 -32.31
N LEU I 114 -45.90 20.36 -31.73
CA LEU I 114 -46.71 19.68 -30.69
C LEU I 114 -45.84 19.33 -29.48
N LEU I 115 -46.38 19.49 -28.28
CA LEU I 115 -45.76 18.96 -27.04
C LEU I 115 -46.41 17.61 -26.70
N HIS I 116 -45.60 16.63 -26.33
CA HIS I 116 -46.05 15.40 -25.65
C HIS I 116 -46.74 15.81 -24.34
N GLU I 117 -47.74 15.04 -23.91
CA GLU I 117 -48.56 15.37 -22.73
C GLU I 117 -47.68 15.44 -21.47
N ARG I 118 -46.51 14.76 -21.45
CA ARG I 118 -45.68 14.70 -20.23
C ARG I 118 -44.44 15.60 -20.34
N ALA I 119 -44.43 16.55 -21.28
CA ALA I 119 -43.22 17.35 -21.61
C ALA I 119 -42.89 18.30 -20.45
N LEU I 120 -43.82 19.18 -20.07
CA LEU I 120 -43.54 20.21 -19.04
C LEU I 120 -43.20 19.55 -17.70
N GLU I 121 -43.98 18.57 -17.28
CA GLU I 121 -43.81 17.88 -15.96
C GLU I 121 -42.44 17.18 -15.94
N ASP I 122 -42.17 16.31 -16.90
CA ASP I 122 -40.95 15.46 -16.92
C ASP I 122 -39.70 16.34 -17.02
N LEU I 123 -39.70 17.33 -17.91
CA LEU I 123 -38.53 18.21 -18.11
C LEU I 123 -38.32 19.07 -16.86
N TYR I 124 -39.38 19.66 -16.33
CA TYR I 124 -39.28 20.51 -15.12
C TYR I 124 -38.74 19.68 -13.94
N ASN I 125 -39.33 18.51 -13.72
CA ASN I 125 -38.97 17.65 -12.57
C ASN I 125 -37.49 17.27 -12.68
N TYR I 126 -37.03 16.91 -13.89
CA TYR I 126 -35.63 16.49 -14.12
C TYR I 126 -34.73 17.69 -13.85
N GLY I 127 -35.14 18.87 -14.31
CA GLY I 127 -34.38 20.11 -14.14
C GLY I 127 -34.24 20.47 -12.67
N LYS I 128 -35.36 20.38 -11.93
CA LYS I 128 -35.42 20.77 -10.50
C LYS I 128 -34.53 19.80 -9.70
N GLU I 129 -34.59 18.50 -10.02
CA GLU I 129 -33.85 17.43 -9.33
C GLU I 129 -32.35 17.59 -9.59
N ASN I 130 -31.94 18.16 -10.74
CA ASN I 130 -30.51 18.26 -11.12
C ASN I 130 -30.05 19.72 -11.16
N ASN I 131 -30.84 20.63 -10.60
CA ASN I 131 -30.50 22.07 -10.56
C ASN I 131 -30.05 22.53 -11.97
N SER I 132 -30.78 22.11 -13.01
CA SER I 132 -30.45 22.37 -14.43
C SER I 132 -30.82 23.80 -14.81
N ASP I 133 -29.92 24.47 -15.52
CA ASP I 133 -30.17 25.77 -16.21
C ASP I 133 -30.88 25.49 -17.53
N LEU I 134 -30.71 24.29 -18.08
CA LEU I 134 -31.21 23.94 -19.42
C LEU I 134 -31.62 22.48 -19.42
N ILE I 135 -32.82 22.18 -19.92
CA ILE I 135 -33.28 20.78 -20.08
C ILE I 135 -33.69 20.61 -21.54
N ILE I 136 -33.18 19.58 -22.18
CA ILE I 136 -33.43 19.29 -23.62
C ILE I 136 -34.19 17.98 -23.70
N GLY I 137 -35.42 18.03 -24.19
CA GLY I 137 -36.25 16.84 -24.44
C GLY I 137 -36.02 16.29 -25.83
N LYS I 138 -36.05 14.97 -25.97
CA LYS I 138 -35.89 14.28 -27.27
C LYS I 138 -36.94 14.81 -28.25
N TYR I 139 -36.49 15.15 -29.47
CA TYR I 139 -37.36 15.64 -30.57
C TYR I 139 -37.86 14.48 -31.41
N GLY I 140 -39.12 14.52 -31.79
CA GLY I 140 -39.68 13.71 -32.90
C GLY I 140 -39.99 14.61 -34.08
N VAL I 141 -40.26 14.02 -35.23
CA VAL I 141 -40.55 14.80 -36.47
C VAL I 141 -41.73 14.16 -37.21
N GLU I 142 -42.59 14.99 -37.79
CA GLU I 142 -43.71 14.58 -38.66
C GLU I 142 -43.46 15.19 -40.04
N GLY I 143 -43.28 14.34 -41.06
CA GLY I 143 -43.08 14.78 -42.46
C GLY I 143 -41.64 15.12 -42.78
N LYS I 144 -41.33 15.24 -44.07
CA LYS I 144 -39.99 15.61 -44.59
C LYS I 144 -39.87 17.13 -44.59
N GLY I 145 -38.65 17.65 -44.41
CA GLY I 145 -38.37 19.10 -44.33
C GLY I 145 -37.29 19.38 -43.31
N ARG I 146 -37.61 20.15 -42.26
CA ARG I 146 -36.74 20.32 -41.06
C ARG I 146 -36.33 18.94 -40.53
N SER I 147 -35.04 18.71 -40.32
CA SER I 147 -34.49 17.51 -39.64
C SER I 147 -34.35 17.82 -38.14
N VAL I 148 -34.20 16.78 -37.31
CA VAL I 148 -33.99 16.99 -35.84
C VAL I 148 -32.71 16.29 -35.39
N PRO I 149 -32.03 16.83 -34.36
CA PRO I 149 -30.82 16.18 -33.83
C PRO I 149 -31.12 14.79 -33.28
N LYS I 150 -30.11 13.91 -33.34
CA LYS I 150 -30.22 12.50 -32.93
C LYS I 150 -29.09 12.14 -31.94
N ALA I 151 -27.86 12.53 -32.20
CA ALA I 151 -26.67 12.06 -31.44
C ALA I 151 -26.80 12.47 -29.97
N ILE I 152 -27.30 13.68 -29.69
CA ILE I 152 -27.48 14.21 -28.31
C ILE I 152 -28.36 13.25 -27.48
N PHE I 153 -29.27 12.48 -28.10
CA PHE I 153 -30.26 11.63 -27.38
C PHE I 153 -29.86 10.16 -27.34
N GLU I 154 -28.68 9.82 -27.86
CA GLU I 154 -28.29 8.40 -28.08
C GLU I 154 -27.75 7.78 -26.79
N LYS I 155 -27.54 8.55 -25.72
CA LYS I 155 -26.94 8.05 -24.46
C LYS I 155 -28.01 7.98 -23.38
N GLY I 156 -29.29 8.12 -23.77
CA GLY I 156 -30.39 8.18 -22.79
C GLY I 156 -30.33 9.46 -21.97
N ASN I 157 -30.93 9.43 -20.79
CA ASN I 157 -31.00 10.59 -19.87
C ASN I 157 -29.59 10.93 -19.40
N VAL I 158 -29.27 12.21 -19.40
CA VAL I 158 -27.98 12.77 -18.92
C VAL I 158 -28.29 13.94 -17.99
N ALA I 159 -27.91 13.84 -16.72
CA ALA I 159 -28.27 14.80 -15.67
C ALA I 159 -27.36 16.03 -15.75
N LYS I 160 -26.07 15.81 -16.01
CA LYS I 160 -25.03 16.86 -16.16
C LYS I 160 -24.34 16.64 -17.50
N ALA I 161 -24.89 17.21 -18.56
CA ALA I 161 -24.41 17.04 -19.94
C ALA I 161 -23.24 18.01 -20.18
N ASP I 162 -22.46 17.70 -21.21
CA ASP I 162 -21.26 18.44 -21.63
C ASP I 162 -21.48 18.83 -23.08
N ILE I 163 -21.19 20.08 -23.43
CA ILE I 163 -21.46 20.61 -24.79
C ILE I 163 -20.83 19.66 -25.81
N ILE I 164 -19.55 19.30 -25.63
CA ILE I 164 -18.80 18.54 -26.66
C ILE I 164 -19.19 17.06 -26.59
N ASP I 165 -19.17 16.45 -25.41
CA ASP I 165 -19.38 14.98 -25.26
C ASP I 165 -20.84 14.61 -25.60
N ASN I 166 -21.78 15.55 -25.48
CA ASN I 166 -23.22 15.24 -25.68
C ASN I 166 -23.76 15.96 -26.92
N SER I 167 -22.87 16.45 -27.79
CA SER I 167 -23.23 16.93 -29.15
C SER I 167 -24.25 18.07 -29.06
N ILE I 168 -24.12 18.96 -28.09
CA ILE I 168 -25.11 20.04 -27.86
C ILE I 168 -24.97 21.10 -28.95
N PHE I 169 -23.79 21.28 -29.56
CA PHE I 169 -23.62 22.25 -30.68
C PHE I 169 -24.33 21.74 -31.94
N TYR I 170 -24.84 20.50 -31.93
CA TYR I 170 -25.64 19.93 -33.04
C TYR I 170 -27.14 20.02 -32.72
N ALA I 171 -27.52 20.67 -31.62
CA ALA I 171 -28.94 20.80 -31.20
C ALA I 171 -29.19 22.18 -30.59
N LEU I 172 -29.03 23.24 -31.39
CA LEU I 172 -28.98 24.63 -30.87
C LEU I 172 -30.33 25.34 -31.06
N SER I 173 -31.42 24.64 -31.35
CA SER I 173 -32.78 25.27 -31.39
C SER I 173 -33.13 25.80 -29.98
N VAL I 174 -34.08 26.73 -29.88
CA VAL I 174 -34.54 27.21 -28.53
C VAL I 174 -35.76 26.42 -28.08
N LEU I 175 -36.01 25.25 -28.69
CA LEU I 175 -37.18 24.39 -28.37
C LEU I 175 -36.76 23.53 -27.17
N LYS I 176 -36.53 24.22 -26.05
CA LYS I 176 -35.91 23.66 -24.83
C LYS I 176 -36.47 24.39 -23.61
N MET I 177 -36.20 23.87 -22.43
CA MET I 177 -36.59 24.50 -21.17
C MET I 177 -35.37 25.24 -20.60
N PHE I 178 -35.43 26.57 -20.55
CA PHE I 178 -34.37 27.48 -20.06
C PHE I 178 -34.74 28.07 -18.70
N LYS I 179 -33.81 28.09 -17.75
CA LYS I 179 -34.00 28.76 -16.44
C LYS I 179 -34.04 30.27 -16.66
N LYS I 180 -35.12 30.92 -16.22
CA LYS I 180 -35.38 32.35 -16.49
C LYS I 180 -34.32 33.23 -15.82
N SER I 181 -33.82 32.86 -14.65
CA SER I 181 -32.87 33.71 -13.88
C SER I 181 -31.60 33.92 -14.70
N VAL I 182 -31.18 32.92 -15.47
CA VAL I 182 -29.96 33.02 -16.32
C VAL I 182 -30.21 34.06 -17.42
N ILE I 183 -31.40 34.02 -18.02
CA ILE I 183 -31.83 34.96 -19.10
C ILE I 183 -31.89 36.38 -18.52
N ASP I 184 -32.49 36.54 -17.33
CA ASP I 184 -32.69 37.86 -16.69
C ASP I 184 -31.34 38.45 -16.26
N LYS I 185 -30.53 37.69 -15.51
CA LYS I 185 -29.25 38.19 -14.92
C LYS I 185 -28.32 38.63 -16.06
N ASN I 186 -28.30 37.89 -17.17
CA ASN I 186 -27.36 38.10 -18.28
C ASN I 186 -28.03 38.91 -19.40
N LYS I 187 -29.29 39.31 -19.22
CA LYS I 187 -30.04 40.15 -20.19
C LYS I 187 -29.92 39.51 -21.58
N ILE I 188 -30.24 38.21 -21.69
CA ILE I 188 -30.18 37.45 -22.97
C ILE I 188 -31.47 37.71 -23.73
N LYS I 189 -31.35 38.31 -24.91
CA LYS I 189 -32.47 38.63 -25.82
C LYS I 189 -32.19 38.01 -27.18
N PHE I 190 -33.24 37.66 -27.91
CA PHE I 190 -33.14 37.27 -29.33
C PHE I 190 -32.76 38.51 -30.14
N LYS I 191 -31.78 38.38 -31.04
CA LYS I 191 -31.34 39.50 -31.90
C LYS I 191 -32.15 39.45 -33.19
N THR I 192 -32.11 40.52 -33.98
CA THR I 192 -32.89 40.69 -35.23
C THR I 192 -31.93 40.98 -36.40
N PHE I 193 -30.64 40.67 -36.26
CA PHE I 193 -29.59 40.89 -37.29
C PHE I 193 -29.97 40.14 -38.58
N SER I 194 -30.47 38.91 -38.44
CA SER I 194 -30.84 38.02 -39.55
C SER I 194 -32.13 37.25 -39.25
N LYS I 195 -32.71 36.66 -40.30
CA LYS I 195 -33.95 35.86 -40.26
C LYS I 195 -33.60 34.42 -39.86
N THR I 196 -32.33 34.07 -39.89
CA THR I 196 -31.80 32.71 -39.69
C THR I 196 -30.73 32.71 -38.58
N ALA I 197 -30.64 31.60 -37.84
CA ALA I 197 -29.61 31.30 -36.82
C ALA I 197 -29.76 32.20 -35.57
N GLU I 198 -30.87 32.93 -35.39
CA GLU I 198 -31.06 33.79 -34.19
C GLU I 198 -31.33 32.90 -32.97
N ASP I 199 -31.99 31.77 -33.20
CA ASP I 199 -32.22 30.74 -32.15
C ASP I 199 -30.87 30.13 -31.72
N GLN I 200 -29.99 29.82 -32.68
CA GLN I 200 -28.64 29.27 -32.39
C GLN I 200 -27.89 30.25 -31.45
N LEU I 201 -27.89 31.53 -31.83
CA LEU I 201 -27.16 32.57 -31.07
C LEU I 201 -27.69 32.61 -29.63
N PHE I 202 -29.00 32.54 -29.48
CA PHE I 202 -29.66 32.62 -28.15
C PHE I 202 -29.19 31.44 -27.31
N THR I 203 -29.29 30.22 -27.83
CA THR I 203 -28.89 29.00 -27.10
C THR I 203 -27.39 29.07 -26.78
N ILE I 204 -26.56 29.55 -27.71
CA ILE I 204 -25.10 29.66 -27.48
C ILE I 204 -24.88 30.66 -26.33
N GLU I 205 -25.52 31.83 -26.38
CA GLU I 205 -25.34 32.86 -25.33
C GLU I 205 -25.75 32.24 -23.98
N PHE I 206 -26.81 31.46 -23.97
CA PHE I 206 -27.32 30.81 -22.74
C PHE I 206 -26.31 29.77 -22.24
N LEU I 207 -25.83 28.91 -23.13
CA LEU I 207 -24.84 27.84 -22.80
C LEU I 207 -23.58 28.48 -22.22
N MET I 208 -23.14 29.59 -22.80
CA MET I 208 -21.88 30.27 -22.38
C MET I 208 -22.09 31.02 -21.06
N ASN I 209 -23.32 31.09 -20.54
CA ASN I 209 -23.62 31.81 -19.28
C ASN I 209 -24.23 30.86 -18.24
N SER I 210 -24.11 29.55 -18.42
CA SER I 210 -24.68 28.55 -17.49
C SER I 210 -23.81 27.28 -17.51
N LYS I 211 -23.99 26.39 -16.54
CA LYS I 211 -23.14 25.19 -16.38
C LYS I 211 -23.96 23.90 -16.46
N ASN I 212 -25.19 23.92 -15.97
CA ASN I 212 -25.96 22.68 -15.67
C ASN I 212 -26.94 22.43 -16.83
N TYR I 213 -26.65 21.42 -17.64
CA TYR I 213 -27.48 21.02 -18.80
C TYR I 213 -27.96 19.59 -18.60
N SER I 214 -29.22 19.32 -18.90
CA SER I 214 -29.85 17.99 -18.75
C SER I 214 -30.47 17.58 -20.08
N ILE I 215 -30.47 16.28 -20.34
CA ILE I 215 -31.06 15.67 -21.56
C ILE I 215 -32.05 14.60 -21.10
N LYS I 216 -33.31 14.70 -21.55
CA LYS I 216 -34.39 13.76 -21.20
C LYS I 216 -34.86 13.07 -22.49
N THR I 217 -34.92 11.75 -22.50
CA THR I 217 -35.14 10.97 -23.74
C THR I 217 -36.23 9.90 -23.54
N ASP I 218 -36.98 9.93 -22.45
CA ASP I 218 -38.01 8.90 -22.15
C ASP I 218 -39.06 8.86 -23.26
N TYR I 219 -39.43 10.04 -23.79
CA TYR I 219 -40.44 10.18 -24.87
C TYR I 219 -39.94 11.18 -25.92
N GLU I 220 -40.56 11.15 -27.10
CA GLU I 220 -40.49 12.27 -28.07
C GLU I 220 -41.30 13.43 -27.48
N TYR I 221 -40.67 14.26 -26.66
CA TYR I 221 -41.33 15.30 -25.82
C TYR I 221 -41.80 16.48 -26.70
N TYR I 222 -41.09 16.75 -27.79
CA TYR I 222 -41.37 17.88 -28.72
C TYR I 222 -41.40 17.30 -30.13
N ILE I 223 -42.50 17.48 -30.84
CA ILE I 223 -42.64 16.99 -32.25
C ILE I 223 -42.59 18.19 -33.18
N VAL I 224 -41.53 18.28 -33.99
CA VAL I 224 -41.43 19.26 -35.09
C VAL I 224 -42.35 18.78 -36.21
N VAL I 225 -43.31 19.61 -36.62
CA VAL I 225 -44.29 19.25 -37.69
C VAL I 225 -43.90 20.05 -38.96
N ASN I 226 -43.53 19.34 -40.03
CA ASN I 226 -43.28 19.93 -41.38
C ASN I 226 -44.62 20.00 -42.14
N ASP I 227 -44.93 21.12 -42.81
CA ASP I 227 -46.31 21.42 -43.29
C ASP I 227 -46.26 22.59 -44.27
N PHE I 228 -46.04 22.32 -45.56
CA PHE I 228 -46.12 23.33 -46.64
C PHE I 228 -45.61 24.69 -46.14
N THR I 240 -28.69 36.15 -48.88
CA THR I 240 -27.49 37.02 -48.69
C THR I 240 -26.77 36.63 -47.40
N GLY I 241 -25.44 36.54 -47.46
CA GLY I 241 -24.61 36.03 -46.35
C GLY I 241 -24.16 37.14 -45.40
N ASN I 242 -24.44 38.41 -45.70
CA ASN I 242 -24.03 39.53 -44.82
C ASN I 242 -24.68 39.33 -43.44
N GLN I 243 -25.97 38.98 -43.41
CA GLN I 243 -26.77 38.92 -42.17
C GLN I 243 -26.46 37.60 -41.44
N TYR I 244 -26.45 36.50 -42.19
CA TYR I 244 -26.19 35.14 -41.64
C TYR I 244 -24.82 35.13 -40.95
N PHE I 245 -23.77 35.63 -41.61
CA PHE I 245 -22.40 35.55 -41.08
C PHE I 245 -22.22 36.56 -39.94
N ALA I 246 -23.04 37.62 -39.89
CA ALA I 246 -23.05 38.55 -38.74
C ALA I 246 -23.52 37.81 -37.49
N THR I 247 -24.48 36.89 -37.68
CA THR I 247 -25.01 36.05 -36.58
C THR I 247 -23.96 35.03 -36.17
N ILE I 248 -23.29 34.41 -37.15
CA ILE I 248 -22.23 33.41 -36.87
C ILE I 248 -21.09 34.11 -36.11
N ASN I 249 -20.78 35.33 -36.50
CA ASN I 249 -19.74 36.15 -35.83
C ASN I 249 -20.11 36.32 -34.34
N GLU I 250 -21.38 36.55 -34.04
CA GLU I 250 -21.86 36.78 -32.65
C GLU I 250 -21.71 35.48 -31.83
N ILE I 251 -21.89 34.32 -32.47
CA ILE I 251 -21.75 33.02 -31.79
C ILE I 251 -20.30 32.86 -31.33
N TYR I 252 -19.33 33.13 -32.21
CA TYR I 252 -17.90 33.04 -31.85
C TYR I 252 -17.59 34.06 -30.75
N LYS I 253 -18.13 35.28 -30.85
CA LYS I 253 -17.94 36.33 -29.81
C LYS I 253 -18.44 35.80 -28.46
N ALA I 254 -19.60 35.15 -28.44
CA ALA I 254 -20.23 34.65 -27.20
C ALA I 254 -19.32 33.59 -26.55
N ILE I 255 -18.69 32.75 -27.36
CA ILE I 255 -17.80 31.66 -26.86
C ILE I 255 -16.56 32.30 -26.23
N TYR I 256 -15.95 33.26 -26.92
CA TYR I 256 -14.64 33.85 -26.50
C TYR I 256 -14.84 34.87 -25.37
N LYS I 257 -16.07 35.23 -25.01
CA LYS I 257 -16.37 36.16 -23.90
C LYS I 257 -17.05 35.41 -22.74
N SER I 258 -17.15 34.09 -22.81
CA SER I 258 -17.91 33.27 -21.84
C SER I 258 -17.33 33.44 -20.43
N PRO I 259 -18.15 33.86 -19.44
CA PRO I 259 -17.73 33.87 -18.05
C PRO I 259 -17.71 32.48 -17.38
N ILE I 260 -18.28 31.47 -18.02
CA ILE I 260 -18.28 30.06 -17.53
C ILE I 260 -17.04 29.36 -18.06
N TYR I 261 -16.82 29.42 -19.39
CA TYR I 261 -15.65 28.80 -20.05
C TYR I 261 -14.60 29.89 -20.24
N LYS I 262 -13.82 30.19 -19.18
CA LYS I 262 -12.89 31.32 -19.10
C LYS I 262 -11.53 30.90 -19.66
N ASN I 263 -11.19 29.62 -19.59
CA ASN I 263 -9.87 29.13 -20.07
C ASN I 263 -9.83 29.33 -21.58
N GLN I 264 -8.78 30.00 -22.06
CA GLN I 264 -8.64 30.35 -23.49
C GLN I 264 -8.60 29.06 -24.34
N GLU I 265 -7.95 28.02 -23.84
CA GLU I 265 -7.81 26.76 -24.61
C GLU I 265 -9.18 26.09 -24.72
N LYS I 266 -10.01 26.23 -23.68
CA LYS I 266 -11.37 25.64 -23.66
C LYS I 266 -12.22 26.39 -24.70
N ARG I 267 -12.04 27.70 -24.79
CA ARG I 267 -12.72 28.54 -25.80
C ARG I 267 -12.31 28.07 -27.21
N HIS I 268 -11.01 27.81 -27.43
CA HIS I 268 -10.50 27.36 -28.74
C HIS I 268 -11.19 26.04 -29.11
N GLN I 269 -11.34 25.14 -28.12
CA GLN I 269 -11.95 23.81 -28.35
C GLN I 269 -13.42 24.00 -28.73
N LEU I 270 -14.14 24.86 -28.01
CA LEU I 270 -15.58 25.11 -28.26
C LEU I 270 -15.73 25.75 -29.65
N ALA I 271 -14.91 26.74 -29.94
CA ALA I 271 -14.94 27.45 -31.24
C ALA I 271 -14.65 26.44 -32.37
N GLY I 272 -13.68 25.57 -32.18
CA GLY I 272 -13.34 24.55 -33.19
C GLY I 272 -14.50 23.58 -33.39
N LYS I 273 -15.20 23.24 -32.33
CA LYS I 273 -16.35 22.31 -32.42
C LYS I 273 -17.47 23.02 -33.18
N TYR I 274 -17.67 24.31 -32.93
CA TYR I 274 -18.72 25.06 -33.65
C TYR I 274 -18.37 25.12 -35.14
N THR I 275 -17.09 25.37 -35.46
CA THR I 275 -16.59 25.42 -36.86
C THR I 275 -16.92 24.09 -37.54
N THR I 276 -16.67 22.98 -36.87
CA THR I 276 -16.99 21.62 -37.40
C THR I 276 -18.48 21.56 -37.70
N ARG I 277 -19.34 21.97 -36.77
CA ARG I 277 -20.81 21.94 -36.93
C ARG I 277 -21.20 22.79 -38.13
N LEU I 278 -20.58 23.96 -38.26
CA LEU I 278 -20.87 24.93 -39.34
C LEU I 278 -20.50 24.30 -40.70
N LEU I 279 -19.38 23.61 -40.78
CA LEU I 279 -18.93 22.96 -42.05
C LEU I 279 -19.78 21.71 -42.33
N ARG I 280 -20.33 21.08 -41.30
CA ARG I 280 -21.14 19.84 -41.49
C ARG I 280 -22.59 20.20 -41.82
N HIS I 281 -23.13 21.30 -41.30
CA HIS I 281 -24.59 21.55 -41.30
C HIS I 281 -24.93 23.01 -41.58
N GLY I 282 -23.96 23.86 -41.88
CA GLY I 282 -24.21 25.29 -42.13
C GLY I 282 -25.06 25.52 -43.35
N GLN I 283 -25.64 26.71 -43.45
CA GLN I 283 -26.42 27.16 -44.62
C GLN I 283 -25.51 27.11 -45.85
N LYS I 284 -26.01 26.54 -46.96
CA LYS I 284 -25.32 26.54 -48.27
C LYS I 284 -23.91 25.97 -48.11
N LYS I 285 -23.75 24.87 -47.41
CA LYS I 285 -22.42 24.30 -47.08
C LYS I 285 -21.71 23.93 -48.39
N ASN I 286 -22.44 23.59 -49.46
CA ASN I 286 -21.86 23.14 -50.75
C ASN I 286 -22.05 24.21 -51.82
N PHE I 287 -21.97 25.49 -51.44
CA PHE I 287 -22.18 26.63 -52.36
C PHE I 287 -21.13 26.63 -53.47
N ALA I 288 -19.90 26.20 -53.18
CA ALA I 288 -18.75 26.41 -54.08
C ALA I 288 -18.97 25.73 -55.44
N ASN I 289 -19.48 24.49 -55.46
CA ASN I 289 -19.68 23.71 -56.71
C ASN I 289 -21.14 23.80 -57.18
N SER I 290 -21.94 24.71 -56.60
CA SER I 290 -23.40 24.81 -56.85
C SER I 290 -23.67 25.63 -58.12
N LYS I 291 -24.95 25.83 -58.46
CA LYS I 291 -25.37 26.58 -59.67
C LYS I 291 -25.54 28.07 -59.33
N MET I 292 -25.18 28.47 -58.11
CA MET I 292 -25.10 29.88 -57.66
C MET I 292 -24.27 30.71 -58.65
N LYS I 293 -24.73 31.92 -58.98
CA LYS I 293 -23.98 32.86 -59.83
C LYS I 293 -22.60 33.12 -59.18
N TYR I 294 -21.57 33.19 -60.01
CA TYR I 294 -20.17 33.43 -59.59
C TYR I 294 -20.09 34.60 -58.60
N GLU I 295 -20.72 35.72 -58.92
CA GLU I 295 -20.60 36.96 -58.11
C GLU I 295 -21.19 36.72 -56.72
N ASP I 296 -22.24 35.88 -56.62
CA ASP I 296 -22.87 35.55 -55.32
C ASP I 296 -21.96 34.61 -54.53
N LYS I 297 -21.29 33.68 -55.21
CA LYS I 297 -20.33 32.77 -54.57
C LYS I 297 -19.20 33.60 -53.93
N ILE I 298 -18.69 34.59 -54.67
CA ILE I 298 -17.56 35.44 -54.19
C ILE I 298 -18.03 36.22 -52.97
N GLU I 299 -19.24 36.80 -53.01
CA GLU I 299 -19.76 37.63 -51.90
C GLU I 299 -19.96 36.73 -50.68
N TRP I 300 -20.53 35.55 -50.89
CA TRP I 300 -20.81 34.58 -49.81
C TRP I 300 -19.50 34.15 -49.15
N LEU I 301 -18.51 33.74 -49.95
CA LEU I 301 -17.20 33.28 -49.44
C LEU I 301 -16.49 34.44 -48.75
N ASN I 302 -16.65 35.66 -49.26
CA ASN I 302 -16.01 36.86 -48.66
C ASN I 302 -16.53 37.03 -47.24
N ASN I 303 -17.84 36.92 -47.04
CA ASN I 303 -18.48 37.08 -45.70
C ASN I 303 -18.02 35.95 -44.79
N PHE I 304 -17.97 34.73 -45.31
CA PHE I 304 -17.56 33.53 -44.55
C PHE I 304 -16.11 33.72 -44.10
N SER I 305 -15.25 34.14 -45.04
CA SER I 305 -13.81 34.35 -44.82
C SER I 305 -13.61 35.43 -43.75
N LYS I 306 -14.28 36.57 -43.88
CA LYS I 306 -14.15 37.72 -42.94
C LYS I 306 -14.49 37.24 -41.52
N THR I 307 -15.54 36.43 -41.41
CA THR I 307 -16.08 35.96 -40.11
C THR I 307 -15.08 34.97 -39.50
N ILE I 308 -14.64 34.00 -40.29
CA ILE I 308 -13.75 32.92 -39.78
C ILE I 308 -12.38 33.52 -39.43
N ASN I 309 -11.96 34.60 -40.11
CA ASN I 309 -10.62 35.18 -39.87
C ASN I 309 -10.63 36.05 -38.61
N LYS I 310 -11.77 36.26 -37.96
CA LYS I 310 -11.84 36.87 -36.61
C LYS I 310 -11.70 35.78 -35.54
N VAL I 311 -11.75 34.51 -35.94
CA VAL I 311 -11.63 33.36 -35.00
C VAL I 311 -10.16 32.96 -34.92
N PRO I 312 -9.57 32.90 -33.71
CA PRO I 312 -8.16 32.46 -33.56
C PRO I 312 -7.86 31.15 -34.29
N ARG I 313 -6.71 31.08 -34.95
CA ARG I 313 -6.23 29.87 -35.65
C ARG I 313 -5.95 28.76 -34.62
N ASP I 314 -5.79 29.11 -33.35
CA ASP I 314 -5.62 28.12 -32.25
C ASP I 314 -6.83 27.16 -32.19
N SER I 315 -8.00 27.57 -32.69
CA SER I 315 -9.23 26.73 -32.68
C SER I 315 -9.14 25.66 -33.77
N ASP I 316 -8.31 25.87 -34.80
CA ASP I 316 -8.32 25.05 -36.03
C ASP I 316 -7.94 23.60 -35.70
N LYS I 317 -7.05 23.39 -34.72
CA LYS I 317 -6.59 22.02 -34.38
C LYS I 317 -7.73 21.21 -33.75
N TYR I 318 -8.80 21.87 -33.29
CA TYR I 318 -9.97 21.18 -32.68
C TYR I 318 -11.04 20.88 -33.75
N VAL I 319 -10.83 21.33 -34.99
CA VAL I 319 -11.77 21.04 -36.11
C VAL I 319 -11.46 19.63 -36.61
N THR I 320 -12.48 18.84 -36.90
CA THR I 320 -12.30 17.46 -37.44
C THR I 320 -11.41 17.52 -38.69
N GLN I 321 -10.39 16.69 -38.77
CA GLN I 321 -9.24 16.86 -39.71
C GLN I 321 -9.69 16.75 -41.18
N ILE I 322 -10.75 16.00 -41.50
CA ILE I 322 -11.23 15.90 -42.91
C ILE I 322 -11.51 17.30 -43.47
N PHE I 323 -11.82 18.28 -42.61
CA PHE I 323 -12.20 19.66 -43.02
C PHE I 323 -10.98 20.58 -43.05
N ASN I 324 -9.77 20.07 -42.85
CA ASN I 324 -8.54 20.89 -42.71
C ASN I 324 -8.38 21.77 -43.96
N LEU I 325 -8.54 21.20 -45.15
CA LEU I 325 -8.31 21.91 -46.43
C LEU I 325 -9.44 22.92 -46.65
N LYS I 326 -10.69 22.49 -46.48
CA LYS I 326 -11.85 23.38 -46.69
C LYS I 326 -11.74 24.60 -45.78
N LEU I 327 -11.43 24.37 -44.51
CA LEU I 327 -11.32 25.49 -43.52
C LEU I 327 -10.22 26.45 -43.98
N GLU I 328 -9.06 25.93 -44.37
CA GLU I 328 -7.93 26.78 -44.78
C GLU I 328 -8.32 27.53 -46.06
N ALA I 329 -9.01 26.86 -46.98
CA ALA I 329 -9.51 27.48 -48.23
C ALA I 329 -10.39 28.69 -47.89
N ILE I 330 -11.27 28.55 -46.90
CA ILE I 330 -12.19 29.66 -46.51
C ILE I 330 -11.37 30.79 -45.89
N ARG I 331 -10.39 30.47 -45.04
CA ARG I 331 -9.54 31.50 -44.40
C ARG I 331 -8.81 32.28 -45.50
N GLN I 332 -8.35 31.60 -46.56
CA GLN I 332 -7.61 32.21 -47.69
C GLN I 332 -8.56 32.91 -48.65
N ASN I 333 -9.87 32.74 -48.49
CA ASN I 333 -10.89 33.41 -49.34
C ASN I 333 -10.66 33.00 -50.81
N ASP I 334 -10.46 31.71 -51.05
CA ASP I 334 -10.03 31.15 -52.36
C ASP I 334 -11.12 30.21 -52.87
N LEU I 335 -11.97 30.67 -53.79
CA LEU I 335 -13.14 29.89 -54.25
C LEU I 335 -12.67 28.58 -54.89
N LEU I 336 -11.64 28.62 -55.73
CA LEU I 336 -11.14 27.41 -56.43
C LEU I 336 -10.77 26.35 -55.39
N ALA I 337 -10.11 26.75 -54.31
CA ALA I 337 -9.62 25.82 -53.26
C ALA I 337 -10.84 25.22 -52.53
N VAL I 338 -11.89 26.02 -52.31
CA VAL I 338 -13.12 25.50 -51.65
C VAL I 338 -13.79 24.49 -52.59
N MET I 339 -13.85 24.81 -53.87
CA MET I 339 -14.43 23.90 -54.90
C MET I 339 -13.67 22.57 -54.86
N ILE I 340 -12.34 22.64 -54.85
CA ILE I 340 -11.47 21.43 -54.82
C ILE I 340 -11.71 20.68 -53.49
N ALA I 341 -11.70 21.40 -52.37
CA ALA I 341 -11.89 20.79 -51.03
C ALA I 341 -13.18 19.97 -51.03
N ASP I 342 -14.26 20.52 -51.60
CA ASP I 342 -15.59 19.86 -51.61
C ASP I 342 -15.53 18.61 -52.50
N LYS I 343 -14.79 18.68 -53.61
CA LYS I 343 -14.66 17.51 -54.51
C LYS I 343 -13.91 16.39 -53.78
N LEU I 344 -13.00 16.71 -52.86
CA LEU I 344 -12.18 15.70 -52.13
C LEU I 344 -12.94 15.16 -50.91
N LEU I 345 -13.92 15.91 -50.39
CA LEU I 345 -14.77 15.46 -49.25
C LEU I 345 -15.80 14.44 -49.76
N MET J 19 52.72 6.82 -44.63
CA MET J 19 51.34 7.30 -44.91
C MET J 19 50.38 6.09 -44.88
N LYS J 20 49.27 6.22 -44.14
CA LYS J 20 48.29 5.14 -43.98
C LYS J 20 47.40 5.05 -45.22
N LYS J 21 46.89 3.85 -45.47
CA LYS J 21 45.90 3.58 -46.54
C LYS J 21 44.57 4.26 -46.17
N VAL J 22 44.07 4.00 -44.96
CA VAL J 22 42.72 4.45 -44.54
C VAL J 22 42.77 5.05 -43.13
N SER J 23 42.10 6.17 -42.95
CA SER J 23 41.75 6.73 -41.62
C SER J 23 40.25 6.52 -41.42
N VAL J 24 39.87 5.70 -40.44
CA VAL J 24 38.44 5.60 -40.03
C VAL J 24 38.19 6.71 -39.01
N ILE J 25 37.20 7.56 -39.29
CA ILE J 25 36.86 8.72 -38.43
C ILE J 25 35.51 8.45 -37.79
N MET J 26 35.47 8.41 -36.46
CA MET J 26 34.27 8.06 -35.69
C MET J 26 34.04 9.11 -34.61
N PRO J 27 33.02 9.97 -34.75
CA PRO J 27 32.55 10.81 -33.65
C PRO J 27 31.82 9.95 -32.60
N THR J 28 31.96 10.28 -31.33
CA THR J 28 31.23 9.61 -30.23
C THR J 28 30.50 10.66 -29.39
N PHE J 29 29.39 10.24 -28.78
CA PHE J 29 28.68 11.03 -27.75
C PHE J 29 27.74 10.10 -26.97
N ASN J 30 28.08 9.83 -25.71
CA ASN J 30 27.21 9.10 -24.74
C ASN J 30 26.80 7.75 -25.34
N ASN J 31 27.73 7.06 -25.97
CA ASN J 31 27.49 5.74 -26.62
C ASN J 31 27.49 4.65 -25.56
N GLY J 32 28.35 4.77 -24.54
CA GLY J 32 28.44 3.77 -23.47
C GLY J 32 28.98 2.44 -23.97
N GLU J 33 28.50 1.34 -23.41
CA GLU J 33 29.12 0.00 -23.54
C GLU J 33 28.93 -0.53 -24.97
N LYS J 34 27.96 -0.01 -25.73
CA LYS J 34 27.67 -0.44 -27.13
C LYS J 34 28.89 -0.19 -28.04
N LEU J 35 29.71 0.79 -27.68
CA LEU J 35 30.87 1.27 -28.48
C LEU J 35 31.91 0.15 -28.62
N HIS J 36 31.99 -0.77 -27.66
CA HIS J 36 32.92 -1.94 -27.70
C HIS J 36 32.77 -2.66 -29.04
N ARG J 37 31.54 -3.01 -29.40
CA ARG J 37 31.20 -3.81 -30.59
C ARG J 37 31.71 -3.08 -31.84
N THR J 38 31.51 -1.77 -31.90
CA THR J 38 31.91 -0.92 -33.05
C THR J 38 33.43 -0.88 -33.15
N ILE J 39 34.10 -0.52 -32.06
CA ILE J 39 35.58 -0.35 -32.05
C ILE J 39 36.20 -1.70 -32.42
N SER J 40 35.67 -2.80 -31.89
CA SER J 40 36.16 -4.16 -32.17
C SER J 40 36.06 -4.46 -33.67
N SER J 41 34.96 -4.02 -34.31
CA SER J 41 34.71 -4.31 -35.75
C SER J 41 35.79 -3.62 -36.58
N VAL J 42 36.27 -2.45 -36.15
CA VAL J 42 37.34 -1.68 -36.85
C VAL J 42 38.71 -2.32 -36.58
N LEU J 43 38.95 -2.81 -35.36
CA LEU J 43 40.28 -3.35 -34.98
C LEU J 43 40.46 -4.75 -35.59
N ASN J 44 39.37 -5.47 -35.84
CA ASN J 44 39.39 -6.82 -36.44
C ASN J 44 39.15 -6.71 -37.94
N GLN J 45 40.13 -6.18 -38.69
CA GLN J 45 40.05 -6.06 -40.16
C GLN J 45 41.08 -6.99 -40.80
N THR J 46 40.77 -7.54 -41.97
CA THR J 46 41.69 -8.32 -42.83
C THR J 46 42.85 -7.42 -43.26
N MET J 47 42.65 -6.11 -43.37
CA MET J 47 43.73 -5.16 -43.72
C MET J 47 44.80 -5.20 -42.62
N LYS J 48 46.07 -5.17 -43.01
CA LYS J 48 47.24 -5.03 -42.11
C LYS J 48 46.94 -3.89 -41.14
N SER J 49 47.11 -4.13 -39.83
CA SER J 49 46.70 -3.18 -38.77
C SER J 49 47.53 -1.90 -38.83
N THR J 50 48.74 -1.97 -39.41
CA THR J 50 49.66 -0.80 -39.52
C THR J 50 49.30 0.04 -40.76
N ASP J 51 48.41 -0.46 -41.63
CA ASP J 51 48.01 0.24 -42.87
C ASP J 51 46.82 1.17 -42.62
N TYR J 52 46.18 1.09 -41.45
CA TYR J 52 45.03 1.99 -41.14
C TYR J 52 45.06 2.42 -39.67
N GLU J 53 44.24 3.42 -39.37
CA GLU J 53 44.05 3.97 -38.00
C GLU J 53 42.56 4.25 -37.77
N LEU J 54 42.16 4.15 -36.51
CA LEU J 54 40.82 4.57 -36.03
C LEU J 54 41.00 5.86 -35.25
N ILE J 55 40.44 6.95 -35.75
CA ILE J 55 40.44 8.27 -35.06
C ILE J 55 39.08 8.43 -34.40
N ILE J 56 39.05 8.50 -33.07
CA ILE J 56 37.81 8.71 -32.28
C ILE J 56 37.80 10.16 -31.80
N ILE J 57 36.73 10.89 -32.07
CA ILE J 57 36.56 12.28 -31.59
C ILE J 57 35.30 12.31 -30.74
N ASP J 58 35.47 12.39 -29.42
CA ASP J 58 34.32 12.43 -28.48
C ASP J 58 33.83 13.87 -28.42
N ASP J 59 32.53 14.05 -28.62
CA ASP J 59 31.87 15.38 -28.65
C ASP J 59 31.46 15.75 -27.21
N HIS J 60 32.43 15.70 -26.30
CA HIS J 60 32.29 16.03 -24.86
C HIS J 60 31.13 15.23 -24.24
N SER J 61 31.23 13.91 -24.28
CA SER J 61 30.32 12.96 -23.58
C SER J 61 30.19 13.38 -22.10
N ASN J 62 28.98 13.29 -21.56
CA ASN J 62 28.69 13.67 -20.15
C ASN J 62 27.91 12.54 -19.47
N ASP J 63 28.22 11.28 -19.79
CA ASP J 63 27.46 10.10 -19.30
C ASP J 63 28.20 9.46 -18.13
N ASN J 64 28.69 10.28 -17.19
CA ASN J 64 29.38 9.81 -15.95
C ASN J 64 30.59 8.96 -16.35
N GLY J 65 31.27 9.34 -17.43
CA GLY J 65 32.55 8.74 -17.86
C GLY J 65 32.39 7.37 -18.51
N GLU J 66 31.15 6.90 -18.75
CA GLU J 66 30.91 5.53 -19.28
C GLU J 66 31.58 5.42 -20.66
N THR J 67 31.32 6.40 -21.54
CA THR J 67 31.84 6.41 -22.93
C THR J 67 33.36 6.53 -22.89
N LEU J 68 33.91 7.43 -22.08
CA LEU J 68 35.37 7.63 -21.96
C LEU J 68 36.03 6.35 -21.45
N ASN J 69 35.36 5.64 -20.53
CA ASN J 69 35.89 4.39 -19.92
C ASN J 69 36.02 3.31 -21.00
N VAL J 70 35.07 3.26 -21.94
CA VAL J 70 35.10 2.27 -23.06
C VAL J 70 36.27 2.60 -23.98
N ILE J 71 36.46 3.89 -24.29
CA ILE J 71 37.53 4.35 -25.21
C ILE J 71 38.90 4.15 -24.55
N LYS J 72 38.99 4.30 -23.22
CA LYS J 72 40.27 4.19 -22.47
C LYS J 72 40.81 2.76 -22.53
N LYS J 73 39.94 1.76 -22.74
CA LYS J 73 40.34 0.33 -22.86
C LYS J 73 41.12 0.10 -24.17
N TYR J 74 41.07 1.02 -25.13
CA TYR J 74 41.79 0.88 -26.43
C TYR J 74 42.88 1.96 -26.58
N LYS J 75 43.31 2.56 -25.47
CA LYS J 75 44.42 3.56 -25.50
C LYS J 75 45.64 2.88 -26.13
N GLY J 76 46.27 3.54 -27.10
CA GLY J 76 47.45 3.00 -27.81
C GLY J 76 47.08 2.21 -29.05
N LEU J 77 45.82 1.84 -29.22
CA LEU J 77 45.32 1.14 -30.44
C LEU J 77 44.49 2.09 -31.32
N VAL J 78 44.18 3.29 -30.82
CA VAL J 78 43.36 4.29 -31.53
C VAL J 78 43.96 5.67 -31.28
N ARG J 79 43.73 6.61 -32.19
CA ARG J 79 44.01 8.03 -31.94
C ARG J 79 42.72 8.62 -31.37
N PHE J 80 42.84 9.50 -30.39
CA PHE J 80 41.67 10.01 -29.64
C PHE J 80 41.84 11.50 -29.40
N LYS J 81 40.74 12.24 -29.57
CA LYS J 81 40.66 13.68 -29.26
C LYS J 81 39.31 13.92 -28.57
N GLN J 82 39.32 14.69 -27.49
CA GLN J 82 38.08 15.05 -26.75
C GLN J 82 37.83 16.54 -26.99
N LEU J 83 36.69 16.89 -27.62
CA LEU J 83 36.29 18.29 -27.81
C LEU J 83 35.91 18.88 -26.43
N LYS J 84 36.23 20.15 -26.21
CA LYS J 84 35.99 20.86 -24.92
C LYS J 84 34.49 21.05 -24.68
N LYS J 85 33.68 21.24 -25.73
CA LYS J 85 32.21 21.47 -25.64
C LYS J 85 31.48 20.59 -26.67
N ASN J 86 30.27 20.15 -26.33
CA ASN J 86 29.39 19.39 -27.26
C ASN J 86 28.97 20.32 -28.39
N SER J 87 29.40 20.03 -29.63
CA SER J 87 29.08 20.82 -30.84
C SER J 87 27.60 20.64 -31.22
N GLY J 88 26.98 19.51 -30.86
CA GLY J 88 25.55 19.25 -31.10
C GLY J 88 25.32 18.35 -32.31
N ASN J 89 26.21 18.38 -33.31
CA ASN J 89 26.11 17.50 -34.50
C ASN J 89 27.50 16.92 -34.81
N ALA J 90 27.55 16.01 -35.78
CA ALA J 90 28.74 15.21 -36.12
C ALA J 90 29.72 16.04 -36.98
N SER J 91 29.30 17.22 -37.45
CA SER J 91 30.11 18.04 -38.40
C SER J 91 31.46 18.42 -37.75
N VAL J 92 31.44 19.00 -36.55
CA VAL J 92 32.70 19.50 -35.92
C VAL J 92 33.63 18.32 -35.65
N PRO J 93 33.17 17.23 -34.99
CA PRO J 93 34.01 16.05 -34.79
C PRO J 93 34.60 15.47 -36.09
N ARG J 94 33.79 15.39 -37.15
CA ARG J 94 34.26 14.83 -38.44
C ARG J 94 35.32 15.75 -39.04
N ASN J 95 35.15 17.06 -38.93
CA ASN J 95 36.14 18.04 -39.44
C ASN J 95 37.44 17.88 -38.66
N THR J 96 37.36 17.67 -37.35
CA THR J 96 38.52 17.44 -36.44
C THR J 96 39.27 16.20 -36.94
N GLY J 97 38.54 15.11 -37.20
CA GLY J 97 39.09 13.86 -37.76
C GLY J 97 39.81 14.09 -39.09
N LEU J 98 39.21 14.88 -39.98
CA LEU J 98 39.81 15.19 -41.31
C LEU J 98 41.16 15.90 -41.12
N LYS J 99 41.23 16.89 -40.22
CA LYS J 99 42.49 17.64 -39.94
C LYS J 99 43.54 16.65 -39.42
N MET J 100 43.13 15.65 -38.65
CA MET J 100 44.05 14.69 -37.97
C MET J 100 44.54 13.61 -38.93
N SER J 101 43.84 13.37 -40.04
CA SER J 101 44.19 12.27 -40.97
C SER J 101 45.15 12.77 -42.05
N LYS J 102 46.20 11.98 -42.34
CA LYS J 102 47.10 12.18 -43.51
C LYS J 102 47.08 10.91 -44.37
N ALA J 103 46.01 10.12 -44.28
CA ALA J 103 45.86 8.85 -45.02
C ALA J 103 45.42 9.13 -46.47
N GLU J 104 45.49 8.09 -47.29
CA GLU J 104 45.15 8.15 -48.73
C GLU J 104 43.62 8.28 -48.86
N TYR J 105 42.90 7.52 -48.04
CA TYR J 105 41.42 7.54 -47.98
C TYR J 105 40.96 7.73 -46.53
N VAL J 106 39.78 8.33 -46.38
CA VAL J 106 39.07 8.39 -45.07
C VAL J 106 37.77 7.61 -45.21
N PHE J 107 37.33 7.04 -44.10
CA PHE J 107 36.06 6.30 -44.01
C PHE J 107 35.34 6.78 -42.74
N PHE J 108 34.17 7.38 -42.90
CA PHE J 108 33.39 7.87 -41.75
C PHE J 108 32.51 6.75 -41.23
N LEU J 109 32.54 6.54 -39.92
CA LEU J 109 31.80 5.46 -39.22
C LEU J 109 30.97 6.10 -38.11
N ASP J 110 29.69 5.78 -38.03
CA ASP J 110 28.82 6.20 -36.89
C ASP J 110 29.10 5.27 -35.72
N SER J 111 29.04 5.83 -34.51
CA SER J 111 29.47 5.19 -33.23
C SER J 111 28.69 3.91 -32.93
N ASP J 112 27.49 3.71 -33.48
CA ASP J 112 26.70 2.49 -33.12
C ASP J 112 26.78 1.43 -34.22
N ASP J 113 27.61 1.61 -35.24
CA ASP J 113 27.57 0.81 -36.49
C ASP J 113 28.72 -0.20 -36.47
N LEU J 114 28.73 -1.13 -37.43
CA LEU J 114 29.74 -2.22 -37.51
C LEU J 114 30.35 -2.23 -38.91
N LEU J 115 31.66 -2.46 -38.99
CA LEU J 115 32.35 -2.79 -40.26
C LEU J 115 32.48 -4.31 -40.37
N HIS J 116 32.18 -4.86 -41.55
CA HIS J 116 32.54 -6.24 -41.93
C HIS J 116 34.07 -6.36 -41.82
N GLU J 117 34.58 -7.55 -41.51
CA GLU J 117 36.02 -7.78 -41.29
C GLU J 117 36.81 -7.47 -42.57
N ARG J 118 36.17 -7.55 -43.76
CA ARG J 118 36.88 -7.37 -45.04
C ARG J 118 36.56 -6.01 -45.67
N ALA J 119 36.06 -5.04 -44.89
CA ALA J 119 35.55 -3.76 -45.42
C ALA J 119 36.71 -2.90 -45.91
N LEU J 120 37.67 -2.58 -45.04
CA LEU J 120 38.76 -1.64 -45.40
C LEU J 120 39.60 -2.24 -46.55
N GLU J 121 39.97 -3.50 -46.46
CA GLU J 121 40.83 -4.18 -47.47
C GLU J 121 40.11 -4.19 -48.83
N ASP J 122 38.90 -4.75 -48.89
CA ASP J 122 38.15 -4.94 -50.15
C ASP J 122 37.84 -3.59 -50.81
N LEU J 123 37.38 -2.61 -50.03
CA LEU J 123 37.01 -1.27 -50.58
C LEU J 123 38.27 -0.56 -51.05
N TYR J 124 39.35 -0.56 -50.25
CA TYR J 124 40.61 0.11 -50.63
C TYR J 124 41.15 -0.54 -51.91
N ASN J 125 41.22 -1.86 -51.96
CA ASN J 125 41.79 -2.60 -53.11
C ASN J 125 40.99 -2.26 -54.36
N TYR J 126 39.65 -2.25 -54.26
CA TYR J 126 38.76 -1.97 -55.42
C TYR J 126 39.02 -0.53 -55.87
N GLY J 127 39.17 0.38 -54.91
CA GLY J 127 39.41 1.81 -55.18
C GLY J 127 40.75 2.01 -55.88
N LYS J 128 41.79 1.35 -55.38
CA LYS J 128 43.18 1.48 -55.90
C LYS J 128 43.20 0.92 -57.34
N GLU J 129 42.55 -0.21 -57.56
CA GLU J 129 42.50 -0.92 -58.87
C GLU J 129 41.72 -0.07 -59.89
N ASN J 130 40.76 0.75 -59.45
CA ASN J 130 39.90 1.53 -60.40
C ASN J 130 40.15 3.02 -60.25
N ASN J 131 41.23 3.42 -59.57
CA ASN J 131 41.60 4.84 -59.37
C ASN J 131 40.36 5.60 -58.90
N SER J 132 39.62 5.04 -57.94
CA SER J 132 38.34 5.59 -57.44
C SER J 132 38.60 6.75 -56.48
N ASP J 133 37.84 7.82 -56.64
CA ASP J 133 37.78 8.96 -55.68
C ASP J 133 36.82 8.56 -54.55
N LEU J 134 35.88 7.65 -54.83
CA LEU J 134 34.81 7.28 -53.88
C LEU J 134 34.53 5.78 -54.05
N ILE J 135 34.45 5.06 -52.94
CA ILE J 135 34.05 3.63 -52.96
C ILE J 135 32.89 3.47 -51.97
N ILE J 136 31.82 2.86 -52.44
CA ILE J 136 30.58 2.67 -51.64
C ILE J 136 30.40 1.17 -51.44
N GLY J 137 30.48 0.73 -50.18
CA GLY J 137 30.23 -0.67 -49.81
C GLY J 137 28.76 -0.88 -49.50
N LYS J 138 28.22 -2.04 -49.89
CA LYS J 138 26.81 -2.40 -49.63
C LYS J 138 26.52 -2.29 -48.13
N TYR J 139 25.41 -1.64 -47.79
CA TYR J 139 24.93 -1.46 -46.40
C TYR J 139 24.02 -2.62 -46.03
N GLY J 140 24.20 -3.15 -44.81
CA GLY J 140 23.23 -3.99 -44.12
C GLY J 140 22.60 -3.20 -42.97
N VAL J 141 21.53 -3.74 -42.41
CA VAL J 141 20.81 -3.05 -41.30
C VAL J 141 20.44 -4.10 -40.24
N GLU J 142 20.55 -3.70 -38.97
CA GLU J 142 20.13 -4.49 -37.79
C GLU J 142 19.03 -3.71 -37.07
N GLY J 143 17.82 -4.27 -37.01
CA GLY J 143 16.66 -3.66 -36.31
C GLY J 143 15.90 -2.68 -37.18
N LYS J 144 14.69 -2.31 -36.74
CA LYS J 144 13.81 -1.32 -37.42
C LYS J 144 14.22 0.08 -36.98
N GLY J 145 14.04 1.07 -37.85
CA GLY J 145 14.43 2.48 -37.60
C GLY J 145 14.97 3.13 -38.86
N ARG J 146 16.23 3.57 -38.84
CA ARG J 146 16.99 4.04 -40.03
C ARG J 146 16.87 2.96 -41.13
N SER J 147 16.48 3.39 -42.34
CA SER J 147 16.52 2.56 -43.58
C SER J 147 17.88 2.78 -44.27
N VAL J 148 18.25 1.89 -45.19
CA VAL J 148 19.53 2.02 -45.95
C VAL J 148 19.21 1.93 -47.43
N PRO J 149 20.01 2.58 -48.30
CA PRO J 149 19.80 2.50 -49.74
C PRO J 149 19.97 1.06 -50.24
N LYS J 150 19.24 0.72 -51.30
CA LYS J 150 19.18 -0.64 -51.89
C LYS J 150 19.42 -0.54 -53.40
N ALA J 151 18.81 0.41 -54.10
CA ALA J 151 18.85 0.51 -55.57
C ALA J 151 20.29 0.64 -56.06
N ILE J 152 21.12 1.41 -55.36
CA ILE J 152 22.55 1.62 -55.72
C ILE J 152 23.30 0.28 -55.81
N PHE J 153 22.88 -0.75 -55.08
CA PHE J 153 23.63 -2.05 -54.98
C PHE J 153 22.98 -3.13 -55.84
N GLU J 154 21.96 -2.80 -56.62
CA GLU J 154 21.13 -3.82 -57.32
C GLU J 154 21.81 -4.26 -58.63
N LYS J 155 22.90 -3.60 -59.06
CA LYS J 155 23.58 -3.95 -60.33
C LYS J 155 24.92 -4.63 -60.04
N GLY J 156 25.14 -5.08 -58.80
CA GLY J 156 26.39 -5.67 -58.33
C GLY J 156 27.53 -4.67 -58.35
N ASN J 157 28.77 -5.16 -58.50
CA ASN J 157 29.97 -4.30 -58.50
C ASN J 157 29.95 -3.41 -59.73
N VAL J 158 30.26 -2.12 -59.54
CA VAL J 158 30.37 -1.11 -60.61
C VAL J 158 31.67 -0.35 -60.39
N ALA J 159 32.59 -0.43 -61.34
CA ALA J 159 33.95 0.14 -61.21
C ALA J 159 33.90 1.65 -61.49
N LYS J 160 33.11 2.06 -62.48
CA LYS J 160 32.94 3.50 -62.87
C LYS J 160 31.44 3.80 -62.88
N ALA J 161 30.89 4.19 -61.73
CA ALA J 161 29.43 4.37 -61.54
C ALA J 161 28.97 5.72 -62.08
N ASP J 162 27.67 5.84 -62.32
CA ASP J 162 27.03 7.08 -62.85
C ASP J 162 26.01 7.53 -61.81
N ILE J 163 26.02 8.81 -61.48
CA ILE J 163 25.13 9.34 -60.39
C ILE J 163 23.70 8.91 -60.68
N ILE J 164 23.23 9.12 -61.90
CA ILE J 164 21.80 8.89 -62.25
C ILE J 164 21.53 7.39 -62.42
N ASP J 165 22.34 6.70 -63.23
CA ASP J 165 22.07 5.27 -63.57
C ASP J 165 22.28 4.38 -62.34
N ASN J 166 23.05 4.80 -61.35
CA ASN J 166 23.37 3.94 -60.17
C ASN J 166 22.75 4.53 -58.89
N SER J 167 21.81 5.46 -59.02
CA SER J 167 20.95 5.92 -57.91
C SER J 167 21.80 6.49 -56.76
N ILE J 168 22.86 7.23 -57.08
CA ILE J 168 23.82 7.72 -56.05
C ILE J 168 23.17 8.82 -55.23
N PHE J 169 22.23 9.59 -55.79
CA PHE J 169 21.53 10.67 -55.05
C PHE J 169 20.57 10.08 -54.02
N TYR J 170 20.37 8.75 -54.03
CA TYR J 170 19.59 8.06 -52.97
C TYR J 170 20.51 7.41 -51.92
N ALA J 171 21.81 7.68 -51.97
CA ALA J 171 22.78 7.14 -50.99
C ALA J 171 23.84 8.19 -50.68
N LEU J 172 23.42 9.29 -50.05
CA LEU J 172 24.28 10.49 -49.89
C LEU J 172 24.89 10.52 -48.48
N SER J 173 24.81 9.43 -47.70
CA SER J 173 25.50 9.37 -46.39
C SER J 173 27.01 9.47 -46.63
N VAL J 174 27.79 9.82 -45.61
CA VAL J 174 29.27 9.85 -45.73
C VAL J 174 29.84 8.52 -45.22
N LEU J 175 29.04 7.47 -45.11
CA LEU J 175 29.49 6.14 -44.62
C LEU J 175 30.11 5.40 -45.81
N LYS J 176 31.21 5.96 -46.30
CA LYS J 176 31.85 5.60 -47.58
C LYS J 176 33.34 5.86 -47.47
N MET J 177 34.11 5.38 -48.44
CA MET J 177 35.56 5.60 -48.51
C MET J 177 35.81 6.73 -49.52
N PHE J 178 36.30 7.88 -49.02
CA PHE J 178 36.60 9.09 -49.83
C PHE J 178 38.11 9.27 -49.96
N LYS J 179 38.59 9.58 -51.18
CA LYS J 179 40.01 9.93 -51.42
C LYS J 179 40.30 11.27 -50.77
N LYS J 180 41.29 11.32 -49.88
CA LYS J 180 41.58 12.51 -49.04
C LYS J 180 42.05 13.68 -49.91
N SER J 181 42.77 13.40 -51.00
CA SER J 181 43.34 14.48 -51.87
C SER J 181 42.21 15.33 -52.45
N VAL J 182 41.08 14.73 -52.78
CA VAL J 182 39.91 15.46 -53.36
C VAL J 182 39.37 16.40 -52.28
N ILE J 183 39.26 15.92 -51.03
CA ILE J 183 38.78 16.72 -49.86
C ILE J 183 39.75 17.88 -49.61
N ASP J 184 41.05 17.61 -49.63
CA ASP J 184 42.12 18.62 -49.34
C ASP J 184 42.16 19.66 -50.47
N LYS J 185 42.27 19.24 -51.72
CA LYS J 185 42.43 20.15 -52.90
C LYS J 185 41.22 21.09 -52.98
N ASN J 186 40.01 20.61 -52.69
CA ASN J 186 38.76 21.37 -52.85
C ASN J 186 38.32 21.95 -51.50
N LYS J 187 39.10 21.72 -50.43
CA LYS J 187 38.83 22.27 -49.08
C LYS J 187 37.38 21.95 -48.69
N ILE J 188 37.00 20.68 -48.81
CA ILE J 188 35.63 20.19 -48.47
C ILE J 188 35.61 19.93 -46.97
N LYS J 189 34.74 20.65 -46.26
CA LYS J 189 34.50 20.52 -44.80
C LYS J 189 33.00 20.30 -44.61
N PHE J 190 32.62 19.61 -43.54
CA PHE J 190 31.21 19.53 -43.10
C PHE J 190 30.81 20.92 -42.61
N LYS J 191 29.64 21.42 -43.01
CA LYS J 191 29.15 22.74 -42.57
C LYS J 191 28.32 22.54 -41.30
N THR J 192 28.08 23.64 -40.58
CA THR J 192 27.28 23.68 -39.33
C THR J 192 26.12 24.66 -39.48
N PHE J 193 25.71 24.98 -40.73
CA PHE J 193 24.52 25.80 -41.05
C PHE J 193 23.27 25.17 -40.44
N SER J 194 23.16 23.84 -40.51
CA SER J 194 21.99 23.08 -40.00
C SER J 194 22.41 21.77 -39.32
N LYS J 195 21.49 21.18 -38.55
CA LYS J 195 21.71 19.93 -37.77
C LYS J 195 21.50 18.73 -38.70
N THR J 196 20.90 18.97 -39.87
CA THR J 196 20.40 17.94 -40.81
C THR J 196 20.95 18.24 -42.22
N ALA J 197 21.16 17.17 -43.00
CA ALA J 197 21.55 17.19 -44.43
C ALA J 197 22.98 17.68 -44.66
N GLU J 198 23.79 17.78 -43.60
CA GLU J 198 25.19 18.27 -43.73
C GLU J 198 26.05 17.17 -44.35
N ASP J 199 25.71 15.91 -44.08
CA ASP J 199 26.37 14.74 -44.71
C ASP J 199 26.06 14.72 -46.21
N GLN J 200 24.80 14.99 -46.59
CA GLN J 200 24.38 15.05 -48.01
C GLN J 200 25.21 16.09 -48.74
N LEU J 201 25.32 17.29 -48.16
CA LEU J 201 26.05 18.42 -48.79
C LEU J 201 27.50 18.00 -49.02
N PHE J 202 28.10 17.33 -48.04
CA PHE J 202 29.52 16.91 -48.10
C PHE J 202 29.67 15.95 -49.29
N THR J 203 28.84 14.89 -49.34
CA THR J 203 28.91 13.88 -50.41
C THR J 203 28.64 14.54 -51.77
N ILE J 204 27.68 15.47 -51.84
CA ILE J 204 27.35 16.16 -53.12
C ILE J 204 28.58 16.97 -53.53
N GLU J 205 29.17 17.75 -52.63
CA GLU J 205 30.34 18.59 -52.98
C GLU J 205 31.45 17.67 -53.50
N PHE J 206 31.60 16.50 -52.88
CA PHE J 206 32.66 15.54 -53.27
C PHE J 206 32.35 14.99 -54.67
N LEU J 207 31.11 14.55 -54.90
CA LEU J 207 30.66 13.98 -56.19
C LEU J 207 30.86 14.99 -57.30
N MET J 208 30.55 16.26 -57.05
CA MET J 208 30.62 17.32 -58.08
C MET J 208 32.09 17.73 -58.33
N ASN J 209 33.04 17.22 -57.55
CA ASN J 209 34.48 17.57 -57.71
C ASN J 209 35.31 16.31 -57.97
N SER J 210 34.70 15.22 -58.38
CA SER J 210 35.40 13.95 -58.68
C SER J 210 34.63 13.19 -59.76
N LYS J 211 35.26 12.20 -60.39
CA LYS J 211 34.67 11.47 -61.54
C LYS J 211 34.52 9.99 -61.24
N ASN J 212 35.44 9.42 -60.46
CA ASN J 212 35.59 7.94 -60.36
C ASN J 212 34.88 7.48 -59.09
N TYR J 213 33.74 6.82 -59.25
CA TYR J 213 32.93 6.28 -58.14
C TYR J 213 32.77 4.79 -58.36
N SER J 214 32.97 4.02 -57.29
CA SER J 214 32.95 2.55 -57.34
C SER J 214 31.93 2.06 -56.33
N ILE J 215 31.24 0.98 -56.68
CA ILE J 215 30.22 0.33 -55.82
C ILE J 215 30.63 -1.14 -55.63
N LYS J 216 30.79 -1.54 -54.38
CA LYS J 216 31.25 -2.92 -54.03
C LYS J 216 30.13 -3.60 -53.23
N THR J 217 29.70 -4.78 -53.65
CA THR J 217 28.48 -5.43 -53.12
C THR J 217 28.75 -6.90 -52.73
N ASP J 218 30.00 -7.32 -52.66
CA ASP J 218 30.37 -8.74 -52.35
C ASP J 218 29.83 -9.12 -50.97
N TYR J 219 29.89 -8.19 -50.02
CA TYR J 219 29.40 -8.39 -48.63
C TYR J 219 28.61 -7.17 -48.16
N GLU J 220 27.82 -7.34 -47.10
CA GLU J 220 27.30 -6.20 -46.31
C GLU J 220 28.49 -5.62 -45.55
N TYR J 221 29.21 -4.69 -46.17
CA TYR J 221 30.51 -4.17 -45.66
C TYR J 221 30.30 -3.25 -44.46
N TYR J 222 29.17 -2.55 -44.41
CA TYR J 222 28.81 -1.57 -43.36
C TYR J 222 27.40 -1.93 -42.85
N ILE J 223 27.28 -2.21 -41.55
CA ILE J 223 25.97 -2.54 -40.93
C ILE J 223 25.51 -1.35 -40.09
N VAL J 224 24.43 -0.70 -40.50
CA VAL J 224 23.72 0.33 -39.69
C VAL J 224 22.97 -0.40 -38.57
N VAL J 225 23.26 -0.08 -37.32
CA VAL J 225 22.59 -0.71 -36.14
C VAL J 225 21.60 0.29 -35.54
N ASN J 226 20.31 -0.06 -35.57
CA ASN J 226 19.22 0.71 -34.89
C ASN J 226 19.10 0.29 -33.42
N THR J 240 13.28 24.97 -37.50
CA THR J 240 13.22 26.08 -38.49
C THR J 240 13.75 25.60 -39.84
N GLY J 241 13.14 26.04 -40.93
CA GLY J 241 13.56 25.73 -42.30
C GLY J 241 14.60 26.68 -42.86
N ASN J 242 14.91 27.76 -42.15
CA ASN J 242 15.95 28.74 -42.59
C ASN J 242 17.28 28.01 -42.79
N GLN J 243 17.65 27.15 -41.85
CA GLN J 243 18.97 26.49 -41.80
C GLN J 243 18.98 25.31 -42.78
N TYR J 244 17.91 24.49 -42.74
CA TYR J 244 17.78 23.30 -43.59
C TYR J 244 17.85 23.71 -45.06
N PHE J 245 17.07 24.72 -45.46
CA PHE J 245 16.95 25.11 -46.89
C PHE J 245 18.21 25.88 -47.32
N ALA J 246 18.97 26.44 -46.38
CA ALA J 246 20.30 27.03 -46.69
C ALA J 246 21.24 25.89 -47.13
N THR J 247 21.12 24.73 -46.50
CA THR J 247 21.92 23.53 -46.84
C THR J 247 21.47 23.00 -48.20
N ILE J 248 20.15 22.93 -48.43
CA ILE J 248 19.59 22.42 -49.71
C ILE J 248 20.05 23.36 -50.84
N ASN J 249 20.05 24.65 -50.56
CA ASN J 249 20.51 25.67 -51.52
C ASN J 249 21.96 25.37 -51.91
N GLU J 250 22.81 25.00 -50.96
CA GLU J 250 24.25 24.73 -51.19
C GLU J 250 24.39 23.49 -52.08
N ILE J 251 23.51 22.51 -51.94
CA ILE J 251 23.57 21.27 -52.77
C ILE J 251 23.32 21.67 -54.23
N TYR J 252 22.28 22.46 -54.49
CA TYR J 252 21.96 22.90 -55.87
C TYR J 252 23.12 23.76 -56.40
N LYS J 253 23.69 24.64 -55.56
CA LYS J 253 24.84 25.49 -55.95
C LYS J 253 25.99 24.58 -56.38
N ALA J 254 26.26 23.51 -55.63
CA ALA J 254 27.39 22.61 -55.91
C ALA J 254 27.20 21.96 -57.27
N ILE J 255 25.97 21.59 -57.60
CA ILE J 255 25.65 20.90 -58.89
C ILE J 255 25.89 21.89 -60.03
N TYR J 256 25.38 23.12 -59.92
CA TYR J 256 25.39 24.10 -61.03
C TYR J 256 26.76 24.77 -61.16
N LYS J 257 27.69 24.54 -60.23
CA LYS J 257 29.06 25.11 -60.29
C LYS J 257 30.08 23.99 -60.50
N SER J 258 29.62 22.77 -60.76
CA SER J 258 30.50 21.56 -60.84
C SER J 258 31.52 21.75 -61.94
N PRO J 259 32.83 21.64 -61.63
CA PRO J 259 33.87 21.61 -62.66
C PRO J 259 33.97 20.27 -63.40
N ILE J 260 33.30 19.22 -62.90
CA ILE J 260 33.26 17.88 -63.53
C ILE J 260 32.07 17.84 -64.49
N TYR J 261 30.88 18.17 -64.01
CA TYR J 261 29.63 18.19 -64.81
C TYR J 261 29.39 19.62 -65.30
N LYS J 262 30.06 20.00 -66.38
CA LYS J 262 30.11 21.41 -66.88
C LYS J 262 28.94 21.65 -67.83
N ASN J 263 28.44 20.61 -68.50
CA ASN J 263 27.35 20.75 -69.49
C ASN J 263 26.08 21.17 -68.75
N GLN J 264 25.47 22.27 -69.18
CA GLN J 264 24.32 22.89 -68.47
C GLN J 264 23.15 21.90 -68.44
N GLU J 265 22.94 21.14 -69.51
CA GLU J 265 21.80 20.20 -69.58
C GLU J 265 22.04 19.06 -68.59
N LYS J 266 23.31 18.67 -68.41
CA LYS J 266 23.66 17.59 -67.46
C LYS J 266 23.39 18.09 -66.04
N ARG J 267 23.69 19.36 -65.77
CA ARG J 267 23.40 20.00 -64.47
C ARG J 267 21.89 19.98 -64.23
N HIS J 268 21.08 20.31 -65.24
CA HIS J 268 19.60 20.32 -65.12
C HIS J 268 19.12 18.93 -64.73
N GLN J 269 19.70 17.90 -65.36
CA GLN J 269 19.30 16.49 -65.11
C GLN J 269 19.64 16.13 -63.66
N LEU J 270 20.86 16.49 -63.21
CA LEU J 270 21.32 16.19 -61.84
C LEU J 270 20.42 16.92 -60.85
N ALA J 271 20.17 18.21 -61.08
CA ALA J 271 19.33 19.05 -60.21
C ALA J 271 17.92 18.45 -60.14
N GLY J 272 17.38 18.01 -61.27
CA GLY J 272 16.04 17.40 -61.31
C GLY J 272 16.00 16.10 -60.53
N LYS J 273 17.07 15.33 -60.59
CA LYS J 273 17.15 14.04 -59.86
C LYS J 273 17.20 14.36 -58.37
N TYR J 274 17.94 15.40 -57.98
CA TYR J 274 18.04 15.76 -56.55
C TYR J 274 16.65 16.22 -56.06
N THR J 275 15.94 17.02 -56.88
CA THR J 275 14.58 17.52 -56.55
C THR J 275 13.67 16.31 -56.29
N THR J 276 13.74 15.29 -57.14
CA THR J 276 12.94 14.06 -56.96
C THR J 276 13.27 13.45 -55.60
N ARG J 277 14.56 13.29 -55.29
CA ARG J 277 15.00 12.68 -54.01
C ARG J 277 14.49 13.52 -52.83
N LEU J 278 14.54 14.84 -52.96
CA LEU J 278 14.10 15.80 -51.92
C LEU J 278 12.60 15.63 -51.67
N LEU J 279 11.80 15.49 -52.73
CA LEU J 279 10.33 15.34 -52.60
C LEU J 279 9.99 13.93 -52.10
N ARG J 280 10.84 12.93 -52.36
CA ARG J 280 10.57 11.54 -51.93
C ARG J 280 11.02 11.33 -50.49
N HIS J 281 12.07 11.99 -50.03
CA HIS J 281 12.76 11.61 -48.77
C HIS J 281 13.16 12.84 -47.94
N GLY J 282 12.83 14.05 -48.36
CA GLY J 282 13.26 15.26 -47.64
C GLY J 282 12.64 15.35 -46.25
N GLN J 283 13.24 16.18 -45.40
CA GLN J 283 12.74 16.49 -44.04
C GLN J 283 11.33 17.10 -44.17
N LYS J 284 10.39 16.62 -43.36
CA LYS J 284 9.02 17.18 -43.25
C LYS J 284 8.38 17.22 -44.65
N LYS J 285 8.50 16.15 -45.41
CA LYS J 285 8.01 16.12 -46.80
C LYS J 285 6.49 16.32 -46.80
N ASN J 286 5.79 15.95 -45.74
CA ASN J 286 4.30 16.04 -45.66
C ASN J 286 3.89 17.14 -44.67
N PHE J 287 4.64 18.24 -44.62
CA PHE J 287 4.40 19.36 -43.69
C PHE J 287 3.02 19.98 -43.95
N ALA J 288 2.58 20.03 -45.22
CA ALA J 288 1.42 20.85 -45.64
C ALA J 288 0.14 20.42 -44.92
N ASN J 289 -0.10 19.11 -44.79
CA ASN J 289 -1.35 18.58 -44.16
C ASN J 289 -1.08 18.16 -42.71
N SER J 290 0.07 18.56 -42.14
CA SER J 290 0.52 18.13 -40.78
C SER J 290 -0.13 19.00 -39.70
N LYS J 291 0.22 18.73 -38.43
CA LYS J 291 -0.32 19.45 -37.25
C LYS J 291 0.55 20.69 -36.95
N MET J 292 1.54 20.97 -37.79
CA MET J 292 2.37 22.20 -37.75
C MET J 292 1.47 23.45 -37.70
N LYS J 293 1.80 24.42 -36.85
CA LYS J 293 1.07 25.72 -36.81
C LYS J 293 1.14 26.36 -38.20
N TYR J 294 0.04 26.97 -38.62
CA TYR J 294 -0.10 27.70 -39.91
C TYR J 294 1.12 28.60 -40.15
N GLU J 295 1.51 29.41 -39.17
CA GLU J 295 2.57 30.43 -39.38
C GLU J 295 3.90 29.72 -39.68
N ASP J 296 4.12 28.54 -39.09
CA ASP J 296 5.35 27.73 -39.30
C ASP J 296 5.29 27.09 -40.69
N LYS J 297 4.11 26.65 -41.13
CA LYS J 297 3.91 26.10 -42.49
C LYS J 297 4.28 27.16 -43.51
N ILE J 298 3.83 28.40 -43.31
CA ILE J 298 4.07 29.53 -44.26
C ILE J 298 5.58 29.78 -44.29
N GLU J 299 6.24 29.82 -43.14
CA GLU J 299 7.69 30.14 -43.07
C GLU J 299 8.46 29.01 -43.75
N TRP J 300 8.08 27.76 -43.48
CA TRP J 300 8.74 26.57 -44.06
C TRP J 300 8.59 26.58 -45.58
N LEU J 301 7.37 26.77 -46.08
CA LEU J 301 7.08 26.78 -47.54
C LEU J 301 7.80 27.98 -48.17
N ASN J 302 7.88 29.10 -47.47
CA ASN J 302 8.54 30.32 -48.00
C ASN J 302 10.01 30.00 -48.27
N ASN J 303 10.67 29.33 -47.32
CA ASN J 303 12.11 28.96 -47.44
C ASN J 303 12.27 27.94 -48.56
N PHE J 304 11.36 26.97 -48.66
CA PHE J 304 11.39 25.91 -49.68
C PHE J 304 11.25 26.56 -51.05
N SER J 305 10.27 27.46 -51.17
CA SER J 305 9.93 28.17 -52.42
C SER J 305 11.15 29.02 -52.86
N LYS J 306 11.72 29.80 -51.96
CA LYS J 306 12.86 30.71 -52.25
C LYS J 306 14.02 29.87 -52.79
N THR J 307 14.26 28.71 -52.19
CA THR J 307 15.39 27.82 -52.53
C THR J 307 15.14 27.21 -53.91
N ILE J 308 13.95 26.66 -54.12
CA ILE J 308 13.61 25.95 -55.39
C ILE J 308 13.56 26.97 -56.54
N ASN J 309 13.21 28.22 -56.27
CA ASN J 309 13.08 29.25 -57.34
C ASN J 309 14.45 29.78 -57.76
N LYS J 310 15.53 29.38 -57.08
CA LYS J 310 16.91 29.65 -57.55
C LYS J 310 17.36 28.52 -58.48
N VAL J 311 16.59 27.44 -58.56
CA VAL J 311 16.91 26.29 -59.46
C VAL J 311 16.21 26.51 -60.79
N PRO J 312 16.93 26.50 -61.92
CA PRO J 312 16.32 26.66 -63.24
C PRO J 312 15.13 25.73 -63.47
N ARG J 313 14.08 26.24 -64.08
CA ARG J 313 12.87 25.46 -64.46
C ARG J 313 13.23 24.40 -65.50
N ASP J 314 14.36 24.55 -66.19
CA ASP J 314 14.90 23.54 -67.15
C ASP J 314 15.12 22.20 -66.44
N SER J 315 15.30 22.17 -65.11
CA SER J 315 15.53 20.92 -64.34
C SER J 315 14.20 20.18 -64.15
N ASP J 316 13.08 20.88 -64.24
CA ASP J 316 11.75 20.35 -63.81
C ASP J 316 11.38 19.15 -64.68
N LYS J 317 11.74 19.15 -65.96
CA LYS J 317 11.36 18.04 -66.89
C LYS J 317 12.08 16.74 -66.48
N TYR J 318 13.14 16.82 -65.67
CA TYR J 318 13.89 15.63 -65.20
C TYR J 318 13.31 15.12 -63.86
N VAL J 319 12.34 15.82 -63.28
CA VAL J 319 11.68 15.39 -62.02
C VAL J 319 10.62 14.34 -62.38
N THR J 320 10.52 13.26 -61.61
CA THR J 320 9.51 12.20 -61.85
C THR J 320 8.12 12.84 -61.88
N GLN J 321 7.31 12.52 -62.90
CA GLN J 321 6.12 13.34 -63.28
C GLN J 321 5.04 13.33 -62.20
N ILE J 322 4.93 12.28 -61.35
CA ILE J 322 3.92 12.25 -60.25
C ILE J 322 4.07 13.50 -59.37
N PHE J 323 5.27 14.11 -59.32
CA PHE J 323 5.57 15.26 -58.44
C PHE J 323 5.34 16.59 -59.17
N ASN J 324 4.83 16.57 -60.39
CA ASN J 324 4.72 17.78 -61.25
C ASN J 324 3.91 18.85 -60.51
N LEU J 325 2.78 18.49 -59.91
CA LEU J 325 1.86 19.47 -59.27
C LEU J 325 2.52 19.98 -57.97
N LYS J 326 3.02 19.06 -57.14
CA LYS J 326 3.64 19.44 -55.85
C LYS J 326 4.79 20.41 -56.11
N LEU J 327 5.65 20.10 -57.08
CA LEU J 327 6.82 20.95 -57.41
C LEU J 327 6.33 22.34 -57.83
N GLU J 328 5.33 22.40 -58.70
CA GLU J 328 4.81 23.69 -59.21
C GLU J 328 4.18 24.46 -58.04
N ALA J 329 3.46 23.76 -57.17
CA ALA J 329 2.85 24.38 -55.97
C ALA J 329 3.94 25.05 -55.13
N ILE J 330 5.08 24.38 -54.93
CA ILE J 330 6.20 24.93 -54.11
C ILE J 330 6.77 26.16 -54.82
N ARG J 331 6.96 26.10 -56.14
CA ARG J 331 7.50 27.25 -56.91
C ARG J 331 6.57 28.45 -56.75
N GLN J 332 5.25 28.21 -56.74
CA GLN J 332 4.21 29.27 -56.64
C GLN J 332 4.06 29.70 -55.17
N ASN J 333 4.68 29.01 -54.22
CA ASN J 333 4.63 29.37 -52.78
C ASN J 333 3.17 29.39 -52.32
N ASP J 334 2.42 28.34 -52.68
CA ASP J 334 0.95 28.25 -52.51
C ASP J 334 0.65 27.08 -51.58
N LEU J 335 0.38 27.36 -50.30
CA LEU J 335 0.20 26.31 -49.28
C LEU J 335 -1.00 25.42 -49.67
N LEU J 336 -2.11 26.02 -50.08
CA LEU J 336 -3.33 25.25 -50.43
C LEU J 336 -2.99 24.23 -51.51
N ALA J 337 -2.22 24.64 -52.52
CA ALA J 337 -1.89 23.78 -53.67
C ALA J 337 -0.97 22.64 -53.20
N VAL J 338 -0.06 22.90 -52.26
CA VAL J 338 0.82 21.83 -51.72
C VAL J 338 -0.06 20.84 -50.92
N MET J 339 -0.99 21.35 -50.13
CA MET J 339 -1.93 20.51 -49.35
C MET J 339 -2.70 19.60 -50.33
N ILE J 340 -3.22 20.18 -51.40
CA ILE J 340 -4.00 19.43 -52.43
C ILE J 340 -3.06 18.42 -53.11
N ALA J 341 -1.88 18.84 -53.52
CA ALA J 341 -0.90 17.96 -54.20
C ALA J 341 -0.67 16.71 -53.35
N ASP J 342 -0.50 16.89 -52.05
CA ASP J 342 -0.21 15.77 -51.11
C ASP J 342 -1.42 14.86 -51.01
N LYS J 343 -2.62 15.42 -51.02
CA LYS J 343 -3.87 14.62 -50.96
C LYS J 343 -3.98 13.75 -52.22
N LEU J 344 -3.48 14.22 -53.37
CA LEU J 344 -3.58 13.50 -54.65
C LEU J 344 -2.44 12.48 -54.80
N LEU J 345 -1.32 12.65 -54.09
CA LEU J 345 -0.18 11.69 -54.11
C LEU J 345 -0.54 10.46 -53.25
N SER K 18 6.55 13.66 -32.12
CA SER K 18 5.47 14.28 -31.30
C SER K 18 5.64 13.95 -29.81
N MET K 19 6.88 13.97 -29.30
CA MET K 19 7.21 13.78 -27.87
C MET K 19 6.96 15.11 -27.13
N LYS K 20 6.22 15.06 -26.02
CA LYS K 20 5.91 16.28 -25.23
C LYS K 20 7.10 16.69 -24.37
N LYS K 21 7.19 17.99 -24.11
CA LYS K 21 8.20 18.55 -23.19
C LYS K 21 7.89 18.10 -21.76
N VAL K 22 6.65 18.30 -21.31
CA VAL K 22 6.25 18.06 -19.89
C VAL K 22 4.93 17.29 -19.85
N SER K 23 4.87 16.30 -18.97
CA SER K 23 3.62 15.66 -18.50
C SER K 23 3.37 16.13 -17.07
N VAL K 24 2.29 16.87 -16.85
CA VAL K 24 1.82 17.18 -15.48
C VAL K 24 0.93 16.01 -15.03
N ILE K 25 1.28 15.39 -13.90
CA ILE K 25 0.56 14.21 -13.36
C ILE K 25 -0.15 14.65 -12.08
N MET K 26 -1.47 14.53 -12.06
CA MET K 26 -2.33 15.01 -10.96
C MET K 26 -3.29 13.91 -10.55
N PRO K 27 -3.07 13.26 -9.38
CA PRO K 27 -4.07 12.41 -8.77
C PRO K 27 -5.24 13.24 -8.22
N THR K 28 -6.46 12.74 -8.30
CA THR K 28 -7.66 13.41 -7.72
C THR K 28 -8.40 12.43 -6.81
N PHE K 29 -9.09 12.98 -5.81
CA PHE K 29 -10.04 12.22 -4.95
C PHE K 29 -10.96 13.20 -4.23
N ASN K 30 -12.22 13.24 -4.62
CA ASN K 30 -13.31 13.99 -3.93
C ASN K 30 -12.90 15.44 -3.77
N ASN K 31 -12.33 16.03 -4.83
CA ASN K 31 -11.86 17.44 -4.83
C ASN K 31 -13.07 18.36 -5.04
N GLY K 32 -14.02 17.94 -5.88
CA GLY K 32 -15.22 18.76 -6.18
C GLY K 32 -14.86 20.01 -6.96
N GLU K 33 -15.57 21.10 -6.72
CA GLU K 33 -15.55 22.32 -7.58
C GLU K 33 -14.20 23.05 -7.43
N LYS K 34 -13.44 22.80 -6.38
CA LYS K 34 -12.10 23.43 -6.14
C LYS K 34 -11.13 23.05 -7.27
N LEU K 35 -11.34 21.91 -7.92
CA LEU K 35 -10.45 21.33 -8.96
C LEU K 35 -10.40 22.26 -10.17
N HIS K 36 -11.44 23.04 -10.44
CA HIS K 36 -11.49 24.03 -11.56
C HIS K 36 -10.25 24.92 -11.50
N ARG K 37 -9.99 25.52 -10.33
CA ARG K 37 -8.91 26.50 -10.11
C ARG K 37 -7.57 25.85 -10.49
N THR K 38 -7.36 24.60 -10.06
CA THR K 38 -6.11 23.85 -10.28
C THR K 38 -5.94 23.56 -11.77
N ILE K 39 -6.97 22.94 -12.37
CA ILE K 39 -6.92 22.54 -13.80
C ILE K 39 -6.68 23.80 -14.64
N SER K 40 -7.36 24.90 -14.32
CA SER K 40 -7.23 26.19 -15.06
C SER K 40 -5.78 26.67 -14.97
N SER K 41 -5.12 26.51 -13.82
CA SER K 41 -3.73 26.99 -13.62
C SER K 41 -2.79 26.22 -14.57
N VAL K 42 -3.08 24.96 -14.84
CA VAL K 42 -2.30 24.09 -15.76
C VAL K 42 -2.61 24.45 -17.21
N LEU K 43 -3.87 24.76 -17.54
CA LEU K 43 -4.27 25.02 -18.95
C LEU K 43 -3.81 26.43 -19.35
N ASN K 44 -3.67 27.34 -18.41
CA ASN K 44 -3.23 28.74 -18.64
C ASN K 44 -1.72 28.83 -18.38
N GLN K 45 -0.91 28.21 -19.22
CA GLN K 45 0.56 28.26 -19.15
C GLN K 45 1.08 29.05 -20.36
N THR K 46 2.17 29.79 -20.14
CA THR K 46 2.93 30.49 -21.21
C THR K 46 3.48 29.46 -22.20
N MET K 47 3.76 28.24 -21.75
CA MET K 47 4.22 27.14 -22.64
C MET K 47 3.15 26.86 -23.69
N LYS K 48 3.56 26.66 -24.94
CA LYS K 48 2.74 26.18 -26.07
C LYS K 48 1.91 24.99 -25.57
N SER K 49 0.60 25.01 -25.79
CA SER K 49 -0.33 24.02 -25.20
C SER K 49 -0.09 22.63 -25.80
N THR K 50 0.50 22.55 -26.99
CA THR K 50 0.80 21.26 -27.67
C THR K 50 2.13 20.68 -27.15
N ASP K 51 2.90 21.44 -26.38
CA ASP K 51 4.21 21.00 -25.85
C ASP K 51 4.06 20.28 -24.50
N TYR K 52 2.87 20.33 -23.89
CA TYR K 52 2.63 19.63 -22.61
C TYR K 52 1.24 19.01 -22.56
N GLU K 53 1.05 18.15 -21.57
CA GLU K 53 -0.23 17.46 -21.29
C GLU K 53 -0.47 17.43 -19.78
N LEU K 54 -1.73 17.44 -19.40
CA LEU K 54 -2.22 17.23 -18.02
C LEU K 54 -2.82 15.83 -17.96
N ILE K 55 -2.20 14.94 -17.19
CA ILE K 55 -2.72 13.57 -16.95
C ILE K 55 -3.42 13.59 -15.60
N ILE K 56 -4.73 13.34 -15.59
CA ILE K 56 -5.55 13.28 -14.35
C ILE K 56 -5.85 11.81 -14.06
N ILE K 57 -5.52 11.35 -12.85
CA ILE K 57 -5.84 9.96 -12.42
C ILE K 57 -6.71 10.06 -11.18
N ASP K 58 -8.00 9.79 -11.33
CA ASP K 58 -8.97 9.86 -10.22
C ASP K 58 -8.88 8.55 -9.45
N ASP K 59 -8.69 8.64 -8.14
CA ASP K 59 -8.49 7.48 -7.23
C ASP K 59 -9.88 7.04 -6.76
N HIS K 60 -10.78 6.78 -7.72
CA HIS K 60 -12.17 6.30 -7.50
C HIS K 60 -12.90 7.22 -6.52
N SER K 61 -13.04 8.50 -6.88
CA SER K 61 -13.89 9.50 -6.19
C SER K 61 -15.29 8.91 -5.98
N ASN K 62 -15.90 9.15 -4.82
CA ASN K 62 -17.27 8.68 -4.49
C ASN K 62 -18.12 9.86 -3.99
N ASP K 63 -17.92 11.06 -4.55
CA ASP K 63 -18.59 12.29 -4.06
C ASP K 63 -19.81 12.61 -4.94
N ASN K 64 -20.61 11.61 -5.28
CA ASN K 64 -21.86 11.78 -6.06
C ASN K 64 -21.52 12.41 -7.42
N GLY K 65 -20.37 12.05 -7.99
CA GLY K 65 -19.96 12.45 -9.36
C GLY K 65 -19.49 13.90 -9.44
N GLU K 66 -19.37 14.62 -8.33
CA GLU K 66 -19.02 16.07 -8.34
C GLU K 66 -17.64 16.23 -8.99
N THR K 67 -16.67 15.43 -8.54
CA THR K 67 -15.26 15.49 -9.03
C THR K 67 -15.23 15.10 -10.51
N LEU K 68 -15.90 14.02 -10.88
CA LEU K 68 -15.93 13.52 -12.28
C LEU K 68 -16.60 14.58 -13.18
N ASN K 69 -17.60 15.29 -12.66
CA ASN K 69 -18.34 16.33 -13.43
C ASN K 69 -17.40 17.49 -13.76
N VAL K 70 -16.51 17.83 -12.83
CA VAL K 70 -15.52 18.94 -13.04
C VAL K 70 -14.53 18.50 -14.12
N ILE K 71 -14.06 17.24 -14.05
CA ILE K 71 -13.05 16.70 -15.00
C ILE K 71 -13.69 16.57 -16.39
N LYS K 72 -14.99 16.24 -16.47
CA LYS K 72 -15.70 16.02 -17.76
C LYS K 72 -15.78 17.32 -18.57
N LYS K 73 -15.73 18.48 -17.90
CA LYS K 73 -15.74 19.81 -18.57
C LYS K 73 -14.46 20.04 -19.37
N TYR K 74 -13.38 19.27 -19.11
CA TYR K 74 -12.09 19.43 -19.82
C TYR K 74 -11.77 18.20 -20.67
N LYS K 75 -12.76 17.38 -21.00
CA LYS K 75 -12.58 16.21 -21.90
C LYS K 75 -12.01 16.73 -23.23
N GLY K 76 -10.94 16.10 -23.70
CA GLY K 76 -10.27 16.48 -24.96
C GLY K 76 -9.13 17.45 -24.72
N LEU K 77 -9.04 18.07 -23.54
CA LEU K 77 -7.93 18.98 -23.17
C LEU K 77 -6.98 18.31 -22.15
N VAL K 78 -7.36 17.13 -21.65
CA VAL K 78 -6.59 16.39 -20.62
C VAL K 78 -6.63 14.90 -20.98
N ARG K 79 -5.63 14.16 -20.55
CA ARG K 79 -5.68 12.68 -20.55
C ARG K 79 -6.23 12.28 -19.19
N PHE K 80 -7.09 11.28 -19.14
CA PHE K 80 -7.82 10.93 -17.90
C PHE K 80 -7.87 9.40 -17.76
N LYS K 81 -7.67 8.93 -16.53
CA LYS K 81 -7.81 7.50 -16.18
C LYS K 81 -8.52 7.43 -14.83
N GLN K 82 -9.50 6.54 -14.70
CA GLN K 82 -10.23 6.32 -13.44
C GLN K 82 -9.80 4.98 -12.87
N LEU K 83 -9.28 4.98 -11.65
CA LEU K 83 -8.92 3.72 -10.96
C LEU K 83 -10.23 3.04 -10.51
N LYS K 84 -10.28 1.71 -10.56
CA LYS K 84 -11.47 0.90 -10.17
C LYS K 84 -11.69 0.99 -8.66
N LYS K 85 -10.64 1.10 -7.85
CA LYS K 85 -10.73 1.13 -6.36
C LYS K 85 -9.85 2.26 -5.79
N ASN K 86 -10.27 2.89 -4.69
CA ASN K 86 -9.45 3.91 -3.98
C ASN K 86 -8.22 3.23 -3.38
N SER K 87 -7.03 3.57 -3.86
CA SER K 87 -5.73 3.01 -3.39
C SER K 87 -5.42 3.51 -1.97
N GLY K 88 -5.91 4.70 -1.59
CA GLY K 88 -5.74 5.26 -0.25
C GLY K 88 -4.60 6.27 -0.16
N ASN K 89 -3.61 6.20 -1.04
CA ASN K 89 -2.52 7.20 -1.13
C ASN K 89 -2.27 7.56 -2.59
N ALA K 90 -1.40 8.55 -2.82
CA ALA K 90 -1.15 9.14 -4.15
C ALA K 90 -0.19 8.25 -4.96
N SER K 91 0.41 7.24 -4.35
CA SER K 91 1.45 6.40 -4.99
C SER K 91 0.89 5.69 -6.23
N VAL K 92 -0.24 4.98 -6.10
CA VAL K 92 -0.79 4.19 -7.25
C VAL K 92 -1.16 5.14 -8.38
N PRO K 93 -1.96 6.21 -8.12
CA PRO K 93 -2.27 7.17 -9.18
C PRO K 93 -1.04 7.78 -9.86
N ARG K 94 -0.02 8.16 -9.09
CA ARG K 94 1.22 8.76 -9.65
C ARG K 94 1.95 7.73 -10.51
N ASN K 95 1.98 6.47 -10.09
CA ASN K 95 2.63 5.38 -10.88
C ASN K 95 1.86 5.20 -12.19
N THR K 96 0.54 5.27 -12.15
CA THR K 96 -0.34 5.18 -13.34
C THR K 96 0.02 6.31 -14.32
N GLY K 97 0.13 7.54 -13.80
CA GLY K 97 0.55 8.73 -14.57
C GLY K 97 1.91 8.52 -15.22
N LEU K 98 2.88 7.96 -14.48
CA LEU K 98 4.25 7.71 -15.02
C LEU K 98 4.18 6.75 -16.20
N LYS K 99 3.40 5.66 -16.10
CA LYS K 99 3.25 4.66 -17.19
C LYS K 99 2.65 5.36 -18.41
N MET K 100 1.75 6.34 -18.21
CA MET K 100 1.00 7.00 -19.29
C MET K 100 1.86 8.08 -19.96
N SER K 101 2.89 8.58 -19.31
CA SER K 101 3.69 9.72 -19.86
C SER K 101 4.86 9.18 -20.71
N LYS K 102 5.09 9.79 -21.86
CA LYS K 102 6.27 9.55 -22.74
C LYS K 102 6.93 10.91 -22.98
N ALA K 103 6.76 11.86 -22.05
CA ALA K 103 7.33 13.22 -22.17
C ALA K 103 8.80 13.20 -21.73
N GLU K 104 9.48 14.32 -21.95
CA GLU K 104 10.91 14.51 -21.60
C GLU K 104 11.00 14.66 -20.09
N TYR K 105 10.08 15.43 -19.50
CA TYR K 105 9.99 15.68 -18.05
C TYR K 105 8.57 15.42 -17.56
N VAL K 106 8.46 15.05 -16.28
CA VAL K 106 7.16 14.96 -15.57
C VAL K 106 7.17 15.97 -14.43
N PHE K 107 5.99 16.47 -14.11
CA PHE K 107 5.78 17.42 -12.99
C PHE K 107 4.57 16.93 -12.22
N PHE K 108 4.77 16.58 -10.94
CA PHE K 108 3.67 16.10 -10.08
C PHE K 108 2.99 17.30 -9.44
N LEU K 109 1.66 17.34 -9.53
CA LEU K 109 0.81 18.43 -9.00
C LEU K 109 -0.23 17.82 -8.07
N ASP K 110 -0.38 18.36 -6.86
CA ASP K 110 -1.48 17.95 -5.94
C ASP K 110 -2.77 18.65 -6.40
N SER K 111 -3.90 17.99 -6.24
CA SER K 111 -5.22 18.39 -6.80
C SER K 111 -5.69 19.73 -6.23
N ASP K 112 -5.20 20.20 -5.08
CA ASP K 112 -5.70 21.47 -4.52
C ASP K 112 -4.73 22.63 -4.76
N ASP K 113 -3.68 22.43 -5.54
CA ASP K 113 -2.54 23.38 -5.65
C ASP K 113 -2.65 24.14 -6.98
N LEU K 114 -1.82 25.17 -7.15
CA LEU K 114 -1.83 26.04 -8.35
C LEU K 114 -0.44 26.10 -8.95
N LEU K 115 -0.36 26.12 -10.28
CA LEU K 115 0.89 26.47 -11.01
C LEU K 115 0.83 27.94 -11.40
N HIS K 116 1.93 28.66 -11.22
CA HIS K 116 2.15 29.99 -11.83
C HIS K 116 2.07 29.83 -13.35
N GLU K 117 1.61 30.86 -14.06
CA GLU K 117 1.40 30.80 -15.53
C GLU K 117 2.73 30.50 -16.25
N ARG K 118 3.87 30.83 -15.64
CA ARG K 118 5.19 30.67 -16.32
C ARG K 118 5.97 29.49 -15.74
N ALA K 119 5.31 28.55 -15.06
CA ALA K 119 5.98 27.46 -14.32
C ALA K 119 6.59 26.47 -15.32
N LEU K 120 5.79 25.87 -16.19
CA LEU K 120 6.28 24.81 -17.11
C LEU K 120 7.36 25.38 -18.03
N GLU K 121 7.11 26.55 -18.63
CA GLU K 121 8.06 27.18 -19.60
C GLU K 121 9.38 27.47 -18.90
N ASP K 122 9.36 28.24 -17.81
CA ASP K 122 10.58 28.71 -17.12
C ASP K 122 11.39 27.51 -16.58
N LEU K 123 10.74 26.55 -15.93
CA LEU K 123 11.43 25.38 -15.33
C LEU K 123 12.00 24.53 -16.46
N TYR K 124 11.22 24.25 -17.50
CA TYR K 124 11.70 23.41 -18.64
C TYR K 124 12.90 24.09 -19.30
N ASN K 125 12.79 25.38 -19.60
CA ASN K 125 13.85 26.14 -20.31
C ASN K 125 15.13 26.09 -19.47
N TYR K 126 15.01 26.31 -18.15
CA TYR K 126 16.17 26.33 -17.23
C TYR K 126 16.79 24.93 -17.22
N GLY K 127 15.95 23.90 -17.19
CA GLY K 127 16.39 22.50 -17.17
C GLY K 127 17.13 22.15 -18.45
N LYS K 128 16.59 22.53 -19.59
CA LYS K 128 17.14 22.22 -20.92
C LYS K 128 18.49 22.93 -21.08
N GLU K 129 18.57 24.19 -20.63
CA GLU K 129 19.79 25.04 -20.73
C GLU K 129 20.89 24.46 -19.83
N ASN K 130 20.55 23.78 -18.72
CA ASN K 130 21.55 23.31 -17.74
C ASN K 130 21.58 21.77 -17.71
N ASN K 131 20.96 21.11 -18.69
CA ASN K 131 20.93 19.63 -18.79
C ASN K 131 20.53 19.05 -17.43
N SER K 132 19.51 19.63 -16.80
CA SER K 132 19.05 19.27 -15.44
C SER K 132 18.21 17.99 -15.47
N ASP K 133 18.49 17.10 -14.53
CA ASP K 133 17.66 15.89 -14.23
C ASP K 133 16.49 16.33 -13.36
N LEU K 134 16.65 17.41 -12.61
CA LEU K 134 15.67 17.88 -11.61
C LEU K 134 15.66 19.40 -11.60
N ILE K 135 14.46 19.99 -11.67
CA ILE K 135 14.31 21.46 -11.55
C ILE K 135 13.30 21.73 -10.44
N ILE K 136 13.67 22.58 -9.50
CA ILE K 136 12.84 22.90 -8.31
C ILE K 136 12.46 24.37 -8.41
N GLY K 137 11.16 24.63 -8.55
CA GLY K 137 10.62 26.00 -8.56
C GLY K 137 10.27 26.44 -7.15
N LYS K 138 10.49 27.71 -6.84
CA LYS K 138 10.16 28.30 -5.52
C LYS K 138 8.67 28.06 -5.22
N TYR K 139 8.38 27.60 -4.00
CA TYR K 139 7.01 27.33 -3.51
C TYR K 139 6.46 28.58 -2.82
N GLY K 140 5.20 28.89 -3.10
CA GLY K 140 4.37 29.80 -2.29
C GLY K 140 3.32 29.03 -1.54
N VAL K 141 2.66 29.67 -0.59
CA VAL K 141 1.63 29.00 0.25
C VAL K 141 0.43 29.94 0.42
N GLU K 142 -0.77 29.37 0.39
CA GLU K 142 -2.05 30.04 0.70
C GLU K 142 -2.65 29.39 1.94
N GLY K 143 -2.80 30.15 3.03
CA GLY K 143 -3.45 29.69 4.26
C GLY K 143 -2.50 28.97 5.20
N LYS K 144 -2.94 28.75 6.44
CA LYS K 144 -2.18 28.04 7.51
C LYS K 144 -2.43 26.54 7.35
N GLY K 145 -1.45 25.72 7.71
CA GLY K 145 -1.49 24.25 7.57
C GLY K 145 -0.13 23.71 7.18
N ARG K 146 -0.03 23.07 6.01
CA ARG K 146 1.25 22.67 5.37
C ARG K 146 2.17 23.90 5.31
N SER K 147 3.43 23.75 5.73
CA SER K 147 4.52 24.72 5.50
C SER K 147 5.26 24.35 4.20
N VAL K 148 6.09 25.25 3.67
CA VAL K 148 6.91 24.98 2.45
C VAL K 148 8.38 25.29 2.75
N PRO K 149 9.33 24.62 2.07
CA PRO K 149 10.75 24.90 2.25
C PRO K 149 11.09 26.34 1.86
N LYS K 150 12.12 26.89 2.49
CA LYS K 150 12.56 28.30 2.31
C LYS K 150 14.06 28.34 2.04
N ALA K 151 14.88 27.59 2.79
CA ALA K 151 16.36 27.74 2.75
C ALA K 151 16.88 27.41 1.34
N ILE K 152 16.31 26.40 0.69
CA ILE K 152 16.71 25.98 -0.69
C ILE K 152 16.62 27.16 -1.67
N PHE K 153 15.73 28.14 -1.44
CA PHE K 153 15.47 29.25 -2.41
C PHE K 153 16.18 30.55 -2.01
N GLU K 154 17.00 30.51 -0.95
CA GLU K 154 17.56 31.75 -0.35
C GLU K 154 18.82 32.18 -1.11
N LYS K 155 19.33 31.41 -2.08
CA LYS K 155 20.56 31.77 -2.83
C LYS K 155 20.20 32.19 -4.25
N GLY K 156 18.91 32.43 -4.52
CA GLY K 156 18.41 32.72 -5.87
C GLY K 156 18.55 31.51 -6.79
N ASN K 157 18.64 31.76 -8.09
CA ASN K 157 18.75 30.69 -9.11
C ASN K 157 20.09 29.97 -8.94
N VAL K 158 20.06 28.64 -8.99
CA VAL K 158 21.27 27.77 -8.93
C VAL K 158 21.14 26.76 -10.06
N ALA K 159 22.08 26.77 -10.99
CA ALA K 159 22.07 25.95 -12.21
C ALA K 159 22.52 24.53 -11.89
N LYS K 160 23.54 24.40 -11.04
CA LYS K 160 24.11 23.10 -10.61
C LYS K 160 24.11 23.08 -9.07
N ALA K 161 22.99 22.67 -8.48
CA ALA K 161 22.78 22.69 -7.03
C ALA K 161 23.41 21.45 -6.39
N ASP K 162 23.64 21.52 -5.10
CA ASP K 162 24.29 20.47 -4.28
C ASP K 162 23.32 20.12 -3.16
N ILE K 163 23.12 18.83 -2.93
CA ILE K 163 22.12 18.35 -1.94
C ILE K 163 22.36 19.06 -0.61
N ILE K 164 23.61 19.08 -0.12
CA ILE K 164 23.90 19.59 1.24
C ILE K 164 23.93 21.11 1.22
N ASP K 165 24.66 21.73 0.29
CA ASP K 165 24.87 23.20 0.29
C ASP K 165 23.57 23.93 -0.04
N ASN K 166 22.61 23.29 -0.71
CA ASN K 166 21.36 23.95 -1.15
C ASN K 166 20.15 23.36 -0.42
N SER K 167 20.37 22.64 0.67
CA SER K 167 19.29 22.23 1.61
C SER K 167 18.22 21.42 0.89
N ILE K 168 18.60 20.54 -0.04
CA ILE K 168 17.64 19.77 -0.87
C ILE K 168 16.98 18.70 -0.01
N PHE K 169 17.63 18.18 1.04
CA PHE K 169 17.04 17.17 1.95
C PHE K 169 15.94 17.82 2.79
N TYR K 170 15.79 19.14 2.76
CA TYR K 170 14.69 19.86 3.45
C TYR K 170 13.56 20.22 2.46
N ALA K 171 13.63 19.72 1.21
CA ALA K 171 12.59 19.99 0.18
C ALA K 171 12.39 18.72 -0.66
N LEU K 172 11.91 17.64 -0.05
CA LEU K 172 11.89 16.30 -0.68
C LEU K 172 10.50 15.98 -1.24
N SER K 173 9.60 16.97 -1.38
CA SER K 173 8.30 16.73 -2.06
C SER K 173 8.56 16.37 -3.53
N VAL K 174 7.60 15.74 -4.21
CA VAL K 174 7.76 15.45 -5.66
C VAL K 174 7.10 16.57 -6.49
N LEU K 175 6.86 17.73 -5.90
CA LEU K 175 6.22 18.88 -6.59
C LEU K 175 7.33 19.64 -7.34
N LYS K 176 7.92 18.94 -8.31
CA LYS K 176 9.15 19.34 -9.01
C LYS K 176 9.11 18.79 -10.44
N MET K 177 10.02 19.24 -11.28
CA MET K 177 10.16 18.75 -12.65
C MET K 177 11.29 17.71 -12.69
N PHE K 178 10.95 16.45 -12.95
CA PHE K 178 11.88 15.30 -13.03
C PHE K 178 12.07 14.86 -14.48
N LYS K 179 13.32 14.61 -14.89
CA LYS K 179 13.63 14.04 -16.22
C LYS K 179 13.14 12.59 -16.25
N LYS K 180 12.29 12.25 -17.22
CA LYS K 180 11.60 10.95 -17.29
C LYS K 180 12.62 9.82 -17.55
N SER K 181 13.67 10.08 -18.31
CA SER K 181 14.65 9.03 -18.70
C SER K 181 15.33 8.46 -17.43
N VAL K 182 15.55 9.31 -16.42
CA VAL K 182 16.17 8.86 -15.13
C VAL K 182 15.20 7.89 -14.44
N ILE K 183 13.92 8.25 -14.42
CA ILE K 183 12.82 7.42 -13.81
C ILE K 183 12.74 6.08 -14.56
N ASP K 184 12.75 6.11 -15.89
CA ASP K 184 12.59 4.91 -16.74
C ASP K 184 13.81 4.01 -16.61
N LYS K 185 15.02 4.54 -16.80
CA LYS K 185 16.28 3.74 -16.80
C LYS K 185 16.45 3.05 -15.45
N ASN K 186 16.09 3.72 -14.36
CA ASN K 186 16.33 3.21 -12.97
C ASN K 186 15.04 2.58 -12.42
N LYS K 187 13.96 2.55 -13.21
CA LYS K 187 12.68 1.91 -12.81
C LYS K 187 12.25 2.46 -11.45
N ILE K 188 12.23 3.79 -11.31
CA ILE K 188 11.83 4.48 -10.05
C ILE K 188 10.32 4.57 -10.04
N LYS K 189 9.68 3.95 -9.04
CA LYS K 189 8.22 3.94 -8.82
C LYS K 189 7.97 4.42 -7.39
N PHE K 190 6.82 5.04 -7.14
CA PHE K 190 6.35 5.34 -5.77
C PHE K 190 6.02 4.01 -5.09
N LYS K 191 6.46 3.82 -3.85
CA LYS K 191 6.18 2.56 -3.10
C LYS K 191 4.87 2.75 -2.33
N THR K 192 4.25 1.62 -1.98
CA THR K 192 2.87 1.59 -1.42
C THR K 192 2.88 0.92 -0.04
N PHE K 193 4.06 0.66 0.55
CA PHE K 193 4.16 -0.01 1.87
C PHE K 193 3.90 1.04 2.92
N SER K 194 3.75 2.35 2.70
CA SER K 194 3.41 3.31 3.78
C SER K 194 2.54 4.45 3.24
N LYS K 195 1.79 5.12 4.11
CA LYS K 195 0.86 6.22 3.75
C LYS K 195 1.64 7.53 3.76
N THR K 196 2.84 7.53 4.36
CA THR K 196 3.62 8.78 4.61
C THR K 196 5.06 8.58 4.09
N ALA K 197 5.71 9.67 3.66
CA ALA K 197 7.15 9.73 3.30
C ALA K 197 7.45 8.98 1.99
N GLU K 198 6.46 8.57 1.22
CA GLU K 198 6.68 7.82 -0.06
C GLU K 198 7.17 8.82 -1.10
N ASP K 199 6.74 10.08 -1.03
CA ASP K 199 7.25 11.16 -1.91
C ASP K 199 8.73 11.43 -1.58
N GLN K 200 9.11 11.47 -0.31
CA GLN K 200 10.52 11.65 0.12
C GLN K 200 11.38 10.55 -0.50
N LEU K 201 10.94 9.29 -0.37
CA LEU K 201 11.69 8.11 -0.87
C LEU K 201 11.90 8.27 -2.37
N PHE K 202 10.87 8.70 -3.09
CA PHE K 202 10.91 8.85 -4.56
C PHE K 202 11.97 9.88 -4.91
N THR K 203 11.90 11.07 -4.30
CA THR K 203 12.87 12.16 -4.58
C THR K 203 14.28 11.70 -4.20
N ILE K 204 14.45 11.00 -3.08
CA ILE K 204 15.79 10.52 -2.64
C ILE K 204 16.29 9.53 -3.70
N GLU K 205 15.46 8.56 -4.12
CA GLU K 205 15.90 7.54 -5.12
C GLU K 205 16.33 8.29 -6.39
N PHE K 206 15.59 9.34 -6.76
CA PHE K 206 15.89 10.12 -7.97
C PHE K 206 17.22 10.86 -7.81
N LEU K 207 17.41 11.54 -6.68
CA LEU K 207 18.62 12.33 -6.36
C LEU K 207 19.83 11.39 -6.38
N MET K 208 19.70 10.18 -5.85
CA MET K 208 20.82 9.22 -5.74
C MET K 208 21.11 8.59 -7.10
N ASN K 209 20.30 8.86 -8.13
CA ASN K 209 20.51 8.26 -9.48
C ASN K 209 20.67 9.36 -10.52
N SER K 210 20.99 10.60 -10.11
CA SER K 210 21.16 11.74 -11.04
C SER K 210 22.15 12.73 -10.45
N LYS K 211 22.67 13.67 -11.25
CA LYS K 211 23.73 14.62 -10.82
C LYS K 211 23.26 16.06 -10.94
N ASN K 212 22.43 16.38 -11.94
CA ASN K 212 22.17 17.78 -12.34
C ASN K 212 20.86 18.25 -11.72
N TYR K 213 20.94 19.12 -10.73
CA TYR K 213 19.77 19.69 -10.03
C TYR K 213 19.80 21.21 -10.20
N SER K 214 18.66 21.80 -10.48
CA SER K 214 18.51 23.25 -10.72
C SER K 214 17.45 23.80 -9.79
N ILE K 215 17.63 25.04 -9.34
CA ILE K 215 16.67 25.76 -8.47
C ILE K 215 16.32 27.09 -9.16
N LYS K 216 15.03 27.32 -9.36
CA LYS K 216 14.52 28.54 -10.04
C LYS K 216 13.64 29.30 -9.04
N THR K 217 13.90 30.60 -8.85
CA THR K 217 13.28 31.39 -7.77
C THR K 217 12.70 32.72 -8.30
N ASP K 218 12.60 32.90 -9.61
CA ASP K 218 12.10 34.17 -10.22
C ASP K 218 10.68 34.45 -9.74
N TYR K 219 9.85 33.41 -9.62
CA TYR K 219 8.45 33.49 -9.17
C TYR K 219 8.14 32.39 -8.15
N GLU K 220 7.07 32.57 -7.39
CA GLU K 220 6.40 31.46 -6.66
C GLU K 220 5.72 30.59 -7.71
N TYR K 221 6.46 29.62 -8.27
CA TYR K 221 6.06 28.82 -9.45
C TYR K 221 4.97 27.81 -9.07
N TYR K 222 4.99 27.33 -7.84
CA TYR K 222 4.04 26.31 -7.31
C TYR K 222 3.46 26.84 -6.01
N ILE K 223 2.14 26.99 -5.93
CA ILE K 223 1.45 27.47 -4.71
C ILE K 223 0.75 26.29 -4.03
N VAL K 224 1.23 25.92 -2.85
CA VAL K 224 0.53 24.94 -1.97
C VAL K 224 -0.68 25.65 -1.36
N VAL K 225 -1.88 25.12 -1.58
CA VAL K 225 -3.14 25.71 -1.04
C VAL K 225 -3.63 24.84 0.12
N ASN K 226 -3.67 25.41 1.33
CA ASN K 226 -4.27 24.77 2.53
C ASN K 226 -5.78 25.06 2.56
N ASP K 227 -6.61 24.05 2.90
CA ASP K 227 -8.06 23.99 2.56
C ASP K 227 -8.91 23.86 3.84
N LYS K 238 -2.49 6.88 15.37
CA LYS K 238 -2.71 5.43 15.60
C LYS K 238 -1.40 4.63 15.42
N SER K 239 -0.42 5.17 14.67
CA SER K 239 0.62 4.41 13.91
C SER K 239 1.70 3.83 14.84
N THR K 240 2.06 2.57 14.57
CA THR K 240 3.11 1.78 15.26
C THR K 240 4.50 2.19 14.73
N GLY K 241 4.56 2.70 13.48
CA GLY K 241 5.81 3.12 12.84
C GLY K 241 6.45 2.00 12.03
N ASN K 242 5.83 0.81 11.95
CA ASN K 242 6.38 -0.31 11.17
C ASN K 242 6.51 0.13 9.71
N GLN K 243 5.50 0.81 9.16
CA GLN K 243 5.45 1.17 7.73
C GLN K 243 6.32 2.40 7.48
N TYR K 244 6.18 3.42 8.33
CA TYR K 244 6.95 4.68 8.23
C TYR K 244 8.46 4.38 8.25
N PHE K 245 8.92 3.58 9.22
CA PHE K 245 10.38 3.34 9.41
C PHE K 245 10.87 2.37 8.34
N ALA K 246 10.00 1.58 7.72
CA ALA K 246 10.37 0.76 6.53
C ALA K 246 10.71 1.70 5.37
N THR K 247 9.99 2.80 5.25
CA THR K 247 10.23 3.83 4.21
C THR K 247 11.54 4.57 4.54
N ILE K 248 11.76 4.92 5.80
CA ILE K 248 12.99 5.64 6.24
C ILE K 248 14.19 4.72 5.97
N ASN K 249 14.02 3.44 6.24
CA ASN K 249 15.07 2.41 5.98
C ASN K 249 15.43 2.43 4.50
N GLU K 250 14.43 2.56 3.61
CA GLU K 250 14.65 2.55 2.14
C GLU K 250 15.42 3.81 1.72
N ILE K 251 15.20 4.92 2.40
CA ILE K 251 15.90 6.20 2.10
C ILE K 251 17.40 5.99 2.38
N TYR K 252 17.73 5.43 3.55
CA TYR K 252 19.14 5.16 3.92
C TYR K 252 19.73 4.16 2.92
N LYS K 253 18.98 3.12 2.55
CA LYS K 253 19.43 2.11 1.56
C LYS K 253 19.75 2.81 0.24
N ALA K 254 18.92 3.75 -0.19
CA ALA K 254 19.07 4.45 -1.49
C ALA K 254 20.38 5.24 -1.46
N ILE K 255 20.69 5.86 -0.33
CA ILE K 255 21.92 6.70 -0.17
C ILE K 255 23.14 5.77 -0.24
N TYR K 256 23.12 4.66 0.49
CA TYR K 256 24.30 3.77 0.65
C TYR K 256 24.46 2.87 -0.58
N LYS K 257 23.52 2.86 -1.53
CA LYS K 257 23.62 2.05 -2.78
C LYS K 257 23.73 2.99 -3.98
N SER K 258 23.89 4.29 -3.77
CA SER K 258 23.88 5.30 -4.86
C SER K 258 25.00 5.02 -5.85
N PRO K 259 24.68 4.86 -7.15
CA PRO K 259 25.71 4.76 -8.18
C PRO K 259 26.32 6.12 -8.57
N ILE K 260 25.73 7.24 -8.10
CA ILE K 260 26.27 8.60 -8.32
C ILE K 260 27.23 8.94 -7.17
N TYR K 261 26.76 8.81 -5.93
CA TYR K 261 27.56 9.10 -4.72
C TYR K 261 28.14 7.78 -4.20
N LYS K 262 29.26 7.35 -4.80
CA LYS K 262 29.86 6.00 -4.61
C LYS K 262 30.83 6.05 -3.43
N ASN K 263 31.41 7.20 -3.15
CA ASN K 263 32.43 7.33 -2.07
C ASN K 263 31.71 7.10 -0.74
N GLN K 264 32.21 6.18 0.07
CA GLN K 264 31.58 5.77 1.35
C GLN K 264 31.48 6.97 2.29
N GLU K 265 32.49 7.84 2.33
CA GLU K 265 32.50 9.00 3.26
C GLU K 265 31.42 9.98 2.81
N LYS K 266 31.19 10.09 1.49
CA LYS K 266 30.17 11.00 0.95
C LYS K 266 28.78 10.46 1.35
N ARG K 267 28.62 9.14 1.30
CA ARG K 267 27.39 8.47 1.76
C ARG K 267 27.16 8.77 3.24
N HIS K 268 28.19 8.69 4.07
CA HIS K 268 28.08 8.96 5.53
C HIS K 268 27.58 10.39 5.73
N GLN K 269 28.11 11.33 4.94
CA GLN K 269 27.76 12.76 5.06
C GLN K 269 26.27 12.94 4.68
N LEU K 270 25.85 12.31 3.58
CA LEU K 270 24.46 12.41 3.09
C LEU K 270 23.52 11.78 4.14
N ALA K 271 23.88 10.61 4.63
CA ALA K 271 23.09 9.87 5.64
C ALA K 271 22.98 10.74 6.91
N GLY K 272 24.06 11.36 7.32
CA GLY K 272 24.06 12.20 8.53
C GLY K 272 23.18 13.42 8.33
N LYS K 273 23.17 13.97 7.12
CA LYS K 273 22.33 15.16 6.82
C LYS K 273 20.88 14.71 6.86
N TYR K 274 20.57 13.53 6.35
CA TYR K 274 19.17 13.03 6.35
C TYR K 274 18.73 12.81 7.81
N THR K 275 19.61 12.24 8.64
CA THR K 275 19.34 12.00 10.07
C THR K 275 18.98 13.33 10.74
N THR K 276 19.73 14.38 10.45
CA THR K 276 19.46 15.74 11.00
C THR K 276 18.06 16.15 10.58
N ARG K 277 17.72 16.02 9.29
CA ARG K 277 16.39 16.42 8.75
C ARG K 277 15.30 15.62 9.46
N LEU K 278 15.53 14.33 9.66
CA LEU K 278 14.57 13.40 10.30
C LEU K 278 14.32 13.84 11.75
N LEU K 279 15.38 14.23 12.48
CA LEU K 279 15.25 14.66 13.89
C LEU K 279 14.63 16.07 13.95
N ARG K 280 14.80 16.89 12.92
CA ARG K 280 14.26 18.26 12.91
C ARG K 280 12.79 18.25 12.46
N HIS K 281 12.39 17.36 11.56
CA HIS K 281 11.09 17.49 10.84
C HIS K 281 10.39 16.14 10.66
N GLY K 282 10.89 15.05 11.24
CA GLY K 282 10.29 13.72 11.10
C GLY K 282 8.89 13.66 11.68
N GLN K 283 8.12 12.65 11.29
CA GLN K 283 6.81 12.32 11.87
C GLN K 283 7.01 12.05 13.36
N LYS K 284 6.16 12.65 14.21
CA LYS K 284 6.12 12.37 15.67
C LYS K 284 7.52 12.59 16.25
N LYS K 285 8.19 13.67 15.89
CA LYS K 285 9.58 13.93 16.31
C LYS K 285 9.64 14.03 17.83
N ASN K 286 8.53 14.45 18.48
CA ASN K 286 8.48 14.67 19.95
C ASN K 286 7.60 13.61 20.61
N PHE K 287 7.64 12.38 20.11
CA PHE K 287 6.79 11.26 20.60
C PHE K 287 7.12 10.95 22.07
N ALA K 288 8.38 11.09 22.47
CA ALA K 288 8.87 10.56 23.77
C ALA K 288 8.13 11.22 24.93
N ASN K 289 7.90 12.54 24.90
CA ASN K 289 7.25 13.30 25.99
C ASN K 289 5.76 13.54 25.67
N SER K 290 5.21 12.83 24.69
CA SER K 290 3.82 13.04 24.19
C SER K 290 2.85 12.24 25.05
N LYS K 291 1.54 12.32 24.73
CA LYS K 291 0.47 11.60 25.50
C LYS K 291 0.23 10.21 24.87
N MET K 292 1.06 9.82 23.91
CA MET K 292 1.08 8.47 23.29
C MET K 292 1.14 7.39 24.40
N LYS K 293 0.35 6.33 24.26
CA LYS K 293 0.38 5.16 25.17
C LYS K 293 1.81 4.63 25.25
N TYR K 294 2.24 4.25 26.44
CA TYR K 294 3.61 3.73 26.71
C TYR K 294 3.95 2.62 25.71
N GLU K 295 3.05 1.66 25.51
CA GLU K 295 3.32 0.47 24.66
C GLU K 295 3.55 0.93 23.22
N ASP K 296 2.86 1.99 22.77
CA ASP K 296 3.06 2.54 21.40
C ASP K 296 4.40 3.28 21.32
N LYS K 297 4.79 3.98 22.38
CA LYS K 297 6.11 4.67 22.44
C LYS K 297 7.20 3.62 22.30
N ILE K 298 7.09 2.50 22.98
CA ILE K 298 8.11 1.42 22.97
C ILE K 298 8.19 0.87 21.56
N GLU K 299 7.05 0.60 20.93
CA GLU K 299 7.02 -0.02 19.58
C GLU K 299 7.61 1.00 18.60
N TRP K 300 7.24 2.27 18.71
CA TRP K 300 7.71 3.36 17.82
C TRP K 300 9.23 3.50 17.95
N LEU K 301 9.74 3.59 19.18
CA LEU K 301 11.20 3.77 19.43
C LEU K 301 11.92 2.51 18.96
N ASN K 302 11.32 1.33 19.12
CA ASN K 302 11.95 0.06 18.70
C ASN K 302 12.16 0.10 17.19
N ASN K 303 11.15 0.54 16.42
CA ASN K 303 11.24 0.63 14.94
C ASN K 303 12.29 1.67 14.55
N PHE K 304 12.31 2.80 15.24
CA PHE K 304 13.24 3.92 14.98
C PHE K 304 14.66 3.41 15.25
N SER K 305 14.85 2.75 16.39
CA SER K 305 16.16 2.21 16.85
C SER K 305 16.67 1.18 15.83
N LYS K 306 15.82 0.23 15.44
CA LYS K 306 16.22 -0.87 14.51
C LYS K 306 16.65 -0.25 13.18
N THR K 307 15.96 0.78 12.73
CA THR K 307 16.23 1.44 11.41
C THR K 307 17.54 2.19 11.52
N ILE K 308 17.73 2.99 12.56
CA ILE K 308 18.93 3.85 12.71
C ILE K 308 20.15 2.96 12.97
N ASN K 309 19.98 1.77 13.57
CA ASN K 309 21.14 0.89 13.89
C ASN K 309 21.58 0.12 12.64
N LYS K 310 20.88 0.23 11.51
CA LYS K 310 21.37 -0.27 10.21
C LYS K 310 22.19 0.82 9.52
N VAL K 311 22.19 2.03 10.05
CA VAL K 311 22.98 3.17 9.47
C VAL K 311 24.33 3.20 10.17
N PRO K 312 25.45 3.16 9.42
CA PRO K 312 26.78 3.24 10.02
C PRO K 312 26.94 4.42 11.00
N ARG K 313 27.60 4.16 12.13
CA ARG K 313 27.91 5.19 13.15
C ARG K 313 28.85 6.26 12.57
N ASP K 314 29.54 5.95 11.48
CA ASP K 314 30.40 6.89 10.73
C ASP K 314 29.58 8.12 10.26
N SER K 315 28.26 7.99 10.11
CA SER K 315 27.39 9.11 9.66
C SER K 315 27.13 10.07 10.81
N ASP K 316 27.28 9.62 12.05
CA ASP K 316 26.83 10.37 13.25
C ASP K 316 27.60 11.69 13.37
N LYS K 317 28.86 11.72 12.97
CA LYS K 317 29.70 12.95 13.10
C LYS K 317 29.19 14.03 12.13
N TYR K 318 28.38 13.68 11.14
CA TYR K 318 27.81 14.65 10.18
C TYR K 318 26.44 15.15 10.66
N VAL K 319 25.93 14.63 11.76
CA VAL K 319 24.65 15.08 12.37
C VAL K 319 24.94 16.34 13.17
N THR K 320 24.08 17.35 13.10
CA THR K 320 24.24 18.60 13.88
C THR K 320 24.35 18.23 15.37
N GLN K 321 25.35 18.77 16.06
CA GLN K 321 25.80 18.28 17.39
C GLN K 321 24.74 18.43 18.47
N ILE K 322 23.81 19.39 18.37
CA ILE K 322 22.71 19.53 19.39
C ILE K 322 21.94 18.21 19.50
N PHE K 323 21.94 17.37 18.46
CA PHE K 323 21.18 16.11 18.42
C PHE K 323 22.03 14.92 18.86
N ASN K 324 23.25 15.15 19.36
CA ASN K 324 24.20 14.06 19.70
C ASN K 324 23.55 13.11 20.72
N LEU K 325 22.92 13.66 21.77
CA LEU K 325 22.34 12.83 22.86
C LEU K 325 21.09 12.12 22.34
N LYS K 326 20.21 12.84 21.67
CA LYS K 326 18.94 12.26 21.15
C LYS K 326 19.27 11.09 20.22
N LEU K 327 20.22 11.29 19.31
CA LEU K 327 20.60 10.24 18.33
C LEU K 327 21.12 9.02 19.08
N GLU K 328 22.00 9.23 20.06
CA GLU K 328 22.61 8.10 20.80
C GLU K 328 21.50 7.42 21.61
N ALA K 329 20.58 8.18 22.19
CA ALA K 329 19.43 7.62 22.94
C ALA K 329 18.62 6.69 22.03
N ILE K 330 18.38 7.09 20.78
CA ILE K 330 17.59 6.26 19.83
C ILE K 330 18.39 5.00 19.50
N ARG K 331 19.70 5.12 19.27
CA ARG K 331 20.56 3.94 18.96
C ARG K 331 20.50 2.96 20.13
N GLN K 332 20.48 3.46 21.37
CA GLN K 332 20.45 2.63 22.60
C GLN K 332 19.03 2.13 22.88
N ASN K 333 18.02 2.61 22.14
CA ASN K 333 16.61 2.15 22.30
C ASN K 333 16.16 2.42 23.74
N ASP K 334 16.45 3.62 24.25
CA ASP K 334 16.27 4.00 25.68
C ASP K 334 15.26 5.16 25.76
N LEU K 335 14.01 4.86 26.09
CA LEU K 335 12.92 5.87 26.05
C LEU K 335 13.22 7.00 27.03
N LEU K 336 13.68 6.68 28.24
CA LEU K 336 13.97 7.72 29.27
C LEU K 336 14.98 8.71 28.70
N ALA K 337 16.01 8.21 28.02
CA ALA K 337 17.11 9.06 27.49
C ALA K 337 16.56 9.94 26.36
N VAL K 338 15.63 9.42 25.55
CA VAL K 338 15.02 10.25 24.47
C VAL K 338 14.16 11.34 25.12
N MET K 339 13.40 10.99 26.16
CA MET K 339 12.58 11.97 26.90
C MET K 339 13.48 13.09 27.43
N ILE K 340 14.60 12.70 28.06
CA ILE K 340 15.56 13.68 28.63
C ILE K 340 16.15 14.52 27.49
N ALA K 341 16.60 13.87 26.41
CA ALA K 341 17.22 14.57 25.27
C ALA K 341 16.28 15.68 24.79
N ASP K 342 14.98 15.36 24.66
CA ASP K 342 13.97 16.31 24.14
C ASP K 342 13.79 17.46 25.14
N LYS K 343 13.84 17.19 26.44
CA LYS K 343 13.72 18.24 27.48
C LYS K 343 14.91 19.19 27.38
N LEU K 344 16.08 18.71 26.97
CA LEU K 344 17.32 19.55 26.88
C LEU K 344 17.37 20.30 25.55
N LEU K 345 16.67 19.84 24.52
CA LEU K 345 16.59 20.53 23.20
C LEU K 345 15.63 21.71 23.30
N MET L 19 77.46 13.61 52.59
CA MET L 19 76.04 13.47 52.17
C MET L 19 75.47 14.84 51.78
N LYS L 20 74.84 14.90 50.61
CA LYS L 20 74.32 16.19 50.09
C LYS L 20 72.99 16.51 50.75
N LYS L 21 72.67 17.81 50.84
CA LYS L 21 71.36 18.31 51.31
C LYS L 21 70.28 17.92 50.27
N VAL L 22 70.50 18.25 49.00
CA VAL L 22 69.47 18.07 47.94
C VAL L 22 70.12 17.44 46.70
N SER L 23 69.41 16.48 46.11
CA SER L 23 69.66 15.98 44.74
C SER L 23 68.53 16.50 43.85
N VAL L 24 68.86 17.35 42.88
CA VAL L 24 67.90 17.74 41.82
C VAL L 24 67.98 16.68 40.72
N ILE L 25 66.85 16.06 40.41
CA ILE L 25 66.76 14.96 39.40
C ILE L 25 66.00 15.50 38.19
N MET L 26 66.64 15.51 37.03
CA MET L 26 66.07 16.10 35.79
C MET L 26 66.21 15.10 34.65
N PRO L 27 65.10 14.46 34.22
CA PRO L 27 65.10 13.68 32.97
C PRO L 27 65.16 14.63 31.77
N THR L 28 65.85 14.25 30.71
CA THR L 28 65.89 15.03 29.44
C THR L 28 65.48 14.13 28.28
N PHE L 29 64.92 14.74 27.24
CA PHE L 29 64.68 14.10 25.93
C PHE L 29 64.44 15.19 24.87
N ASN L 30 65.40 15.35 23.97
CA ASN L 30 65.30 16.21 22.77
C ASN L 30 64.90 17.63 23.18
N ASN L 31 65.51 18.13 24.25
CA ASN L 31 65.25 19.49 24.80
C ASN L 31 65.98 20.53 23.95
N GLY L 32 67.18 20.20 23.49
CA GLY L 32 67.99 21.13 22.68
C GLY L 32 68.46 22.32 23.49
N GLU L 33 68.55 23.49 22.86
CA GLU L 33 69.28 24.68 23.38
C GLU L 33 68.51 25.28 24.57
N LYS L 34 67.20 24.99 24.71
CA LYS L 34 66.35 25.51 25.81
C LYS L 34 66.87 25.04 27.18
N LEU L 35 67.56 23.89 27.20
CA LEU L 35 68.04 23.21 28.43
C LEU L 35 69.06 24.09 29.16
N HIS L 36 69.79 24.97 28.43
CA HIS L 36 70.78 25.92 29.03
C HIS L 36 70.11 26.69 30.16
N ARG L 37 68.95 27.30 29.88
CA ARG L 37 68.22 28.19 30.81
C ARG L 37 67.90 27.41 32.10
N THR L 38 67.45 26.16 31.95
CA THR L 38 67.04 25.29 33.07
C THR L 38 68.26 24.94 33.91
N ILE L 39 69.31 24.41 33.26
CA ILE L 39 70.54 23.94 33.98
C ILE L 39 71.13 25.15 34.72
N SER L 40 71.15 26.32 34.08
CA SER L 40 71.70 27.56 34.67
C SER L 40 70.92 27.91 35.94
N SER L 41 69.59 27.73 35.93
CA SER L 41 68.72 28.09 37.07
C SER L 41 69.07 27.22 38.28
N VAL L 42 69.49 25.97 38.04
CA VAL L 42 69.88 25.01 39.10
C VAL L 42 71.29 25.34 39.59
N LEU L 43 72.20 25.74 38.70
CA LEU L 43 73.62 25.98 39.08
C LEU L 43 73.73 27.33 39.81
N ASN L 44 72.82 28.26 39.56
CA ASN L 44 72.81 29.61 40.18
C ASN L 44 71.83 29.58 41.36
N GLN L 45 72.18 28.88 42.44
CA GLN L 45 71.36 28.82 43.67
C GLN L 45 72.10 29.53 44.80
N THR L 46 71.36 30.15 45.71
CA THR L 46 71.88 30.73 46.97
C THR L 46 72.48 29.62 47.84
N MET L 47 71.99 28.39 47.72
CA MET L 47 72.55 27.23 48.47
C MET L 47 74.00 27.02 48.03
N LYS L 48 74.88 26.73 48.98
CA LYS L 48 76.31 26.34 48.74
C LYS L 48 76.30 25.26 47.66
N SER L 49 77.12 25.42 46.62
CA SER L 49 77.11 24.53 45.43
C SER L 49 77.59 23.12 45.81
N THR L 50 78.33 22.98 46.91
CA THR L 50 78.84 21.68 47.40
C THR L 50 77.77 20.96 48.25
N ASP L 51 76.67 21.64 48.59
CA ASP L 51 75.58 21.06 49.42
C ASP L 51 74.53 20.38 48.54
N TYR L 52 74.58 20.54 47.22
CA TYR L 52 73.61 19.89 46.32
C TYR L 52 74.27 19.40 45.03
N GLU L 53 73.53 18.59 44.28
CA GLU L 53 73.94 18.08 42.96
C GLU L 53 72.75 18.12 42.00
N LEU L 54 73.06 18.28 40.71
CA LEU L 54 72.10 18.15 39.60
C LEU L 54 72.39 16.83 38.91
N ILE L 55 71.45 15.89 38.97
CA ILE L 55 71.56 14.58 38.27
C ILE L 55 70.71 14.69 37.00
N ILE L 56 71.35 14.58 35.84
CA ILE L 56 70.65 14.62 34.52
C ILE L 56 70.60 13.19 33.98
N ILE L 57 69.41 12.71 33.64
CA ILE L 57 69.24 11.37 33.02
C ILE L 57 68.59 11.57 31.66
N ASP L 58 69.37 11.44 30.59
CA ASP L 58 68.86 11.60 29.21
C ASP L 58 68.19 10.28 28.79
N ASP L 59 66.95 10.38 28.31
CA ASP L 59 66.14 9.20 27.91
C ASP L 59 66.44 8.89 26.44
N HIS L 60 67.73 8.72 26.12
CA HIS L 60 68.24 8.39 24.77
C HIS L 60 67.70 9.39 23.72
N SER L 61 68.02 10.67 23.91
CA SER L 61 67.77 11.76 22.93
C SER L 61 68.28 11.34 21.55
N ASN L 62 67.52 11.66 20.50
CA ASN L 62 67.89 11.32 19.10
C ASN L 62 67.77 12.59 18.23
N ASP L 63 68.14 13.75 18.76
CA ASP L 63 67.99 15.06 18.08
C ASP L 63 69.33 15.49 17.47
N ASN L 64 70.04 14.55 16.82
CA ASN L 64 71.34 14.82 16.14
C ASN L 64 72.33 15.38 17.16
N GLY L 65 72.29 14.89 18.40
CA GLY L 65 73.25 15.19 19.48
C GLY L 65 73.09 16.57 20.08
N GLU L 66 72.05 17.33 19.70
CA GLU L 66 71.86 18.74 20.14
C GLU L 66 71.73 18.76 21.66
N THR L 67 70.88 17.90 22.22
CA THR L 67 70.62 17.83 23.69
C THR L 67 71.90 17.41 24.41
N LEU L 68 72.59 16.37 23.91
CA LEU L 68 73.82 15.86 24.54
C LEU L 68 74.91 16.95 24.49
N ASN L 69 74.93 17.74 23.41
CA ASN L 69 75.93 18.83 23.23
C ASN L 69 75.72 19.91 24.29
N VAL L 70 74.47 20.20 24.65
CA VAL L 70 74.13 21.21 25.69
C VAL L 70 74.58 20.68 27.05
N ILE L 71 74.36 19.39 27.32
CA ILE L 71 74.70 18.74 28.62
C ILE L 71 76.24 18.67 28.74
N LYS L 72 76.94 18.46 27.62
CA LYS L 72 78.43 18.27 27.61
C LYS L 72 79.14 19.56 28.04
N LYS L 73 78.50 20.72 27.85
CA LYS L 73 79.04 22.04 28.28
C LYS L 73 79.09 22.15 29.81
N TYR L 74 78.40 21.28 30.56
CA TYR L 74 78.39 21.31 32.05
C TYR L 74 79.05 20.05 32.62
N LYS L 75 79.87 19.35 31.83
CA LYS L 75 80.71 18.23 32.34
C LYS L 75 81.52 18.73 33.53
N GLY L 76 81.49 17.99 34.64
CA GLY L 76 82.22 18.34 35.87
C GLY L 76 81.37 19.16 36.83
N LEU L 77 80.24 19.71 36.38
CA LEU L 77 79.34 20.52 37.24
C LEU L 77 78.06 19.73 37.53
N VAL L 78 77.83 18.59 36.86
CA VAL L 78 76.57 17.80 36.99
C VAL L 78 76.93 16.32 36.97
N ARG L 79 76.10 15.48 37.55
CA ARG L 79 76.18 14.01 37.34
C ARG L 79 75.28 13.70 36.15
N PHE L 80 75.70 12.79 35.28
CA PHE L 80 74.97 12.50 34.03
C PHE L 80 74.94 11.00 33.79
N LYS L 81 73.79 10.51 33.34
CA LYS L 81 73.63 9.10 32.91
C LYS L 81 72.77 9.11 31.64
N GLN L 82 73.18 8.33 30.63
CA GLN L 82 72.44 8.20 29.36
C GLN L 82 71.80 6.81 29.33
N LEU L 83 70.47 6.76 29.21
CA LEU L 83 69.75 5.47 29.07
C LEU L 83 70.03 4.92 27.67
N LYS L 84 70.16 3.60 27.54
CA LYS L 84 70.46 2.91 26.26
C LYS L 84 69.26 3.03 25.32
N LYS L 85 68.02 3.04 25.84
CA LYS L 85 66.77 3.08 25.02
C LYS L 85 65.80 4.12 25.59
N ASN L 86 65.03 4.78 24.73
CA ASN L 86 63.97 5.74 25.16
C ASN L 86 62.86 4.94 25.86
N SER L 87 62.67 5.17 27.16
CA SER L 87 61.64 4.50 28.00
C SER L 87 60.23 4.98 27.60
N GLY L 88 60.10 6.20 27.07
CA GLY L 88 58.82 6.75 26.60
C GLY L 88 58.20 7.71 27.61
N ASN L 89 58.47 7.55 28.90
CA ASN L 89 57.98 8.48 29.95
C ASN L 89 59.10 8.78 30.95
N ALA L 90 58.85 9.69 31.89
CA ALA L 90 59.83 10.22 32.84
C ALA L 90 60.07 9.24 33.99
N SER L 91 59.28 8.19 34.10
CA SER L 91 59.32 7.25 35.24
C SER L 91 60.70 6.57 35.32
N VAL L 92 61.17 5.97 34.23
CA VAL L 92 62.46 5.20 34.27
C VAL L 92 63.60 6.16 34.58
N PRO L 93 63.75 7.31 33.87
CA PRO L 93 64.78 8.29 34.21
C PRO L 93 64.74 8.76 35.68
N ARG L 94 63.56 9.04 36.20
CA ARG L 94 63.40 9.52 37.60
C ARG L 94 63.82 8.42 38.56
N ASN L 95 63.49 7.17 38.27
CA ASN L 95 63.87 6.01 39.13
C ASN L 95 65.39 5.87 39.11
N THR L 96 66.02 6.07 37.94
CA THR L 96 67.49 6.04 37.76
C THR L 96 68.12 7.10 38.66
N GLY L 97 67.58 8.33 38.62
CA GLY L 97 68.00 9.45 39.47
C GLY L 97 67.91 9.12 40.95
N LEU L 98 66.81 8.48 41.37
CA LEU L 98 66.60 8.09 42.79
C LEU L 98 67.69 7.11 43.24
N LYS L 99 68.01 6.11 42.41
CA LYS L 99 69.07 5.11 42.73
C LYS L 99 70.41 5.84 42.88
N MET L 100 70.64 6.90 42.09
CA MET L 100 71.93 7.62 42.03
C MET L 100 72.05 8.61 43.20
N SER L 101 70.96 9.02 43.82
CA SER L 101 71.00 10.04 44.90
C SER L 101 71.17 9.38 46.27
N LYS L 102 72.04 9.96 47.10
CA LYS L 102 72.22 9.58 48.53
C LYS L 102 72.00 10.83 49.39
N ALA L 103 71.24 11.81 48.87
CA ALA L 103 71.02 13.11 49.54
C ALA L 103 69.92 12.97 50.61
N GLU L 104 69.76 14.02 51.41
CA GLU L 104 68.75 14.08 52.48
C GLU L 104 67.37 14.26 51.82
N TYR L 105 67.32 15.12 50.82
CA TYR L 105 66.09 15.41 50.03
C TYR L 105 66.38 15.28 48.53
N VAL L 106 65.34 14.95 47.77
CA VAL L 106 65.37 15.00 46.29
C VAL L 106 64.36 16.04 45.82
N PHE L 107 64.66 16.66 44.68
CA PHE L 107 63.77 17.64 44.04
C PHE L 107 63.71 17.29 42.56
N PHE L 108 62.52 16.94 42.06
CA PHE L 108 62.34 16.59 40.64
C PHE L 108 62.07 17.87 39.86
N LEU L 109 62.80 18.03 38.75
CA LEU L 109 62.70 19.22 37.86
C LEU L 109 62.43 18.73 36.44
N ASP L 110 61.43 19.31 35.77
CA ASP L 110 61.17 19.05 34.33
C ASP L 110 62.18 19.86 33.52
N SER L 111 62.60 19.31 32.38
CA SER L 111 63.73 19.81 31.56
C SER L 111 63.46 21.21 31.02
N ASP L 112 62.21 21.67 30.93
CA ASP L 112 61.93 23.01 30.32
C ASP L 112 61.63 24.05 31.40
N ASP L 113 61.81 23.73 32.68
CA ASP L 113 61.31 24.57 33.81
C ASP L 113 62.49 25.32 34.44
N LEU L 114 62.19 26.26 35.34
CA LEU L 114 63.22 27.13 35.99
C LEU L 114 63.05 27.07 37.51
N LEU L 115 64.16 27.04 38.24
CA LEU L 115 64.18 27.24 39.71
C LEU L 115 64.51 28.70 40.00
N HIS L 116 63.78 29.32 40.93
CA HIS L 116 64.17 30.59 41.57
C HIS L 116 65.53 30.41 42.23
N GLU L 117 66.35 31.45 42.30
CA GLU L 117 67.73 31.39 42.84
C GLU L 117 67.70 30.93 44.32
N ARG L 118 66.59 31.15 45.04
CA ARG L 118 66.53 30.84 46.48
C ARG L 118 65.67 29.61 46.75
N ALA L 119 65.44 28.75 45.75
CA ALA L 119 64.51 27.61 45.85
C ALA L 119 65.09 26.55 46.77
N LEU L 120 66.28 26.01 46.47
CA LEU L 120 66.85 24.88 47.24
C LEU L 120 67.09 25.32 48.69
N GLU L 121 67.68 26.49 48.90
CA GLU L 121 68.04 26.99 50.26
C GLU L 121 66.76 27.16 51.08
N ASP L 122 65.81 27.96 50.59
CA ASP L 122 64.58 28.32 51.34
C ASP L 122 63.75 27.07 51.65
N LEU L 123 63.56 26.20 50.66
CA LEU L 123 62.73 24.98 50.84
C LEU L 123 63.44 24.04 51.82
N TYR L 124 64.73 23.81 51.64
CA TYR L 124 65.50 22.91 52.54
C TYR L 124 65.45 23.44 53.98
N ASN L 125 65.73 24.73 54.15
CA ASN L 125 65.79 25.37 55.50
C ASN L 125 64.42 25.21 56.16
N TYR L 126 63.33 25.47 55.43
CA TYR L 126 61.95 25.39 55.96
C TYR L 126 61.67 23.94 56.36
N GLY L 127 62.12 23.00 55.53
CA GLY L 127 61.93 21.56 55.77
C GLY L 127 62.66 21.11 57.01
N LYS L 128 63.92 21.53 57.14
CA LYS L 128 64.81 21.13 58.26
C LYS L 128 64.22 21.70 59.57
N GLU L 129 63.77 22.95 59.53
CA GLU L 129 63.20 23.67 60.71
C GLU L 129 61.89 23.02 61.14
N ASN L 130 61.13 22.39 60.22
CA ASN L 130 59.80 21.83 60.56
C ASN L 130 59.81 20.30 60.43
N ASN L 131 60.98 19.69 60.32
CA ASN L 131 61.13 18.22 60.22
C ASN L 131 60.16 17.71 59.14
N SER L 132 60.11 18.41 57.99
CA SER L 132 59.18 18.11 56.88
C SER L 132 59.67 16.91 56.07
N ASP L 133 58.72 16.01 55.74
CA ASP L 133 58.90 14.91 54.78
C ASP L 133 58.73 15.48 53.38
N LEU L 134 57.98 16.57 53.24
CA LEU L 134 57.61 17.15 51.94
C LEU L 134 57.56 18.67 52.07
N ILE L 135 58.20 19.37 51.13
CA ILE L 135 58.11 20.86 51.08
C ILE L 135 57.65 21.24 49.68
N ILE L 136 56.62 22.07 49.61
CA ILE L 136 56.01 22.50 48.33
C ILE L 136 56.24 24.00 48.20
N GLY L 137 57.00 24.39 47.19
CA GLY L 137 57.24 25.80 46.84
C GLY L 137 56.19 26.31 45.88
N LYS L 138 55.76 27.56 46.04
CA LYS L 138 54.77 28.21 45.16
C LYS L 138 55.25 28.13 43.71
N TYR L 139 54.36 27.73 42.81
CA TYR L 139 54.62 27.61 41.35
C TYR L 139 54.25 28.92 40.66
N GLY L 140 55.09 29.35 39.74
CA GLY L 140 54.77 30.35 38.71
C GLY L 140 54.65 29.70 37.35
N VAL L 141 54.14 30.43 36.35
CA VAL L 141 53.94 29.88 34.98
C VAL L 141 54.37 30.93 33.95
N GLU L 142 55.01 30.48 32.88
CA GLU L 142 55.42 31.31 31.71
C GLU L 142 54.71 30.77 30.48
N GLY L 143 53.86 31.60 29.86
CA GLY L 143 53.15 31.26 28.61
C GLY L 143 51.85 30.50 28.85
N LYS L 144 51.02 30.37 27.81
CA LYS L 144 49.71 29.67 27.87
C LYS L 144 49.94 28.17 27.63
N GLY L 145 49.11 27.33 28.24
CA GLY L 145 49.23 25.85 28.19
C GLY L 145 48.89 25.23 29.54
N ARG L 146 49.85 24.49 30.10
CA ARG L 146 49.78 23.92 31.47
C ARG L 146 49.43 25.06 32.45
N SER L 147 48.42 24.84 33.30
CA SER L 147 48.11 25.69 34.48
C SER L 147 48.83 25.12 35.71
N VAL L 148 48.89 25.86 36.80
CA VAL L 148 49.55 25.44 38.07
C VAL L 148 48.57 25.60 39.22
N PRO L 149 48.71 24.81 40.31
CA PRO L 149 47.84 24.95 41.48
C PRO L 149 47.99 26.34 42.11
N LYS L 150 46.91 26.82 42.73
CA LYS L 150 46.83 28.17 43.34
C LYS L 150 46.28 28.05 44.77
N ALA L 151 45.24 27.25 45.00
CA ALA L 151 44.53 27.20 46.30
C ALA L 151 45.50 26.79 47.43
N ILE L 152 46.38 25.84 47.15
CA ILE L 152 47.38 25.34 48.13
C ILE L 152 48.24 26.51 48.68
N PHE L 153 48.45 27.57 47.92
CA PHE L 153 49.39 28.68 48.29
C PHE L 153 48.64 29.90 48.84
N GLU L 154 47.32 29.82 49.00
CA GLU L 154 46.47 30.99 49.31
C GLU L 154 46.50 31.30 50.81
N LYS L 155 47.09 30.46 51.65
CA LYS L 155 47.13 30.70 53.12
C LYS L 155 48.54 31.13 53.55
N GLY L 156 49.40 31.47 52.60
CA GLY L 156 50.82 31.76 52.86
C GLY L 156 51.57 30.53 53.33
N ASN L 157 52.65 30.73 54.09
CA ASN L 157 53.51 29.62 54.58
C ASN L 157 52.71 28.78 55.56
N VAL L 158 52.81 27.45 55.43
CA VAL L 158 52.18 26.47 56.35
C VAL L 158 53.25 25.45 56.72
N ALA L 159 53.58 25.35 58.00
CA ALA L 159 54.67 24.51 58.52
C ALA L 159 54.21 23.06 58.61
N LYS L 160 52.97 22.85 59.06
CA LYS L 160 52.34 21.51 59.21
C LYS L 160 51.02 21.54 58.46
N ALA L 161 51.06 21.23 57.16
CA ALA L 161 49.88 21.33 56.26
C ALA L 161 49.02 20.07 56.40
N ASP L 162 47.77 20.19 55.95
CA ASP L 162 46.77 19.09 55.98
C ASP L 162 46.33 18.84 54.53
N ILE L 163 46.27 17.58 54.12
CA ILE L 163 45.94 17.22 52.71
C ILE L 163 44.65 17.96 52.31
N ILE L 164 43.61 17.87 53.12
CA ILE L 164 42.27 18.40 52.76
C ILE L 164 42.22 19.91 52.94
N ASP L 165 42.64 20.42 54.09
CA ASP L 165 42.51 21.88 54.40
C ASP L 165 43.43 22.71 53.50
N ASN L 166 44.51 22.14 52.96
CA ASN L 166 45.51 22.89 52.17
C ASN L 166 45.51 22.44 50.71
N SER L 167 44.47 21.72 50.29
CA SER L 167 44.19 21.42 48.85
C SER L 167 45.37 20.69 48.22
N ILE L 168 45.99 19.76 48.93
CA ILE L 168 47.23 19.09 48.46
C ILE L 168 46.88 18.12 47.32
N PHE L 169 45.67 17.58 47.28
CA PHE L 169 45.22 16.66 46.20
C PHE L 169 45.05 17.44 44.88
N TYR L 170 45.13 18.77 44.92
CA TYR L 170 45.10 19.62 43.70
C TYR L 170 46.52 20.04 43.30
N ALA L 171 47.56 19.52 43.95
CA ALA L 171 48.97 19.82 43.61
C ALA L 171 49.80 18.55 43.75
N LEU L 172 49.55 17.55 42.91
CA LEU L 172 50.13 16.20 43.08
C LEU L 172 51.30 15.99 42.11
N SER L 173 51.84 17.04 41.49
CA SER L 173 53.09 16.93 40.69
C SER L 173 54.23 16.52 41.62
N VAL L 174 55.32 15.98 41.07
CA VAL L 174 56.51 15.64 41.90
C VAL L 174 57.51 16.79 41.86
N LEU L 175 57.07 18.00 41.47
CA LEU L 175 57.94 19.20 41.38
C LEU L 175 58.03 19.81 42.77
N LYS L 176 58.60 19.04 43.69
CA LYS L 176 58.58 19.30 45.15
C LYS L 176 59.85 18.72 45.76
N MET L 177 60.10 19.07 47.02
CA MET L 177 61.25 18.53 47.78
C MET L 177 60.74 17.40 48.67
N PHE L 178 61.18 16.17 48.38
CA PHE L 178 60.81 14.93 49.13
C PHE L 178 61.98 14.45 49.98
N LYS L 179 61.71 14.07 51.24
CA LYS L 179 62.73 13.45 52.12
C LYS L 179 63.05 12.05 51.56
N LYS L 180 64.33 11.78 51.30
CA LYS L 180 64.78 10.54 50.61
C LYS L 180 64.51 9.32 51.50
N SER L 181 64.63 9.46 52.81
CA SER L 181 64.49 8.30 53.76
C SER L 181 63.09 7.70 53.63
N VAL L 182 62.08 8.53 53.40
CA VAL L 182 60.67 8.06 53.25
C VAL L 182 60.57 7.23 51.97
N ILE L 183 61.19 7.71 50.88
CA ILE L 183 61.22 7.00 49.57
C ILE L 183 61.95 5.67 49.72
N ASP L 184 63.10 5.66 50.41
CA ASP L 184 63.95 4.46 50.59
C ASP L 184 63.24 3.44 51.49
N LYS L 185 62.77 3.86 52.68
CA LYS L 185 62.16 2.95 53.68
C LYS L 185 60.92 2.27 53.07
N ASN L 186 60.13 2.99 52.28
CA ASN L 186 58.84 2.50 51.73
C ASN L 186 59.03 2.01 50.29
N LYS L 187 60.27 2.06 49.77
CA LYS L 187 60.61 1.56 48.40
C LYS L 187 59.64 2.17 47.40
N ILE L 188 59.47 3.50 47.44
CA ILE L 188 58.58 4.25 46.52
C ILE L 188 59.32 4.49 45.22
N LYS L 189 58.80 3.96 44.12
CA LYS L 189 59.33 4.10 42.75
C LYS L 189 58.20 4.62 41.86
N PHE L 190 58.56 5.35 40.81
CA PHE L 190 57.60 5.72 39.75
C PHE L 190 57.22 4.44 39.00
N LYS L 191 55.93 4.24 38.74
CA LYS L 191 55.44 3.06 37.99
C LYS L 191 55.44 3.39 36.50
N THR L 192 55.34 2.36 35.66
CA THR L 192 55.36 2.48 34.18
C THR L 192 54.07 1.87 33.59
N PHE L 193 53.02 1.73 34.41
CA PHE L 193 51.67 1.23 33.98
C PHE L 193 51.14 2.10 32.82
N SER L 194 51.32 3.42 32.94
CA SER L 194 50.75 4.42 32.00
C SER L 194 51.72 5.58 31.79
N LYS L 195 51.46 6.38 30.75
CA LYS L 195 52.30 7.54 30.33
C LYS L 195 51.90 8.76 31.17
N THR L 196 50.75 8.67 31.85
CA THR L 196 50.07 9.80 32.54
C THR L 196 49.74 9.38 33.98
N ALA L 197 49.72 10.36 34.88
CA ALA L 197 49.32 10.26 36.30
C ALA L 197 50.31 9.44 37.14
N GLU L 198 51.50 9.14 36.63
CA GLU L 198 52.51 8.34 37.38
C GLU L 198 53.13 9.23 38.47
N ASP L 199 53.24 10.53 38.20
CA ASP L 199 53.71 11.53 39.18
C ASP L 199 52.67 11.65 40.32
N GLN L 200 51.38 11.66 39.99
CA GLN L 200 50.29 11.72 41.00
C GLN L 200 50.41 10.53 41.94
N LEU L 201 50.56 9.34 41.37
CA LEU L 201 50.64 8.08 42.16
C LEU L 201 51.82 8.17 43.13
N PHE L 202 52.95 8.68 42.64
CA PHE L 202 54.18 8.78 43.45
C PHE L 202 53.92 9.71 44.63
N THR L 203 53.40 10.90 44.38
CA THR L 203 53.11 11.90 45.44
C THR L 203 52.08 11.32 46.43
N ILE L 204 51.06 10.63 45.91
CA ILE L 204 50.02 10.02 46.79
C ILE L 204 50.69 8.97 47.67
N GLU L 205 51.50 8.08 47.09
CA GLU L 205 52.18 7.00 47.87
C GLU L 205 53.01 7.67 48.96
N PHE L 206 53.68 8.78 48.62
CA PHE L 206 54.55 9.51 49.57
C PHE L 206 53.69 10.09 50.70
N LEU L 207 52.61 10.79 50.33
CA LEU L 207 51.69 11.45 51.30
C LEU L 207 51.11 10.41 52.26
N MET L 208 50.75 9.24 51.74
CA MET L 208 50.11 8.18 52.55
C MET L 208 51.15 7.48 53.45
N ASN L 209 52.44 7.79 53.30
CA ASN L 209 53.50 7.14 54.11
C ASN L 209 54.30 8.20 54.88
N SER L 210 53.77 9.40 55.06
CA SER L 210 54.46 10.49 55.78
C SER L 210 53.43 11.40 56.44
N LYS L 211 53.87 12.25 57.38
CA LYS L 211 52.95 13.12 58.17
C LYS L 211 53.25 14.60 57.97
N ASN L 212 54.51 14.97 57.77
CA ASN L 212 54.96 16.39 57.90
C ASN L 212 55.06 17.00 56.51
N TYR L 213 54.13 17.88 56.17
CA TYR L 213 54.10 18.57 54.85
C TYR L 213 54.17 20.07 55.10
N SER L 214 54.98 20.77 54.30
CA SER L 214 55.22 22.22 54.46
C SER L 214 54.94 22.90 53.12
N ILE L 215 54.43 24.12 53.17
CA ILE L 215 54.14 24.96 51.99
C ILE L 215 54.86 26.30 52.15
N LYS L 216 55.70 26.65 51.17
CA LYS L 216 56.50 27.89 51.19
C LYS L 216 56.04 28.77 50.01
N THR L 217 55.70 30.03 50.27
CA THR L 217 55.05 30.90 49.27
C THR L 217 55.75 32.26 49.16
N ASP L 218 56.95 32.42 49.74
CA ASP L 218 57.68 33.72 49.76
C ASP L 218 57.96 34.17 48.33
N TYR L 219 58.30 33.24 47.44
CA TYR L 219 58.61 33.50 46.01
C TYR L 219 57.92 32.45 45.13
N GLU L 220 57.80 32.75 43.84
CA GLU L 220 57.54 31.74 42.79
C GLU L 220 58.83 30.91 42.66
N TYR L 221 58.95 29.86 43.47
CA TYR L 221 60.21 29.07 43.63
C TYR L 221 60.45 28.18 42.41
N TYR L 222 59.38 27.74 41.75
CA TYR L 222 59.41 26.83 40.58
C TYR L 222 58.55 27.45 39.48
N ILE L 223 59.13 27.71 38.31
CA ILE L 223 58.39 28.29 37.15
C ILE L 223 58.19 27.20 36.11
N VAL L 224 56.93 26.80 35.89
CA VAL L 224 56.55 25.90 34.77
C VAL L 224 56.59 26.73 33.48
N VAL L 225 57.39 26.33 32.51
CA VAL L 225 57.53 27.03 31.21
C VAL L 225 56.77 26.24 30.12
N ASN L 226 55.75 26.86 29.53
CA ASN L 226 55.01 26.31 28.36
C ASN L 226 55.73 26.67 27.04
N THR L 240 42.63 3.84 25.34
CA THR L 240 41.55 2.93 25.81
C THR L 240 41.25 3.20 27.30
N GLY L 241 42.26 3.66 28.05
CA GLY L 241 42.14 3.93 29.49
C GLY L 241 42.47 2.72 30.34
N ASN L 242 42.89 1.59 29.76
CA ASN L 242 43.27 0.39 30.54
C ASN L 242 44.41 0.76 31.50
N GLN L 243 45.40 1.49 30.98
CA GLN L 243 46.65 1.83 31.67
C GLN L 243 46.40 2.97 32.64
N TYR L 244 45.73 4.02 32.17
CA TYR L 244 45.42 5.23 32.99
C TYR L 244 44.64 4.80 34.23
N PHE L 245 43.59 4.01 34.07
CA PHE L 245 42.68 3.64 35.19
C PHE L 245 43.37 2.61 36.09
N ALA L 246 44.36 1.88 35.59
CA ALA L 246 45.20 0.99 36.44
C ALA L 246 45.99 1.86 37.42
N THR L 247 46.45 3.02 36.97
CA THR L 247 47.18 4.00 37.79
C THR L 247 46.22 4.63 38.80
N ILE L 248 45.01 4.99 38.37
CA ILE L 248 44.00 5.63 39.26
C ILE L 248 43.64 4.61 40.34
N ASN L 249 43.51 3.35 39.95
CA ASN L 249 43.21 2.25 40.89
C ASN L 249 44.30 2.19 41.96
N GLU L 250 45.57 2.37 41.59
CA GLU L 250 46.72 2.31 42.55
C GLU L 250 46.65 3.48 43.52
N ILE L 251 46.16 4.63 43.08
CA ILE L 251 46.02 5.82 43.96
C ILE L 251 45.01 5.50 45.07
N TYR L 252 43.86 4.95 44.71
CA TYR L 252 42.82 4.57 45.69
C TYR L 252 43.38 3.49 46.61
N LYS L 253 44.11 2.51 46.07
CA LYS L 253 44.74 1.42 46.87
C LYS L 253 45.68 2.05 47.90
N ALA L 254 46.47 3.04 47.49
CA ALA L 254 47.49 3.68 48.36
C ALA L 254 46.77 4.36 49.54
N ILE L 255 45.63 4.99 49.29
CA ILE L 255 44.85 5.71 50.33
C ILE L 255 44.31 4.69 51.32
N TYR L 256 43.70 3.60 50.83
CA TYR L 256 42.98 2.62 51.68
C TYR L 256 43.96 1.67 52.37
N LYS L 257 45.25 1.71 52.05
CA LYS L 257 46.29 0.86 52.70
C LYS L 257 47.24 1.74 53.52
N SER L 258 46.95 3.04 53.66
CA SER L 258 47.87 4.00 54.30
C SER L 258 48.12 3.59 55.74
N PRO L 259 49.42 3.42 56.14
CA PRO L 259 49.76 3.22 57.54
C PRO L 259 49.73 4.49 58.39
N ILE L 260 49.63 5.67 57.76
CA ILE L 260 49.50 6.98 58.47
C ILE L 260 48.02 7.26 58.70
N TYR L 261 47.20 7.20 57.64
CA TYR L 261 45.74 7.44 57.71
C TYR L 261 45.02 6.09 57.83
N LYS L 262 44.97 5.54 59.04
CA LYS L 262 44.49 4.17 59.33
C LYS L 262 42.98 4.18 59.55
N ASN L 263 42.43 5.29 60.01
CA ASN L 263 40.99 5.40 60.33
C ASN L 263 40.20 5.27 59.01
N GLN L 264 39.25 4.36 58.98
CA GLN L 264 38.53 4.01 57.72
C GLN L 264 37.75 5.24 57.24
N GLU L 265 37.18 6.02 58.16
CA GLU L 265 36.37 7.19 57.76
C GLU L 265 37.28 8.25 57.16
N LYS L 266 38.52 8.35 57.66
CA LYS L 266 39.50 9.32 57.14
C LYS L 266 39.90 8.91 55.72
N ARG L 267 40.04 7.61 55.49
CA ARG L 267 40.32 7.05 54.15
C ARG L 267 39.17 7.40 53.21
N HIS L 268 37.92 7.26 53.65
CA HIS L 268 36.73 7.58 52.81
C HIS L 268 36.79 9.05 52.41
N GLN L 269 37.16 9.92 53.36
CA GLN L 269 37.22 11.39 53.11
C GLN L 269 38.30 11.68 52.09
N LEU L 270 39.48 11.06 52.23
CA LEU L 270 40.62 11.27 51.31
C LEU L 270 40.21 10.77 49.93
N ALA L 271 39.65 9.56 49.85
CA ALA L 271 39.21 8.94 48.59
C ALA L 271 38.16 9.84 47.92
N GLY L 272 37.22 10.37 48.69
CA GLY L 272 36.18 11.26 48.12
C GLY L 272 36.78 12.54 47.60
N LYS L 273 37.81 13.05 48.27
CA LYS L 273 38.47 14.29 47.83
C LYS L 273 39.20 13.99 46.53
N TYR L 274 39.84 12.81 46.42
CA TYR L 274 40.56 12.46 45.18
C TYR L 274 39.54 12.32 44.03
N THR L 275 38.39 11.69 44.30
CA THR L 275 37.30 11.51 43.31
C THR L 275 36.89 12.89 42.79
N THR L 276 36.71 13.87 43.68
CA THR L 276 36.35 15.25 43.28
C THR L 276 37.43 15.79 42.34
N ARG L 277 38.71 15.65 42.71
CA ARG L 277 39.84 16.17 41.90
C ARG L 277 39.84 15.48 40.53
N LEU L 278 39.58 14.18 40.50
CA LEU L 278 39.56 13.36 39.27
C LEU L 278 38.44 13.86 38.34
N LEU L 279 37.27 14.18 38.89
CA LEU L 279 36.13 14.66 38.08
C LEU L 279 36.36 16.12 37.66
N ARG L 280 37.13 16.89 38.42
CA ARG L 280 37.40 18.31 38.09
C ARG L 280 38.56 18.43 37.10
N HIS L 281 39.55 17.55 37.13
CA HIS L 281 40.84 17.76 36.43
C HIS L 281 41.37 16.48 35.78
N GLY L 282 40.64 15.36 35.82
CA GLY L 282 41.11 14.09 35.24
C GLY L 282 41.30 14.15 33.74
N GLN L 283 42.06 13.21 33.20
CA GLN L 283 42.28 13.04 31.75
C GLN L 283 40.92 12.81 31.07
N LYS L 284 40.65 13.51 29.97
CA LYS L 284 39.44 13.28 29.13
C LYS L 284 38.19 13.39 30.01
N LYS L 285 38.12 14.40 30.89
CA LYS L 285 37.02 14.52 31.87
C LYS L 285 35.69 14.67 31.11
N ASN L 286 35.71 15.23 29.89
CA ASN L 286 34.49 15.50 29.10
C ASN L 286 34.42 14.57 27.89
N PHE L 287 34.86 13.32 28.06
CA PHE L 287 34.90 12.30 26.98
C PHE L 287 33.49 12.02 26.46
N ALA L 288 32.48 12.05 27.32
CA ALA L 288 31.13 11.52 27.00
C ALA L 288 30.51 12.26 25.81
N ASN L 289 30.62 13.59 25.76
CA ASN L 289 29.98 14.41 24.68
C ASN L 289 31.04 14.79 23.63
N SER L 290 32.21 14.16 23.64
CA SER L 290 33.36 14.49 22.76
C SER L 290 33.21 13.82 21.39
N LYS L 291 34.20 14.02 20.51
CA LYS L 291 34.22 13.47 19.14
C LYS L 291 34.88 12.09 19.13
N MET L 292 35.22 11.56 20.30
CA MET L 292 35.70 10.16 20.50
C MET L 292 34.73 9.17 19.84
N LYS L 293 35.25 8.16 19.15
CA LYS L 293 34.43 7.05 18.58
C LYS L 293 33.64 6.39 19.73
N TYR L 294 32.39 6.05 19.45
CA TYR L 294 31.47 5.39 20.42
C TYR L 294 32.17 4.21 21.11
N GLU L 295 32.83 3.34 20.34
CA GLU L 295 33.40 2.08 20.91
C GLU L 295 34.51 2.46 21.91
N ASP L 296 35.24 3.55 21.67
CA ASP L 296 36.32 4.03 22.57
C ASP L 296 35.69 4.64 23.83
N LYS L 297 34.56 5.35 23.69
CA LYS L 297 33.83 5.91 24.83
C LYS L 297 33.39 4.77 25.76
N ILE L 298 32.87 3.70 25.19
CA ILE L 298 32.36 2.53 25.97
C ILE L 298 33.53 1.90 26.71
N GLU L 299 34.66 1.72 26.03
CA GLU L 299 35.84 1.04 26.63
C GLU L 299 36.37 1.94 27.74
N TRP L 300 36.45 3.25 27.51
CA TRP L 300 36.95 4.24 28.49
C TRP L 300 36.05 4.24 29.73
N LEU L 301 34.73 4.34 29.53
CA LEU L 301 33.77 4.38 30.66
C LEU L 301 33.80 3.04 31.39
N ASN L 302 33.99 1.94 30.67
CA ASN L 302 34.04 0.60 31.29
C ASN L 302 35.21 0.54 32.29
N ASN L 303 36.37 1.05 31.88
CA ASN L 303 37.59 1.05 32.73
C ASN L 303 37.36 1.99 33.92
N PHE L 304 36.75 3.14 33.68
CA PHE L 304 36.47 4.16 34.73
C PHE L 304 35.52 3.53 35.76
N SER L 305 34.47 2.90 35.26
CA SER L 305 33.41 2.26 36.09
C SER L 305 34.04 1.15 36.95
N LYS L 306 34.83 0.27 36.34
CA LYS L 306 35.45 -0.89 37.04
C LYS L 306 36.32 -0.35 38.19
N THR L 307 37.05 0.73 37.94
CA THR L 307 38.00 1.32 38.90
C THR L 307 37.22 1.97 40.05
N ILE L 308 36.23 2.78 39.72
CA ILE L 308 35.44 3.53 40.74
C ILE L 308 34.62 2.54 41.57
N ASN L 309 34.21 1.40 41.01
CA ASN L 309 33.37 0.43 41.74
C ASN L 309 34.21 -0.41 42.71
N LYS L 310 35.53 -0.28 42.70
CA LYS L 310 36.39 -0.86 43.76
C LYS L 310 36.53 0.13 44.92
N VAL L 311 36.05 1.37 44.75
CA VAL L 311 36.11 2.41 45.81
C VAL L 311 34.82 2.35 46.61
N PRO L 312 34.89 2.21 47.95
CA PRO L 312 33.69 2.19 48.79
C PRO L 312 32.74 3.35 48.52
N ARG L 313 31.44 3.07 48.49
CA ARG L 313 30.38 4.10 48.32
C ARG L 313 30.37 5.05 49.53
N ASP L 314 30.95 4.63 50.66
CA ASP L 314 31.13 5.48 51.86
C ASP L 314 31.93 6.75 51.52
N SER L 315 32.74 6.75 50.47
CA SER L 315 33.56 7.92 50.07
C SER L 315 32.67 8.95 49.34
N ASP L 316 31.55 8.52 48.78
CA ASP L 316 30.74 9.33 47.83
C ASP L 316 30.21 10.58 48.54
N LYS L 317 29.87 10.48 49.83
CA LYS L 317 29.30 11.64 50.58
C LYS L 317 30.37 12.74 50.74
N TYR L 318 31.65 12.44 50.54
CA TYR L 318 32.75 13.44 50.63
C TYR L 318 33.01 14.09 49.26
N VAL L 319 32.35 13.62 48.21
CA VAL L 319 32.50 14.20 46.85
C VAL L 319 31.62 15.45 46.77
N THR L 320 32.12 16.54 46.18
CA THR L 320 31.36 17.80 46.03
C THR L 320 30.04 17.49 45.30
N GLN L 321 28.91 17.96 45.82
CA GLN L 321 27.56 17.47 45.46
C GLN L 321 27.22 17.76 43.98
N ILE L 322 27.76 18.79 43.35
CA ILE L 322 27.49 19.05 41.90
C ILE L 322 27.82 17.81 41.06
N PHE L 323 28.71 16.95 41.54
CA PHE L 323 29.19 15.76 40.79
C PHE L 323 28.39 14.51 41.16
N ASN L 324 27.33 14.65 41.97
CA ASN L 324 26.56 13.49 42.48
C ASN L 324 26.05 12.64 41.31
N LEU L 325 25.49 13.27 40.27
CA LEU L 325 24.87 12.53 39.15
C LEU L 325 25.97 11.91 38.30
N LYS L 326 26.98 12.68 37.95
CA LYS L 326 28.10 12.19 37.10
C LYS L 326 28.76 10.98 37.77
N LEU L 327 29.03 11.06 39.07
CA LEU L 327 29.70 9.96 39.81
C LEU L 327 28.79 8.72 39.75
N GLU L 328 27.50 8.88 40.00
CA GLU L 328 26.56 7.74 40.01
C GLU L 328 26.47 7.16 38.60
N ALA L 329 26.45 8.02 37.59
CA ALA L 329 26.43 7.59 36.17
C ALA L 329 27.64 6.69 35.89
N ILE L 330 28.82 7.07 36.37
CA ILE L 330 30.07 6.28 36.14
C ILE L 330 29.95 4.94 36.88
N ARG L 331 29.45 4.95 38.12
CA ARG L 331 29.30 3.70 38.89
C ARG L 331 28.36 2.75 38.14
N GLN L 332 27.30 3.30 37.53
CA GLN L 332 26.28 2.50 36.79
C GLN L 332 26.79 2.13 35.39
N ASN L 333 27.94 2.67 34.97
CA ASN L 333 28.55 2.35 33.66
C ASN L 333 27.55 2.70 32.54
N ASP L 334 26.95 3.89 32.62
CA ASP L 334 25.82 4.32 31.77
C ASP L 334 26.26 5.54 30.97
N LEU L 335 26.62 5.35 29.70
CA LEU L 335 27.20 6.44 28.86
C LEU L 335 26.17 7.56 28.73
N LEU L 336 24.90 7.23 28.45
CA LEU L 336 23.86 8.26 28.26
C LEU L 336 23.79 9.15 29.49
N ALA L 337 23.84 8.56 30.67
CA ALA L 337 23.71 9.31 31.96
C ALA L 337 24.95 10.21 32.15
N VAL L 338 26.13 9.76 31.74
CA VAL L 338 27.35 10.61 31.84
C VAL L 338 27.21 11.78 30.86
N MET L 339 26.73 11.51 29.65
CA MET L 339 26.49 12.57 28.63
C MET L 339 25.53 13.60 29.21
N ILE L 340 24.44 13.15 29.81
CA ILE L 340 23.41 14.04 30.41
C ILE L 340 24.05 14.80 31.59
N ALA L 341 24.75 14.11 32.47
CA ALA L 341 25.41 14.72 33.65
C ALA L 341 26.26 15.91 33.19
N ASP L 342 27.05 15.71 32.12
CA ASP L 342 27.99 16.73 31.61
C ASP L 342 27.18 17.91 31.05
N LYS L 343 26.06 17.64 30.38
CA LYS L 343 25.20 18.72 29.83
C LYS L 343 24.64 19.56 30.97
N LEU L 344 24.39 18.97 32.15
CA LEU L 344 23.78 19.69 33.30
C LEU L 344 24.86 20.41 34.12
N LEU L 345 26.13 19.98 34.04
CA LEU L 345 27.26 20.65 34.73
C LEU L 345 27.65 21.94 33.99
OAN FQ8 M . -28.03 -21.93 -11.96
PBL FQ8 M . -28.70 -20.44 -12.48
OAO FQ8 M . -27.86 -19.87 -13.75
OAA FQ8 M . -28.77 -19.40 -11.43
OAX FQ8 M . -30.10 -20.79 -13.16
CAS FQ8 M . -31.33 -20.62 -12.47
CBE FQ8 M . -32.17 -21.89 -12.60
OAG FQ8 M . -31.90 -22.57 -13.84
CBJ FQ8 M . -33.65 -21.49 -12.52
OAL FQ8 M . -34.30 -22.61 -11.94
CBF FQ8 M . -34.19 -21.14 -13.95
OAH FQ8 M . -33.99 -19.74 -14.19
CAU FQ8 M . -35.64 -21.47 -14.14
OAZ FQ8 M . -36.35 -20.76 -13.11
PBN FQ8 M . -37.96 -20.99 -12.92
OAQ FQ8 M . -38.05 -21.56 -11.40
OAC FQ8 M . -38.54 -21.97 -13.89
OBB FQ8 M . -38.64 -19.48 -12.95
CAW FQ8 M . -39.06 -18.90 -14.19
CBH FQ8 M . -38.96 -17.35 -14.17
OAJ FQ8 M . -38.30 -16.91 -12.97
CBK FQ8 M . -40.36 -16.67 -14.26
OAM FQ8 M . -41.21 -17.35 -15.19
CBG FQ8 M . -40.26 -15.18 -14.70
OAI FQ8 M . -38.92 -14.68 -14.55
CAV FQ8 M . -41.24 -14.33 -13.90
OBA FQ8 M . -40.48 -13.63 -12.91
PBM FQ8 M . -41.05 -13.19 -11.45
OAP FQ8 M . -39.70 -13.01 -10.54
OAB FQ8 M . -42.00 -14.19 -10.86
OAY FQ8 M . -41.68 -11.72 -11.54
CAT FQ8 M . -41.26 -10.75 -12.49
CBD FQ8 M . -42.49 -10.20 -13.22
OAF FQ8 M . -43.59 -10.12 -12.30
CBI FQ8 M . -42.22 -8.78 -13.79
OAK FQ8 M . -41.72 -7.91 -12.76
CBC FQ8 M . -41.21 -8.82 -14.95
OAE FQ8 M . -41.45 -9.96 -15.78
CAR FQ8 M . -41.36 -7.56 -15.78
OAD FQ8 M . -40.19 -7.51 -16.61
MG MG N . -16.13 -6.52 -31.35
CL CL O . -24.28 -10.42 5.38
CL CL P . -38.27 1.95 -20.42
CL CL Q . -37.33 -7.74 -15.92
CL CL R . -28.83 -16.28 0.09
CL CL S . -27.62 5.94 -9.65
OAN FQ8 T . 2.67 -25.48 -36.60
PBL FQ8 T . 1.39 -26.44 -36.45
OAO FQ8 T . 1.23 -27.14 -37.92
OAA FQ8 T . 0.16 -25.71 -36.05
OAX FQ8 T . 1.85 -27.63 -35.44
CAS FQ8 T . 1.09 -27.95 -34.29
CBE FQ8 T . 1.23 -29.44 -34.00
OAG FQ8 T . 0.24 -29.83 -33.05
CBJ FQ8 T . 2.65 -29.73 -33.47
OAL FQ8 T . 3.06 -31.01 -33.96
CBF FQ8 T . 2.65 -29.74 -31.93
OAH FQ8 T . 2.34 -28.43 -31.40
CAU FQ8 T . 4.03 -30.16 -31.47
OAZ FQ8 T . 3.94 -30.20 -30.04
PBN FQ8 T . 4.56 -31.47 -29.23
OAQ FQ8 T . 5.88 -31.90 -30.07
OAC FQ8 T . 3.61 -32.59 -29.13
OBB FQ8 T . 4.96 -30.85 -27.79
CAW FQ8 T . 4.02 -30.03 -27.09
CBH FQ8 T . 4.69 -28.75 -26.59
OAJ FQ8 T . 5.74 -28.34 -27.51
CBK FQ8 T . 5.26 -28.98 -25.17
OAM FQ8 T . 4.25 -29.53 -24.32
CBG FQ8 T . 5.79 -27.67 -24.54
OAI FQ8 T . 5.41 -26.54 -25.34
CAV FQ8 T . 7.29 -27.77 -24.42
OBA FQ8 T . 7.78 -26.43 -24.23
PBM FQ8 T . 9.36 -26.13 -24.38
OAP FQ8 T . 9.58 -25.82 -25.95
OAB FQ8 T . 10.17 -27.29 -23.93
OAY FQ8 T . 9.62 -24.73 -23.58
CAT FQ8 T . 10.41 -24.68 -22.41
CBD FQ8 T . 9.51 -24.55 -21.18
OAF FQ8 T . 10.13 -25.22 -20.08
CBI FQ8 T . 9.25 -23.08 -20.76
OAK FQ8 T . 9.94 -22.14 -21.60
CBC FQ8 T . 7.72 -22.83 -20.77
OAE FQ8 T . 7.22 -23.27 -19.50
CAR FQ8 T . 7.36 -21.38 -21.11
OAD FQ8 T . 6.20 -20.96 -20.35
OAN FQ8 U . -35.24 -16.48 -47.93
PBL FQ8 U . -33.82 -16.15 -48.70
OAO FQ8 U . -32.79 -15.67 -47.58
OAA FQ8 U . -33.89 -15.11 -49.77
OAX FQ8 U . -33.39 -17.63 -49.17
CAS FQ8 U . -32.86 -17.88 -50.45
CBE FQ8 U . -33.27 -19.29 -50.86
OAG FQ8 U . -32.41 -20.22 -50.26
CBJ FQ8 U . -33.23 -19.46 -52.40
OAL FQ8 U . -33.87 -20.69 -52.75
CBF FQ8 U . -31.82 -19.47 -53.02
OAH FQ8 U . -30.90 -18.65 -52.28
CAU FQ8 U . -31.96 -18.90 -54.40
OAZ FQ8 U . -30.83 -19.37 -55.15
PBN FQ8 U . -30.94 -20.47 -56.40
OAQ FQ8 U . -32.28 -20.13 -57.20
OAC FQ8 U . -30.95 -21.88 -55.95
OBB FQ8 U . -29.70 -20.06 -57.33
CAW FQ8 U . -29.62 -18.69 -57.76
CBH FQ8 U . -28.26 -18.08 -57.47
OAJ FQ8 U . -28.50 -16.71 -57.10
CBK FQ8 U . -27.35 -18.20 -58.70
OAM FQ8 U . -26.59 -19.41 -58.64
CBG FQ8 U . -26.38 -17.01 -58.79
OAI FQ8 U . -25.86 -16.74 -57.49
CAV FQ8 U . -27.14 -15.80 -59.28
OBA FQ8 U . -26.44 -15.36 -60.46
PBM FQ8 U . -27.20 -14.43 -61.54
OAP FQ8 U . -28.54 -13.89 -60.82
OAB FQ8 U . -27.45 -15.24 -62.76
OAY FQ8 U . -26.31 -13.08 -61.70
CAT FQ8 U . -25.74 -12.71 -62.94
CBD FQ8 U . -24.25 -13.06 -62.91
OAF FQ8 U . -23.94 -13.57 -64.21
CBI FQ8 U . -23.36 -11.83 -62.60
OAK FQ8 U . -24.14 -10.68 -62.25
CBC FQ8 U . -22.41 -12.12 -61.44
OAE FQ8 U . -21.52 -13.19 -61.81
CAR FQ8 U . -21.55 -10.90 -61.12
OAD FQ8 U . -21.07 -11.09 -59.77
CL CL V . -20.96 -7.40 -66.04
OAN FQ8 W . -2.36 22.07 37.63
PBL FQ8 W . -1.67 21.25 38.88
OAO FQ8 W . -0.48 20.42 38.19
OAA FQ8 W . -2.55 20.34 39.67
OAX FQ8 W . -0.98 22.36 39.80
CAS FQ8 W . -1.48 22.51 41.11
CBE FQ8 W . -1.49 23.99 41.46
OAG FQ8 W . -0.18 24.50 41.53
CBJ FQ8 W . -2.18 24.19 42.81
OAL FQ8 W . -2.64 25.55 42.90
CBF FQ8 W . -1.23 23.94 44.00
OAH FQ8 W . -0.36 22.83 43.79
CAU FQ8 W . -2.08 23.66 45.21
OAZ FQ8 W . -1.30 24.17 46.28
PBN FQ8 W . -1.82 25.11 47.45
OAQ FQ8 W . -3.34 25.48 47.14
OAC FQ8 W . -0.97 26.32 47.56
OBB FQ8 W . -1.74 24.09 48.72
CAW FQ8 W . -0.46 23.55 49.06
CBH FQ8 W . -0.57 22.11 49.57
OAJ FQ8 W . -1.67 21.45 48.94
CBK FQ8 W . -0.72 22.07 51.11
OAM FQ8 W . -0.04 23.14 51.76
CBG FQ8 W . -0.13 20.76 51.63
OAI FQ8 W . 1.07 20.46 50.90
CAV FQ8 W . -1.12 19.63 51.43
OBA FQ8 W . -1.35 19.07 52.74
PBM FQ8 W . -2.80 18.40 53.06
OAP FQ8 W . -3.42 18.04 51.60
OAB FQ8 W . -3.61 19.33 53.87
OAY FQ8 W . -2.57 16.95 53.71
CAT FQ8 W . -2.42 16.79 55.11
CBD FQ8 W . -0.93 16.65 55.41
OAF FQ8 W . -0.68 17.41 56.58
CBI FQ8 W . -0.49 15.18 55.66
OAK FQ8 W . -1.43 14.23 55.14
CBC FQ8 W . 0.88 14.93 54.97
OAE FQ8 W . 1.84 15.85 55.49
CAR FQ8 W . 1.40 13.54 55.24
OAD FQ8 W . 1.95 13.04 54.00
OAN FQ8 X . -23.59 14.55 -72.16
PBL FQ8 X . -22.31 15.30 -72.86
OAO FQ8 X . -21.74 16.32 -71.74
OAA FQ8 X . -22.68 15.97 -74.13
OAX FQ8 X . -21.21 14.15 -73.02
CAS FQ8 X . -20.60 13.89 -74.28
CBE FQ8 X . -21.32 12.74 -74.93
OAG FQ8 X . -20.78 11.52 -74.43
CBJ FQ8 X . -21.12 12.81 -76.46
OAL FQ8 X . -22.28 12.29 -77.12
CBF FQ8 X . -19.87 12.05 -76.92
OAH FQ8 X . -18.69 12.74 -76.48
CAU FQ8 X . -19.85 12.12 -78.41
OAZ FQ8 X . -18.58 11.61 -78.84
PBN FQ8 X . -18.41 10.68 -80.15
OAQ FQ8 X . -19.87 10.67 -80.87
OAC FQ8 X . -17.96 9.32 -79.80
OBB FQ8 X . -17.35 11.48 -81.09
CAW FQ8 X . -16.04 11.77 -80.59
CBH FQ8 X . -15.55 13.13 -81.10
OAJ FQ8 X . -16.64 14.05 -81.16
CBK FQ8 X . -14.90 13.03 -82.50
OAM FQ8 X . -14.22 11.78 -82.67
CBG FQ8 X . -13.88 14.16 -82.69
OAI FQ8 X . -13.10 14.31 -81.50
CAV FQ8 X . -14.57 15.47 -82.99
OBA FQ8 X . -15.06 15.34 -84.33
PBM FQ8 X . -15.09 16.58 -85.38
OAP FQ8 X . -16.13 17.64 -84.76
OAB FQ8 X . -15.50 16.11 -86.72
OAY FQ8 X . -13.62 17.26 -85.32
CAT FQ8 X . -13.14 18.05 -86.39
CBD FQ8 X . -11.61 17.89 -86.49
OAF FQ8 X . -11.24 17.56 -87.82
CBI FQ8 X . -10.86 19.16 -86.08
OAK FQ8 X . -11.65 20.33 -86.38
CBC FQ8 X . -10.50 19.16 -84.59
OAE FQ8 X . -10.34 17.82 -84.13
CAR FQ8 X . -9.20 19.92 -84.39
OAD FQ8 X . -9.18 20.34 -83.00
OAN FQ8 Y . 11.09 -12.61 32.19
PBL FQ8 Y . 10.15 -13.95 32.28
OAO FQ8 Y . 10.23 -14.43 33.83
OAA FQ8 Y . 10.62 -14.98 31.33
OAX FQ8 Y . 8.60 -13.50 32.04
CAS FQ8 Y . 8.08 -12.30 32.60
CBE FQ8 Y . 7.90 -11.26 31.48
OAG FQ8 Y . 7.46 -10.03 32.05
CBJ FQ8 Y . 6.89 -11.77 30.45
OAL FQ8 Y . 7.20 -11.18 29.18
CBF FQ8 Y . 5.44 -11.38 30.84
OAH FQ8 Y . 5.16 -11.73 32.20
CAU FQ8 Y . 4.46 -12.11 29.95
OAZ FQ8 Y . 4.27 -11.27 28.79
PBN FQ8 Y . 2.78 -10.87 28.25
OAQ FQ8 Y . 3.04 -10.34 26.76
OAC FQ8 Y . 2.15 -9.83 29.11
OBB FQ8 Y . 1.94 -12.26 28.12
CAW FQ8 Y . 0.52 -12.30 28.29
CBH FQ8 Y . 0.07 -13.59 28.98
OAJ FQ8 Y . 0.79 -14.68 28.40
CBK FQ8 Y . -1.46 -13.75 28.77
OAM FQ8 Y . -2.17 -13.12 29.86
CBG FQ8 Y . -1.89 -15.24 28.69
OAI FQ8 Y . -0.86 -16.08 29.24
CAV FQ8 Y . -2.15 -15.56 27.23
OBA FQ8 Y . -1.95 -16.97 27.04
PBM FQ8 Y . -1.64 -17.57 25.57
OAP FQ8 Y . -0.11 -18.17 25.69
OAB FQ8 Y . -1.79 -16.52 24.53
OAY FQ8 Y . -2.64 -18.80 25.29
CAT FQ8 Y . -3.04 -19.72 26.28
CBD FQ8 Y . -4.52 -20.05 26.06
OAF FQ8 Y . -4.73 -20.24 24.66
CBI FQ8 Y . -4.96 -21.32 26.80
OAK FQ8 Y . -4.34 -22.45 26.19
CBC FQ8 Y . -4.59 -21.24 28.29
OAE FQ8 Y . -4.72 -19.90 28.77
CAR FQ8 Y . -5.50 -22.17 29.09
OAD FQ8 Y . -4.83 -22.36 30.35
MG MG Z . 7.81 -27.02 55.52
CL CL AA . 19.34 -27.00 19.42
CL CL BA . -2.05 -22.50 31.13
OAN FQ8 CA . 25.80 -12.79 69.84
PBL FQ8 CA . 26.54 -13.80 68.77
OAO FQ8 CA . 25.36 -14.44 67.92
OAA FQ8 CA . 27.33 -14.86 69.44
OAX FQ8 CA . 27.46 -12.91 67.72
CAS FQ8 CA . 27.87 -11.58 68.12
CBE FQ8 CA . 28.69 -10.89 67.01
OAG FQ8 CA . 27.96 -10.89 65.79
CBJ FQ8 CA . 30.05 -11.60 66.85
OAL FQ8 CA . 30.98 -10.92 67.68
CBF FQ8 CA . 30.52 -11.59 65.39
OAH FQ8 CA . 29.93 -12.65 64.63
CAU FQ8 CA . 32.01 -11.79 65.31
OAZ FQ8 CA . 32.52 -10.48 64.99
PBN FQ8 CA . 33.97 -10.32 64.30
OAQ FQ8 CA . 34.94 -10.04 65.58
OAC FQ8 CA . 34.02 -9.26 63.26
OBB FQ8 CA . 34.37 -11.76 63.72
CAW FQ8 CA . 34.81 -11.88 62.36
CBH FQ8 CA . 34.62 -13.33 61.88
OAJ FQ8 CA . 34.86 -14.25 62.96
CBK FQ8 CA . 35.56 -13.59 60.68
OAM FQ8 CA . 34.94 -13.15 59.48
CBG FQ8 CA . 35.88 -15.08 60.54
OAI FQ8 CA . 34.79 -15.86 61.05
CAV FQ8 CA . 37.17 -15.37 61.28
OBA FQ8 CA . 37.42 -16.77 61.13
PBM FQ8 CA . 38.55 -17.46 62.04
OAP FQ8 CA . 37.73 -18.08 63.30
OAB FQ8 CA . 39.57 -16.46 62.47
OAY FQ8 CA . 39.18 -18.72 61.22
CAT FQ8 CA . 38.35 -19.56 60.43
CBD FQ8 CA . 38.78 -19.45 58.95
OAF FQ8 CA . 40.20 -19.27 58.86
CBI FQ8 CA . 38.43 -20.74 58.16
OAK FQ8 CA . 38.74 -21.91 58.94
CBC FQ8 CA . 36.95 -20.76 57.75
OAE FQ8 CA . 36.43 -19.42 57.66
CAR FQ8 CA . 36.80 -21.44 56.39
OAD FQ8 CA . 35.46 -22.00 56.35
CL CL DA . 33.81 -23.18 58.65
OAN FQ8 EA . -11.97 -10.01 62.18
PBL FQ8 EA . -11.45 -11.04 63.35
OAO FQ8 EA . -10.26 -11.86 62.62
OAA FQ8 EA . -12.52 -11.94 63.85
OAX FQ8 EA . -10.83 -10.13 64.54
CAS FQ8 EA . -11.35 -8.83 64.77
CBE FQ8 EA . -10.61 -8.16 65.93
OAG FQ8 EA . -9.23 -8.50 65.84
CBJ FQ8 EA . -11.24 -8.59 67.27
OAL FQ8 EA . -12.28 -7.67 67.57
CBF FQ8 EA . -10.22 -8.56 68.41
OAH FQ8 EA . -9.40 -9.75 68.33
CAU FQ8 EA . -10.90 -8.56 69.75
OAZ FQ8 EA . -10.38 -7.43 70.45
PBN FQ8 EA . -10.82 -7.10 71.98
OAQ FQ8 EA . -12.40 -6.73 71.89
OAC FQ8 EA . -10.00 -6.04 72.61
OBB FQ8 EA . -10.68 -8.51 72.77
CAW FQ8 EA . -9.89 -8.59 73.96
CBH FQ8 EA . -9.46 -10.04 74.16
OAJ FQ8 EA . -10.62 -10.87 74.11
CBK FQ8 EA . -8.70 -10.19 75.49
OAM FQ8 EA . -7.32 -9.86 75.29
CBG FQ8 EA . -8.78 -11.64 76.02
OAI FQ8 EA . -8.90 -12.55 74.91
CAV FQ8 EA . -9.89 -11.76 77.05
OBA FQ8 EA . -10.52 -13.05 76.95
PBM FQ8 EA . -11.99 -13.36 77.56
OAP FQ8 EA . -12.77 -13.75 76.22
OAB FQ8 EA . -12.61 -12.21 78.25
OAY FQ8 EA . -11.89 -14.71 78.49
CAT FQ8 EA . -10.79 -15.64 78.38
CBD FQ8 EA . -9.90 -15.53 79.63
OAF FQ8 EA . -10.74 -15.36 80.78
CBI FQ8 EA . -9.06 -16.81 79.81
OAK FQ8 EA . -9.91 -17.93 80.05
CBC FQ8 EA . -8.17 -17.11 78.56
OAE FQ8 EA . -7.70 -15.88 78.00
CAR FQ8 EA . -6.99 -17.96 78.98
OAD FQ8 EA . -6.69 -18.87 77.88
CL CL FA . 7.71 -31.64 63.15
OAN FQ8 GA . -17.11 15.95 -36.53
PBL FQ8 GA . -17.83 15.44 -35.18
OAO FQ8 GA . -17.78 16.72 -34.16
OAA FQ8 GA . -17.17 14.26 -34.54
OAX FQ8 GA . -19.36 15.20 -35.67
CAS FQ8 GA . -20.12 14.17 -35.01
CBE FQ8 GA . -21.58 14.58 -34.92
OAG FQ8 GA . -22.00 14.51 -33.54
CBJ FQ8 GA . -22.46 13.66 -35.76
OAL FQ8 GA . -21.74 13.29 -36.96
CBF FQ8 GA . -23.78 14.37 -36.12
OAH FQ8 GA . -23.53 15.42 -37.08
CAU FQ8 GA . -24.40 14.94 -34.86
OAZ FQ8 GA . -25.56 15.66 -35.28
PBN FQ8 GA . -26.99 14.92 -35.61
OAQ FQ8 GA . -27.54 14.56 -34.15
OAC FQ8 GA . -26.84 13.71 -36.45
OBB FQ8 GA . -27.92 16.08 -36.32
CAW FQ8 GA . -27.93 17.44 -35.84
CBH FQ8 GA . -27.96 18.42 -36.99
OAJ FQ8 GA . -27.31 19.63 -36.53
CBK FQ8 GA . -29.45 18.63 -37.44
OAM FQ8 GA . -29.64 18.03 -38.72
CBG FQ8 GA . -29.89 20.13 -37.52
OAI FQ8 GA . -28.89 20.96 -38.15
CAV FQ8 GA . -30.26 20.60 -36.12
OBA FQ8 GA . -30.00 22.02 -36.04
PBM FQ8 GA . -30.27 22.78 -34.63
OAP FQ8 GA . -28.79 22.77 -33.94
OAB FQ8 GA . -31.31 22.09 -33.81
OAY FQ8 GA . -30.62 24.35 -34.91
CAT FQ8 GA . -31.27 24.76 -36.11
CBD FQ8 GA . -30.23 25.37 -37.07
OAF FQ8 GA . -29.60 24.34 -37.84
CBI FQ8 GA . -30.90 26.39 -38.00
OAK FQ8 GA . -31.07 27.63 -37.30
CBC FQ8 GA . -30.04 26.58 -39.27
OAE FQ8 GA . -30.35 25.56 -40.24
CAR FQ8 GA . -30.30 27.91 -39.92
OAD FQ8 GA . -29.24 28.06 -40.88
CL CL HA . -12.90 26.75 -18.90
OAN FQ8 IA . 14.18 8.60 -59.13
PBL FQ8 IA . 12.73 7.85 -59.12
OAO FQ8 IA . 12.67 6.83 -60.41
OAA FQ8 IA . 11.60 8.81 -59.15
OAX FQ8 IA . 12.64 6.92 -57.81
CAS FQ8 IA . 13.80 6.45 -57.13
CBE FQ8 IA . 13.66 4.96 -56.84
OAG FQ8 IA . 12.30 4.63 -56.57
CBJ FQ8 IA . 14.53 4.60 -55.64
OAL FQ8 IA . 14.96 3.25 -55.82
CBF FQ8 IA . 13.72 4.75 -54.33
OAH FQ8 IA . 13.78 6.09 -53.82
CAU FQ8 IA . 14.23 3.83 -53.24
OAZ FQ8 IA . 15.60 4.15 -52.98
PBN FQ8 IA . 16.38 3.21 -51.89
OAQ FQ8 IA . 17.68 2.63 -52.68
OAC FQ8 IA . 15.55 2.10 -51.34
OBB FQ8 IA . 16.90 4.20 -50.70
CAW FQ8 IA . 15.93 4.78 -49.85
CBH FQ8 IA . 16.36 6.19 -49.43
OAJ FQ8 IA . 17.23 6.77 -50.42
CBK FQ8 IA . 17.13 6.15 -48.10
OAM FQ8 IA . 16.65 5.08 -47.27
CBG FQ8 IA . 16.94 7.50 -47.34
OAI FQ8 IA . 16.56 8.54 -48.24
CAV FQ8 IA . 18.22 7.87 -46.63
OBA FQ8 IA . 19.08 8.43 -47.64
PBM FQ8 IA . 20.58 8.90 -47.28
OAP FQ8 IA . 21.21 9.34 -48.72
OAB FQ8 IA . 21.31 7.80 -46.60
OAY FQ8 IA . 20.42 10.27 -46.42
CAT FQ8 IA . 21.44 10.67 -45.52
CBD FQ8 IA . 20.88 10.56 -44.10
OAF FQ8 IA . 21.94 10.20 -43.22
CBI FQ8 IA . 20.25 11.90 -43.62
OAK FQ8 IA . 21.08 13.02 -43.93
CBC FQ8 IA . 18.88 12.13 -44.28
OAE FQ8 IA . 18.22 10.90 -44.54
CAR FQ8 IA . 18.03 12.98 -43.33
OAD FQ8 IA . 16.76 13.07 -43.97
MG MG JA . -4.82 27.49 -55.54
CL CL KA . 16.67 15.75 -46.32
CL CL LA . -1.04 30.54 -49.26
OAN FQ8 MA . 22.38 23.23 9.73
PBL FQ8 MA . 21.24 22.01 9.56
OAO FQ8 MA . 20.96 21.39 11.04
OAA FQ8 MA . 21.64 20.94 8.64
OAX FQ8 MA . 19.86 22.71 9.03
CAS FQ8 MA . 19.06 23.56 9.85
CBE FQ8 MA . 18.56 24.74 9.01
OAG FQ8 MA . 17.71 25.57 9.80
CBJ FQ8 MA . 17.80 24.23 7.77
OAL FQ8 MA . 18.28 24.92 6.62
CBF FQ8 MA . 16.28 24.44 7.90
OAH FQ8 MA . 15.71 23.37 8.66
CAU FQ8 MA . 15.66 24.45 6.51
OAZ FQ8 MA . 14.25 24.27 6.70
PBN FQ8 MA . 13.15 25.16 5.87
OAQ FQ8 MA . 13.71 25.38 4.36
OAC FQ8 MA . 12.94 26.45 6.59
OBB FQ8 MA . 11.83 24.20 5.77
CAW FQ8 MA . 11.88 22.91 5.15
CBH FQ8 MA . 11.01 21.91 5.92
OAJ FQ8 MA . 11.65 20.61 5.92
CBK FQ8 MA . 9.59 21.81 5.29
OAM FQ8 MA . 8.74 22.80 5.91
CBG FQ8 MA . 8.95 20.40 5.49
OAI FQ8 MA . 9.11 19.99 6.84
CAV FQ8 MA . 9.64 19.40 4.58
OBA FQ8 MA . 8.66 18.89 3.69
PBM FQ8 MA . 9.13 18.27 2.27
OAP FQ8 MA . 10.60 17.55 2.48
OAB FQ8 MA . 9.16 19.36 1.24
OAY FQ8 MA . 8.09 17.06 1.90
CAT FQ8 MA . 7.91 15.99 2.83
CBD FQ8 MA . 6.42 15.70 2.97
OAF FQ8 MA . 5.78 15.87 1.70
CBI FQ8 MA . 6.16 14.25 3.44
OAK FQ8 MA . 6.96 13.34 2.68
CBC FQ8 MA . 6.50 14.10 4.94
OAE FQ8 MA . 6.28 15.33 5.61
CAR FQ8 MA . 5.63 13.01 5.55
OAD FQ8 MA . 6.25 12.67 6.81
CL CL NA . 9.10 12.32 7.85
CL CL OA . 25.92 17.42 -1.63
CL CL PA . 3.67 3.50 10.46
OAN FQ8 QA . 37.30 20.09 46.44
PBL FQ8 QA . 36.37 21.31 45.88
OAO FQ8 QA . 35.74 22.07 47.19
OAA FQ8 QA . 35.34 20.80 44.95
OAX FQ8 QA . 37.40 22.37 45.27
CAS FQ8 QA . 37.16 23.10 44.09
CBE FQ8 QA . 38.16 24.26 44.02
OAG FQ8 QA . 37.91 25.03 42.84
CBJ FQ8 QA . 39.59 23.68 44.02
OAL FQ8 QA . 40.36 24.43 44.96
CBF FQ8 QA . 40.24 23.72 42.61
OAH FQ8 QA . 39.86 22.58 41.82
CAU FQ8 QA . 41.75 23.69 42.72
OAZ FQ8 QA . 42.19 24.91 42.08
PBN FQ8 QA . 43.69 25.03 41.54
OAQ FQ8 QA . 44.52 25.10 42.92
OAC FQ8 QA . 43.92 26.24 40.67
OBB FQ8 QA . 44.05 23.59 40.83
CAW FQ8 QA . 44.85 23.52 39.66
CBH FQ8 QA . 44.75 22.12 39.01
OAJ FQ8 QA . 44.58 21.10 40.01
CBK FQ8 QA . 46.02 21.83 38.18
OAM FQ8 QA . 46.03 22.65 37.02
CBG FQ8 QA . 46.09 20.37 37.75
OAI FQ8 QA . 44.81 19.91 37.39
CAV FQ8 QA . 46.58 19.51 38.90
OBA FQ8 QA . 47.98 19.71 39.02
PBM FQ8 QA . 48.95 18.39 39.26
OAP FQ8 QA . 48.33 17.61 40.55
OAB FQ8 QA . 50.36 18.76 39.48
OAY FQ8 QA . 48.73 17.42 38.00
CAT FQ8 QA . 49.57 16.30 37.76
CBD FQ8 QA . 50.04 16.39 36.30
OAF FQ8 QA . 51.45 16.58 36.28
CBI FQ8 QA . 49.69 15.10 35.51
OAK FQ8 QA . 49.84 13.93 36.33
CBC FQ8 QA . 48.25 15.16 34.99
OAE FQ8 QA . 47.99 16.50 34.56
CAR FQ8 QA . 48.10 14.19 33.82
OAD FQ8 QA . 46.86 13.48 34.01
MG MG RA . 19.56 6.80 31.24
CL CL SA . 44.43 12.66 35.75
#